data_1JRP
#
_entry.id   1JRP
#
_cell.length_a   92.617
_cell.length_b   140.728
_cell.length_c   157.665
_cell.angle_alpha   109.59
_cell.angle_beta   105.84
_cell.angle_gamma   101.25
#
_symmetry.space_group_name_H-M   'P 1'
#
loop_
_entity.id
_entity.type
_entity.pdbx_description
1 polymer 'xanthine dehydrogenase, chain A'
2 polymer 'xanthine dehydrogenase, chain B'
3 non-polymer 'FE2/S2 (INORGANIC) CLUSTER'
4 non-polymer 'FLAVIN-ADENINE DINUCLEOTIDE'
5 non-polymer 'CALCIUM ION'
6 non-polymer 'PHOSPHONIC ACIDMONO-(2-AMINO-5,6-DIMERCAPTO-4-OXO-3,7,8A,9,10,10A-HEXAHYDRO-4H-8-OXA-1,3,9,10-TETRAAZA-ANTHRACEN-7-YLMETHYL)ESTER'
7 non-polymer 'DIOXOTHIOMOLYBDENUM(VI) ION'
8 non-polymer Oxypurinol
#
loop_
_entity_poly.entity_id
_entity_poly.type
_entity_poly.pdbx_seq_one_letter_code
_entity_poly.pdbx_strand_id
1 'polypeptide(L)'
;MEIAFLLNGETRRVRIEDPTQSLLELLRAEGLTGTKEGCNEGDCGACTVMIRDAAGSRAVNACLMMLPQIAGKALRTIEG
IAAPDGRLHPVQQAMIDHHGSQCGFCTPGFIVSMAAAHDRDRKDYDDLLAGNLCRCTGYAPILRAAEAAAGEPPADWLQA
DAAFTLAQLSSGVRGQTAPAFLPETSDALADWYLAHPEATLIAGGTDVSLWVTKALRDLPEVAFLSHCKDLAQIRETPDG
YGIGAGVTIAALRAFAEGPHPALAGLLRRFASEQVRQVATIGGNIANGSPIGDGPPALIAMGASLTLRRGQERRRMPLED
FFLEYRKQDRRPGEFVESVTLPKSAPGLRCYKLSKRFDQDISAVCGCLNLTLKGSKIETARIAFGGMAGVPKRAAAFEAA
LIGQDFREDTIAAALPLLAQDFTPLSDMRASAAYRMNAAQAMALRYVRELSGEAVAVLEVMP
;
A,C,E,G
2 'polypeptide(L)'
;MSVGKPLPHDSARAHVTGQARYLDDLPCPANTLHLAFGLSTEASAAITGLDLEPVRESPGVIAVFTAADLPHDNDASPAP
SPEPVLATGEVHFVGQPIFLVAATSHRAARIAARKARITYAPRPAILTLDQALAADSRFEGGPVIWARGDVETALAGAAH
LAEGCFEIGGQEHFYLEGQAALALPAEGGVVIHCSSQHPSEIQHKVAHALGLAFHDVRVEMRRMGGGFGGKESQGNHLAI
ACAVAARATGRPCKMRYDRDDDMVITGKRHDFRIRYRIGADASGKLLGADFVHLARCGWSADLSLPVCDRAMLHADGSYF
VPALRIESHRLRTNTQSNTAFRGFGGPQGALGMERAIEHLARGMGRDPAELRALNFYDPPERGGLSAPPSPPEPIATKKT
QTTHYGQEVADCVLGELVTRLQKSANFTTRRAEIAAWNSTNRTLARGIALSPVKFGISFTLTHLNQAGALVQIYTDGSVA
LNHGGTEMGQGLHAKMVQVAAAVLGIDPVQVRITATDTSKVPNTSATAASSGADMNGMAVKDACETLRGRLAGFVAAREG
CAARDVIFDAGQVQASGKSWRFAEIVAAAYMARISLSATGFYATPKLSWDRLRGQGRPFLYFAYGAAITEVVIDRLTGEN
RILRTDILHDAGASLNPALDIGQIEGAYVQGAGWLTTEELVWDHCGRLMTHAPSTYKIPAFSDRPRIFNVALWDQPNREE
TIFRSKAVGEPPFLLGISAFLALHDACAACGPHWPDLQAPATPEAVLAAVRRAEGRA
;
B,D,F,H
#
loop_
_chem_comp.id
_chem_comp.type
_chem_comp.name
_chem_comp.formula
141 non-polymer Oxypurinol 'C5 H4 N4 O2'
CA non-polymer 'CALCIUM ION' 'Ca 2'
FAD non-polymer 'FLAVIN-ADENINE DINUCLEOTIDE' 'C27 H33 N9 O15 P2'
FES non-polymer 'FE2/S2 (INORGANIC) CLUSTER' 'Fe2 S2'
MOS non-polymer 'DIOXOTHIOMOLYBDENUM(VI) ION' 'H Mo O2 S'
MTE non-polymer 'PHOSPHONIC ACIDMONO-(2-AMINO-5,6-DIMERCAPTO-4-OXO-3,7,8A,9,10,10A-HEXAHYDRO-4H-8-OXA-1,3,9,10-TETRAAZA-ANTHRACEN-7-YLMETHYL)ESTER' 'C10 H14 N5 O6 P S2'
#
# COMPACT_ATOMS: atom_id res chain seq x y z
N MET A 1 -10.21 -47.09 -2.96
CA MET A 1 -9.54 -47.43 -4.27
C MET A 1 -8.04 -47.78 -4.18
N GLU A 2 -7.65 -48.86 -4.82
CA GLU A 2 -6.28 -49.39 -4.72
C GLU A 2 -5.43 -49.27 -6.00
N ILE A 3 -4.21 -48.73 -5.93
CA ILE A 3 -3.33 -48.67 -7.12
C ILE A 3 -1.99 -49.31 -6.82
N ALA A 4 -1.20 -49.57 -7.85
CA ALA A 4 0.05 -50.27 -7.59
C ALA A 4 1.10 -49.64 -8.39
N PHE A 5 2.34 -49.76 -7.97
CA PHE A 5 3.42 -49.18 -8.74
C PHE A 5 4.64 -49.71 -8.19
N LEU A 6 5.72 -49.49 -8.90
CA LEU A 6 6.97 -50.02 -8.47
C LEU A 6 7.63 -48.89 -7.66
N LEU A 7 8.24 -49.15 -6.51
CA LEU A 7 8.91 -48.10 -5.77
C LEU A 7 10.31 -48.48 -5.49
N ASN A 8 11.22 -47.89 -6.23
CA ASN A 8 12.63 -48.23 -6.10
C ASN A 8 12.81 -49.72 -6.17
N GLY A 9 12.35 -50.32 -7.25
CA GLY A 9 12.48 -51.75 -7.41
C GLY A 9 11.48 -52.71 -6.74
N GLU A 10 10.62 -52.23 -5.84
CA GLU A 10 9.82 -53.11 -5.04
C GLU A 10 8.42 -52.82 -5.44
N THR A 11 7.53 -53.80 -5.36
CA THR A 11 6.16 -53.62 -5.81
C THR A 11 5.38 -53.08 -4.68
N ARG A 12 4.51 -52.13 -4.94
CA ARG A 12 3.79 -51.55 -3.85
C ARG A 12 2.29 -51.34 -4.13
N ARG A 13 1.41 -51.70 -3.20
CA ARG A 13 -0.01 -51.50 -3.44
C ARG A 13 -0.50 -50.55 -2.39
N VAL A 14 -1.30 -49.57 -2.78
CA VAL A 14 -1.71 -48.60 -1.78
C VAL A 14 -3.21 -48.28 -1.80
N ARG A 15 -3.76 -48.09 -0.63
CA ARG A 15 -5.16 -47.74 -0.49
C ARG A 15 -5.32 -46.23 -0.55
N ILE A 16 -5.69 -45.66 -1.69
CA ILE A 16 -5.87 -44.23 -1.74
C ILE A 16 -7.13 -43.83 -1.02
N GLU A 17 -7.10 -43.02 0.02
CA GLU A 17 -8.37 -42.56 0.59
C GLU A 17 -8.45 -41.09 0.34
N ASP A 18 -7.32 -40.44 0.12
CA ASP A 18 -7.39 -39.06 -0.29
C ASP A 18 -6.62 -38.88 -1.55
N PRO A 19 -7.34 -38.63 -2.62
CA PRO A 19 -6.79 -38.74 -3.96
C PRO A 19 -6.07 -37.51 -4.28
N THR A 20 -6.01 -36.65 -3.31
CA THR A 20 -5.53 -35.38 -3.63
C THR A 20 -4.08 -35.19 -3.09
N GLN A 21 -3.66 -36.14 -2.24
CA GLN A 21 -2.34 -36.12 -1.59
C GLN A 21 -1.24 -36.03 -2.59
N SER A 22 -0.25 -35.24 -2.31
CA SER A 22 0.82 -35.21 -3.26
C SER A 22 1.78 -36.35 -3.04
N LEU A 23 2.44 -36.70 -4.15
CA LEU A 23 3.48 -37.72 -4.11
C LEU A 23 4.53 -37.28 -3.12
N LEU A 24 4.82 -35.99 -3.07
CA LEU A 24 5.81 -35.59 -2.10
C LEU A 24 5.43 -36.03 -0.70
N GLU A 25 4.17 -35.83 -0.31
CA GLU A 25 3.82 -36.21 1.07
C GLU A 25 3.78 -37.74 1.30
N LEU A 26 3.14 -38.54 0.43
CA LEU A 26 3.20 -40.02 0.68
C LEU A 26 4.69 -40.27 1.00
N LEU A 27 5.53 -39.79 0.14
CA LEU A 27 6.85 -40.22 0.31
C LEU A 27 7.44 -39.95 1.74
N ARG A 28 7.25 -38.76 2.26
CA ARG A 28 7.95 -38.46 3.46
C ARG A 28 7.21 -39.10 4.49
N ALA A 29 5.94 -39.26 4.33
CA ALA A 29 5.26 -39.90 5.43
C ALA A 29 5.66 -41.34 5.46
N GLU A 30 6.13 -41.93 4.38
CA GLU A 30 6.61 -43.31 4.47
C GLU A 30 8.02 -43.33 5.02
N GLY A 31 8.61 -42.15 5.20
CA GLY A 31 9.92 -42.03 5.78
C GLY A 31 11.00 -41.99 4.73
N LEU A 32 10.60 -41.86 3.47
CA LEU A 32 11.56 -41.74 2.37
C LEU A 32 11.99 -40.28 2.26
N THR A 33 12.49 -39.84 3.39
CA THR A 33 12.87 -38.54 3.76
C THR A 33 13.85 -37.85 2.81
N GLY A 34 14.40 -38.63 1.88
CA GLY A 34 15.37 -38.18 0.92
C GLY A 34 14.90 -37.12 -0.06
N THR A 35 13.65 -37.19 -0.49
CA THR A 35 13.08 -36.19 -1.40
C THR A 35 12.80 -35.05 -0.53
N LYS A 36 13.42 -33.89 -0.80
CA LYS A 36 13.17 -32.67 0.00
C LYS A 36 11.95 -31.86 -0.43
N GLU A 37 11.37 -31.07 0.46
CA GLU A 37 10.41 -30.01 0.01
C GLU A 37 11.01 -28.67 0.23
N GLY A 38 11.12 -27.93 -0.89
CA GLY A 38 11.78 -26.66 -1.03
C GLY A 38 10.78 -25.60 -1.42
N CYS A 39 9.68 -25.90 -2.04
CA CYS A 39 8.80 -24.76 -2.20
C CYS A 39 7.42 -25.24 -2.29
N ASN A 40 7.26 -26.46 -2.82
CA ASN A 40 5.93 -27.03 -2.87
C ASN A 40 5.08 -26.33 -3.85
N GLU A 41 5.72 -25.66 -4.82
CA GLU A 41 4.99 -24.82 -5.80
C GLU A 41 5.41 -25.07 -7.21
N GLY A 42 6.28 -26.05 -7.41
CA GLY A 42 6.78 -26.36 -8.73
C GLY A 42 8.11 -25.74 -9.13
N ASP A 43 8.51 -24.61 -8.58
CA ASP A 43 9.74 -24.03 -9.07
C ASP A 43 11.07 -24.53 -8.63
N CYS A 44 11.21 -25.17 -7.44
CA CYS A 44 12.62 -25.46 -7.00
C CYS A 44 13.32 -26.78 -7.45
N GLY A 45 12.56 -27.85 -7.63
CA GLY A 45 13.13 -29.09 -8.13
C GLY A 45 13.64 -30.00 -7.02
N ALA A 46 13.58 -29.43 -5.83
CA ALA A 46 14.19 -30.17 -4.77
C ALA A 46 13.45 -31.40 -4.55
N CYS A 47 12.27 -31.58 -5.19
CA CYS A 47 11.46 -32.77 -4.95
C CYS A 47 11.43 -33.70 -6.12
N THR A 48 12.34 -33.51 -7.02
CA THR A 48 12.32 -34.17 -8.28
C THR A 48 12.40 -35.62 -8.07
N VAL A 49 11.59 -36.40 -8.72
CA VAL A 49 11.73 -37.88 -8.62
C VAL A 49 11.65 -38.43 -10.04
N MET A 50 12.01 -39.67 -10.24
CA MET A 50 12.01 -40.19 -11.58
C MET A 50 10.89 -41.19 -11.79
N ILE A 51 9.99 -40.93 -12.75
CA ILE A 51 8.99 -41.99 -13.06
C ILE A 51 9.31 -42.62 -14.39
N ARG A 52 8.74 -43.81 -14.60
CA ARG A 52 8.90 -44.53 -15.87
C ARG A 52 7.73 -45.34 -16.26
N ASP A 53 7.57 -45.52 -17.54
CA ASP A 53 6.50 -46.36 -17.98
C ASP A 53 6.79 -46.61 -19.45
N ALA A 54 5.75 -46.93 -20.21
CA ALA A 54 6.05 -47.32 -21.60
C ALA A 54 6.67 -46.19 -22.40
N ALA A 55 6.28 -44.94 -22.14
CA ALA A 55 6.85 -43.86 -22.96
C ALA A 55 8.31 -43.66 -22.65
N GLY A 56 8.78 -44.30 -21.59
CA GLY A 56 10.16 -44.15 -21.20
C GLY A 56 10.18 -43.53 -19.82
N SER A 57 11.28 -42.89 -19.46
CA SER A 57 11.36 -42.35 -18.12
C SER A 57 11.69 -40.90 -18.18
N ARG A 58 11.20 -40.14 -17.21
CA ARG A 58 11.43 -38.70 -17.16
C ARG A 58 11.51 -38.24 -15.70
N ALA A 59 11.94 -37.03 -15.47
CA ALA A 59 12.03 -36.58 -14.12
C ALA A 59 10.94 -35.59 -13.92
N VAL A 60 10.20 -35.60 -12.83
CA VAL A 60 9.10 -34.67 -12.70
C VAL A 60 9.07 -34.25 -11.28
N ASN A 61 8.30 -33.22 -10.88
CA ASN A 61 8.39 -32.79 -9.46
C ASN A 61 7.40 -33.44 -8.55
N ALA A 62 7.84 -34.04 -7.47
CA ALA A 62 6.88 -34.78 -6.68
C ALA A 62 5.90 -33.88 -6.02
N CYS A 63 6.18 -32.60 -5.98
CA CYS A 63 5.30 -31.80 -5.22
C CYS A 63 4.03 -31.51 -5.95
N LEU A 64 4.09 -31.50 -7.30
CA LEU A 64 2.89 -31.25 -8.14
C LEU A 64 2.06 -32.45 -8.41
N MET A 65 2.63 -33.64 -8.31
CA MET A 65 1.98 -34.86 -8.79
C MET A 65 1.23 -35.70 -7.73
N MET A 66 -0.05 -35.95 -7.93
CA MET A 66 -0.80 -36.63 -6.89
C MET A 66 -0.85 -38.11 -7.16
N LEU A 67 -1.14 -38.86 -6.11
CA LEU A 67 -0.94 -40.29 -6.11
C LEU A 67 -1.49 -40.99 -7.30
N PRO A 68 -2.79 -40.93 -7.47
CA PRO A 68 -3.43 -41.64 -8.56
C PRO A 68 -2.63 -41.53 -9.79
N GLN A 69 -1.95 -40.42 -10.01
CA GLN A 69 -1.17 -40.35 -11.22
C GLN A 69 -0.06 -41.37 -11.42
N ILE A 70 0.36 -42.11 -10.41
CA ILE A 70 1.50 -42.90 -10.79
C ILE A 70 1.13 -44.28 -10.95
N ALA A 71 -0.17 -44.59 -10.90
CA ALA A 71 -0.62 -46.00 -11.08
C ALA A 71 0.11 -46.80 -12.17
N GLY A 72 0.64 -47.92 -11.79
CA GLY A 72 1.24 -48.73 -12.82
C GLY A 72 2.52 -48.17 -13.34
N LYS A 73 3.04 -47.11 -12.73
CA LYS A 73 4.33 -46.64 -13.23
C LYS A 73 5.43 -47.11 -12.35
N ALA A 74 6.65 -46.82 -12.74
CA ALA A 74 7.73 -47.22 -11.88
C ALA A 74 8.29 -45.94 -11.36
N LEU A 75 8.51 -45.91 -10.07
CA LEU A 75 8.99 -44.70 -9.44
C LEU A 75 10.35 -44.87 -8.85
N ARG A 76 11.18 -43.86 -8.92
CA ARG A 76 12.51 -44.03 -8.36
C ARG A 76 12.82 -42.74 -7.67
N THR A 77 13.13 -42.79 -6.39
CA THR A 77 13.50 -41.56 -5.68
C THR A 77 14.98 -41.51 -5.48
N ILE A 78 15.45 -40.48 -4.82
CA ILE A 78 16.88 -40.45 -4.62
C ILE A 78 17.37 -41.68 -3.86
N GLU A 79 16.65 -42.10 -2.83
CA GLU A 79 17.23 -43.25 -2.09
C GLU A 79 17.33 -44.54 -2.86
N GLY A 80 16.85 -44.57 -4.07
CA GLY A 80 17.03 -45.78 -4.84
C GLY A 80 17.74 -45.44 -6.12
N ILE A 81 18.64 -44.50 -6.10
CA ILE A 81 19.32 -44.23 -7.34
C ILE A 81 20.51 -45.14 -7.34
N ALA A 82 21.04 -45.44 -6.16
CA ALA A 82 22.26 -46.24 -6.17
C ALA A 82 21.79 -47.61 -6.34
N ALA A 83 22.70 -48.47 -6.79
CA ALA A 83 22.47 -49.89 -6.98
C ALA A 83 22.27 -50.67 -5.67
N PRO A 84 21.49 -51.73 -5.70
CA PRO A 84 21.19 -52.54 -4.51
C PRO A 84 22.44 -52.88 -3.77
N ASP A 85 23.51 -53.24 -4.47
CA ASP A 85 24.70 -53.63 -3.72
C ASP A 85 25.38 -52.51 -3.10
N GLY A 86 24.88 -51.29 -3.24
CA GLY A 86 25.54 -50.13 -2.67
C GLY A 86 26.41 -49.26 -3.58
N ARG A 87 26.70 -49.74 -4.78
CA ARG A 87 27.53 -49.02 -5.74
C ARG A 87 26.92 -47.63 -6.07
N LEU A 88 27.67 -46.52 -6.05
CA LEU A 88 27.04 -45.24 -6.46
C LEU A 88 26.77 -45.15 -7.95
N HIS A 89 25.74 -44.42 -8.33
CA HIS A 89 25.48 -44.21 -9.77
C HIS A 89 26.55 -43.26 -10.28
N PRO A 90 26.90 -43.39 -11.52
CA PRO A 90 27.96 -42.52 -12.05
C PRO A 90 27.65 -41.09 -11.79
N VAL A 91 26.39 -40.74 -11.86
CA VAL A 91 26.05 -39.38 -11.48
C VAL A 91 26.40 -38.96 -10.03
N GLN A 92 26.27 -39.84 -9.04
CA GLN A 92 26.69 -39.43 -7.69
C GLN A 92 28.18 -39.30 -7.52
N GLN A 93 28.95 -40.23 -8.03
CA GLN A 93 30.40 -40.16 -7.79
C GLN A 93 30.88 -38.81 -8.42
N ALA A 94 30.30 -38.55 -9.58
CA ALA A 94 30.59 -37.41 -10.36
C ALA A 94 30.39 -36.19 -9.44
N MET A 95 29.18 -36.03 -8.92
CA MET A 95 28.89 -34.97 -8.00
C MET A 95 29.86 -35.03 -6.84
N ILE A 96 30.14 -36.19 -6.34
CA ILE A 96 31.13 -36.09 -5.28
C ILE A 96 32.45 -35.56 -5.82
N ASP A 97 32.94 -36.09 -6.95
CA ASP A 97 34.31 -35.75 -7.30
C ASP A 97 34.37 -34.33 -7.72
N HIS A 98 33.24 -33.80 -8.17
CA HIS A 98 33.31 -32.47 -8.67
C HIS A 98 32.86 -31.41 -7.74
N HIS A 99 32.58 -31.77 -6.51
CA HIS A 99 32.02 -30.80 -5.56
C HIS A 99 30.70 -30.19 -6.04
N GLY A 100 29.73 -31.02 -6.31
CA GLY A 100 28.53 -30.46 -6.84
C GLY A 100 27.60 -30.14 -5.70
N SER A 101 28.10 -30.29 -4.48
CA SER A 101 27.20 -29.92 -3.46
C SER A 101 27.95 -29.14 -2.38
N GLN A 102 27.18 -28.33 -1.67
CA GLN A 102 27.68 -27.58 -0.55
C GLN A 102 26.69 -27.81 0.58
N CYS A 103 25.55 -27.15 0.53
CA CYS A 103 24.70 -27.31 1.65
C CYS A 103 24.03 -28.72 1.62
N GLY A 104 23.90 -29.28 0.46
CA GLY A 104 23.34 -30.59 0.35
C GLY A 104 21.88 -30.60 -0.10
N PHE A 105 21.12 -29.67 0.43
CA PHE A 105 19.68 -29.73 0.24
C PHE A 105 19.13 -29.79 -1.16
N CYS A 106 19.83 -29.27 -2.17
CA CYS A 106 19.30 -29.32 -3.51
C CYS A 106 19.81 -30.57 -4.18
N THR A 107 20.51 -31.41 -3.48
CA THR A 107 21.16 -32.46 -4.20
C THR A 107 20.39 -33.62 -4.67
N PRO A 108 19.61 -34.23 -3.78
CA PRO A 108 18.83 -35.40 -4.19
C PRO A 108 18.12 -35.03 -5.47
N GLY A 109 17.70 -33.77 -5.53
CA GLY A 109 16.99 -33.25 -6.70
C GLY A 109 17.81 -33.31 -7.95
N PHE A 110 19.01 -32.79 -7.89
CA PHE A 110 19.79 -32.80 -9.08
C PHE A 110 20.10 -34.25 -9.40
N ILE A 111 20.47 -35.04 -8.42
CA ILE A 111 20.84 -36.37 -8.75
C ILE A 111 19.68 -37.01 -9.43
N VAL A 112 18.49 -36.92 -8.92
CA VAL A 112 17.46 -37.58 -9.66
C VAL A 112 17.38 -37.00 -11.08
N SER A 113 17.32 -35.68 -11.27
CA SER A 113 17.29 -35.13 -12.64
C SER A 113 18.50 -35.60 -13.39
N MET A 114 19.65 -35.60 -12.80
CA MET A 114 20.82 -36.00 -13.57
C MET A 114 20.66 -37.46 -14.00
N ALA A 115 20.17 -38.26 -13.10
CA ALA A 115 20.11 -39.70 -13.39
C ALA A 115 19.17 -39.90 -14.56
N ALA A 116 17.97 -39.37 -14.43
CA ALA A 116 17.01 -39.57 -15.44
C ALA A 116 17.60 -39.03 -16.72
N ALA A 117 18.48 -38.05 -16.66
CA ALA A 117 18.93 -37.55 -17.93
C ALA A 117 19.87 -38.61 -18.40
N HIS A 118 20.74 -39.00 -17.53
CA HIS A 118 21.67 -40.01 -17.94
C HIS A 118 20.98 -41.23 -18.58
N ASP A 119 19.92 -41.76 -17.97
CA ASP A 119 19.19 -42.89 -18.48
C ASP A 119 18.73 -42.80 -19.96
N ARG A 120 18.62 -41.61 -20.48
CA ARG A 120 18.13 -41.47 -21.82
C ARG A 120 19.19 -40.77 -22.58
N ASP A 121 20.37 -40.72 -22.02
CA ASP A 121 21.41 -40.05 -22.75
C ASP A 121 21.03 -38.66 -23.19
N ARG A 122 20.34 -37.87 -22.39
CA ARG A 122 20.13 -36.52 -22.83
C ARG A 122 21.29 -35.69 -22.24
N LYS A 123 21.72 -34.68 -23.01
CA LYS A 123 22.86 -33.85 -22.60
C LYS A 123 22.53 -32.38 -22.64
N ASP A 124 21.27 -31.98 -22.85
CA ASP A 124 20.98 -30.55 -22.84
C ASP A 124 20.77 -30.12 -21.38
N TYR A 125 21.90 -30.04 -20.69
CA TYR A 125 21.94 -29.71 -19.31
C TYR A 125 21.22 -28.44 -18.94
N ASP A 126 21.64 -27.29 -19.47
CA ASP A 126 20.93 -26.05 -19.14
C ASP A 126 19.40 -26.29 -19.17
N ASP A 127 18.84 -26.82 -20.22
CA ASP A 127 17.43 -26.97 -20.12
C ASP A 127 17.05 -28.08 -19.19
N LEU A 128 17.81 -29.15 -19.15
CA LEU A 128 17.38 -30.22 -18.26
C LEU A 128 17.46 -29.84 -16.78
N LEU A 129 18.31 -28.91 -16.41
CA LEU A 129 18.38 -28.64 -15.00
C LEU A 129 17.73 -27.31 -14.65
N ALA A 130 17.20 -26.65 -15.64
CA ALA A 130 16.59 -25.39 -15.35
C ALA A 130 15.76 -25.49 -14.11
N GLY A 131 15.09 -26.61 -13.91
CA GLY A 131 14.14 -26.70 -12.84
C GLY A 131 14.72 -27.07 -11.51
N ASN A 132 16.04 -27.09 -11.37
CA ASN A 132 16.65 -27.40 -10.06
C ASN A 132 17.43 -26.22 -9.52
N LEU A 133 16.88 -25.42 -8.64
CA LEU A 133 17.62 -24.24 -8.22
C LEU A 133 18.60 -24.72 -7.27
N CYS A 134 19.84 -24.16 -7.26
CA CYS A 134 20.79 -24.34 -6.12
C CYS A 134 21.32 -22.94 -5.75
N ARG A 135 21.21 -22.59 -4.48
CA ARG A 135 21.56 -21.25 -4.03
C ARG A 135 23.03 -21.23 -3.60
N CYS A 136 23.65 -22.41 -3.49
CA CYS A 136 25.02 -22.55 -2.95
C CYS A 136 26.25 -22.48 -3.90
N THR A 137 26.17 -23.13 -5.05
CA THR A 137 27.39 -23.42 -5.72
C THR A 137 27.58 -22.75 -7.00
N GLY A 138 26.60 -22.09 -7.59
CA GLY A 138 27.01 -21.48 -8.82
C GLY A 138 26.87 -22.42 -9.97
N TYR A 139 26.62 -23.68 -9.74
CA TYR A 139 26.14 -24.45 -10.92
C TYR A 139 27.28 -25.05 -11.79
N ALA A 140 28.28 -24.23 -11.96
CA ALA A 140 29.44 -24.65 -12.61
C ALA A 140 29.93 -26.07 -12.25
N PRO A 141 30.09 -26.36 -10.96
CA PRO A 141 30.64 -27.62 -10.57
C PRO A 141 29.59 -28.65 -10.90
N ILE A 142 28.32 -28.26 -10.96
CA ILE A 142 27.36 -29.30 -11.32
C ILE A 142 27.48 -29.69 -12.80
N LEU A 143 27.70 -28.72 -13.70
CA LEU A 143 27.89 -29.04 -15.12
C LEU A 143 29.07 -29.96 -15.26
N ARG A 144 30.16 -29.67 -14.56
CA ARG A 144 31.25 -30.58 -14.70
C ARG A 144 30.72 -31.94 -14.32
N ALA A 145 30.01 -32.06 -13.22
CA ALA A 145 29.65 -33.43 -12.90
C ALA A 145 28.89 -34.04 -14.04
N ALA A 146 27.90 -33.36 -14.56
CA ALA A 146 27.09 -34.03 -15.52
C ALA A 146 27.96 -34.46 -16.63
N GLU A 147 28.89 -33.61 -16.99
CA GLU A 147 29.64 -33.97 -18.17
C GLU A 147 30.43 -35.20 -17.90
N ALA A 148 31.14 -35.14 -16.82
CA ALA A 148 32.02 -36.17 -16.44
C ALA A 148 31.35 -37.49 -16.33
N ALA A 149 30.06 -37.54 -16.09
CA ALA A 149 29.47 -38.80 -15.84
C ALA A 149 28.84 -39.26 -17.10
N ALA A 150 28.73 -38.39 -18.09
CA ALA A 150 28.08 -38.86 -19.32
C ALA A 150 28.91 -39.91 -20.04
N GLY A 151 30.22 -39.92 -19.80
CA GLY A 151 31.04 -40.93 -20.44
C GLY A 151 30.96 -42.18 -19.58
N GLU A 152 29.77 -42.70 -19.31
CA GLU A 152 29.67 -43.82 -18.40
C GLU A 152 28.40 -44.53 -18.68
N PRO A 153 28.58 -45.83 -18.79
CA PRO A 153 27.52 -46.76 -19.09
C PRO A 153 26.37 -46.52 -18.16
N PRO A 154 25.20 -46.49 -18.74
CA PRO A 154 23.94 -46.28 -18.03
C PRO A 154 23.82 -47.27 -16.89
N ALA A 155 23.08 -46.96 -15.85
CA ALA A 155 23.01 -47.89 -14.74
C ALA A 155 22.09 -49.04 -15.13
N ASP A 156 22.58 -50.28 -15.09
CA ASP A 156 21.70 -51.39 -15.48
C ASP A 156 20.47 -51.45 -14.56
N TRP A 157 20.70 -51.36 -13.25
CA TRP A 157 19.61 -51.55 -12.30
C TRP A 157 18.52 -50.60 -12.49
N LEU A 158 18.77 -49.48 -13.12
CA LEU A 158 17.68 -48.54 -13.30
C LEU A 158 16.84 -48.89 -14.50
N GLN A 159 17.45 -49.56 -15.49
CA GLN A 159 16.67 -49.95 -16.69
C GLN A 159 15.76 -51.14 -16.41
N ALA A 160 16.14 -52.02 -15.49
CA ALA A 160 15.28 -53.13 -15.15
C ALA A 160 13.84 -52.69 -14.77
N ASP A 161 13.64 -51.46 -14.36
CA ASP A 161 12.24 -51.16 -14.05
C ASP A 161 11.33 -51.28 -15.29
N ALA A 162 11.92 -51.14 -16.47
CA ALA A 162 11.13 -51.20 -17.70
C ALA A 162 10.14 -52.36 -17.69
N ALA A 163 10.60 -53.51 -17.26
CA ALA A 163 9.77 -54.70 -17.21
C ALA A 163 8.55 -54.58 -16.28
N PHE A 164 8.09 -53.39 -15.91
CA PHE A 164 6.98 -53.41 -14.96
C PHE A 164 5.54 -53.26 -15.46
N THR A 165 4.69 -54.00 -14.75
CA THR A 165 3.24 -54.23 -14.96
C THR A 165 2.91 -54.95 -16.30
N LEU A 166 3.83 -55.84 -16.63
CA LEU A 166 3.78 -56.56 -17.87
C LEU A 166 4.21 -58.01 -17.61
N PRO A 179 -14.15 -42.46 -4.58
CA PRO A 179 -12.76 -42.01 -4.35
C PRO A 179 -12.34 -40.91 -5.35
N ALA A 180 -12.29 -41.28 -6.62
CA ALA A 180 -11.84 -40.36 -7.66
C ALA A 180 -11.81 -41.05 -9.02
N PHE A 181 -12.26 -40.37 -10.05
CA PHE A 181 -12.45 -41.05 -11.33
C PHE A 181 -11.28 -41.10 -12.31
N LEU A 182 -10.99 -42.29 -12.84
CA LEU A 182 -9.86 -42.48 -13.76
C LEU A 182 -10.20 -43.01 -15.16
N PRO A 183 -10.83 -42.21 -15.99
CA PRO A 183 -11.24 -42.64 -17.30
C PRO A 183 -10.04 -43.16 -18.08
N GLU A 184 -10.27 -44.20 -18.89
CA GLU A 184 -9.24 -44.77 -19.76
C GLU A 184 -9.47 -44.36 -21.18
N THR A 185 -10.67 -43.84 -21.47
CA THR A 185 -11.07 -43.42 -22.84
C THR A 185 -11.83 -42.11 -22.85
N SER A 186 -11.60 -41.32 -23.90
CA SER A 186 -12.26 -40.05 -24.02
C SER A 186 -13.78 -40.25 -23.86
N ASP A 187 -14.28 -41.41 -24.25
CA ASP A 187 -15.73 -41.62 -24.19
C ASP A 187 -16.13 -41.68 -22.74
N ALA A 188 -15.38 -42.51 -22.05
CA ALA A 188 -15.69 -42.77 -20.67
C ALA A 188 -15.69 -41.41 -19.99
N LEU A 189 -14.73 -40.62 -20.39
CA LEU A 189 -14.63 -39.33 -19.79
C LEU A 189 -15.91 -38.50 -19.99
N ALA A 190 -16.19 -38.20 -21.26
CA ALA A 190 -17.35 -37.41 -21.67
C ALA A 190 -18.65 -37.89 -21.05
N ASP A 191 -18.85 -39.20 -21.01
CA ASP A 191 -20.03 -39.68 -20.34
C ASP A 191 -20.07 -39.10 -18.93
N TRP A 192 -19.08 -39.47 -18.13
CA TRP A 192 -19.04 -39.11 -16.70
C TRP A 192 -18.99 -37.62 -16.44
N TYR A 193 -18.28 -36.88 -17.27
CA TYR A 193 -18.14 -35.48 -16.96
C TYR A 193 -19.53 -34.93 -17.05
N LEU A 194 -20.17 -35.30 -18.17
CA LEU A 194 -21.54 -34.91 -18.43
C LEU A 194 -22.44 -35.05 -17.21
N ALA A 195 -22.27 -36.12 -16.44
CA ALA A 195 -23.09 -36.29 -15.23
C ALA A 195 -22.55 -35.47 -14.07
N HIS A 196 -21.28 -35.19 -14.09
CA HIS A 196 -20.77 -34.44 -12.97
C HIS A 196 -20.09 -33.20 -13.54
N PRO A 197 -20.91 -32.26 -13.96
CA PRO A 197 -20.41 -31.04 -14.52
C PRO A 197 -19.49 -30.37 -13.51
N GLU A 198 -19.78 -30.52 -12.24
CA GLU A 198 -19.08 -29.67 -11.30
C GLU A 198 -17.76 -30.17 -10.81
N ALA A 199 -17.44 -31.38 -11.22
CA ALA A 199 -16.22 -32.05 -10.87
C ALA A 199 -15.03 -31.24 -11.20
N THR A 200 -13.89 -31.66 -10.65
CA THR A 200 -12.62 -31.02 -10.86
C THR A 200 -11.75 -31.93 -11.68
N LEU A 201 -11.50 -31.51 -12.92
CA LEU A 201 -10.69 -32.32 -13.82
C LEU A 201 -9.25 -31.99 -13.62
N ILE A 202 -8.46 -33.03 -13.36
CA ILE A 202 -7.02 -32.86 -13.19
C ILE A 202 -6.19 -33.55 -14.28
N ALA A 203 -5.35 -32.79 -14.97
CA ALA A 203 -4.57 -33.45 -16.01
C ALA A 203 -3.23 -33.60 -15.47
N GLY A 204 -2.43 -32.58 -15.75
CA GLY A 204 -1.06 -32.57 -15.33
C GLY A 204 -1.15 -32.22 -13.88
N GLY A 205 -2.05 -31.33 -13.56
CA GLY A 205 -2.18 -30.97 -12.18
C GLY A 205 -1.18 -29.90 -11.77
N THR A 206 -0.45 -29.40 -12.73
CA THR A 206 0.54 -28.40 -12.38
C THR A 206 -0.01 -27.08 -12.05
N ASP A 207 -1.27 -26.78 -12.34
CA ASP A 207 -1.89 -25.52 -11.85
C ASP A 207 -2.83 -25.94 -10.73
N VAL A 208 -3.42 -27.12 -10.80
CA VAL A 208 -4.42 -27.49 -9.80
C VAL A 208 -3.85 -27.76 -8.45
N SER A 209 -2.66 -28.35 -8.38
CA SER A 209 -2.11 -28.64 -7.05
C SER A 209 -1.87 -27.41 -6.18
N LEU A 210 -1.53 -26.27 -6.77
CA LEU A 210 -1.38 -25.06 -5.92
C LEU A 210 -2.69 -24.68 -5.21
N TRP A 211 -3.78 -25.19 -5.70
CA TRP A 211 -4.99 -24.89 -4.96
C TRP A 211 -5.00 -25.66 -3.65
N VAL A 212 -4.40 -26.84 -3.61
CA VAL A 212 -4.38 -27.58 -2.37
C VAL A 212 -3.18 -27.21 -1.49
N THR A 213 -2.02 -26.99 -2.11
CA THR A 213 -0.83 -26.72 -1.32
C THR A 213 -0.69 -25.29 -0.89
N LYS A 214 -1.25 -24.37 -1.66
CA LYS A 214 -1.06 -23.00 -1.24
C LYS A 214 -2.35 -22.35 -0.82
N ALA A 215 -3.43 -22.65 -1.53
CA ALA A 215 -4.68 -21.99 -1.16
C ALA A 215 -5.35 -22.88 -0.19
N LEU A 216 -4.71 -24.00 0.11
CA LEU A 216 -5.21 -24.89 1.12
C LEU A 216 -6.65 -25.28 0.85
N ARG A 217 -6.93 -25.44 -0.42
CA ARG A 217 -8.28 -25.80 -0.83
C ARG A 217 -8.57 -27.30 -0.71
N ASP A 218 -9.80 -27.69 -0.98
CA ASP A 218 -10.08 -29.11 -0.83
C ASP A 218 -11.03 -29.44 -1.95
N LEU A 219 -10.72 -30.46 -2.72
CA LEU A 219 -11.50 -30.69 -3.90
C LEU A 219 -12.12 -32.00 -3.81
N PRO A 220 -13.43 -32.04 -3.84
CA PRO A 220 -14.10 -33.34 -3.88
C PRO A 220 -14.56 -33.48 -5.35
N GLU A 221 -15.05 -34.67 -5.73
CA GLU A 221 -15.49 -34.84 -7.10
C GLU A 221 -14.29 -34.44 -7.97
N VAL A 222 -13.46 -35.45 -8.27
CA VAL A 222 -12.21 -35.31 -8.99
C VAL A 222 -11.99 -36.41 -10.00
N ALA A 223 -11.39 -36.08 -11.13
CA ALA A 223 -11.12 -37.10 -12.11
C ALA A 223 -9.75 -36.83 -12.74
N PHE A 224 -8.96 -37.87 -12.97
CA PHE A 224 -7.63 -37.67 -13.50
C PHE A 224 -7.57 -37.98 -14.94
N LEU A 225 -7.17 -37.09 -15.82
CA LEU A 225 -7.14 -37.52 -17.21
C LEU A 225 -5.85 -38.12 -17.75
N SER A 226 -4.81 -38.27 -16.95
CA SER A 226 -3.58 -38.68 -17.61
C SER A 226 -3.58 -40.13 -17.95
N HIS A 227 -4.67 -40.84 -17.67
CA HIS A 227 -4.74 -42.19 -18.19
C HIS A 227 -5.64 -42.38 -19.42
N CYS A 228 -5.81 -41.39 -20.31
CA CYS A 228 -6.62 -41.60 -21.52
C CYS A 228 -5.78 -41.60 -22.73
N LYS A 229 -5.12 -42.71 -23.01
CA LYS A 229 -4.19 -42.66 -24.12
C LYS A 229 -4.78 -41.88 -25.29
N ASP A 230 -6.09 -42.06 -25.52
CA ASP A 230 -6.74 -41.52 -26.73
C ASP A 230 -7.01 -40.04 -26.68
N LEU A 231 -6.78 -39.42 -25.52
CA LEU A 231 -6.89 -38.00 -25.40
C LEU A 231 -5.53 -37.35 -25.55
N ALA A 232 -4.46 -38.15 -25.66
CA ALA A 232 -3.11 -37.61 -25.67
C ALA A 232 -2.35 -38.04 -26.87
N GLN A 233 -3.00 -37.93 -28.02
CA GLN A 233 -2.43 -38.36 -29.29
C GLN A 233 -2.01 -37.23 -30.20
N ILE A 234 -1.00 -37.47 -31.00
CA ILE A 234 -0.71 -36.52 -32.06
C ILE A 234 -1.07 -37.14 -33.41
N ARG A 235 -2.15 -36.65 -34.02
CA ARG A 235 -2.65 -37.17 -35.30
C ARG A 235 -2.40 -36.25 -36.50
N GLU A 236 -1.82 -36.80 -37.56
CA GLU A 236 -1.60 -36.04 -38.80
C GLU A 236 -2.95 -35.96 -39.50
N THR A 237 -3.35 -34.77 -39.89
CA THR A 237 -4.64 -34.60 -40.58
C THR A 237 -4.47 -34.08 -42.01
N PRO A 238 -5.54 -34.15 -42.78
CA PRO A 238 -5.49 -33.73 -44.18
C PRO A 238 -5.02 -32.30 -44.20
N ASP A 239 -5.54 -31.53 -43.23
CA ASP A 239 -5.34 -30.09 -43.16
C ASP A 239 -4.83 -29.69 -41.78
N GLY A 240 -3.64 -30.20 -41.43
CA GLY A 240 -2.99 -29.90 -40.17
C GLY A 240 -2.77 -31.06 -39.22
N TYR A 241 -2.45 -30.76 -37.97
CA TYR A 241 -2.16 -31.80 -37.01
C TYR A 241 -3.09 -31.70 -35.84
N GLY A 242 -3.60 -32.84 -35.41
CA GLY A 242 -4.62 -32.90 -34.37
C GLY A 242 -3.96 -33.19 -33.04
N ILE A 243 -4.02 -32.20 -32.13
CA ILE A 243 -3.38 -32.32 -30.85
C ILE A 243 -4.37 -32.48 -29.76
N GLY A 244 -4.27 -33.64 -29.09
CA GLY A 244 -5.14 -34.00 -28.00
C GLY A 244 -4.84 -33.19 -26.76
N ALA A 245 -5.88 -32.91 -26.00
CA ALA A 245 -5.74 -32.03 -24.89
C ALA A 245 -4.73 -32.55 -23.89
N GLY A 246 -4.69 -33.86 -23.74
CA GLY A 246 -3.79 -34.47 -22.78
C GLY A 246 -2.40 -34.55 -23.31
N VAL A 247 -2.08 -33.92 -24.42
CA VAL A 247 -0.68 -33.99 -24.81
C VAL A 247 0.30 -33.17 -23.92
N THR A 248 1.37 -33.79 -23.44
CA THR A 248 2.30 -33.01 -22.62
C THR A 248 3.10 -31.96 -23.34
N ILE A 249 3.26 -30.80 -22.70
CA ILE A 249 4.07 -29.73 -23.27
C ILE A 249 5.44 -30.18 -23.68
N ALA A 250 6.05 -31.12 -22.99
CA ALA A 250 7.34 -31.57 -23.47
C ALA A 250 7.04 -32.21 -24.81
N ALA A 251 6.01 -33.03 -24.81
CA ALA A 251 5.78 -33.78 -26.04
C ALA A 251 5.55 -32.78 -27.14
N LEU A 252 4.63 -31.85 -26.89
CA LEU A 252 4.29 -30.90 -27.92
C LEU A 252 5.57 -30.25 -28.38
N ARG A 253 6.53 -30.13 -27.49
CA ARG A 253 7.70 -29.43 -27.93
C ARG A 253 8.39 -30.32 -28.90
N ALA A 254 8.38 -31.62 -28.60
CA ALA A 254 9.24 -32.51 -29.37
C ALA A 254 8.75 -32.55 -30.78
N PHE A 255 7.44 -32.57 -30.89
CA PHE A 255 6.80 -32.68 -32.15
C PHE A 255 7.01 -31.45 -32.97
N ALA A 256 7.05 -30.30 -32.29
CA ALA A 256 7.12 -29.03 -33.01
C ALA A 256 8.48 -28.80 -33.59
N GLU A 257 9.44 -29.54 -33.07
CA GLU A 257 10.81 -29.22 -33.41
C GLU A 257 10.93 -29.17 -34.91
N GLY A 258 10.10 -29.98 -35.55
CA GLY A 258 10.12 -30.05 -37.00
C GLY A 258 9.35 -28.93 -37.72
N PRO A 259 8.07 -29.13 -37.79
CA PRO A 259 7.16 -28.21 -38.46
C PRO A 259 6.92 -26.87 -37.76
N HIS A 260 7.41 -26.67 -36.54
CA HIS A 260 7.10 -25.42 -35.90
C HIS A 260 8.19 -24.99 -34.92
N PRO A 261 9.40 -24.94 -35.43
CA PRO A 261 10.56 -24.62 -34.60
C PRO A 261 10.12 -23.45 -33.75
N ALA A 262 9.60 -22.36 -34.31
CA ALA A 262 9.28 -21.27 -33.46
C ALA A 262 8.56 -21.77 -32.24
N LEU A 263 7.49 -22.56 -32.43
CA LEU A 263 6.68 -22.96 -31.26
C LEU A 263 7.56 -23.73 -30.36
N ALA A 264 8.40 -24.54 -30.97
CA ALA A 264 9.31 -25.34 -30.15
C ALA A 264 10.21 -24.43 -29.35
N GLY A 265 10.80 -23.45 -30.02
CA GLY A 265 11.66 -22.48 -29.36
C GLY A 265 11.00 -21.80 -28.16
N LEU A 266 9.70 -21.52 -28.30
CA LEU A 266 8.99 -20.93 -27.21
C LEU A 266 8.92 -21.97 -26.12
N LEU A 267 8.24 -23.09 -26.34
CA LEU A 267 8.06 -24.05 -25.26
C LEU A 267 9.39 -24.33 -24.48
N ARG A 268 10.52 -24.13 -25.13
CA ARG A 268 11.73 -24.44 -24.43
C ARG A 268 11.66 -23.77 -23.07
N ARG A 269 11.19 -22.54 -23.03
CA ARG A 269 11.13 -21.75 -21.80
C ARG A 269 9.74 -21.72 -21.22
N PHE A 270 9.05 -22.83 -21.23
CA PHE A 270 7.71 -22.89 -20.69
C PHE A 270 8.04 -23.74 -19.52
N ALA A 271 7.92 -23.14 -18.33
CA ALA A 271 8.30 -23.77 -17.08
C ALA A 271 9.72 -24.43 -17.15
N SER A 272 9.83 -25.64 -16.59
CA SER A 272 11.04 -26.44 -16.69
C SER A 272 10.69 -27.87 -17.22
N GLU A 273 11.71 -28.67 -17.53
CA GLU A 273 11.50 -30.00 -18.05
C GLU A 273 10.69 -30.71 -17.05
N GLN A 274 11.03 -30.61 -15.78
CA GLN A 274 10.13 -31.26 -14.81
C GLN A 274 8.64 -30.85 -14.92
N VAL A 275 8.26 -29.71 -15.46
CA VAL A 275 6.83 -29.47 -15.44
C VAL A 275 6.29 -29.80 -16.79
N ARG A 276 7.09 -29.45 -17.77
CA ARG A 276 6.79 -29.74 -19.16
C ARG A 276 6.52 -31.23 -19.26
N GLN A 277 7.24 -32.06 -18.55
CA GLN A 277 6.93 -33.46 -18.73
C GLN A 277 5.55 -33.89 -18.33
N VAL A 278 4.74 -33.09 -17.65
CA VAL A 278 3.44 -33.63 -17.31
C VAL A 278 2.40 -32.61 -17.52
N ALA A 279 2.83 -31.37 -17.71
CA ALA A 279 1.88 -30.27 -17.90
C ALA A 279 1.19 -30.42 -19.26
N THR A 280 -0.11 -30.13 -19.36
CA THR A 280 -0.70 -30.40 -20.67
C THR A 280 -1.19 -29.21 -21.44
N ILE A 281 -1.09 -29.31 -22.75
CA ILE A 281 -1.60 -28.21 -23.55
C ILE A 281 -3.10 -28.04 -23.31
N GLY A 282 -3.81 -29.12 -23.13
CA GLY A 282 -5.22 -28.94 -22.88
C GLY A 282 -5.33 -27.99 -21.71
N GLY A 283 -4.57 -28.39 -20.67
CA GLY A 283 -4.59 -27.76 -19.37
C GLY A 283 -4.20 -26.32 -19.50
N ASN A 284 -3.06 -26.13 -20.17
CA ASN A 284 -2.61 -24.77 -20.28
C ASN A 284 -3.68 -23.94 -20.84
N ILE A 285 -4.52 -24.52 -21.72
CA ILE A 285 -5.60 -23.79 -22.34
C ILE A 285 -6.74 -23.65 -21.38
N ALA A 286 -7.28 -24.79 -20.91
CA ALA A 286 -8.41 -24.82 -19.95
C ALA A 286 -8.19 -23.93 -18.68
N ASN A 287 -6.92 -23.80 -18.27
CA ASN A 287 -6.65 -22.96 -17.14
C ASN A 287 -7.21 -21.60 -17.47
N GLY A 288 -6.95 -21.14 -18.68
CA GLY A 288 -7.45 -19.84 -19.06
C GLY A 288 -6.67 -18.60 -18.61
N SER A 289 -5.37 -18.70 -18.42
CA SER A 289 -4.69 -17.53 -17.87
C SER A 289 -4.13 -16.65 -18.93
N PRO A 290 -4.27 -15.37 -18.75
CA PRO A 290 -3.75 -14.42 -19.74
C PRO A 290 -2.26 -14.46 -19.77
N ILE A 291 -1.63 -15.36 -19.02
CA ILE A 291 -0.20 -15.39 -19.13
C ILE A 291 0.20 -16.72 -19.60
N GLY A 292 -0.78 -17.51 -19.96
CA GLY A 292 -0.43 -18.80 -20.51
C GLY A 292 0.46 -18.49 -21.69
N ASP A 293 1.44 -19.32 -21.98
CA ASP A 293 2.25 -19.12 -23.14
C ASP A 293 1.79 -19.90 -24.35
N GLY A 294 0.86 -20.84 -24.18
CA GLY A 294 0.46 -21.65 -25.29
C GLY A 294 -0.43 -20.83 -26.21
N PRO A 295 -1.51 -20.37 -25.63
CA PRO A 295 -2.52 -19.67 -26.39
C PRO A 295 -1.96 -18.61 -27.31
N PRO A 296 -1.08 -17.73 -26.89
CA PRO A 296 -0.62 -16.67 -27.79
C PRO A 296 0.00 -17.28 -28.99
N ALA A 297 0.94 -18.15 -28.75
CA ALA A 297 1.49 -18.71 -29.95
C ALA A 297 0.41 -19.37 -30.82
N LEU A 298 -0.35 -20.28 -30.29
CA LEU A 298 -1.29 -21.00 -31.13
C LEU A 298 -2.17 -20.02 -31.92
N ILE A 299 -2.70 -19.02 -31.22
CA ILE A 299 -3.46 -17.97 -31.86
C ILE A 299 -2.66 -17.32 -32.95
N ALA A 300 -1.46 -16.86 -32.65
CA ALA A 300 -0.67 -16.36 -33.78
C ALA A 300 -0.70 -17.31 -34.97
N MET A 301 -0.45 -18.61 -34.79
CA MET A 301 -0.42 -19.41 -35.99
C MET A 301 -1.81 -19.85 -36.30
N GLY A 302 -2.80 -19.21 -35.68
CA GLY A 302 -4.19 -19.47 -35.99
C GLY A 302 -4.60 -20.92 -36.01
N ALA A 303 -4.55 -21.56 -34.87
CA ALA A 303 -4.96 -22.94 -34.77
C ALA A 303 -6.33 -22.88 -34.31
N SER A 304 -6.94 -24.03 -34.21
CA SER A 304 -8.30 -24.05 -33.76
C SER A 304 -8.31 -24.98 -32.59
N LEU A 305 -9.40 -24.92 -31.86
CA LEU A 305 -9.57 -25.65 -30.63
C LEU A 305 -10.86 -26.41 -30.80
N THR A 306 -10.96 -27.60 -30.21
CA THR A 306 -12.17 -28.40 -30.25
C THR A 306 -12.67 -28.76 -28.85
N LEU A 307 -13.89 -28.33 -28.49
CA LEU A 307 -14.48 -28.68 -27.17
C LEU A 307 -15.20 -29.96 -27.35
N ARG A 308 -15.81 -30.50 -26.28
CA ARG A 308 -16.62 -31.73 -26.39
C ARG A 308 -17.55 -31.92 -25.21
N ARG A 309 -18.78 -32.36 -25.48
CA ARG A 309 -19.77 -32.56 -24.41
C ARG A 309 -20.56 -33.80 -24.75
N GLY A 310 -20.33 -34.91 -24.07
CA GLY A 310 -21.05 -36.12 -24.43
C GLY A 310 -20.54 -36.55 -25.81
N GLN A 311 -21.41 -36.46 -26.82
CA GLN A 311 -21.01 -36.81 -28.18
C GLN A 311 -20.93 -35.59 -29.06
N GLU A 312 -21.51 -34.47 -28.59
CA GLU A 312 -21.45 -33.18 -29.31
C GLU A 312 -20.03 -32.68 -29.44
N ARG A 313 -19.79 -31.63 -30.22
CA ARG A 313 -18.41 -31.27 -30.51
C ARG A 313 -18.30 -29.94 -31.25
N ARG A 314 -18.23 -28.82 -30.53
CA ARG A 314 -18.10 -27.49 -31.15
C ARG A 314 -16.72 -27.40 -31.64
N ARG A 315 -16.34 -26.21 -32.08
CA ARG A 315 -15.02 -26.09 -32.67
C ARG A 315 -14.73 -24.66 -33.14
N MET A 316 -14.27 -23.78 -32.27
CA MET A 316 -13.93 -22.43 -32.72
C MET A 316 -12.48 -22.20 -32.98
N PRO A 317 -12.18 -21.01 -33.46
CA PRO A 317 -10.78 -20.56 -33.57
C PRO A 317 -10.28 -20.29 -32.12
N LEU A 318 -9.03 -20.66 -31.79
CA LEU A 318 -8.62 -20.51 -30.41
C LEU A 318 -8.94 -19.17 -29.73
N GLU A 319 -8.40 -18.08 -30.22
CA GLU A 319 -8.65 -16.80 -29.58
C GLU A 319 -10.09 -16.61 -29.13
N ASP A 320 -11.02 -17.20 -29.85
CA ASP A 320 -12.41 -17.01 -29.45
C ASP A 320 -12.80 -17.74 -28.18
N PHE A 321 -11.95 -18.64 -27.69
CA PHE A 321 -12.29 -19.40 -26.52
C PHE A 321 -12.30 -18.55 -25.28
N PHE A 322 -11.61 -17.42 -25.35
CA PHE A 322 -11.41 -16.55 -24.20
C PHE A 322 -12.29 -15.30 -24.19
N LEU A 323 -13.33 -15.30 -23.37
CA LEU A 323 -14.22 -14.11 -23.29
C LEU A 323 -13.69 -12.98 -22.42
N GLU A 324 -13.65 -13.25 -21.12
CA GLU A 324 -13.08 -12.32 -20.17
C GLU A 324 -12.11 -12.97 -19.17
N TYR A 325 -11.25 -12.12 -18.62
CA TYR A 325 -10.36 -12.57 -17.61
C TYR A 325 -11.15 -13.54 -16.76
N ARG A 326 -10.67 -14.78 -16.66
CA ARG A 326 -11.27 -15.67 -15.67
C ARG A 326 -12.60 -16.25 -16.11
N LYS A 327 -12.79 -16.44 -17.41
CA LYS A 327 -14.10 -16.80 -17.91
C LYS A 327 -14.01 -17.21 -19.37
N GLN A 328 -14.47 -18.42 -19.68
CA GLN A 328 -14.32 -18.96 -21.00
C GLN A 328 -15.54 -19.55 -21.65
N ASP A 329 -15.45 -19.77 -22.96
CA ASP A 329 -16.61 -20.27 -23.68
C ASP A 329 -16.84 -21.75 -23.43
N ARG A 330 -17.03 -22.11 -22.17
CA ARG A 330 -17.15 -23.52 -21.84
C ARG A 330 -18.48 -23.88 -21.16
N ARG A 331 -19.17 -24.83 -21.71
CA ARG A 331 -20.47 -25.17 -21.15
C ARG A 331 -20.30 -26.20 -20.04
N PRO A 332 -21.20 -26.11 -19.09
CA PRO A 332 -21.39 -27.17 -18.11
C PRO A 332 -21.17 -28.50 -18.78
N GLY A 333 -20.29 -29.32 -18.23
CA GLY A 333 -20.08 -30.64 -18.75
C GLY A 333 -19.24 -30.63 -19.98
N GLU A 334 -18.85 -29.46 -20.42
CA GLU A 334 -18.08 -29.35 -21.66
C GLU A 334 -16.61 -29.41 -21.37
N PHE A 335 -15.84 -30.17 -22.14
CA PHE A 335 -14.41 -30.20 -21.93
C PHE A 335 -13.50 -30.15 -23.15
N VAL A 336 -12.32 -29.57 -22.97
CA VAL A 336 -11.37 -29.39 -24.08
C VAL A 336 -10.83 -30.73 -24.56
N GLU A 337 -10.91 -31.02 -25.86
CA GLU A 337 -10.53 -32.35 -26.39
C GLU A 337 -9.39 -32.29 -27.35
N SER A 338 -9.19 -31.16 -27.98
CA SER A 338 -7.99 -31.09 -28.77
C SER A 338 -7.84 -29.76 -29.40
N VAL A 339 -6.73 -29.58 -30.08
CA VAL A 339 -6.56 -28.39 -30.85
C VAL A 339 -5.96 -28.81 -32.15
N THR A 340 -6.12 -27.96 -33.17
CA THR A 340 -5.56 -28.30 -34.47
C THR A 340 -4.68 -27.25 -35.05
N LEU A 341 -3.54 -27.67 -35.57
CA LEU A 341 -2.59 -26.70 -36.07
C LEU A 341 -2.36 -26.95 -37.53
N PRO A 342 -2.13 -25.89 -38.28
CA PRO A 342 -1.85 -26.00 -39.71
C PRO A 342 -0.60 -26.81 -39.90
N LYS A 343 -0.40 -27.33 -41.10
CA LYS A 343 0.80 -28.09 -41.37
C LYS A 343 1.99 -27.15 -41.39
N SER A 344 1.77 -25.86 -41.63
CA SER A 344 2.96 -24.99 -41.60
C SER A 344 2.68 -23.50 -41.40
N ALA A 345 3.69 -22.75 -40.93
CA ALA A 345 3.54 -21.32 -40.67
C ALA A 345 4.90 -20.67 -40.45
N PRO A 346 5.64 -20.51 -41.53
CA PRO A 346 7.03 -20.08 -41.43
C PRO A 346 7.03 -18.70 -40.85
N GLY A 347 5.88 -18.03 -40.92
CA GLY A 347 5.80 -16.66 -40.43
C GLY A 347 5.86 -16.50 -38.92
N LEU A 348 5.63 -17.60 -38.24
CA LEU A 348 5.62 -17.59 -36.82
C LEU A 348 6.98 -17.19 -36.30
N ARG A 349 6.95 -16.51 -35.18
CA ARG A 349 8.11 -16.15 -34.39
C ARG A 349 7.45 -15.97 -32.99
N CYS A 350 8.13 -16.34 -31.89
CA CYS A 350 7.52 -16.03 -30.54
C CYS A 350 8.43 -15.38 -29.50
N TYR A 351 7.94 -14.37 -28.85
CA TYR A 351 8.77 -13.72 -27.89
C TYR A 351 8.23 -13.91 -26.44
N LYS A 352 9.18 -14.31 -25.59
CA LYS A 352 8.83 -14.41 -24.20
C LYS A 352 9.75 -13.55 -23.47
N LEU A 353 9.22 -12.59 -22.73
CA LEU A 353 10.00 -11.66 -21.92
C LEU A 353 9.67 -11.83 -20.44
N SER A 354 10.71 -12.06 -19.60
CA SER A 354 10.47 -12.22 -18.15
C SER A 354 11.62 -11.71 -17.35
N LYS A 355 11.55 -11.78 -16.02
CA LYS A 355 12.65 -11.21 -15.28
C LYS A 355 13.80 -12.00 -15.50
N ARG A 356 13.62 -13.32 -15.54
CA ARG A 356 14.77 -14.24 -15.75
C ARG A 356 14.44 -15.17 -16.94
N PHE A 357 15.43 -15.66 -17.69
CA PHE A 357 15.08 -16.42 -18.89
C PHE A 357 14.40 -17.70 -18.61
N ASP A 358 15.10 -18.63 -17.93
CA ASP A 358 14.48 -19.95 -17.68
C ASP A 358 13.41 -19.99 -16.60
N GLN A 359 12.48 -20.90 -16.79
CA GLN A 359 11.48 -21.10 -15.76
C GLN A 359 10.95 -19.79 -15.13
N ASP A 360 10.20 -18.98 -15.88
CA ASP A 360 9.74 -17.71 -15.35
C ASP A 360 8.48 -17.42 -16.08
N ILE A 361 7.70 -16.50 -15.55
CA ILE A 361 6.37 -16.21 -16.03
C ILE A 361 6.49 -15.03 -16.95
N SER A 362 5.69 -14.98 -18.02
CA SER A 362 5.89 -13.89 -18.98
C SER A 362 5.39 -12.52 -18.50
N ALA A 363 6.19 -11.51 -18.74
CA ALA A 363 5.73 -10.17 -18.45
C ALA A 363 4.81 -9.94 -19.53
N VAL A 364 5.25 -10.39 -20.68
CA VAL A 364 4.59 -10.17 -21.94
C VAL A 364 5.04 -11.26 -22.86
N CYS A 365 4.10 -11.79 -23.63
CA CYS A 365 4.49 -12.83 -24.52
C CYS A 365 4.12 -12.32 -25.87
N GLY A 366 5.09 -12.21 -26.78
CA GLY A 366 4.79 -11.70 -28.11
C GLY A 366 4.82 -12.80 -29.16
N CYS A 367 3.74 -12.99 -29.90
CA CYS A 367 3.70 -14.02 -30.92
C CYS A 367 3.29 -13.40 -32.24
N LEU A 368 4.22 -13.45 -33.19
CA LEU A 368 4.01 -12.83 -34.51
C LEU A 368 4.09 -13.72 -35.75
N ASN A 369 3.17 -13.46 -36.67
CA ASN A 369 3.01 -14.25 -37.86
C ASN A 369 2.53 -13.40 -39.01
N LEU A 370 3.40 -13.18 -39.97
CA LEU A 370 3.04 -12.31 -41.08
C LEU A 370 3.25 -13.00 -42.37
N THR A 371 2.24 -12.91 -43.22
CA THR A 371 2.38 -13.41 -44.57
C THR A 371 2.64 -12.31 -45.53
N LEU A 372 3.53 -12.58 -46.50
CA LEU A 372 3.91 -11.59 -47.54
C LEU A 372 3.48 -11.89 -49.00
N LYS A 373 3.14 -10.85 -49.72
CA LYS A 373 3.00 -10.95 -51.16
C LYS A 373 4.22 -10.19 -51.68
N GLY A 374 5.40 -10.76 -51.55
CA GLY A 374 6.61 -10.06 -51.91
C GLY A 374 6.65 -8.59 -51.54
N SER A 375 7.45 -8.24 -50.53
CA SER A 375 7.51 -6.84 -50.04
C SER A 375 6.16 -6.28 -49.47
N LYS A 376 5.04 -6.92 -49.80
CA LYS A 376 3.74 -6.45 -49.34
C LYS A 376 3.15 -7.36 -48.29
N ILE A 377 2.49 -6.76 -47.31
CA ILE A 377 1.94 -7.50 -46.18
C ILE A 377 0.57 -7.99 -46.50
N GLU A 378 0.48 -9.29 -46.75
CA GLU A 378 -0.78 -9.94 -47.08
C GLU A 378 -1.65 -10.13 -45.87
N THR A 379 -1.19 -10.95 -44.93
CA THR A 379 -1.95 -11.25 -43.69
C THR A 379 -1.13 -11.01 -42.42
N ALA A 380 -1.81 -10.60 -41.34
CA ALA A 380 -1.13 -10.28 -40.07
C ALA A 380 -1.82 -10.88 -38.88
N ARG A 381 -1.23 -11.97 -38.38
CA ARG A 381 -1.74 -12.61 -37.20
C ARG A 381 -0.87 -12.14 -36.06
N ILE A 382 -1.40 -11.32 -35.15
CA ILE A 382 -0.58 -10.87 -34.04
C ILE A 382 -1.24 -11.05 -32.69
N ALA A 383 -0.60 -11.88 -31.85
CA ALA A 383 -1.16 -12.21 -30.54
C ALA A 383 -0.24 -11.88 -29.34
N PHE A 384 -0.86 -11.56 -28.20
CA PHE A 384 -0.10 -11.27 -27.00
C PHE A 384 -0.67 -11.89 -25.76
N GLY A 385 0.23 -12.28 -24.86
CA GLY A 385 -0.19 -12.82 -23.60
C GLY A 385 0.29 -11.80 -22.60
N GLY A 386 -0.47 -11.66 -21.55
CA GLY A 386 -0.05 -10.82 -20.47
C GLY A 386 -0.29 -9.34 -20.62
N MET A 387 -0.93 -8.88 -21.72
CA MET A 387 -1.23 -7.46 -21.91
C MET A 387 -2.73 -7.23 -21.69
N ALA A 388 -3.45 -8.24 -21.24
CA ALA A 388 -4.87 -8.04 -21.02
C ALA A 388 -5.45 -9.16 -20.23
N GLY A 389 -6.67 -8.98 -19.74
CA GLY A 389 -7.29 -10.04 -18.97
C GLY A 389 -7.38 -11.34 -19.76
N VAL A 390 -6.92 -11.30 -21.01
CA VAL A 390 -7.06 -12.45 -21.85
C VAL A 390 -6.00 -12.38 -22.89
N PRO A 391 -5.73 -13.47 -23.60
CA PRO A 391 -4.77 -13.41 -24.71
C PRO A 391 -5.63 -12.91 -25.81
N LYS A 392 -5.14 -12.11 -26.73
CA LYS A 392 -6.01 -11.65 -27.80
C LYS A 392 -5.20 -11.05 -28.91
N ARG A 393 -5.72 -11.06 -30.14
CA ARG A 393 -4.93 -10.47 -31.23
C ARG A 393 -5.06 -8.95 -31.09
N ALA A 394 -4.12 -8.23 -31.69
CA ALA A 394 -4.08 -6.77 -31.56
C ALA A 394 -4.65 -6.08 -32.76
N ALA A 395 -5.95 -6.28 -32.98
CA ALA A 395 -6.74 -5.79 -34.16
C ALA A 395 -6.24 -4.52 -34.82
N ALA A 396 -6.37 -3.39 -34.10
CA ALA A 396 -5.98 -2.11 -34.67
C ALA A 396 -4.58 -2.16 -35.23
N PHE A 397 -3.68 -2.85 -34.56
CA PHE A 397 -2.35 -2.90 -35.12
C PHE A 397 -2.42 -3.78 -36.35
N GLU A 398 -3.13 -4.89 -36.22
CA GLU A 398 -3.16 -5.88 -37.29
C GLU A 398 -3.64 -5.08 -38.45
N ALA A 399 -4.78 -4.42 -38.23
CA ALA A 399 -5.46 -3.76 -39.33
C ALA A 399 -4.46 -2.88 -40.04
N ALA A 400 -4.16 -1.80 -39.36
CA ALA A 400 -3.29 -0.79 -39.88
C ALA A 400 -2.08 -1.37 -40.55
N LEU A 401 -1.96 -2.68 -40.58
CA LEU A 401 -0.72 -3.26 -41.07
C LEU A 401 -0.83 -3.86 -42.49
N ILE A 402 -1.99 -4.44 -42.76
CA ILE A 402 -2.32 -4.97 -44.07
C ILE A 402 -1.93 -4.04 -45.23
N GLY A 403 -1.45 -4.62 -46.32
CA GLY A 403 -1.22 -3.76 -47.47
C GLY A 403 0.01 -2.87 -47.44
N GLN A 404 0.46 -2.45 -46.27
CA GLN A 404 1.64 -1.59 -46.28
C GLN A 404 2.85 -2.42 -46.64
N ASP A 405 3.92 -1.69 -46.90
CA ASP A 405 5.21 -2.29 -47.21
C ASP A 405 5.81 -2.89 -45.95
N PHE A 406 6.53 -4.00 -46.08
CA PHE A 406 7.19 -4.61 -44.92
C PHE A 406 8.65 -4.11 -44.66
N ARG A 407 8.74 -2.93 -44.05
CA ARG A 407 10.01 -2.31 -43.74
C ARG A 407 9.86 -1.86 -42.30
N GLU A 408 10.99 -1.57 -41.68
CA GLU A 408 10.98 -1.14 -40.30
C GLU A 408 10.08 0.07 -40.08
N ASP A 409 10.35 1.16 -40.80
CA ASP A 409 9.61 2.42 -40.60
C ASP A 409 8.08 2.26 -40.63
N THR A 410 7.54 1.42 -41.51
CA THR A 410 6.08 1.33 -41.49
C THR A 410 5.70 0.90 -40.13
N ILE A 411 6.38 -0.13 -39.65
CA ILE A 411 6.02 -0.69 -38.39
C ILE A 411 6.21 0.34 -37.36
N ALA A 412 7.38 0.97 -37.39
CA ALA A 412 7.66 2.06 -36.45
C ALA A 412 6.47 2.97 -36.37
N ALA A 413 5.89 3.26 -37.54
CA ALA A 413 4.78 4.19 -37.62
C ALA A 413 3.42 3.69 -37.10
N ALA A 414 3.24 2.39 -36.97
CA ALA A 414 1.97 1.86 -36.47
C ALA A 414 1.95 1.58 -34.92
N LEU A 415 3.14 1.52 -34.34
CA LEU A 415 3.23 1.16 -32.95
C LEU A 415 2.10 1.74 -32.11
N PRO A 416 1.93 3.05 -32.11
CA PRO A 416 0.92 3.65 -31.23
C PRO A 416 -0.34 2.83 -31.20
N LEU A 417 -0.68 2.16 -32.31
CA LEU A 417 -1.99 1.48 -32.30
C LEU A 417 -2.12 0.53 -31.13
N LEU A 418 -0.96 -0.06 -30.77
CA LEU A 418 -0.88 -1.05 -29.70
C LEU A 418 -1.48 -0.52 -28.43
N ALA A 419 -1.22 0.76 -28.13
CA ALA A 419 -1.78 1.36 -26.93
C ALA A 419 -3.28 1.49 -27.05
N GLN A 420 -3.86 1.16 -28.21
CA GLN A 420 -5.33 1.20 -28.20
C GLN A 420 -5.78 -0.22 -28.19
N ASP A 421 -4.95 -1.10 -28.76
CA ASP A 421 -5.33 -2.49 -28.75
C ASP A 421 -5.35 -2.97 -27.31
N PHE A 422 -4.36 -2.54 -26.53
CA PHE A 422 -4.24 -2.90 -25.12
C PHE A 422 -3.94 -1.79 -24.06
N THR A 423 -4.28 -2.09 -22.82
CA THR A 423 -3.95 -1.18 -21.75
C THR A 423 -3.60 -2.02 -20.53
N PRO A 424 -2.32 -2.31 -20.52
CA PRO A 424 -1.74 -3.34 -19.68
C PRO A 424 -1.67 -2.88 -18.24
N LEU A 425 -1.54 -3.86 -17.34
CA LEU A 425 -1.41 -3.76 -15.89
C LEU A 425 -0.05 -3.30 -15.35
N SER A 426 0.04 -3.13 -14.05
CA SER A 426 1.38 -2.99 -13.45
C SER A 426 1.45 -3.98 -12.31
N ASP A 427 2.60 -4.56 -12.01
CA ASP A 427 2.66 -5.47 -10.89
C ASP A 427 4.07 -5.93 -10.70
N MET A 428 4.29 -6.83 -9.73
CA MET A 428 5.63 -7.19 -9.40
C MET A 428 6.47 -7.54 -10.59
N ARG A 429 5.85 -8.17 -11.60
CA ARG A 429 6.65 -8.58 -12.75
C ARG A 429 7.22 -7.47 -13.59
N ALA A 430 6.44 -6.41 -13.78
CA ALA A 430 6.88 -5.32 -14.65
C ALA A 430 5.80 -4.28 -14.65
N SER A 431 6.21 -3.03 -14.90
CA SER A 431 5.31 -1.86 -14.95
C SER A 431 4.61 -1.81 -16.26
N ALA A 432 3.37 -1.33 -16.24
CA ALA A 432 2.63 -1.11 -17.51
C ALA A 432 3.47 -0.31 -18.52
N ALA A 433 4.03 0.82 -18.18
CA ALA A 433 4.84 1.41 -19.23
C ALA A 433 5.65 0.28 -19.90
N TYR A 434 6.45 -0.41 -19.11
CA TYR A 434 7.34 -1.38 -19.76
C TYR A 434 6.54 -2.49 -20.51
N ARG A 435 5.51 -3.04 -19.92
CA ARG A 435 4.92 -4.05 -20.69
C ARG A 435 4.56 -3.47 -22.06
N MET A 436 4.07 -2.23 -22.06
CA MET A 436 3.60 -1.62 -23.28
C MET A 436 4.80 -1.51 -24.14
N ASN A 437 5.70 -0.66 -23.70
CA ASN A 437 6.86 -0.37 -24.49
C ASN A 437 7.42 -1.68 -25.10
N ALA A 438 7.18 -2.80 -24.42
CA ALA A 438 7.87 -4.01 -24.81
C ALA A 438 7.12 -4.64 -25.91
N ALA A 439 5.80 -4.64 -25.80
CA ALA A 439 4.97 -5.15 -26.89
C ALA A 439 5.38 -4.46 -28.17
N GLN A 440 5.52 -3.14 -28.09
CA GLN A 440 5.95 -2.39 -29.22
C GLN A 440 7.28 -2.95 -29.47
N ALA A 441 8.17 -2.98 -28.50
CA ALA A 441 9.47 -3.46 -28.93
C ALA A 441 9.45 -4.79 -29.70
N MET A 442 8.53 -5.69 -29.38
CA MET A 442 8.56 -6.97 -30.07
C MET A 442 8.41 -6.81 -31.55
N ALA A 443 7.47 -5.98 -31.97
CA ALA A 443 7.29 -5.82 -33.42
C ALA A 443 8.57 -5.30 -34.07
N LEU A 444 9.30 -4.34 -33.50
CA LEU A 444 10.53 -3.94 -34.20
C LEU A 444 11.39 -5.16 -34.37
N ARG A 445 11.37 -6.01 -33.35
CA ARG A 445 12.18 -7.23 -33.37
C ARG A 445 11.79 -8.01 -34.61
N TYR A 446 10.54 -8.44 -34.63
CA TYR A 446 10.00 -9.14 -35.80
C TYR A 446 10.51 -8.59 -37.16
N VAL A 447 10.37 -7.31 -37.47
CA VAL A 447 11.04 -6.92 -38.70
C VAL A 447 12.53 -7.16 -38.62
N ARG A 448 13.21 -6.52 -37.70
CA ARG A 448 14.64 -6.78 -37.75
C ARG A 448 15.03 -8.30 -37.90
N GLU A 449 14.23 -9.19 -37.33
CA GLU A 449 14.63 -10.58 -37.34
C GLU A 449 14.47 -11.16 -38.72
N LEU A 450 13.27 -10.98 -39.26
CA LEU A 450 12.99 -11.46 -40.61
C LEU A 450 13.94 -10.86 -41.63
N SER A 451 14.41 -9.64 -41.37
CA SER A 451 15.35 -9.01 -42.32
C SER A 451 16.79 -9.48 -42.08
N GLY A 452 16.91 -10.54 -41.31
CA GLY A 452 18.22 -11.15 -41.06
C GLY A 452 19.22 -10.47 -40.12
N GLU A 453 18.74 -9.58 -39.26
CA GLU A 453 19.66 -8.86 -38.39
C GLU A 453 19.85 -9.69 -37.15
N ALA A 454 20.92 -9.46 -36.42
CA ALA A 454 21.14 -10.16 -35.18
C ALA A 454 20.26 -9.53 -34.13
N VAL A 455 19.50 -10.34 -33.43
CA VAL A 455 18.64 -9.74 -32.48
C VAL A 455 18.49 -10.40 -31.12
N ALA A 456 18.86 -11.67 -31.00
CA ALA A 456 18.48 -12.39 -29.80
C ALA A 456 19.65 -12.55 -28.89
N VAL A 457 19.47 -12.16 -27.61
CA VAL A 457 20.57 -12.21 -26.68
C VAL A 457 20.99 -13.62 -26.38
N LEU A 458 20.07 -14.58 -26.46
CA LEU A 458 20.46 -15.95 -26.16
C LEU A 458 21.25 -16.68 -27.23
N GLU A 459 21.61 -16.00 -28.32
CA GLU A 459 22.27 -16.70 -29.39
C GLU A 459 23.65 -16.15 -29.52
N VAL A 460 24.03 -15.30 -28.60
CA VAL A 460 25.38 -14.76 -28.67
C VAL A 460 26.35 -15.70 -28.00
N MET A 461 27.33 -16.23 -28.71
CA MET A 461 28.32 -17.05 -28.02
C MET A 461 29.49 -16.19 -27.54
N PRO A 462 30.06 -16.51 -26.39
CA PRO A 462 31.24 -15.77 -25.90
C PRO A 462 32.42 -15.84 -26.88
N SER B 2 47.17 -31.83 6.29
CA SER B 2 45.96 -32.22 5.56
C SER B 2 45.38 -30.96 5.04
N VAL B 3 45.72 -29.94 5.80
CA VAL B 3 45.31 -28.60 5.55
C VAL B 3 45.92 -28.36 4.24
N GLY B 4 45.24 -27.71 3.30
CA GLY B 4 45.89 -27.47 2.03
C GLY B 4 45.43 -28.36 0.88
N LYS B 5 44.97 -29.58 1.15
CA LYS B 5 44.52 -30.45 0.06
C LYS B 5 43.04 -30.26 -0.31
N PRO B 6 42.70 -30.43 -1.57
CA PRO B 6 41.33 -30.23 -2.02
C PRO B 6 40.36 -31.36 -1.67
N LEU B 7 40.10 -31.66 -0.41
CA LEU B 7 39.21 -32.77 -0.09
C LEU B 7 37.77 -32.30 -0.10
N PRO B 8 36.86 -33.23 -0.36
CA PRO B 8 35.42 -33.00 -0.42
C PRO B 8 34.80 -32.67 0.89
N HIS B 9 33.60 -32.14 0.77
CA HIS B 9 32.82 -31.71 1.90
C HIS B 9 32.65 -32.90 2.85
N ASP B 10 32.57 -32.67 4.13
CA ASP B 10 32.39 -33.80 5.03
C ASP B 10 31.14 -34.59 4.83
N SER B 11 30.04 -34.06 4.30
CA SER B 11 28.89 -34.96 4.05
C SER B 11 28.61 -35.08 2.59
N ALA B 12 29.65 -35.13 1.78
CA ALA B 12 29.39 -35.21 0.33
C ALA B 12 28.51 -36.47 0.00
N ARG B 13 29.04 -37.67 0.32
CA ARG B 13 28.35 -38.84 -0.08
C ARG B 13 26.92 -38.72 0.49
N ALA B 14 26.80 -38.34 1.76
CA ALA B 14 25.49 -38.32 2.33
C ALA B 14 24.55 -37.36 1.57
N HIS B 15 25.06 -36.28 1.04
CA HIS B 15 24.19 -35.39 0.39
C HIS B 15 23.77 -36.13 -0.81
N VAL B 16 24.71 -36.78 -1.45
CA VAL B 16 24.44 -37.23 -2.76
C VAL B 16 23.58 -38.45 -2.89
N THR B 17 23.35 -39.16 -1.78
CA THR B 17 22.44 -40.31 -1.73
C THR B 17 21.28 -39.97 -0.82
N GLY B 18 21.17 -38.77 -0.30
CA GLY B 18 19.95 -38.45 0.40
C GLY B 18 19.84 -39.09 1.75
N GLN B 19 20.97 -39.41 2.33
CA GLN B 19 20.92 -39.87 3.68
C GLN B 19 21.21 -38.71 4.60
N ALA B 20 21.80 -37.62 4.14
CA ALA B 20 22.09 -36.58 5.12
C ALA B 20 20.77 -36.15 5.67
N ARG B 21 20.60 -36.06 6.97
CA ARG B 21 19.34 -35.55 7.37
C ARG B 21 19.38 -34.08 7.76
N TYR B 22 18.39 -33.34 7.28
CA TYR B 22 18.12 -32.04 7.83
C TYR B 22 16.93 -32.08 8.82
N LEU B 23 16.65 -30.98 9.50
CA LEU B 23 15.70 -31.01 10.61
C LEU B 23 14.40 -31.71 10.36
N ASP B 24 13.72 -31.32 9.30
CA ASP B 24 12.43 -32.01 9.08
C ASP B 24 12.63 -33.50 8.74
N ASP B 25 13.84 -33.93 8.46
CA ASP B 25 13.95 -35.34 8.30
C ASP B 25 14.08 -36.14 9.59
N LEU B 26 14.46 -35.56 10.73
CA LEU B 26 14.75 -36.35 11.91
C LEU B 26 13.51 -37.12 12.33
N PRO B 27 13.70 -38.31 12.86
CA PRO B 27 12.55 -39.12 13.25
C PRO B 27 11.98 -38.51 14.48
N CYS B 28 10.67 -38.52 14.73
CA CYS B 28 10.21 -38.01 16.04
C CYS B 28 8.99 -38.69 16.48
N PRO B 29 8.74 -38.67 17.77
CA PRO B 29 7.67 -39.48 18.37
C PRO B 29 6.36 -39.32 17.64
N ALA B 30 5.45 -40.31 17.72
CA ALA B 30 4.18 -40.16 17.03
C ALA B 30 3.42 -38.98 17.58
N ASN B 31 3.49 -38.67 18.86
CA ASN B 31 2.67 -37.57 19.31
C ASN B 31 3.19 -36.22 19.03
N THR B 32 4.23 -36.12 18.27
CA THR B 32 4.74 -34.80 18.03
C THR B 32 3.65 -33.93 17.42
N LEU B 33 3.43 -32.71 17.90
CA LEU B 33 2.61 -31.70 17.23
C LEU B 33 3.42 -30.89 16.25
N HIS B 34 2.70 -30.06 15.47
CA HIS B 34 3.26 -29.17 14.42
C HIS B 34 2.67 -27.77 14.56
N LEU B 35 3.41 -26.73 14.22
CA LEU B 35 2.88 -25.40 14.48
C LEU B 35 2.87 -24.47 13.32
N ALA B 36 2.07 -23.44 13.34
CA ALA B 36 2.10 -22.49 12.25
C ALA B 36 1.62 -21.21 12.86
N PHE B 37 2.13 -20.02 12.44
CA PHE B 37 1.73 -18.75 13.01
C PHE B 37 0.53 -18.32 12.19
N GLY B 38 -0.39 -17.52 12.76
CA GLY B 38 -1.45 -16.89 12.00
C GLY B 38 -0.97 -15.44 11.92
N LEU B 39 -0.93 -14.84 10.72
CA LEU B 39 -0.27 -13.51 10.57
C LEU B 39 -1.11 -12.27 10.37
N SER B 40 -0.60 -11.15 10.79
CA SER B 40 -1.38 -9.93 10.65
C SER B 40 -1.62 -9.57 9.20
N THR B 41 -2.77 -9.05 8.83
CA THR B 41 -2.94 -8.67 7.41
C THR B 41 -2.81 -7.22 7.18
N GLU B 42 -2.37 -6.47 8.20
CA GLU B 42 -2.17 -5.01 8.07
C GLU B 42 -0.75 -4.58 8.28
N ALA B 43 -0.42 -3.47 7.70
CA ALA B 43 0.93 -3.03 7.81
C ALA B 43 1.15 -2.36 9.13
N SER B 44 0.08 -1.74 9.66
CA SER B 44 0.23 -0.96 10.88
C SER B 44 -1.08 -0.73 11.56
N ALA B 45 -1.35 -1.37 12.71
CA ALA B 45 -2.65 -1.13 13.30
C ALA B 45 -2.75 -1.57 14.69
N ALA B 46 -3.83 -1.18 15.36
CA ALA B 46 -4.11 -1.77 16.67
C ALA B 46 -4.92 -2.98 16.49
N ILE B 47 -4.76 -4.00 17.30
CA ILE B 47 -5.65 -5.14 17.09
C ILE B 47 -6.77 -4.92 18.01
N THR B 48 -7.95 -5.10 17.48
CA THR B 48 -9.13 -4.70 18.24
C THR B 48 -10.03 -5.80 18.67
N GLY B 49 -10.11 -6.83 17.85
CA GLY B 49 -10.76 -8.04 18.30
C GLY B 49 -9.99 -9.21 17.77
N LEU B 50 -10.01 -10.30 18.51
CA LEU B 50 -9.30 -11.51 18.14
C LEU B 50 -10.12 -12.71 18.49
N ASP B 51 -10.99 -13.08 17.59
CA ASP B 51 -11.78 -14.27 17.82
C ASP B 51 -11.03 -15.49 17.26
N LEU B 52 -10.65 -16.43 18.11
CA LEU B 52 -9.96 -17.62 17.65
C LEU B 52 -10.84 -18.91 17.68
N GLU B 53 -12.09 -18.77 18.07
CA GLU B 53 -12.91 -19.93 18.21
C GLU B 53 -12.87 -20.84 16.95
N PRO B 54 -12.97 -20.24 15.78
CA PRO B 54 -12.90 -21.01 14.54
C PRO B 54 -11.58 -21.74 14.56
N VAL B 55 -10.56 -21.17 15.20
CA VAL B 55 -9.28 -21.84 15.21
C VAL B 55 -9.33 -23.10 16.07
N ARG B 56 -9.60 -22.94 17.35
CA ARG B 56 -9.65 -24.10 18.22
C ARG B 56 -10.50 -25.16 17.60
N GLU B 57 -11.57 -24.72 16.94
CA GLU B 57 -12.49 -25.69 16.35
C GLU B 57 -11.97 -26.35 15.10
N SER B 58 -10.88 -25.90 14.55
CA SER B 58 -10.42 -26.57 13.34
C SER B 58 -9.82 -27.94 13.61
N PRO B 59 -10.00 -28.82 12.66
CA PRO B 59 -9.60 -30.21 12.82
C PRO B 59 -8.15 -30.37 13.23
N GLY B 60 -7.93 -31.32 14.11
CA GLY B 60 -6.60 -31.74 14.47
C GLY B 60 -5.89 -30.71 15.28
N VAL B 61 -6.55 -29.65 15.68
CA VAL B 61 -5.80 -28.62 16.36
C VAL B 61 -5.75 -28.93 17.79
N ILE B 62 -4.70 -28.54 18.50
CA ILE B 62 -4.64 -28.92 19.92
C ILE B 62 -4.54 -27.81 20.91
N ALA B 63 -3.74 -26.81 20.60
CA ALA B 63 -3.57 -25.65 21.48
C ALA B 63 -3.44 -24.53 20.52
N VAL B 64 -3.81 -23.33 20.99
CA VAL B 64 -3.70 -22.11 20.23
C VAL B 64 -3.02 -21.08 21.14
N PHE B 65 -2.24 -20.14 20.65
CA PHE B 65 -1.51 -19.34 21.59
C PHE B 65 -1.55 -17.91 21.22
N THR B 66 -1.34 -17.04 22.18
CA THR B 66 -1.45 -15.60 22.03
C THR B 66 -0.47 -15.04 22.98
N ALA B 67 -0.06 -13.83 22.75
CA ALA B 67 0.91 -13.20 23.62
C ALA B 67 0.55 -13.42 25.03
N ALA B 68 -0.71 -13.36 25.35
CA ALA B 68 -1.01 -13.56 26.77
C ALA B 68 -0.74 -14.98 27.24
N ASP B 69 -0.61 -15.94 26.35
CA ASP B 69 -0.42 -17.22 26.90
C ASP B 69 1.07 -17.40 27.13
N LEU B 70 1.87 -16.48 26.64
CA LEU B 70 3.28 -16.72 26.79
C LEU B 70 3.68 -16.72 28.27
N PRO B 71 4.21 -17.79 28.77
CA PRO B 71 4.51 -17.84 30.19
C PRO B 71 5.57 -16.86 30.69
N HIS B 72 6.48 -16.36 29.85
CA HIS B 72 7.53 -15.44 30.35
C HIS B 72 7.93 -14.34 29.36
N ASP B 73 9.16 -14.30 28.91
CA ASP B 73 9.45 -13.31 27.90
C ASP B 73 8.69 -13.68 26.66
N ASN B 74 8.53 -12.68 25.80
CA ASN B 74 7.96 -12.76 24.49
C ASN B 74 8.80 -11.79 23.65
N ASP B 75 9.92 -12.27 23.12
CA ASP B 75 10.88 -11.41 22.49
C ASP B 75 11.96 -12.17 21.76
N ALA B 76 12.01 -12.12 20.42
CA ALA B 76 13.03 -12.89 19.71
C ALA B 76 14.19 -12.06 19.15
N SER B 77 14.30 -10.82 19.54
CA SER B 77 15.24 -9.95 18.87
C SER B 77 16.63 -10.28 19.24
N PRO B 78 17.51 -10.16 18.29
CA PRO B 78 18.91 -10.37 18.54
C PRO B 78 19.54 -9.16 19.12
N ALA B 79 18.76 -8.21 19.61
CA ALA B 79 19.39 -7.00 20.07
C ALA B 79 18.67 -6.46 21.30
N PRO B 80 19.22 -5.49 22.00
CA PRO B 80 18.64 -5.09 23.28
C PRO B 80 17.21 -4.56 23.09
N SER B 81 16.72 -4.08 21.97
CA SER B 81 15.30 -3.74 22.01
C SER B 81 14.49 -4.91 21.50
N PRO B 82 13.35 -5.09 22.10
CA PRO B 82 12.52 -6.26 21.90
C PRO B 82 11.80 -6.27 20.59
N GLU B 83 11.38 -7.48 20.21
CA GLU B 83 10.61 -7.74 19.02
C GLU B 83 9.76 -8.88 19.54
N PRO B 84 8.46 -8.69 19.63
CA PRO B 84 7.59 -9.75 20.21
C PRO B 84 7.52 -10.91 19.25
N VAL B 85 7.32 -12.12 19.74
CA VAL B 85 7.26 -13.27 18.93
C VAL B 85 5.83 -13.34 18.58
N LEU B 86 4.95 -13.16 19.56
CA LEU B 86 3.54 -12.99 19.22
C LEU B 86 3.15 -11.55 19.53
N ALA B 87 2.55 -10.91 18.52
CA ALA B 87 1.99 -9.54 18.63
C ALA B 87 1.33 -9.14 19.95
N THR B 88 1.66 -7.95 20.44
CA THR B 88 1.16 -7.51 21.72
C THR B 88 0.24 -6.38 21.49
N GLY B 89 -0.95 -6.61 20.97
CA GLY B 89 -1.91 -5.52 20.88
C GLY B 89 -1.95 -4.82 19.56
N GLU B 90 -0.82 -4.80 18.87
CA GLU B 90 -0.72 -4.05 17.59
C GLU B 90 0.20 -4.75 16.68
N VAL B 91 0.10 -4.52 15.38
CA VAL B 91 0.99 -5.26 14.50
C VAL B 91 1.86 -4.26 13.81
N HIS B 92 2.95 -4.63 13.20
CA HIS B 92 3.71 -3.62 12.48
C HIS B 92 4.11 -3.95 11.04
N PHE B 93 3.72 -5.06 10.51
CA PHE B 93 4.00 -5.20 9.13
C PHE B 93 3.14 -6.33 8.71
N VAL B 94 2.94 -6.56 7.42
CA VAL B 94 2.00 -7.64 7.08
C VAL B 94 2.87 -8.77 7.05
N GLY B 95 2.55 -9.74 7.87
CA GLY B 95 3.36 -10.90 8.12
C GLY B 95 3.51 -11.09 9.62
N GLN B 96 3.54 -10.03 10.39
CA GLN B 96 3.75 -10.24 11.80
C GLN B 96 2.83 -11.25 12.44
N PRO B 97 3.44 -12.25 13.02
CA PRO B 97 2.74 -13.37 13.65
C PRO B 97 1.90 -12.88 14.78
N ILE B 98 0.67 -13.29 14.84
CA ILE B 98 -0.16 -12.79 15.88
C ILE B 98 -0.55 -13.80 16.86
N PHE B 99 -0.68 -15.08 16.48
CA PHE B 99 -0.97 -16.14 17.45
C PHE B 99 -0.42 -17.40 16.84
N LEU B 100 -0.44 -18.51 17.61
CA LEU B 100 0.30 -19.69 17.27
C LEU B 100 -0.53 -20.95 17.42
N VAL B 101 -0.44 -21.88 16.46
CA VAL B 101 -1.31 -23.03 16.45
C VAL B 101 -0.54 -24.29 16.47
N ALA B 102 -0.93 -25.22 17.34
CA ALA B 102 -0.28 -26.51 17.43
C ALA B 102 -1.34 -27.51 17.11
N ALA B 103 -1.21 -28.25 16.02
CA ALA B 103 -2.25 -29.22 15.70
C ALA B 103 -1.60 -30.52 15.38
N THR B 104 -2.33 -31.56 14.97
CA THR B 104 -1.61 -32.84 14.83
C THR B 104 -0.92 -33.03 13.53
N SER B 105 -0.85 -31.96 12.75
CA SER B 105 -0.15 -32.04 11.49
C SER B 105 0.19 -30.63 10.83
N HIS B 106 1.38 -30.49 10.27
CA HIS B 106 1.62 -29.34 9.48
C HIS B 106 0.38 -28.85 8.74
N ARG B 107 -0.17 -29.57 7.75
CA ARG B 107 -1.29 -28.90 7.02
C ARG B 107 -2.26 -28.43 8.07
N ALA B 108 -2.82 -29.38 8.80
CA ALA B 108 -3.75 -28.97 9.76
C ALA B 108 -3.40 -27.57 10.37
N ALA B 109 -2.25 -27.46 10.98
CA ALA B 109 -1.94 -26.20 11.55
C ALA B 109 -2.07 -25.04 10.57
N ARG B 110 -1.49 -25.21 9.38
CA ARG B 110 -1.58 -24.19 8.35
C ARG B 110 -3.06 -23.85 8.14
N ILE B 111 -3.84 -24.85 7.74
CA ILE B 111 -5.24 -24.58 7.56
C ILE B 111 -5.81 -23.73 8.75
N ALA B 112 -5.56 -24.16 9.99
CA ALA B 112 -6.20 -23.41 11.04
C ALA B 112 -5.67 -22.04 11.06
N ALA B 113 -4.44 -21.88 10.72
CA ALA B 113 -3.95 -20.54 10.96
C ALA B 113 -4.73 -19.57 10.16
N ARG B 114 -5.46 -20.01 9.19
CA ARG B 114 -6.15 -19.01 8.42
C ARG B 114 -7.58 -18.71 8.83
N LYS B 115 -8.05 -19.23 9.93
CA LYS B 115 -9.46 -19.05 10.19
C LYS B 115 -9.67 -18.01 11.24
N ALA B 116 -8.68 -17.26 11.60
CA ALA B 116 -9.02 -16.35 12.68
C ALA B 116 -9.90 -15.24 12.22
N ARG B 117 -10.66 -14.67 13.18
CA ARG B 117 -11.48 -13.48 12.88
C ARG B 117 -10.85 -12.34 13.66
N ILE B 118 -10.23 -11.41 12.94
CA ILE B 118 -9.41 -10.42 13.60
C ILE B 118 -9.92 -9.07 13.18
N THR B 119 -10.00 -8.14 14.15
CA THR B 119 -10.42 -6.81 13.75
C THR B 119 -9.28 -5.85 14.07
N TYR B 120 -8.97 -4.98 13.13
CA TYR B 120 -7.92 -4.02 13.33
C TYR B 120 -8.40 -2.55 13.26
N ALA B 121 -7.73 -1.68 13.98
CA ALA B 121 -7.94 -0.25 13.83
C ALA B 121 -6.72 0.29 13.13
N PRO B 122 -6.75 0.33 11.82
CA PRO B 122 -5.57 0.69 11.02
C PRO B 122 -4.97 2.02 11.36
N ARG B 123 -3.71 2.21 11.01
CA ARG B 123 -3.01 3.46 11.23
C ARG B 123 -2.19 3.76 10.03
N PRO B 124 -1.84 5.03 9.83
CA PRO B 124 -0.97 5.44 8.70
C PRO B 124 0.30 4.57 8.79
N ALA B 125 0.81 4.10 7.68
CA ALA B 125 1.90 3.14 7.69
C ALA B 125 3.10 3.73 7.08
N ILE B 126 4.29 3.45 7.59
CA ILE B 126 5.42 3.98 6.87
C ILE B 126 6.09 2.94 5.96
N LEU B 127 5.96 3.04 4.63
CA LEU B 127 6.56 2.02 3.77
C LEU B 127 7.71 2.47 2.94
N THR B 128 8.02 3.74 2.92
CA THR B 128 9.15 4.09 2.07
C THR B 128 10.18 4.90 2.80
N LEU B 129 11.42 4.79 2.33
CA LEU B 129 12.45 5.59 2.93
C LEU B 129 11.95 7.07 3.11
N ASP B 130 11.37 7.66 2.04
CA ASP B 130 11.08 9.08 2.16
C ASP B 130 10.08 9.15 3.26
N GLN B 131 9.08 8.27 3.22
CA GLN B 131 8.08 8.41 4.29
C GLN B 131 8.77 8.38 5.61
N ALA B 132 9.69 7.44 5.76
CA ALA B 132 10.36 7.32 7.02
C ALA B 132 11.04 8.60 7.35
N LEU B 133 11.81 9.03 6.37
CA LEU B 133 12.61 10.22 6.55
C LEU B 133 11.68 11.30 7.03
N ALA B 134 10.55 11.43 6.35
CA ALA B 134 9.63 12.52 6.62
C ALA B 134 9.27 12.45 8.02
N ALA B 135 8.82 11.27 8.42
CA ALA B 135 8.23 11.14 9.76
C ALA B 135 9.26 10.93 10.82
N ASP B 136 10.54 10.98 10.45
CA ASP B 136 11.65 10.71 11.41
C ASP B 136 11.41 9.37 12.10
N SER B 137 11.09 8.34 11.31
CA SER B 137 10.86 7.00 11.82
C SER B 137 12.17 6.23 11.75
N ARG B 138 12.90 6.16 12.86
CA ARG B 138 14.23 5.59 12.70
C ARG B 138 14.77 4.86 13.89
N PHE B 139 15.95 4.25 13.75
CA PHE B 139 16.55 3.56 14.88
C PHE B 139 17.83 4.30 15.35
N GLU B 140 18.18 4.22 16.63
CA GLU B 140 19.38 4.84 17.14
C GLU B 140 19.21 6.36 17.30
N GLY B 141 17.98 6.78 17.61
CA GLY B 141 17.67 8.18 17.79
C GLY B 141 18.34 9.14 16.85
N GLY B 142 18.47 8.88 15.56
CA GLY B 142 19.14 9.85 14.67
C GLY B 142 20.22 9.16 13.84
N PRO B 143 20.66 9.73 12.76
CA PRO B 143 21.62 9.05 11.86
C PRO B 143 22.98 8.90 12.50
N VAL B 144 23.87 8.09 11.95
CA VAL B 144 25.25 8.01 12.47
C VAL B 144 26.15 8.70 11.44
N ILE B 145 27.03 9.62 11.88
CA ILE B 145 27.93 10.33 10.96
C ILE B 145 29.39 10.09 11.30
N TRP B 146 30.22 9.80 10.29
CA TRP B 146 31.68 9.60 10.49
C TRP B 146 32.29 10.37 9.44
N ALA B 147 33.43 10.94 9.79
CA ALA B 147 34.09 11.84 8.86
C ALA B 147 35.58 11.84 9.05
N ARG B 148 36.30 11.71 7.96
CA ARG B 148 37.73 11.84 8.14
C ARG B 148 38.15 12.95 7.19
N GLY B 149 38.84 13.97 7.72
CA GLY B 149 39.29 15.10 6.94
C GLY B 149 38.12 16.04 6.83
N ASP B 150 38.14 16.91 5.82
CA ASP B 150 37.02 17.80 5.57
C ASP B 150 36.56 17.84 4.14
N VAL B 151 35.68 16.93 3.77
CA VAL B 151 35.16 16.80 2.39
C VAL B 151 34.67 17.99 1.62
N GLU B 152 33.77 18.78 2.20
CA GLU B 152 33.21 19.86 1.41
C GLU B 152 34.39 20.70 0.99
N THR B 153 35.36 20.89 1.88
CA THR B 153 36.47 21.62 1.40
C THR B 153 37.06 20.86 0.23
N ALA B 154 37.39 19.60 0.43
CA ALA B 154 38.02 18.90 -0.65
C ALA B 154 37.29 19.08 -1.98
N LEU B 155 35.97 18.89 -1.96
CA LEU B 155 35.23 18.87 -3.19
C LEU B 155 34.99 20.18 -3.85
N ALA B 156 34.89 21.24 -3.06
CA ALA B 156 34.72 22.54 -3.64
C ALA B 156 35.89 22.84 -4.55
N GLY B 157 37.09 22.51 -4.13
CA GLY B 157 38.23 22.81 -4.99
C GLY B 157 38.67 21.67 -5.87
N ALA B 158 37.75 20.96 -6.48
CA ALA B 158 38.20 19.78 -7.21
C ALA B 158 38.14 19.76 -8.73
N ALA B 159 39.27 19.54 -9.35
CA ALA B 159 39.27 19.42 -10.83
C ALA B 159 38.17 18.56 -11.42
N HIS B 160 37.81 17.45 -10.79
CA HIS B 160 36.68 16.67 -11.32
C HIS B 160 35.67 16.25 -10.32
N LEU B 161 34.42 16.13 -10.77
CA LEU B 161 33.39 15.87 -9.81
C LEU B 161 32.21 15.04 -10.29
N ALA B 162 31.59 14.31 -9.39
CA ALA B 162 30.41 13.58 -9.82
C ALA B 162 29.43 13.44 -8.69
N GLU B 163 28.21 13.90 -8.92
CA GLU B 163 27.19 13.77 -7.92
C GLU B 163 26.21 12.79 -8.57
N GLY B 164 25.55 12.00 -7.73
CA GLY B 164 24.68 10.95 -8.18
C GLY B 164 24.00 10.31 -6.97
N CYS B 165 22.86 9.71 -7.30
CA CYS B 165 21.99 9.11 -6.31
C CYS B 165 21.47 7.82 -6.90
N PHE B 166 21.40 6.72 -6.17
CA PHE B 166 20.86 5.53 -6.81
C PHE B 166 20.38 4.44 -5.87
N GLU B 167 19.54 3.54 -6.38
CA GLU B 167 18.86 2.66 -5.49
C GLU B 167 19.45 1.29 -5.46
N ILE B 168 19.52 0.67 -4.29
CA ILE B 168 20.05 -0.67 -4.24
C ILE B 168 18.99 -1.50 -3.57
N GLY B 169 18.44 -2.49 -4.23
CA GLY B 169 17.35 -3.27 -3.69
C GLY B 169 17.82 -4.41 -2.81
N GLY B 170 16.90 -4.93 -2.01
CA GLY B 170 17.25 -5.94 -0.98
C GLY B 170 17.51 -7.28 -1.66
N GLN B 171 17.36 -8.38 -0.94
CA GLN B 171 17.53 -9.70 -1.55
C GLN B 171 17.05 -10.71 -0.54
N GLU B 172 16.25 -11.67 -0.97
CA GLU B 172 15.73 -12.67 -0.08
C GLU B 172 16.67 -13.87 -0.05
N HIS B 173 17.09 -14.34 1.09
CA HIS B 173 17.98 -15.46 1.06
C HIS B 173 17.62 -16.66 0.24
N PHE B 174 16.41 -17.12 0.32
CA PHE B 174 16.09 -18.36 -0.37
C PHE B 174 16.97 -19.54 -0.12
N TYR B 175 17.30 -19.79 1.13
CA TYR B 175 17.97 -21.00 1.52
C TYR B 175 17.09 -22.20 1.09
N LEU B 176 17.66 -23.17 0.40
CA LEU B 176 16.82 -24.30 0.07
C LEU B 176 16.12 -24.95 1.28
N GLU B 177 16.76 -25.25 2.42
CA GLU B 177 15.96 -25.78 3.55
C GLU B 177 15.36 -24.58 4.26
N GLY B 178 14.06 -24.64 4.62
CA GLY B 178 13.39 -23.47 5.20
C GLY B 178 13.61 -23.29 6.69
N GLN B 179 13.28 -22.14 7.31
CA GLN B 179 13.42 -22.02 8.77
C GLN B 179 12.74 -23.19 9.39
N ALA B 180 13.23 -23.66 10.57
CA ALA B 180 12.67 -24.87 11.17
C ALA B 180 13.27 -25.28 12.50
N ALA B 181 12.48 -25.97 13.34
CA ALA B 181 12.96 -26.30 14.68
C ALA B 181 12.03 -27.27 15.36
N LEU B 182 12.55 -27.83 16.41
CA LEU B 182 11.88 -28.87 17.09
C LEU B 182 12.31 -28.83 18.54
N ALA B 183 11.42 -29.12 19.44
CA ALA B 183 11.72 -29.01 20.83
C ALA B 183 11.11 -30.20 21.50
N LEU B 184 11.87 -30.76 22.42
CA LEU B 184 11.47 -31.96 23.07
C LEU B 184 11.61 -31.72 24.52
N PRO B 185 10.52 -31.65 25.24
CA PRO B 185 10.57 -31.57 26.71
C PRO B 185 11.45 -32.69 27.20
N ALA B 186 12.35 -32.43 28.13
CA ALA B 186 13.24 -33.43 28.65
C ALA B 186 13.43 -33.18 30.12
N GLU B 187 12.58 -33.81 30.92
CA GLU B 187 12.50 -33.67 32.37
C GLU B 187 13.07 -32.38 32.93
N GLY B 188 12.22 -31.37 33.00
CA GLY B 188 12.72 -30.20 33.67
C GLY B 188 13.08 -29.24 32.61
N GLY B 189 13.76 -29.62 31.54
CA GLY B 189 14.26 -28.65 30.62
C GLY B 189 13.82 -28.98 29.24
N VAL B 190 14.41 -28.38 28.19
CA VAL B 190 14.12 -28.79 26.79
C VAL B 190 15.32 -29.12 26.03
N VAL B 191 15.16 -29.76 24.94
CA VAL B 191 16.26 -29.92 24.05
C VAL B 191 15.67 -29.42 22.75
N ILE B 192 16.37 -28.46 22.11
CA ILE B 192 15.88 -27.98 20.82
C ILE B 192 16.78 -28.48 19.72
N HIS B 193 16.23 -28.98 18.64
CA HIS B 193 16.99 -29.16 17.46
C HIS B 193 16.51 -28.06 16.54
N CYS B 194 17.41 -27.31 15.87
CA CYS B 194 16.92 -26.38 14.87
C CYS B 194 17.86 -26.25 13.74
N SER B 195 17.50 -25.42 12.78
CA SER B 195 18.27 -25.18 11.61
C SER B 195 18.68 -23.72 11.78
N SER B 196 19.70 -23.49 12.58
CA SER B 196 20.04 -22.11 12.83
C SER B 196 21.52 -21.85 12.74
N GLN B 197 21.91 -20.62 12.46
CA GLN B 197 23.33 -20.39 12.49
C GLN B 197 23.72 -20.03 13.89
N HIS B 198 22.82 -19.99 14.86
CA HIS B 198 23.28 -19.49 16.14
C HIS B 198 22.68 -20.22 17.40
N PRO B 199 23.08 -21.47 17.62
CA PRO B 199 22.46 -22.27 18.67
C PRO B 199 22.64 -21.61 20.00
N SER B 200 23.78 -20.99 20.31
CA SER B 200 23.92 -20.40 21.64
C SER B 200 22.87 -19.32 21.85
N GLU B 201 22.52 -18.59 20.81
CA GLU B 201 21.45 -17.68 21.05
C GLU B 201 20.11 -18.43 21.14
N ILE B 202 19.89 -19.44 20.31
CA ILE B 202 18.62 -20.09 20.36
C ILE B 202 18.46 -20.53 21.81
N GLN B 203 19.55 -20.99 22.41
CA GLN B 203 19.48 -21.36 23.81
C GLN B 203 18.97 -20.20 24.66
N HIS B 204 19.63 -19.06 24.56
CA HIS B 204 19.34 -17.96 25.39
C HIS B 204 17.85 -17.63 25.18
N LYS B 205 17.42 -17.43 23.93
CA LYS B 205 16.04 -17.00 23.77
C LYS B 205 15.00 -18.02 24.27
N VAL B 206 15.29 -19.31 24.08
CA VAL B 206 14.32 -20.29 24.52
C VAL B 206 14.28 -20.29 26.01
N ALA B 207 15.46 -20.26 26.63
CA ALA B 207 15.53 -20.24 28.07
C ALA B 207 14.66 -19.12 28.64
N HIS B 208 14.84 -17.92 28.06
CA HIS B 208 14.13 -16.81 28.64
C HIS B 208 12.70 -17.01 28.32
N ALA B 209 12.42 -17.70 27.22
CA ALA B 209 11.02 -17.79 26.87
C ALA B 209 10.33 -18.69 27.84
N LEU B 210 11.08 -19.62 28.42
CA LEU B 210 10.47 -20.55 29.30
C LEU B 210 10.73 -20.30 30.75
N GLY B 211 11.46 -19.26 31.10
CA GLY B 211 11.83 -19.00 32.52
C GLY B 211 12.87 -19.96 33.15
N LEU B 212 13.80 -20.47 32.33
CA LEU B 212 14.71 -21.51 32.80
C LEU B 212 16.08 -20.95 32.78
N ALA B 213 16.91 -21.26 33.73
CA ALA B 213 18.33 -20.93 33.62
C ALA B 213 18.92 -21.52 32.34
N PHE B 214 19.98 -20.95 31.80
CA PHE B 214 20.52 -21.56 30.62
C PHE B 214 20.87 -23.01 30.76
N HIS B 215 21.37 -23.46 31.89
CA HIS B 215 21.74 -24.85 31.86
C HIS B 215 20.57 -25.83 31.59
N ASP B 216 19.33 -25.40 31.65
CA ASP B 216 18.32 -26.38 31.35
C ASP B 216 17.85 -26.40 29.93
N VAL B 217 18.71 -25.98 28.99
CA VAL B 217 18.27 -25.89 27.60
C VAL B 217 19.45 -26.26 26.71
N ARG B 218 19.28 -27.15 25.76
CA ARG B 218 20.39 -27.64 25.03
C ARG B 218 20.00 -27.59 23.60
N VAL B 219 20.75 -26.86 22.81
CA VAL B 219 20.49 -26.81 21.38
C VAL B 219 21.46 -27.63 20.58
N GLU B 220 20.98 -28.52 19.77
CA GLU B 220 21.86 -29.29 18.96
C GLU B 220 21.54 -28.90 17.58
N MET B 221 22.54 -28.70 16.74
CA MET B 221 22.26 -28.39 15.38
C MET B 221 23.38 -28.98 14.49
N ARG B 222 23.08 -29.97 13.62
CA ARG B 222 24.12 -30.71 12.90
C ARG B 222 24.37 -30.15 11.53
N ARG B 223 23.36 -29.56 10.90
CA ARG B 223 23.58 -29.00 9.57
C ARG B 223 22.35 -28.22 9.17
N MET B 224 22.53 -27.19 8.37
CA MET B 224 21.46 -26.39 7.92
C MET B 224 21.52 -26.58 6.46
N GLY B 225 20.42 -26.49 5.75
CA GLY B 225 20.52 -26.50 4.29
C GLY B 225 20.68 -25.09 3.78
N GLY B 226 21.72 -24.37 4.12
CA GLY B 226 21.84 -23.00 3.59
C GLY B 226 21.40 -21.99 4.63
N GLY B 227 22.01 -20.81 4.66
CA GLY B 227 21.75 -19.85 5.73
C GLY B 227 22.08 -18.44 5.28
N PHE B 228 23.26 -18.27 4.68
CA PHE B 228 23.59 -17.00 4.12
C PHE B 228 23.22 -15.85 5.01
N GLY B 229 23.30 -16.02 6.30
CA GLY B 229 22.85 -14.95 7.17
C GLY B 229 21.38 -15.05 7.51
N GLY B 230 20.55 -15.65 6.68
CA GLY B 230 19.12 -15.68 6.97
C GLY B 230 18.92 -16.37 8.28
N LYS B 231 19.93 -17.05 8.79
CA LYS B 231 19.66 -17.81 9.96
C LYS B 231 20.50 -17.43 11.10
N GLU B 232 20.93 -16.18 11.07
CA GLU B 232 21.74 -15.67 12.14
C GLU B 232 20.86 -15.28 13.26
N SER B 233 19.58 -15.03 12.98
CA SER B 233 18.71 -14.67 14.07
C SER B 233 17.26 -15.11 13.90
N GLN B 234 16.73 -15.02 12.69
CA GLN B 234 15.34 -15.43 12.61
C GLN B 234 15.20 -16.93 12.87
N GLY B 235 16.14 -17.57 13.49
CA GLY B 235 15.80 -18.90 13.90
C GLY B 235 15.05 -18.75 15.23
N ASN B 236 15.14 -17.60 15.90
CA ASN B 236 14.53 -17.46 17.21
C ASN B 236 13.05 -17.71 17.29
N HIS B 237 12.23 -17.05 16.48
CA HIS B 237 10.80 -17.27 16.57
C HIS B 237 10.43 -18.74 16.46
N LEU B 238 11.00 -19.46 15.52
CA LEU B 238 10.57 -20.82 15.53
C LEU B 238 10.92 -21.53 16.90
N ALA B 239 12.17 -21.40 17.35
CA ALA B 239 12.51 -22.13 18.54
C ALA B 239 11.61 -21.66 19.69
N ILE B 240 11.36 -20.36 19.81
CA ILE B 240 10.62 -20.02 20.95
C ILE B 240 9.26 -20.68 20.92
N ALA B 241 8.59 -20.59 19.77
CA ALA B 241 7.24 -21.13 19.70
C ALA B 241 7.34 -22.58 19.96
N CYS B 242 8.32 -23.26 19.40
CA CYS B 242 8.33 -24.66 19.59
C CYS B 242 8.48 -24.96 21.10
N ALA B 243 9.40 -24.29 21.78
CA ALA B 243 9.57 -24.60 23.20
C ALA B 243 8.32 -24.20 23.98
N VAL B 244 7.71 -23.10 23.65
CA VAL B 244 6.61 -22.73 24.44
C VAL B 244 5.41 -23.68 24.26
N ALA B 245 5.16 -24.14 23.04
CA ALA B 245 4.02 -25.03 22.81
C ALA B 245 4.35 -26.28 23.50
N ALA B 246 5.61 -26.61 23.49
CA ALA B 246 5.96 -27.84 24.14
C ALA B 246 5.69 -27.78 25.64
N ARG B 247 6.19 -26.78 26.31
CA ARG B 247 5.97 -26.72 27.73
C ARG B 247 4.49 -26.85 28.04
N ALA B 248 3.62 -26.39 27.18
CA ALA B 248 2.21 -26.37 27.56
C ALA B 248 1.55 -27.68 27.23
N THR B 249 1.77 -28.22 26.05
CA THR B 249 1.00 -29.36 25.69
C THR B 249 1.59 -30.60 26.24
N GLY B 250 2.70 -30.52 26.93
CA GLY B 250 3.27 -31.80 27.33
C GLY B 250 3.98 -32.56 26.20
N ARG B 251 3.93 -32.09 24.97
CA ARG B 251 4.58 -32.91 23.99
C ARG B 251 5.55 -32.29 22.94
N PRO B 252 6.36 -33.09 22.32
CA PRO B 252 7.36 -32.56 21.39
C PRO B 252 6.65 -31.61 20.44
N CYS B 253 7.16 -30.45 20.06
CA CYS B 253 6.53 -29.67 19.00
C CYS B 253 7.52 -29.20 17.99
N LYS B 254 7.31 -29.50 16.73
CA LYS B 254 8.19 -29.10 15.64
C LYS B 254 7.56 -27.97 14.89
N MET B 255 8.34 -27.03 14.32
CA MET B 255 7.72 -26.05 13.41
C MET B 255 8.63 -25.74 12.21
N ARG B 256 8.04 -25.69 11.03
CA ARG B 256 8.80 -25.39 9.87
C ARG B 256 7.94 -24.41 9.00
N TYR B 257 8.52 -23.34 8.42
CA TYR B 257 7.72 -22.45 7.65
C TYR B 257 7.54 -22.97 6.26
N ASP B 258 6.36 -22.95 5.74
CA ASP B 258 6.12 -23.23 4.36
C ASP B 258 6.79 -22.14 3.59
N ARG B 259 7.27 -22.40 2.39
CA ARG B 259 7.95 -21.27 1.74
C ARG B 259 7.29 -19.97 1.75
N ASP B 260 6.02 -19.92 1.34
CA ASP B 260 5.33 -18.62 1.30
C ASP B 260 5.43 -17.94 2.69
N ASP B 261 5.11 -18.63 3.78
CA ASP B 261 5.25 -17.93 5.08
C ASP B 261 6.65 -17.37 5.33
N ASP B 262 7.64 -18.16 4.92
CA ASP B 262 9.02 -17.87 5.25
C ASP B 262 9.34 -16.56 4.57
N MET B 263 8.97 -16.43 3.31
CA MET B 263 9.32 -15.17 2.68
C MET B 263 8.58 -13.96 3.20
N VAL B 264 7.48 -14.16 3.87
CA VAL B 264 6.66 -13.05 4.24
C VAL B 264 7.08 -12.67 5.59
N ILE B 265 7.40 -13.65 6.44
CA ILE B 265 7.78 -13.32 7.80
C ILE B 265 9.22 -12.94 8.02
N THR B 266 10.16 -13.66 7.48
CA THR B 266 11.56 -13.36 7.80
C THR B 266 12.08 -12.09 7.15
N GLY B 267 13.26 -11.64 7.50
CA GLY B 267 13.74 -10.47 6.82
C GLY B 267 14.51 -10.73 5.55
N LYS B 268 15.02 -9.64 4.96
CA LYS B 268 15.92 -9.78 3.83
C LYS B 268 17.08 -8.82 4.00
N ARG B 269 17.87 -8.68 2.94
CA ARG B 269 19.01 -7.79 2.96
C ARG B 269 18.48 -6.39 2.97
N HIS B 270 19.14 -5.54 3.73
CA HIS B 270 18.79 -4.17 3.79
C HIS B 270 18.86 -3.52 2.40
N ASP B 271 17.73 -3.08 1.83
CA ASP B 271 17.77 -2.26 0.59
C ASP B 271 18.27 -0.87 0.95
N PHE B 272 19.00 -0.21 0.07
CA PHE B 272 19.67 1.07 0.43
C PHE B 272 19.40 2.06 -0.67
N ARG B 273 19.33 3.33 -0.27
CA ARG B 273 19.37 4.38 -1.24
C ARG B 273 20.74 5.01 -1.01
N ILE B 274 21.56 5.16 -2.04
CA ILE B 274 22.85 5.77 -1.77
C ILE B 274 23.02 7.02 -2.56
N ARG B 275 23.45 8.11 -1.89
CA ARG B 275 23.55 9.44 -2.52
C ARG B 275 25.02 9.78 -2.36
N TYR B 276 25.71 10.13 -3.42
CA TYR B 276 27.15 10.40 -3.30
C TYR B 276 27.65 11.64 -4.07
N ARG B 277 28.72 12.26 -3.61
CA ARG B 277 29.42 13.26 -4.38
C ARG B 277 30.84 12.76 -4.32
N ILE B 278 31.46 12.48 -5.46
CA ILE B 278 32.90 12.18 -5.28
C ILE B 278 33.82 13.11 -6.10
N GLY B 279 35.06 13.31 -5.68
CA GLY B 279 35.88 14.19 -6.48
C GLY B 279 37.36 13.87 -6.56
N ALA B 280 38.01 14.27 -7.67
CA ALA B 280 39.43 14.09 -7.75
C ALA B 280 40.22 15.23 -8.36
N ASP B 281 41.52 15.02 -8.20
CA ASP B 281 42.68 15.64 -8.77
C ASP B 281 42.56 15.74 -10.27
N ALA B 282 43.60 16.26 -10.91
CA ALA B 282 43.64 16.35 -12.34
C ALA B 282 44.30 15.08 -12.82
N SER B 283 45.09 14.47 -11.97
CA SER B 283 45.78 13.28 -12.44
C SER B 283 44.93 12.11 -12.14
N GLY B 284 43.86 12.35 -11.40
CA GLY B 284 42.96 11.25 -11.12
C GLY B 284 42.95 10.78 -9.67
N LYS B 285 43.86 11.24 -8.83
CA LYS B 285 43.80 10.80 -7.46
C LYS B 285 42.54 11.32 -6.76
N LEU B 286 41.73 10.43 -6.21
CA LEU B 286 40.62 10.93 -5.42
C LEU B 286 40.97 12.08 -4.45
N LEU B 287 40.08 13.05 -4.35
CA LEU B 287 40.29 14.06 -3.37
C LEU B 287 39.42 13.85 -2.18
N GLY B 288 38.19 13.38 -2.38
CA GLY B 288 37.34 13.15 -1.25
C GLY B 288 36.09 12.52 -1.75
N ALA B 289 35.28 11.94 -0.86
CA ALA B 289 34.02 11.32 -1.32
C ALA B 289 33.06 11.55 -0.21
N ASP B 290 31.83 11.99 -0.47
CA ASP B 290 30.85 12.23 0.60
C ASP B 290 29.61 11.41 0.30
N PHE B 291 29.16 10.64 1.29
CA PHE B 291 28.13 9.66 1.06
C PHE B 291 26.98 9.70 2.00
N VAL B 292 25.77 9.54 1.51
CA VAL B 292 24.66 9.42 2.47
C VAL B 292 23.93 8.11 2.22
N HIS B 293 23.68 7.35 3.28
CA HIS B 293 23.13 6.03 3.13
C HIS B 293 21.77 6.03 3.73
N LEU B 294 20.73 5.78 2.96
CA LEU B 294 19.45 5.59 3.61
C LEU B 294 19.22 4.11 3.50
N ALA B 295 19.00 3.46 4.65
CA ALA B 295 18.85 2.02 4.74
C ALA B 295 17.49 1.64 5.35
N ARG B 296 16.82 0.71 4.67
CA ARG B 296 15.47 0.26 5.02
C ARG B 296 15.47 -0.83 6.07
N CYS B 297 15.21 -0.58 7.33
CA CYS B 297 15.44 -1.67 8.23
C CYS B 297 14.30 -2.45 8.57
N GLY B 298 13.09 -1.97 8.38
CA GLY B 298 11.99 -2.80 8.85
C GLY B 298 11.43 -2.42 10.20
N TRP B 299 10.47 -3.18 10.66
CA TRP B 299 9.85 -2.73 11.86
C TRP B 299 10.51 -2.98 13.14
N SER B 300 11.70 -3.55 13.20
CA SER B 300 12.36 -3.70 14.52
C SER B 300 13.86 -3.71 14.34
N ALA B 301 14.63 -3.74 15.38
CA ALA B 301 16.03 -3.47 15.12
C ALA B 301 16.77 -4.60 14.44
N ASP B 302 16.44 -5.83 14.76
CA ASP B 302 17.27 -6.96 14.33
C ASP B 302 18.74 -6.71 14.33
N LEU B 303 19.42 -6.95 13.24
CA LEU B 303 20.84 -6.63 13.24
C LEU B 303 21.15 -5.36 12.41
N SER B 304 20.16 -4.51 12.19
CA SER B 304 20.45 -3.30 11.44
C SER B 304 21.71 -2.59 12.00
N LEU B 305 21.77 -2.46 13.31
CA LEU B 305 22.89 -1.74 13.83
C LEU B 305 24.28 -2.16 13.29
N PRO B 306 24.62 -3.40 13.43
CA PRO B 306 25.91 -3.84 12.92
C PRO B 306 25.90 -3.72 11.40
N VAL B 307 24.82 -4.13 10.77
CA VAL B 307 24.88 -4.05 9.36
C VAL B 307 25.22 -2.64 8.88
N CYS B 308 24.42 -1.68 9.24
CA CYS B 308 24.74 -0.40 8.75
C CYS B 308 26.12 0.00 9.13
N ASP B 309 26.59 -0.31 10.36
CA ASP B 309 28.02 -0.07 10.66
C ASP B 309 28.95 -0.74 9.63
N ARG B 310 28.61 -1.90 9.11
CA ARG B 310 29.62 -2.42 8.26
C ARG B 310 29.57 -1.66 6.98
N ALA B 311 28.43 -1.14 6.55
CA ALA B 311 28.44 -0.62 5.18
C ALA B 311 29.20 0.63 5.24
N MET B 312 29.11 1.35 6.35
CA MET B 312 29.85 2.59 6.41
C MET B 312 31.29 2.22 6.31
N LEU B 313 31.63 1.19 7.05
CA LEU B 313 32.96 0.72 7.20
C LEU B 313 33.43 0.28 5.84
N HIS B 314 32.56 0.06 4.87
CA HIS B 314 33.11 -0.32 3.57
C HIS B 314 32.92 0.69 2.43
N ALA B 315 32.48 1.87 2.83
CA ALA B 315 32.21 2.96 1.93
C ALA B 315 33.50 3.46 1.17
N ASP B 316 34.67 2.93 1.56
CA ASP B 316 35.85 3.35 0.88
C ASP B 316 36.10 2.40 -0.22
N GLY B 317 35.32 1.34 -0.26
CA GLY B 317 35.48 0.39 -1.36
C GLY B 317 36.92 -0.04 -1.34
N SER B 318 37.58 -0.25 -2.48
CA SER B 318 39.02 -0.54 -2.44
C SER B 318 39.92 0.72 -2.53
N TYR B 319 39.49 1.92 -2.16
CA TYR B 319 40.45 2.98 -2.45
C TYR B 319 40.79 3.80 -1.29
N PHE B 320 41.99 4.42 -1.32
CA PHE B 320 42.43 5.37 -0.28
C PHE B 320 41.89 6.74 -0.57
N VAL B 321 41.24 7.35 0.39
CA VAL B 321 40.61 8.60 0.13
C VAL B 321 40.92 9.59 1.20
N PRO B 322 41.51 10.75 0.89
CA PRO B 322 41.98 11.63 1.96
C PRO B 322 40.85 12.14 2.73
N ALA B 323 39.69 12.29 2.14
CA ALA B 323 38.61 12.77 2.98
C ALA B 323 37.31 12.07 2.62
N LEU B 324 36.55 11.71 3.64
CA LEU B 324 35.43 10.89 3.32
C LEU B 324 34.46 10.95 4.46
N ARG B 325 33.18 11.12 4.15
CA ARG B 325 32.12 11.30 5.10
C ARG B 325 30.90 10.29 4.90
N ILE B 326 30.32 9.79 5.95
CA ILE B 326 29.17 9.01 5.68
C ILE B 326 28.07 9.40 6.61
N GLU B 327 26.86 9.51 6.14
CA GLU B 327 25.81 9.87 7.05
C GLU B 327 24.80 8.74 6.84
N SER B 328 24.58 7.99 7.90
CA SER B 328 23.90 6.70 7.79
C SER B 328 22.57 6.61 8.50
N HIS B 329 21.48 6.61 7.78
CA HIS B 329 20.27 6.66 8.54
C HIS B 329 19.74 5.24 8.60
N ARG B 330 19.25 4.80 9.75
CA ARG B 330 18.72 3.47 9.68
C ARG B 330 17.22 3.64 9.90
N LEU B 331 16.52 3.69 8.77
CA LEU B 331 15.12 4.04 8.80
C LEU B 331 14.25 2.89 9.15
N ARG B 332 13.24 3.17 9.98
CA ARG B 332 12.35 2.17 10.47
C ARG B 332 11.19 2.20 9.59
N THR B 333 10.64 1.05 9.21
CA THR B 333 9.46 1.01 8.34
C THR B 333 8.66 -0.21 8.57
N ASN B 334 7.40 -0.18 8.15
CA ASN B 334 6.51 -1.29 8.46
C ASN B 334 6.65 -2.41 7.53
N THR B 335 7.81 -3.02 7.49
CA THR B 335 7.91 -4.15 6.63
C THR B 335 8.88 -5.06 7.29
N GLN B 336 9.07 -6.20 6.64
CA GLN B 336 9.87 -7.27 7.20
C GLN B 336 11.15 -6.74 7.88
N SER B 337 11.45 -7.15 9.08
CA SER B 337 12.66 -6.67 9.76
C SER B 337 13.89 -7.21 9.16
N ASN B 338 14.54 -6.43 8.33
CA ASN B 338 15.77 -6.90 7.68
C ASN B 338 16.94 -7.38 8.59
N THR B 339 17.94 -8.03 8.01
CA THR B 339 18.81 -8.75 8.85
C THR B 339 20.05 -9.10 8.11
N ALA B 340 20.77 -10.11 8.56
CA ALA B 340 22.01 -10.39 7.88
C ALA B 340 21.84 -11.10 6.57
N PHE B 341 22.75 -10.85 5.67
CA PHE B 341 22.87 -11.53 4.41
C PHE B 341 24.34 -11.41 3.92
N ARG B 342 24.94 -12.59 3.67
CA ARG B 342 26.28 -12.68 3.07
C ARG B 342 26.86 -11.33 2.69
N GLY B 343 27.84 -10.86 3.43
CA GLY B 343 28.28 -9.51 3.20
C GLY B 343 27.92 -8.55 4.31
N PHE B 344 26.72 -8.75 4.88
CA PHE B 344 26.36 -7.99 6.10
C PHE B 344 26.66 -6.49 5.93
N GLY B 345 25.95 -5.77 5.06
CA GLY B 345 26.18 -4.35 4.83
C GLY B 345 27.29 -4.05 3.79
N GLY B 346 28.34 -4.85 3.87
CA GLY B 346 29.52 -4.58 3.10
C GLY B 346 29.30 -4.30 1.64
N PRO B 347 28.54 -5.15 1.02
CA PRO B 347 28.30 -4.96 -0.39
C PRO B 347 27.62 -3.63 -0.53
N GLN B 348 26.68 -3.31 0.37
CA GLN B 348 26.00 -2.07 0.08
C GLN B 348 27.00 -0.91 0.12
N GLY B 349 27.82 -0.87 1.12
CA GLY B 349 28.72 0.24 1.17
C GLY B 349 29.65 0.21 0.00
N ALA B 350 30.10 -0.97 -0.39
CA ALA B 350 31.11 -0.98 -1.43
C ALA B 350 30.53 -0.53 -2.74
N LEU B 351 29.36 -1.04 -3.06
CA LEU B 351 28.77 -0.76 -4.34
C LEU B 351 28.58 0.71 -4.39
N GLY B 352 28.35 1.31 -3.22
CA GLY B 352 28.24 2.76 -3.11
C GLY B 352 29.48 3.44 -3.74
N MET B 353 30.64 3.09 -3.23
CA MET B 353 31.78 3.77 -3.71
C MET B 353 31.90 3.26 -5.09
N GLU B 354 31.52 2.03 -5.39
CA GLU B 354 31.88 1.57 -6.72
C GLU B 354 31.12 2.34 -7.80
N ARG B 355 29.82 2.52 -7.58
CA ARG B 355 29.04 3.21 -8.56
C ARG B 355 29.71 4.55 -8.75
N ALA B 356 30.22 5.18 -7.68
CA ALA B 356 30.60 6.57 -7.82
C ALA B 356 31.84 6.65 -8.62
N ILE B 357 32.82 5.95 -8.16
CA ILE B 357 34.04 6.00 -8.90
C ILE B 357 33.80 5.75 -10.43
N GLU B 358 32.84 4.89 -10.77
CA GLU B 358 32.57 4.68 -12.16
C GLU B 358 31.99 5.96 -12.73
N HIS B 359 31.07 6.60 -12.00
CA HIS B 359 30.43 7.82 -12.47
C HIS B 359 31.59 8.80 -12.61
N LEU B 360 32.40 8.91 -11.59
CA LEU B 360 33.53 9.79 -11.77
C LEU B 360 34.25 9.52 -13.08
N ALA B 361 34.72 8.30 -13.26
CA ALA B 361 35.43 8.00 -14.49
C ALA B 361 34.64 8.43 -15.72
N ARG B 362 33.36 8.11 -15.84
CA ARG B 362 32.73 8.49 -17.08
C ARG B 362 32.87 9.99 -17.22
N GLY B 363 32.67 10.68 -16.12
CA GLY B 363 32.75 12.12 -16.12
C GLY B 363 34.01 12.65 -16.77
N MET B 364 35.13 12.03 -16.53
CA MET B 364 36.30 12.64 -17.09
C MET B 364 36.78 11.89 -18.28
N GLY B 365 35.87 11.20 -18.93
CA GLY B 365 36.24 10.37 -20.07
C GLY B 365 37.42 9.48 -19.74
N ARG B 366 37.58 9.09 -18.48
CA ARG B 366 38.68 8.19 -18.25
C ARG B 366 38.31 6.71 -18.25
N ASP B 367 39.30 5.85 -18.40
CA ASP B 367 38.93 4.44 -18.34
C ASP B 367 38.83 3.99 -16.87
N PRO B 368 37.66 3.48 -16.50
CA PRO B 368 37.36 3.18 -15.12
C PRO B 368 38.50 2.40 -14.49
N ALA B 369 39.01 1.46 -15.26
CA ALA B 369 40.02 0.59 -14.69
C ALA B 369 41.31 1.25 -14.22
N GLU B 370 41.82 2.23 -14.97
CA GLU B 370 43.05 2.87 -14.54
C GLU B 370 42.64 3.72 -13.35
N LEU B 371 41.49 4.38 -13.48
CA LEU B 371 41.04 5.25 -12.42
C LEU B 371 41.12 4.46 -11.12
N ARG B 372 40.48 3.30 -11.08
CA ARG B 372 40.56 2.47 -9.90
C ARG B 372 42.00 2.12 -9.60
N ALA B 373 42.60 1.45 -10.56
CA ALA B 373 43.92 0.97 -10.31
C ALA B 373 44.77 2.11 -9.74
N LEU B 374 44.53 3.33 -10.21
CA LEU B 374 45.32 4.43 -9.71
C LEU B 374 45.03 4.75 -8.26
N ASN B 375 43.79 4.53 -7.81
CA ASN B 375 43.51 4.82 -6.41
C ASN B 375 43.52 3.64 -5.44
N PHE B 376 43.85 2.41 -5.83
CA PHE B 376 43.96 1.38 -4.82
C PHE B 376 44.90 1.79 -3.69
N TYR B 377 44.73 1.19 -2.51
CA TYR B 377 45.61 1.42 -1.38
C TYR B 377 46.94 0.98 -1.90
N ASP B 378 48.00 1.42 -1.24
CA ASP B 378 49.37 1.13 -1.69
C ASP B 378 49.65 -0.26 -1.25
N PRO B 379 50.55 -0.96 -1.94
CA PRO B 379 51.04 -2.28 -1.52
C PRO B 379 51.75 -2.20 -0.20
N PRO B 380 52.14 -3.31 0.35
CA PRO B 380 52.78 -3.27 1.68
C PRO B 380 54.26 -3.10 1.53
N GLU B 381 54.96 -2.72 2.59
CA GLU B 381 56.44 -2.52 2.57
C GLU B 381 56.92 -1.12 2.04
N LYS B 398 57.92 4.45 5.92
CA LYS B 398 57.31 5.47 6.76
C LYS B 398 55.80 5.71 6.39
N LYS B 399 54.98 5.88 7.43
CA LYS B 399 53.53 6.15 7.32
C LYS B 399 52.78 5.32 6.27
N THR B 400 51.93 4.42 6.75
CA THR B 400 51.12 3.54 5.91
C THR B 400 49.76 4.20 5.78
N GLN B 401 49.04 3.99 4.69
CA GLN B 401 47.80 4.71 4.59
C GLN B 401 46.75 4.16 5.51
N THR B 402 45.73 4.92 5.80
CA THR B 402 44.65 4.38 6.57
C THR B 402 43.34 4.52 5.87
N THR B 403 42.36 3.83 6.40
CA THR B 403 41.02 3.90 5.93
C THR B 403 40.41 5.09 6.67
N HIS B 404 39.20 5.42 6.31
CA HIS B 404 38.66 6.55 6.95
C HIS B 404 38.29 6.23 8.34
N TYR B 405 38.51 5.04 8.83
CA TYR B 405 38.17 4.85 10.21
C TYR B 405 39.49 4.79 10.93
N GLY B 406 40.55 4.92 10.17
CA GLY B 406 41.84 4.97 10.77
C GLY B 406 42.52 3.66 11.01
N GLN B 407 42.29 2.65 10.20
CA GLN B 407 42.99 1.39 10.44
C GLN B 407 44.00 1.27 9.31
N GLU B 408 45.26 0.99 9.65
CA GLU B 408 46.29 0.92 8.66
C GLU B 408 45.96 -0.16 7.76
N VAL B 409 46.06 0.04 6.46
CA VAL B 409 45.89 -1.03 5.52
C VAL B 409 47.27 -1.51 5.08
N ALA B 410 47.75 -2.58 5.69
CA ALA B 410 49.10 -3.01 5.49
C ALA B 410 49.17 -4.27 4.68
N ASP B 411 48.19 -4.58 3.85
CA ASP B 411 48.32 -5.87 3.18
C ASP B 411 47.52 -5.91 1.92
N CYS B 412 47.41 -4.79 1.24
CA CYS B 412 46.57 -4.70 0.12
C CYS B 412 47.27 -5.13 -1.11
N VAL B 413 46.97 -6.30 -1.64
CA VAL B 413 47.72 -6.68 -2.81
C VAL B 413 46.95 -6.37 -4.08
N LEU B 414 46.11 -5.35 -3.99
CA LEU B 414 45.22 -5.18 -5.08
C LEU B 414 45.90 -4.84 -6.39
N GLY B 415 46.90 -3.99 -6.29
CA GLY B 415 47.58 -3.59 -7.49
C GLY B 415 48.10 -4.78 -8.23
N GLU B 416 48.89 -5.60 -7.53
CA GLU B 416 49.48 -6.79 -8.16
C GLU B 416 48.40 -7.66 -8.84
N LEU B 417 47.36 -7.93 -8.07
CA LEU B 417 46.39 -8.93 -8.40
C LEU B 417 45.59 -8.50 -9.60
N VAL B 418 45.16 -7.24 -9.57
CA VAL B 418 44.33 -6.83 -10.66
C VAL B 418 45.16 -6.95 -11.89
N THR B 419 46.43 -6.54 -11.78
CA THR B 419 47.28 -6.65 -12.95
C THR B 419 47.25 -8.07 -13.43
N ARG B 420 47.70 -8.97 -12.56
CA ARG B 420 47.64 -10.37 -12.95
C ARG B 420 46.26 -10.78 -13.53
N LEU B 421 45.19 -10.18 -13.07
CA LEU B 421 43.96 -10.75 -13.55
C LEU B 421 43.73 -10.29 -14.97
N GLN B 422 44.08 -9.03 -15.21
CA GLN B 422 43.78 -8.37 -16.48
C GLN B 422 44.51 -9.12 -17.62
N LYS B 423 45.78 -9.43 -17.34
CA LYS B 423 46.58 -10.24 -18.27
C LYS B 423 45.94 -11.58 -18.55
N SER B 424 45.73 -12.34 -17.49
CA SER B 424 45.18 -13.67 -17.61
C SER B 424 43.79 -13.67 -18.23
N ALA B 425 43.04 -12.59 -18.03
CA ALA B 425 41.73 -12.45 -18.66
C ALA B 425 41.73 -11.81 -20.07
N ASN B 426 42.92 -11.37 -20.51
CA ASN B 426 43.04 -10.88 -21.84
C ASN B 426 42.16 -9.67 -21.85
N PHE B 427 42.31 -8.86 -20.78
CA PHE B 427 41.41 -7.73 -20.59
C PHE B 427 41.42 -6.72 -21.72
N THR B 428 42.59 -6.14 -21.98
CA THR B 428 42.73 -5.10 -23.00
C THR B 428 42.22 -5.51 -24.35
N THR B 429 42.81 -6.53 -24.90
CA THR B 429 42.33 -7.00 -26.16
C THR B 429 40.83 -7.14 -26.20
N ARG B 430 40.28 -7.82 -25.22
CA ARG B 430 38.86 -8.08 -25.25
C ARG B 430 38.06 -6.79 -25.32
N ARG B 431 38.55 -5.81 -24.57
CA ARG B 431 37.86 -4.57 -24.48
C ARG B 431 37.65 -4.03 -25.87
N ALA B 432 38.69 -4.13 -26.71
CA ALA B 432 38.67 -3.67 -28.11
C ALA B 432 37.72 -4.51 -28.92
N GLU B 433 37.93 -5.81 -28.91
CA GLU B 433 37.01 -6.64 -29.62
C GLU B 433 35.57 -6.20 -29.30
N ILE B 434 35.34 -5.81 -28.07
CA ILE B 434 34.00 -5.45 -27.80
C ILE B 434 33.58 -4.16 -28.45
N ALA B 435 34.40 -3.11 -28.33
CA ALA B 435 34.07 -1.84 -28.95
C ALA B 435 33.65 -2.08 -30.42
N ALA B 436 34.59 -2.67 -31.18
CA ALA B 436 34.30 -3.06 -32.55
C ALA B 436 32.89 -3.65 -32.67
N TRP B 437 32.73 -4.85 -32.09
CA TRP B 437 31.50 -5.58 -32.13
C TRP B 437 30.35 -4.67 -31.87
N ASN B 438 30.43 -3.83 -30.85
CA ASN B 438 29.29 -2.96 -30.62
C ASN B 438 28.96 -2.11 -31.81
N SER B 439 29.98 -1.46 -32.36
CA SER B 439 29.80 -0.51 -33.49
C SER B 439 29.14 -1.11 -34.71
N THR B 440 29.22 -2.40 -34.85
CA THR B 440 28.55 -3.13 -35.91
C THR B 440 27.15 -3.63 -35.55
N ASN B 441 26.67 -3.33 -34.36
CA ASN B 441 25.37 -3.89 -34.00
C ASN B 441 24.45 -2.84 -33.59
N ARG B 442 23.17 -3.06 -33.83
CA ARG B 442 22.26 -1.99 -33.45
C ARG B 442 21.19 -2.44 -32.49
N THR B 443 21.16 -3.74 -32.24
CA THR B 443 20.15 -4.26 -31.33
C THR B 443 20.74 -4.80 -30.05
N LEU B 444 22.03 -5.16 -30.09
CA LEU B 444 22.69 -5.76 -28.97
C LEU B 444 23.94 -5.00 -28.60
N ALA B 445 24.30 -5.03 -27.34
CA ALA B 445 25.56 -4.40 -27.02
C ALA B 445 26.11 -5.24 -25.93
N ARG B 446 27.40 -5.49 -26.04
CA ARG B 446 28.08 -6.20 -25.05
C ARG B 446 28.67 -5.12 -24.22
N GLY B 447 29.10 -5.44 -23.00
CA GLY B 447 29.75 -4.50 -22.06
C GLY B 447 30.63 -5.33 -21.18
N ILE B 448 31.64 -4.75 -20.56
CA ILE B 448 32.51 -5.56 -19.72
C ILE B 448 33.05 -4.67 -18.57
N ALA B 449 33.34 -5.21 -17.39
CA ALA B 449 33.83 -4.31 -16.34
C ALA B 449 34.76 -5.01 -15.41
N LEU B 450 35.50 -4.33 -14.59
CA LEU B 450 36.40 -5.03 -13.74
C LEU B 450 36.15 -4.53 -12.36
N SER B 451 35.89 -5.34 -11.35
CA SER B 451 35.75 -4.63 -10.08
C SER B 451 36.49 -5.32 -9.02
N PRO B 452 37.02 -4.57 -8.11
CA PRO B 452 37.84 -5.14 -7.05
C PRO B 452 37.06 -5.25 -5.70
N VAL B 453 37.73 -5.83 -4.71
CA VAL B 453 37.08 -6.13 -3.46
C VAL B 453 38.06 -6.09 -2.40
N LYS B 454 37.74 -5.38 -1.32
CA LYS B 454 38.55 -5.42 -0.14
C LYS B 454 37.53 -5.59 0.95
N PHE B 455 37.64 -6.62 1.77
CA PHE B 455 36.64 -6.89 2.84
C PHE B 455 37.35 -7.14 4.19
N GLY B 456 36.84 -6.57 5.25
CA GLY B 456 37.54 -6.70 6.54
C GLY B 456 37.07 -7.93 7.30
N ILE B 457 37.91 -8.58 8.08
CA ILE B 457 37.47 -9.83 8.69
C ILE B 457 37.34 -9.77 10.21
N SER B 458 36.14 -10.07 10.71
CA SER B 458 35.85 -10.09 12.16
C SER B 458 34.57 -9.42 12.53
N PHE B 459 33.96 -9.82 13.64
CA PHE B 459 32.70 -9.17 13.96
C PHE B 459 32.97 -7.72 14.31
N THR B 460 32.13 -6.77 13.90
CA THR B 460 32.41 -5.39 14.33
C THR B 460 31.98 -5.23 15.72
N LEU B 461 31.14 -6.12 16.20
CA LEU B 461 30.82 -6.11 17.59
C LEU B 461 31.94 -6.96 18.19
N THR B 462 33.04 -6.36 18.65
CA THR B 462 34.23 -7.11 19.03
C THR B 462 34.19 -8.33 19.87
N HIS B 463 33.50 -8.32 21.00
CA HIS B 463 33.58 -9.52 21.83
C HIS B 463 32.96 -10.78 21.22
N LEU B 464 32.34 -10.69 20.08
CA LEU B 464 31.95 -11.93 19.44
C LEU B 464 33.08 -12.62 18.84
N ASN B 465 34.25 -12.06 18.78
CA ASN B 465 35.23 -12.87 18.06
C ASN B 465 35.93 -13.92 18.97
N GLN B 466 35.17 -14.94 19.42
CA GLN B 466 35.76 -16.06 20.19
C GLN B 466 35.23 -17.41 19.69
N ALA B 467 35.96 -18.49 19.88
CA ALA B 467 35.34 -19.75 19.53
C ALA B 467 35.92 -20.76 20.46
N GLY B 468 35.20 -21.88 20.70
CA GLY B 468 35.69 -23.00 21.50
C GLY B 468 35.61 -24.37 20.77
N ALA B 469 36.38 -25.35 21.19
CA ALA B 469 36.22 -26.68 20.54
C ALA B 469 36.41 -27.65 21.61
N LEU B 470 35.91 -28.86 21.45
CA LEU B 470 36.23 -29.85 22.46
C LEU B 470 36.62 -31.06 21.65
N VAL B 471 37.73 -31.70 21.99
CA VAL B 471 38.20 -32.83 21.24
C VAL B 471 38.39 -34.12 22.05
N GLN B 472 38.02 -35.31 21.50
CA GLN B 472 38.23 -36.52 22.26
C GLN B 472 38.97 -37.57 21.45
N ILE B 473 39.93 -38.27 22.09
CA ILE B 473 40.58 -39.34 21.41
C ILE B 473 40.26 -40.65 22.09
N TYR B 474 39.63 -41.55 21.36
CA TYR B 474 39.28 -42.83 21.99
C TYR B 474 40.42 -43.93 21.97
N THR B 475 40.31 -44.98 22.79
CA THR B 475 41.45 -45.92 22.83
C THR B 475 41.76 -46.61 21.50
N ASP B 476 40.92 -46.55 20.49
CA ASP B 476 41.22 -47.27 19.26
C ASP B 476 41.81 -46.25 18.39
N GLY B 477 42.19 -45.12 18.97
CA GLY B 477 42.83 -44.12 18.17
C GLY B 477 41.96 -43.22 17.39
N SER B 478 40.66 -43.42 17.30
CA SER B 478 39.84 -42.57 16.40
C SER B 478 39.59 -41.38 17.18
N VAL B 479 39.04 -40.35 16.54
CA VAL B 479 38.80 -39.07 17.19
C VAL B 479 37.48 -38.45 16.90
N ALA B 480 36.94 -37.70 17.85
CA ALA B 480 35.64 -37.01 17.70
C ALA B 480 35.91 -35.57 17.95
N LEU B 481 35.66 -34.79 16.94
CA LEU B 481 35.91 -33.39 16.98
C LEU B 481 34.61 -32.68 17.20
N ASN B 482 34.63 -31.61 17.95
CA ASN B 482 33.43 -30.84 18.14
C ASN B 482 33.83 -29.40 18.28
N HIS B 483 33.14 -28.47 17.62
CA HIS B 483 33.46 -27.07 17.76
C HIS B 483 32.21 -26.17 17.67
N GLY B 484 32.38 -24.90 17.89
CA GLY B 484 31.25 -24.00 17.91
C GLY B 484 30.65 -23.63 16.60
N GLY B 485 31.26 -24.01 15.51
CA GLY B 485 30.71 -23.49 14.26
C GLY B 485 29.46 -24.20 13.81
N THR B 486 28.81 -23.78 12.74
CA THR B 486 27.73 -24.57 12.22
C THR B 486 27.96 -24.71 10.82
N GLU B 487 27.63 -25.86 10.28
CA GLU B 487 27.88 -26.13 8.87
C GLU B 487 26.63 -25.80 8.14
N MET B 488 26.74 -24.84 7.23
CA MET B 488 25.62 -24.49 6.43
C MET B 488 25.94 -24.71 4.95
N GLY B 489 26.92 -25.55 4.69
CA GLY B 489 27.14 -25.92 3.32
C GLY B 489 28.44 -25.38 2.89
N GLN B 490 29.10 -24.67 3.78
CA GLN B 490 30.25 -23.95 3.31
C GLN B 490 31.51 -24.66 3.56
N GLY B 491 31.46 -25.95 3.87
CA GLY B 491 32.68 -26.68 4.11
C GLY B 491 33.36 -26.46 5.46
N LEU B 492 32.68 -25.85 6.42
CA LEU B 492 33.39 -25.58 7.65
C LEU B 492 33.85 -26.85 8.22
N HIS B 493 32.92 -27.70 8.63
CA HIS B 493 33.45 -28.96 9.17
C HIS B 493 34.65 -29.57 8.45
N ALA B 494 34.69 -29.65 7.14
CA ALA B 494 35.86 -30.33 6.60
C ALA B 494 37.09 -29.53 7.00
N LYS B 495 36.99 -28.22 6.96
CA LYS B 495 38.23 -27.55 7.23
C LYS B 495 38.58 -27.92 8.64
N MET B 496 37.64 -27.88 9.56
CA MET B 496 38.06 -28.17 10.92
C MET B 496 38.60 -29.65 11.02
N VAL B 497 37.96 -30.63 10.36
CA VAL B 497 38.55 -31.93 10.38
C VAL B 497 40.02 -31.82 9.93
N GLN B 498 40.27 -31.21 8.75
CA GLN B 498 41.59 -31.12 8.21
C GLN B 498 42.59 -30.51 9.17
N VAL B 499 42.26 -29.37 9.76
CA VAL B 499 43.14 -28.78 10.71
C VAL B 499 43.34 -29.80 11.78
N ALA B 500 42.29 -30.50 12.21
CA ALA B 500 42.65 -31.36 13.34
C ALA B 500 43.54 -32.46 12.94
N ALA B 501 43.29 -33.05 11.78
CA ALA B 501 44.14 -34.15 11.43
C ALA B 501 45.55 -33.63 11.22
N ALA B 502 45.70 -32.38 10.82
CA ALA B 502 47.04 -31.89 10.56
C ALA B 502 47.76 -31.71 11.80
N VAL B 503 47.11 -31.13 12.79
CA VAL B 503 47.85 -30.93 14.03
C VAL B 503 48.15 -32.25 14.80
N LEU B 504 47.22 -33.19 14.83
CA LEU B 504 47.55 -34.39 15.60
C LEU B 504 48.45 -35.31 14.79
N GLY B 505 48.63 -35.07 13.49
CA GLY B 505 49.50 -35.93 12.75
C GLY B 505 48.89 -37.19 12.23
N ILE B 506 47.58 -37.23 12.02
CA ILE B 506 47.00 -38.48 11.58
C ILE B 506 46.20 -38.23 10.38
N ASP B 507 45.64 -39.28 9.77
CA ASP B 507 44.88 -39.15 8.55
C ASP B 507 43.50 -38.70 8.91
N PRO B 508 42.98 -37.78 8.17
CA PRO B 508 41.62 -37.29 8.36
C PRO B 508 40.60 -38.40 8.59
N VAL B 509 40.83 -39.55 7.98
CA VAL B 509 39.77 -40.48 8.11
C VAL B 509 39.45 -40.81 9.56
N GLN B 510 40.42 -40.63 10.42
CA GLN B 510 40.21 -40.91 11.80
C GLN B 510 39.56 -39.80 12.47
N VAL B 511 39.10 -38.78 11.76
CA VAL B 511 38.54 -37.76 12.59
C VAL B 511 37.09 -37.64 12.25
N ARG B 512 36.15 -37.73 13.20
CA ARG B 512 34.71 -37.67 12.86
C ARG B 512 34.08 -36.37 13.29
N ILE B 513 33.22 -35.70 12.50
CA ILE B 513 32.71 -34.45 13.14
C ILE B 513 31.41 -34.71 13.89
N THR B 514 31.13 -33.95 14.95
CA THR B 514 29.91 -34.22 15.69
C THR B 514 29.00 -33.10 15.61
N ALA B 515 27.78 -33.16 16.12
CA ALA B 515 26.94 -31.98 15.81
C ALA B 515 27.20 -30.86 16.78
N THR B 516 26.85 -29.65 16.35
CA THR B 516 27.07 -28.50 17.15
C THR B 516 26.13 -28.55 18.33
N ASP B 517 26.61 -28.30 19.53
CA ASP B 517 25.80 -28.55 20.68
C ASP B 517 26.22 -27.65 21.85
N THR B 518 25.41 -26.69 22.17
CA THR B 518 25.79 -25.87 23.24
C THR B 518 26.07 -26.64 24.50
N SER B 519 25.84 -27.93 24.58
CA SER B 519 26.22 -28.55 25.85
C SER B 519 27.65 -29.08 25.76
N LYS B 520 28.25 -28.99 24.60
CA LYS B 520 29.59 -29.43 24.40
C LYS B 520 30.51 -28.23 24.27
N VAL B 521 30.26 -27.28 23.37
CA VAL B 521 31.02 -26.01 23.50
C VAL B 521 30.08 -24.89 23.82
N PRO B 522 30.32 -24.18 24.88
CA PRO B 522 29.43 -23.15 25.29
C PRO B 522 29.76 -21.74 24.89
N ASN B 523 28.71 -20.93 24.89
CA ASN B 523 28.85 -19.50 24.76
C ASN B 523 29.38 -19.09 23.46
N THR B 524 28.98 -19.75 22.40
CA THR B 524 29.41 -19.42 21.08
C THR B 524 28.81 -18.20 20.40
N SER B 525 29.50 -17.70 19.39
CA SER B 525 28.94 -16.63 18.58
C SER B 525 28.25 -17.26 17.48
N ALA B 526 27.47 -16.48 16.77
CA ALA B 526 26.82 -17.09 15.64
C ALA B 526 27.95 -17.36 14.67
N THR B 527 27.72 -18.32 13.76
CA THR B 527 28.70 -18.66 12.72
C THR B 527 28.50 -17.63 11.70
N ALA B 528 29.34 -16.62 11.70
CA ALA B 528 29.12 -15.57 10.77
C ALA B 528 30.28 -14.59 10.66
N ALA B 529 30.13 -13.63 9.72
CA ALA B 529 31.17 -12.63 9.58
C ALA B 529 32.39 -13.34 8.98
N SER B 530 32.08 -14.39 8.25
CA SER B 530 33.07 -15.19 7.60
C SER B 530 34.07 -15.57 8.61
N SER B 531 33.69 -15.66 9.88
CA SER B 531 34.67 -15.96 10.91
C SER B 531 34.66 -17.43 11.42
N GLY B 532 33.79 -18.26 10.82
CA GLY B 532 33.65 -19.66 11.16
C GLY B 532 34.96 -20.38 11.30
N ALA B 533 35.65 -20.47 10.18
CA ALA B 533 36.93 -21.14 10.12
C ALA B 533 38.09 -20.42 10.77
N ASP B 534 38.20 -19.12 10.61
CA ASP B 534 39.36 -18.45 11.16
C ASP B 534 39.31 -18.85 12.58
N MET B 535 38.22 -18.60 13.26
CA MET B 535 38.37 -18.80 14.70
C MET B 535 38.29 -20.26 15.18
N ASN B 536 37.32 -21.01 14.70
CA ASN B 536 37.17 -22.37 15.19
C ASN B 536 38.41 -23.12 14.91
N GLY B 537 38.93 -22.95 13.71
CA GLY B 537 40.21 -23.49 13.30
C GLY B 537 41.23 -23.31 14.44
N MET B 538 41.49 -22.07 14.85
CA MET B 538 42.40 -21.88 15.94
C MET B 538 41.95 -22.74 17.09
N ALA B 539 40.70 -22.67 17.50
CA ALA B 539 40.32 -23.39 18.71
C ALA B 539 40.62 -24.88 18.60
N VAL B 540 40.26 -25.47 17.49
CA VAL B 540 40.54 -26.84 17.39
C VAL B 540 42.04 -27.00 17.48
N LYS B 541 42.77 -26.17 16.78
CA LYS B 541 44.16 -26.39 16.80
C LYS B 541 44.64 -26.33 18.22
N ASP B 542 44.02 -25.47 18.98
CA ASP B 542 44.43 -25.31 20.32
C ASP B 542 44.21 -26.60 21.11
N ALA B 543 43.08 -27.27 20.86
CA ALA B 543 42.82 -28.50 21.59
C ALA B 543 43.77 -29.58 21.18
N CYS B 544 43.83 -29.76 19.89
CA CYS B 544 44.68 -30.75 19.39
C CYS B 544 46.09 -30.53 19.87
N GLU B 545 46.53 -29.28 19.96
CA GLU B 545 47.89 -29.03 20.49
C GLU B 545 48.02 -29.54 21.91
N THR B 546 47.06 -29.22 22.80
CA THR B 546 47.11 -29.80 24.11
C THR B 546 47.16 -31.32 24.02
N LEU B 547 46.29 -31.92 23.28
CA LEU B 547 46.36 -33.33 23.28
C LEU B 547 47.73 -33.85 22.83
N ARG B 548 48.16 -33.44 21.63
CA ARG B 548 49.47 -33.83 21.14
C ARG B 548 50.53 -33.62 22.23
N GLY B 549 50.38 -32.54 22.97
CA GLY B 549 51.29 -32.26 24.04
C GLY B 549 51.28 -33.41 24.99
N ARG B 550 50.13 -34.01 25.23
CA ARG B 550 50.17 -34.95 26.28
C ARG B 550 50.81 -36.16 25.73
N LEU B 551 50.63 -36.36 24.45
CA LEU B 551 51.14 -37.61 23.98
C LEU B 551 52.65 -37.56 23.97
N ALA B 552 53.21 -36.41 23.63
CA ALA B 552 54.64 -36.35 23.47
C ALA B 552 55.21 -36.44 24.85
N GLY B 553 54.68 -35.72 25.80
CA GLY B 553 55.23 -35.82 27.11
C GLY B 553 55.35 -37.29 27.49
N PHE B 554 54.31 -38.07 27.22
CA PHE B 554 54.23 -39.43 27.68
C PHE B 554 55.23 -40.21 26.93
N VAL B 555 55.25 -40.09 25.60
CA VAL B 555 56.24 -40.86 24.85
C VAL B 555 57.64 -40.59 25.30
N ALA B 556 57.86 -39.33 25.63
CA ALA B 556 59.20 -38.94 25.96
C ALA B 556 59.60 -39.59 27.23
N ALA B 557 58.82 -39.39 28.29
CA ALA B 557 59.30 -39.97 29.51
C ALA B 557 59.52 -41.42 29.22
N ARG B 558 58.68 -42.02 28.40
CA ARG B 558 58.73 -43.45 28.34
C ARG B 558 60.00 -43.78 27.66
N GLU B 559 60.22 -43.15 26.55
CA GLU B 559 61.39 -43.54 25.80
C GLU B 559 62.56 -42.66 26.14
N GLY B 560 62.59 -42.13 27.37
CA GLY B 560 63.66 -41.24 27.83
C GLY B 560 64.18 -40.25 26.78
N CYS B 561 63.73 -39.03 26.85
CA CYS B 561 64.26 -38.13 25.85
C CYS B 561 63.25 -37.00 25.71
N ALA B 562 63.41 -36.15 24.72
CA ALA B 562 62.62 -34.95 24.78
C ALA B 562 61.34 -34.82 23.92
N ALA B 563 60.28 -34.33 24.57
CA ALA B 563 58.96 -34.21 23.95
C ALA B 563 59.04 -33.64 22.56
N ARG B 564 59.83 -32.61 22.40
CA ARG B 564 59.81 -31.92 21.12
C ARG B 564 60.47 -32.73 20.06
N ASP B 565 60.99 -33.89 20.37
CA ASP B 565 61.54 -34.72 19.31
C ASP B 565 60.64 -35.91 19.06
N VAL B 566 59.43 -35.89 19.62
CA VAL B 566 58.53 -36.97 19.31
C VAL B 566 57.79 -36.50 18.05
N ILE B 567 57.69 -37.34 17.04
CA ILE B 567 57.06 -36.84 15.85
C ILE B 567 55.87 -37.58 15.32
N PHE B 568 54.85 -36.80 15.04
CA PHE B 568 53.61 -37.35 14.70
C PHE B 568 53.37 -37.04 13.33
N ASP B 569 53.40 -38.02 12.48
CA ASP B 569 53.09 -37.64 11.14
C ASP B 569 52.56 -38.79 10.42
N ALA B 570 51.64 -38.51 9.53
CA ALA B 570 50.99 -39.57 8.77
C ALA B 570 50.49 -40.76 9.61
N GLY B 571 49.82 -40.54 10.71
CA GLY B 571 49.41 -41.69 11.45
C GLY B 571 50.47 -42.47 12.17
N GLN B 572 51.67 -41.87 12.30
CA GLN B 572 52.74 -42.60 12.92
C GLN B 572 53.41 -41.75 13.86
N VAL B 573 53.96 -42.31 14.93
CA VAL B 573 54.68 -41.54 15.89
C VAL B 573 56.04 -42.10 15.89
N GLN B 574 57.01 -41.20 16.00
CA GLN B 574 58.41 -41.62 15.96
C GLN B 574 59.18 -40.99 17.07
N ALA B 575 59.99 -41.78 17.76
CA ALA B 575 60.80 -41.27 18.89
C ALA B 575 61.96 -42.19 19.19
N SER B 576 63.16 -41.60 19.34
CA SER B 576 64.41 -42.33 19.56
C SER B 576 64.63 -43.45 18.62
N GLY B 577 64.35 -43.27 17.33
CA GLY B 577 64.60 -44.32 16.37
C GLY B 577 63.53 -45.38 16.27
N LYS B 578 62.74 -45.53 17.31
CA LYS B 578 61.61 -46.43 17.21
C LYS B 578 60.38 -45.76 16.59
N SER B 579 59.47 -46.53 16.05
CA SER B 579 58.28 -45.87 15.57
C SER B 579 57.00 -46.72 15.85
N TRP B 580 55.84 -46.12 15.99
CA TRP B 580 54.65 -46.87 16.37
C TRP B 580 53.46 -46.25 15.71
N ARG B 581 52.35 -46.93 15.79
CA ARG B 581 51.20 -46.37 15.15
C ARG B 581 50.55 -45.47 16.17
N PHE B 582 50.00 -44.36 15.70
CA PHE B 582 49.27 -43.51 16.63
C PHE B 582 48.37 -44.31 17.60
N ALA B 583 47.56 -45.21 17.08
CA ALA B 583 46.74 -45.98 18.00
C ALA B 583 47.59 -46.51 19.17
N GLU B 584 48.65 -47.27 18.81
CA GLU B 584 49.52 -47.85 19.83
C GLU B 584 49.94 -46.76 20.79
N ILE B 585 50.33 -45.58 20.32
CA ILE B 585 50.59 -44.61 21.37
C ILE B 585 49.38 -44.33 22.31
N VAL B 586 48.25 -43.99 21.74
CA VAL B 586 47.07 -43.71 22.60
C VAL B 586 46.64 -44.76 23.64
N ALA B 587 46.50 -46.00 23.14
CA ALA B 587 46.23 -47.11 24.03
C ALA B 587 47.23 -46.96 25.19
N ALA B 588 48.51 -46.86 24.86
CA ALA B 588 49.47 -46.81 25.95
C ALA B 588 49.25 -45.60 26.85
N ALA B 589 48.93 -44.46 26.26
CA ALA B 589 48.68 -43.37 27.18
C ALA B 589 47.47 -43.71 28.03
N TYR B 590 46.52 -44.43 27.42
CA TYR B 590 45.33 -44.76 28.18
C TYR B 590 45.81 -45.59 29.34
N MET B 591 46.55 -46.65 29.04
CA MET B 591 46.97 -47.49 30.16
C MET B 591 47.74 -46.72 31.17
N ALA B 592 48.38 -45.66 30.72
CA ALA B 592 49.19 -44.90 31.63
C ALA B 592 48.35 -43.88 32.39
N ARG B 593 47.07 -43.84 32.05
CA ARG B 593 46.19 -42.85 32.65
C ARG B 593 46.60 -41.44 32.24
N ILE B 594 46.59 -41.19 30.95
CA ILE B 594 46.75 -39.81 30.62
C ILE B 594 45.51 -39.30 29.93
N SER B 595 44.90 -38.25 30.42
CA SER B 595 43.63 -37.84 29.86
C SER B 595 43.69 -37.67 28.37
N LEU B 596 42.76 -38.28 27.66
CA LEU B 596 42.71 -37.99 26.29
C LEU B 596 41.57 -37.11 25.92
N SER B 597 41.27 -36.05 26.68
CA SER B 597 40.17 -35.20 26.21
C SER B 597 40.60 -33.75 26.37
N ALA B 598 40.14 -32.82 25.53
CA ALA B 598 40.52 -31.43 25.84
C ALA B 598 39.67 -30.38 25.27
N THR B 599 39.57 -29.23 25.88
CA THR B 599 38.89 -28.19 25.22
C THR B 599 39.95 -27.29 24.70
N GLY B 600 39.51 -26.30 23.94
CA GLY B 600 40.38 -25.37 23.25
C GLY B 600 39.55 -24.17 22.91
N PHE B 601 40.20 -23.01 22.79
CA PHE B 601 39.39 -21.77 22.74
C PHE B 601 40.21 -20.78 22.00
N TYR B 602 39.65 -19.74 21.41
CA TYR B 602 40.47 -18.68 20.76
C TYR B 602 39.78 -17.31 20.63
N ALA B 603 40.56 -16.23 20.66
CA ALA B 603 40.00 -14.87 20.73
C ALA B 603 40.74 -14.01 19.75
N THR B 604 40.11 -13.26 18.86
CA THR B 604 40.98 -12.67 17.88
C THR B 604 41.67 -11.52 18.53
N PRO B 605 42.99 -11.47 18.42
CA PRO B 605 43.79 -10.35 18.97
C PRO B 605 43.74 -9.08 18.14
N LYS B 606 44.47 -8.07 18.64
CA LYS B 606 44.57 -6.72 18.05
C LYS B 606 43.30 -5.94 17.79
N LEU B 607 42.14 -6.28 18.31
CA LEU B 607 41.00 -5.50 17.89
C LEU B 607 40.46 -4.53 18.93
N SER B 608 40.13 -3.35 18.44
CA SER B 608 39.62 -2.25 19.25
C SER B 608 39.13 -1.15 18.35
N TRP B 609 37.95 -0.65 18.67
CA TRP B 609 37.39 0.40 17.89
C TRP B 609 36.12 0.97 18.47
N ASP B 610 35.82 2.20 18.08
CA ASP B 610 34.70 2.89 18.65
C ASP B 610 33.76 3.33 17.55
N ARG B 611 32.66 2.60 17.53
CA ARG B 611 31.48 2.80 16.72
C ARG B 611 30.98 4.24 16.65
N LEU B 612 30.89 4.90 17.78
CA LEU B 612 30.37 6.25 17.75
C LEU B 612 31.37 7.19 17.11
N ARG B 613 32.66 6.98 17.40
CA ARG B 613 33.67 7.86 16.86
C ARG B 613 34.05 7.50 15.43
N GLY B 614 33.87 6.23 15.08
CA GLY B 614 34.24 5.72 13.78
C GLY B 614 35.76 5.56 13.71
N GLN B 615 36.39 5.22 14.81
CA GLN B 615 37.84 5.10 14.77
C GLN B 615 38.30 3.86 15.46
N GLY B 616 39.33 3.24 14.92
CA GLY B 616 39.87 2.06 15.57
C GLY B 616 40.41 1.02 14.60
N ARG B 617 40.61 -0.21 15.10
CA ARG B 617 40.94 -1.36 14.28
C ARG B 617 39.87 -2.36 14.58
N PRO B 618 38.80 -2.34 13.85
CA PRO B 618 37.76 -3.29 14.10
C PRO B 618 38.17 -4.57 13.39
N PHE B 619 39.12 -4.56 12.45
CA PHE B 619 39.42 -5.82 11.76
C PHE B 619 40.85 -6.36 11.85
N LEU B 620 41.02 -7.67 11.76
CA LEU B 620 42.36 -8.26 11.76
C LEU B 620 43.07 -8.07 10.46
N TYR B 621 42.38 -8.25 9.35
CA TYR B 621 43.07 -8.19 8.05
C TYR B 621 42.03 -8.07 6.98
N PHE B 622 42.37 -7.74 5.76
CA PHE B 622 41.26 -7.63 4.79
C PHE B 622 41.32 -8.75 3.80
N ALA B 623 40.25 -9.06 3.10
CA ALA B 623 40.33 -10.17 2.12
C ALA B 623 40.23 -9.49 0.83
N TYR B 624 40.94 -9.92 -0.23
CA TYR B 624 40.71 -9.21 -1.52
C TYR B 624 40.42 -10.07 -2.70
N GLY B 625 40.22 -9.45 -3.85
CA GLY B 625 40.05 -10.28 -5.01
C GLY B 625 39.58 -9.36 -6.08
N ALA B 626 39.36 -9.89 -7.26
CA ALA B 626 38.91 -9.02 -8.34
C ALA B 626 38.12 -9.85 -9.30
N ALA B 627 37.28 -9.22 -10.09
CA ALA B 627 36.48 -9.97 -11.02
C ALA B 627 36.24 -9.13 -12.29
N ILE B 628 36.25 -9.77 -13.45
CA ILE B 628 36.04 -9.07 -14.69
C ILE B 628 34.93 -9.85 -15.29
N THR B 629 33.77 -9.23 -15.47
CA THR B 629 32.62 -9.93 -16.03
C THR B 629 32.31 -9.28 -17.34
N GLU B 630 31.77 -10.06 -18.28
CA GLU B 630 31.38 -9.52 -19.59
C GLU B 630 29.97 -10.00 -19.85
N VAL B 631 29.11 -9.15 -20.39
CA VAL B 631 27.69 -9.43 -20.52
C VAL B 631 27.17 -8.82 -21.82
N VAL B 632 25.93 -9.12 -22.20
CA VAL B 632 25.34 -8.49 -23.36
C VAL B 632 23.98 -8.11 -23.01
N ILE B 633 23.45 -7.09 -23.62
CA ILE B 633 22.09 -6.75 -23.33
C ILE B 633 21.36 -6.54 -24.67
N ASP B 634 20.04 -6.60 -24.60
CA ASP B 634 19.19 -6.42 -25.76
C ASP B 634 18.58 -5.03 -25.72
N ARG B 635 18.97 -4.21 -26.67
CA ARG B 635 18.54 -2.83 -26.70
C ARG B 635 17.06 -2.62 -26.82
N LEU B 636 16.33 -3.59 -27.32
CA LEU B 636 14.93 -3.35 -27.37
C LEU B 636 14.22 -3.65 -26.05
N THR B 637 14.43 -4.81 -25.42
CA THR B 637 13.62 -5.16 -24.24
C THR B 637 14.45 -5.12 -22.98
N GLY B 638 15.76 -5.13 -23.14
CA GLY B 638 16.58 -5.14 -21.93
C GLY B 638 16.92 -6.55 -21.48
N GLU B 639 16.49 -7.53 -22.24
CA GLU B 639 16.81 -8.85 -21.82
C GLU B 639 18.30 -8.88 -21.72
N ASN B 640 18.92 -9.80 -20.98
CA ASN B 640 20.41 -9.76 -20.97
C ASN B 640 21.06 -10.90 -20.23
N ARG B 641 22.39 -11.03 -20.29
CA ARG B 641 23.00 -12.15 -19.61
C ARG B 641 24.54 -12.25 -19.50
N ILE B 642 25.06 -12.97 -18.55
CA ILE B 642 26.53 -12.92 -18.41
C ILE B 642 27.30 -13.94 -19.29
N LEU B 643 28.09 -13.51 -20.26
CA LEU B 643 28.76 -14.47 -21.13
C LEU B 643 29.98 -15.04 -20.52
N ARG B 644 30.72 -14.18 -19.83
CA ARG B 644 31.98 -14.68 -19.28
C ARG B 644 32.44 -13.93 -18.06
N THR B 645 33.10 -14.61 -17.14
CA THR B 645 33.55 -13.96 -15.92
C THR B 645 34.90 -14.55 -15.63
N ASP B 646 35.78 -13.80 -14.98
CA ASP B 646 37.12 -14.31 -14.67
C ASP B 646 37.42 -13.77 -13.29
N ILE B 647 37.88 -14.59 -12.35
CA ILE B 647 38.06 -14.03 -11.03
C ILE B 647 39.37 -14.42 -10.60
N LEU B 648 39.97 -13.64 -9.74
CA LEU B 648 41.19 -14.03 -9.11
C LEU B 648 41.03 -13.54 -7.70
N HIS B 649 40.98 -14.42 -6.71
CA HIS B 649 40.60 -14.01 -5.35
C HIS B 649 41.57 -14.57 -4.38
N ASP B 650 41.78 -13.90 -3.24
CA ASP B 650 42.87 -14.23 -2.31
C ASP B 650 42.33 -14.87 -1.09
N ALA B 651 42.64 -16.13 -0.91
CA ALA B 651 42.07 -16.82 0.21
C ALA B 651 43.14 -17.14 1.17
N GLY B 652 44.09 -16.26 1.29
CA GLY B 652 45.24 -16.59 2.12
C GLY B 652 45.93 -17.81 1.53
N ALA B 653 46.57 -18.54 2.41
CA ALA B 653 47.07 -19.87 2.12
C ALA B 653 45.86 -20.70 2.33
N SER B 654 45.02 -20.88 1.30
CA SER B 654 43.74 -21.63 1.48
C SER B 654 43.83 -22.91 2.34
N LEU B 655 42.93 -23.09 3.28
CA LEU B 655 42.83 -24.38 3.99
C LEU B 655 42.26 -25.45 3.08
N ASN B 656 41.57 -25.12 1.98
CA ASN B 656 41.06 -26.16 1.08
C ASN B 656 40.61 -25.50 -0.22
N PRO B 657 41.51 -25.54 -1.17
CA PRO B 657 41.30 -24.92 -2.46
C PRO B 657 40.02 -25.32 -3.11
N ALA B 658 39.69 -26.59 -3.13
CA ALA B 658 38.40 -26.93 -3.76
C ALA B 658 37.26 -26.19 -3.03
N LEU B 659 37.24 -26.43 -1.72
CA LEU B 659 36.27 -25.81 -0.91
C LEU B 659 36.27 -24.30 -1.14
N ASP B 660 37.43 -23.67 -1.27
CA ASP B 660 37.41 -22.25 -1.54
C ASP B 660 36.93 -21.88 -2.97
N ILE B 661 37.39 -22.61 -3.97
CA ILE B 661 36.97 -22.21 -5.27
C ILE B 661 35.47 -22.22 -5.21
N GLY B 662 34.92 -23.21 -4.51
CA GLY B 662 33.46 -23.33 -4.54
C GLY B 662 32.72 -22.13 -3.91
N GLN B 663 33.18 -21.71 -2.75
CA GLN B 663 32.58 -20.54 -2.16
C GLN B 663 32.76 -19.42 -3.14
N ILE B 664 33.96 -19.19 -3.67
CA ILE B 664 34.05 -18.12 -4.66
C ILE B 664 33.02 -18.22 -5.80
N GLU B 665 32.91 -19.38 -6.45
CA GLU B 665 31.96 -19.47 -7.56
C GLU B 665 30.54 -19.21 -7.08
N GLY B 666 30.14 -19.85 -6.01
CA GLY B 666 28.78 -19.66 -5.55
C GLY B 666 28.55 -18.24 -5.10
N ALA B 667 29.44 -17.69 -4.31
CA ALA B 667 29.17 -16.35 -3.91
C ALA B 667 28.96 -15.45 -5.16
N TYR B 668 29.86 -15.56 -6.16
CA TYR B 668 29.76 -14.69 -7.31
C TYR B 668 28.35 -14.83 -7.81
N VAL B 669 27.94 -16.02 -8.16
CA VAL B 669 26.62 -16.08 -8.66
C VAL B 669 25.63 -15.36 -7.78
N GLN B 670 25.73 -15.58 -6.48
CA GLN B 670 24.71 -15.00 -5.60
C GLN B 670 24.79 -13.52 -5.71
N GLY B 671 26.03 -13.03 -5.69
CA GLY B 671 26.26 -11.60 -5.80
C GLY B 671 25.65 -11.02 -7.06
N ALA B 672 25.93 -11.61 -8.18
CA ALA B 672 25.35 -11.11 -9.36
C ALA B 672 23.82 -11.17 -9.22
N GLY B 673 23.34 -12.31 -8.67
CA GLY B 673 21.92 -12.57 -8.57
C GLY B 673 21.29 -11.38 -7.87
N TRP B 674 22.04 -10.82 -6.98
CA TRP B 674 21.52 -9.75 -6.25
C TRP B 674 21.28 -8.50 -7.08
N LEU B 675 22.09 -8.33 -8.14
CA LEU B 675 22.01 -7.09 -8.88
C LEU B 675 21.36 -7.29 -10.21
N THR B 676 20.64 -8.39 -10.39
CA THR B 676 20.13 -8.68 -11.74
C THR B 676 18.71 -9.20 -11.74
N THR B 677 18.42 -10.42 -11.36
CA THR B 677 17.02 -10.63 -11.44
C THR B 677 16.42 -10.61 -10.12
N GLU B 678 17.19 -10.52 -9.07
CA GLU B 678 16.52 -10.58 -7.76
C GLU B 678 15.74 -9.32 -7.33
N GLU B 679 14.42 -9.36 -7.21
CA GLU B 679 13.76 -8.09 -6.88
C GLU B 679 12.63 -8.12 -5.87
N LEU B 680 12.70 -7.32 -4.81
CA LEU B 680 11.63 -7.48 -3.85
C LEU B 680 10.61 -6.45 -4.16
N VAL B 681 9.33 -6.78 -4.01
CA VAL B 681 8.32 -5.76 -4.28
C VAL B 681 7.23 -5.78 -3.28
N TRP B 682 6.90 -4.60 -2.76
CA TRP B 682 5.67 -4.47 -1.91
C TRP B 682 4.52 -3.68 -2.54
N ASP B 683 3.28 -3.88 -2.11
CA ASP B 683 2.15 -3.21 -2.76
C ASP B 683 1.90 -2.00 -1.93
N HIS B 684 0.90 -1.21 -2.31
CA HIS B 684 0.70 0.08 -1.69
C HIS B 684 0.27 -0.15 -0.28
N CYS B 685 -0.22 -1.31 0.09
CA CYS B 685 -0.59 -1.45 1.50
C CYS B 685 0.48 -2.14 2.33
N GLY B 686 1.65 -2.28 1.77
CA GLY B 686 2.66 -2.96 2.51
C GLY B 686 2.82 -4.45 2.25
N ARG B 687 1.98 -5.06 1.43
CA ARG B 687 2.06 -6.49 1.33
C ARG B 687 3.24 -6.90 0.54
N LEU B 688 3.93 -7.95 0.95
CA LEU B 688 4.98 -8.47 0.11
C LEU B 688 4.39 -9.13 -1.15
N MET B 689 4.66 -8.58 -2.32
CA MET B 689 4.10 -9.17 -3.53
C MET B 689 4.93 -10.33 -4.05
N THR B 690 6.22 -10.31 -3.76
CA THR B 690 7.09 -11.31 -4.29
C THR B 690 7.42 -12.18 -3.13
N HIS B 691 6.72 -13.29 -3.02
CA HIS B 691 6.83 -14.13 -1.84
C HIS B 691 6.69 -15.58 -2.27
N ALA B 692 7.64 -16.03 -3.09
CA ALA B 692 7.58 -17.35 -3.63
C ALA B 692 8.49 -17.37 -4.81
N PRO B 693 9.12 -18.50 -5.08
CA PRO B 693 10.07 -18.61 -6.15
C PRO B 693 9.42 -18.27 -7.46
N SER B 694 8.12 -18.52 -7.59
CA SER B 694 7.58 -18.19 -8.87
C SER B 694 7.62 -16.74 -9.11
N THR B 695 7.70 -15.90 -8.09
CA THR B 695 7.83 -14.49 -8.41
C THR B 695 9.07 -13.85 -7.96
N TYR B 696 9.93 -14.49 -7.14
CA TYR B 696 11.28 -13.96 -6.73
C TYR B 696 12.17 -14.90 -7.45
N LYS B 697 13.09 -14.39 -8.26
CA LYS B 697 13.83 -15.20 -9.24
C LYS B 697 15.36 -15.30 -9.01
N ILE B 698 15.86 -16.32 -8.28
CA ILE B 698 17.33 -16.42 -8.15
C ILE B 698 17.93 -17.00 -9.41
N PRO B 699 19.21 -16.84 -9.55
CA PRO B 699 19.95 -17.37 -10.68
C PRO B 699 19.57 -18.82 -10.95
N ALA B 700 19.08 -19.11 -12.13
CA ALA B 700 18.85 -20.45 -12.52
C ALA B 700 20.08 -20.99 -13.25
N PHE B 701 20.17 -22.31 -13.31
CA PHE B 701 21.33 -22.96 -13.85
C PHE B 701 21.81 -22.24 -15.06
N SER B 702 20.92 -21.96 -15.98
CA SER B 702 21.48 -21.37 -17.19
C SER B 702 22.00 -19.96 -17.02
N ASP B 703 21.64 -19.24 -15.98
CA ASP B 703 22.32 -17.95 -15.81
C ASP B 703 23.82 -18.09 -15.45
N ARG B 704 24.31 -19.29 -15.23
CA ARG B 704 25.72 -19.38 -14.93
C ARG B 704 26.46 -18.77 -16.07
N PRO B 705 27.52 -18.07 -15.79
CA PRO B 705 28.40 -17.50 -16.84
C PRO B 705 28.86 -18.61 -17.83
N ARG B 706 28.84 -18.43 -19.17
CA ARG B 706 29.27 -19.55 -20.01
C ARG B 706 30.72 -19.83 -19.87
N ILE B 707 31.50 -18.83 -19.54
CA ILE B 707 32.87 -19.14 -19.30
C ILE B 707 33.20 -18.56 -17.97
N PHE B 708 33.59 -19.43 -17.05
CA PHE B 708 33.72 -19.09 -15.67
C PHE B 708 35.08 -19.55 -15.21
N ASN B 709 36.07 -18.66 -15.20
CA ASN B 709 37.39 -18.99 -14.70
C ASN B 709 37.64 -18.40 -13.36
N VAL B 710 37.95 -19.26 -12.40
CA VAL B 710 38.13 -18.79 -11.06
C VAL B 710 39.46 -19.23 -10.58
N ALA B 711 40.27 -18.34 -10.07
CA ALA B 711 41.50 -18.90 -9.57
C ALA B 711 41.97 -18.19 -8.32
N LEU B 712 42.88 -18.79 -7.57
CA LEU B 712 43.18 -18.17 -6.31
C LEU B 712 44.50 -17.45 -6.24
N TRP B 713 44.57 -16.37 -5.52
CA TRP B 713 45.87 -15.77 -5.27
C TRP B 713 46.45 -16.61 -4.17
N ASP B 714 47.58 -17.24 -4.33
CA ASP B 714 48.07 -18.05 -3.24
C ASP B 714 49.19 -17.35 -2.50
N GLN B 715 48.83 -16.64 -1.44
CA GLN B 715 49.78 -15.95 -0.56
C GLN B 715 49.35 -15.96 0.88
N PRO B 716 50.29 -16.30 1.71
CA PRO B 716 50.09 -16.43 3.13
C PRO B 716 49.47 -15.21 3.62
N ASN B 717 48.82 -15.18 4.76
CA ASN B 717 48.25 -13.96 5.34
C ASN B 717 49.33 -13.32 6.19
N ARG B 718 49.44 -12.00 6.15
CA ARG B 718 50.41 -11.36 7.04
C ARG B 718 50.16 -11.70 8.48
N GLU B 719 48.89 -11.64 8.89
CA GLU B 719 48.48 -11.85 10.26
C GLU B 719 48.44 -13.31 10.62
N GLU B 720 48.59 -13.62 11.91
CA GLU B 720 48.70 -14.99 12.36
C GLU B 720 47.37 -15.76 12.48
N THR B 721 46.83 -16.23 11.36
CA THR B 721 45.62 -16.98 11.38
C THR B 721 45.82 -18.45 11.16
N ILE B 722 44.84 -19.25 11.51
CA ILE B 722 44.93 -20.70 11.25
C ILE B 722 45.65 -21.00 9.88
N PHE B 723 46.84 -21.57 9.97
CA PHE B 723 47.67 -21.83 8.79
C PHE B 723 47.72 -20.72 7.71
N ARG B 724 47.75 -19.49 8.21
CA ARG B 724 47.84 -18.34 7.33
C ARG B 724 46.81 -18.40 6.25
N SER B 725 45.66 -19.00 6.53
CA SER B 725 44.58 -18.95 5.54
C SER B 725 43.83 -17.64 5.74
N LYS B 726 42.83 -17.42 4.90
CA LYS B 726 41.99 -16.21 4.96
C LYS B 726 40.53 -16.58 4.76
N ALA B 727 39.64 -16.02 5.58
CA ALA B 727 38.21 -16.17 5.44
C ALA B 727 37.75 -16.06 4.05
N VAL B 728 36.83 -16.85 3.62
CA VAL B 728 36.55 -16.70 2.25
C VAL B 728 35.05 -16.81 1.93
N GLY B 729 34.25 -16.69 2.95
CA GLY B 729 32.84 -16.88 2.72
C GLY B 729 32.10 -15.67 2.22
N GLU B 730 32.37 -14.48 2.74
CA GLU B 730 31.63 -13.31 2.26
C GLU B 730 32.36 -12.54 1.15
N PRO B 731 33.59 -12.16 1.39
CA PRO B 731 34.34 -11.37 0.42
C PRO B 731 33.87 -11.61 -1.01
N PRO B 732 34.09 -12.81 -1.48
CA PRO B 732 33.83 -13.14 -2.89
C PRO B 732 32.44 -12.70 -3.26
N PHE B 733 31.49 -12.64 -2.34
CA PHE B 733 30.18 -12.18 -2.72
C PHE B 733 30.20 -10.82 -3.36
N LEU B 734 31.11 -9.96 -2.92
CA LEU B 734 31.16 -8.64 -3.55
C LEU B 734 31.69 -8.72 -5.00
N LEU B 735 32.24 -9.82 -5.48
CA LEU B 735 32.68 -9.78 -6.86
C LEU B 735 31.48 -9.61 -7.78
N GLY B 736 30.27 -9.81 -7.24
CA GLY B 736 29.09 -9.70 -8.09
C GLY B 736 29.05 -8.30 -8.71
N ILE B 737 29.57 -7.31 -8.01
CA ILE B 737 29.48 -5.97 -8.52
C ILE B 737 29.96 -5.97 -9.93
N SER B 738 31.08 -6.60 -10.18
CA SER B 738 31.49 -6.53 -11.57
C SER B 738 30.32 -6.77 -12.54
N ALA B 739 29.42 -7.67 -12.26
CA ALA B 739 28.40 -7.86 -13.25
C ALA B 739 27.60 -6.62 -13.40
N PHE B 740 27.30 -5.96 -12.34
CA PHE B 740 26.41 -4.82 -12.51
C PHE B 740 27.19 -3.80 -13.27
N LEU B 741 28.46 -3.64 -12.90
CA LEU B 741 29.26 -2.64 -13.56
C LEU B 741 29.21 -2.88 -15.06
N ALA B 742 29.31 -4.15 -15.44
CA ALA B 742 29.38 -4.44 -16.87
C ALA B 742 28.06 -4.17 -17.44
N LEU B 743 27.01 -4.58 -16.76
CA LEU B 743 25.74 -4.30 -17.32
C LEU B 743 25.76 -2.78 -17.64
N HIS B 744 26.41 -2.01 -16.81
CA HIS B 744 26.25 -0.59 -17.05
C HIS B 744 27.16 -0.14 -18.16
N ASP B 745 28.30 -0.81 -18.33
CA ASP B 745 29.16 -0.52 -19.48
C ASP B 745 28.34 -0.69 -20.74
N ALA B 746 27.54 -1.73 -20.83
CA ALA B 746 26.74 -1.95 -22.03
C ALA B 746 25.80 -0.81 -22.20
N CYS B 747 24.99 -0.45 -21.23
CA CYS B 747 24.20 0.71 -21.50
C CYS B 747 25.07 1.87 -21.99
N ALA B 748 26.15 2.15 -21.31
CA ALA B 748 26.88 3.32 -21.68
C ALA B 748 27.23 3.28 -23.16
N ALA B 749 27.40 2.09 -23.69
CA ALA B 749 27.79 2.03 -25.06
C ALA B 749 26.64 2.41 -25.99
N CYS B 750 25.51 2.78 -25.44
CA CYS B 750 24.45 2.94 -26.37
C CYS B 750 24.07 4.36 -26.67
N GLY B 751 24.80 5.31 -26.11
CA GLY B 751 24.45 6.72 -26.20
C GLY B 751 25.50 7.48 -25.43
N PRO B 752 25.40 8.79 -25.32
CA PRO B 752 26.47 9.53 -24.66
C PRO B 752 26.04 10.04 -23.29
N HIS B 753 24.84 9.73 -22.87
CA HIS B 753 24.44 10.14 -21.54
C HIS B 753 24.65 9.07 -20.46
N TRP B 754 24.60 9.54 -19.23
CA TRP B 754 24.73 8.73 -18.06
C TRP B 754 23.59 7.83 -18.10
N PRO B 755 23.84 6.56 -18.18
CA PRO B 755 22.73 5.62 -18.15
C PRO B 755 21.96 5.63 -16.84
N ASP B 756 22.64 5.93 -15.72
CA ASP B 756 22.03 6.00 -14.35
C ASP B 756 21.23 4.72 -14.08
N LEU B 757 21.89 3.60 -14.36
CA LEU B 757 21.29 2.27 -14.18
C LEU B 757 21.09 2.03 -12.71
N GLN B 758 19.87 1.79 -12.28
CA GLN B 758 19.60 1.39 -10.88
C GLN B 758 19.77 -0.15 -10.64
N ALA B 759 19.85 -0.52 -9.37
CA ALA B 759 20.02 -1.92 -9.02
C ALA B 759 18.80 -2.18 -8.26
N PRO B 760 18.23 -3.33 -8.42
CA PRO B 760 18.70 -4.33 -9.30
C PRO B 760 18.40 -4.03 -10.77
N ALA B 761 19.41 -4.34 -11.56
CA ALA B 761 19.37 -4.33 -13.02
C ALA B 761 18.42 -5.29 -13.68
N THR B 762 17.15 -5.33 -13.34
CA THR B 762 16.31 -6.25 -14.12
C THR B 762 16.31 -5.75 -15.57
N PRO B 763 15.74 -6.52 -16.48
CA PRO B 763 15.65 -6.08 -17.86
C PRO B 763 14.87 -4.74 -17.93
N GLU B 764 13.68 -4.63 -17.31
CA GLU B 764 13.00 -3.30 -17.29
C GLU B 764 14.06 -2.30 -16.82
N ALA B 765 14.73 -2.61 -15.75
CA ALA B 765 15.70 -1.65 -15.29
C ALA B 765 16.72 -1.36 -16.37
N VAL B 766 17.22 -2.38 -17.03
CA VAL B 766 18.26 -2.12 -18.02
C VAL B 766 17.70 -1.31 -19.19
N LEU B 767 16.51 -1.69 -19.60
CA LEU B 767 15.96 -1.04 -20.72
C LEU B 767 15.81 0.40 -20.34
N ALA B 768 15.58 0.68 -19.07
CA ALA B 768 15.44 2.08 -18.74
C ALA B 768 16.79 2.74 -18.87
N ALA B 769 17.83 2.03 -18.55
CA ALA B 769 19.11 2.70 -18.59
C ALA B 769 19.47 2.98 -20.05
N VAL B 770 19.02 2.09 -20.91
CA VAL B 770 19.45 2.23 -22.24
C VAL B 770 18.87 3.52 -22.74
N ARG B 771 17.58 3.64 -22.59
CA ARG B 771 16.94 4.84 -23.06
C ARG B 771 17.62 6.14 -22.51
N ARG B 772 17.93 6.16 -21.23
CA ARG B 772 18.51 7.38 -20.74
C ARG B 772 19.75 7.63 -21.58
N ALA B 773 20.53 6.59 -21.73
CA ALA B 773 21.78 6.88 -22.32
C ALA B 773 21.57 7.22 -23.78
N GLU B 774 20.47 6.70 -24.32
CA GLU B 774 20.21 6.90 -25.71
C GLU B 774 19.66 8.29 -25.82
N GLY B 775 19.20 8.86 -24.71
CA GLY B 775 18.61 10.18 -24.76
C GLY B 775 17.16 10.17 -25.24
N ARG B 776 16.54 8.98 -25.25
CA ARG B 776 15.13 8.94 -25.63
C ARG B 776 14.28 9.02 -24.43
N ALA B 777 14.62 9.94 -23.53
CA ALA B 777 13.84 10.14 -22.29
C ALA B 777 14.53 9.65 -21.00
N MET C 1 -16.64 -53.50 22.45
CA MET C 1 -17.22 -53.08 23.79
C MET C 1 -16.49 -51.92 24.44
N GLU C 2 -17.25 -50.94 24.92
CA GLU C 2 -16.76 -49.67 25.45
C GLU C 2 -16.95 -49.49 26.95
N ILE C 3 -15.94 -49.10 27.71
CA ILE C 3 -16.18 -48.92 29.15
C ILE C 3 -15.69 -47.55 29.54
N ALA C 4 -15.98 -47.14 30.75
CA ALA C 4 -15.58 -45.81 31.16
C ALA C 4 -15.00 -45.73 32.55
N PHE C 5 -14.01 -44.87 32.72
CA PHE C 5 -13.49 -44.72 34.03
C PHE C 5 -12.84 -43.41 34.05
N LEU C 6 -12.60 -42.94 35.26
CA LEU C 6 -11.96 -41.71 35.54
C LEU C 6 -10.43 -41.99 35.64
N LEU C 7 -9.63 -41.27 34.87
CA LEU C 7 -8.20 -41.37 34.91
C LEU C 7 -7.57 -40.12 35.45
N ASN C 8 -7.00 -40.22 36.63
CA ASN C 8 -6.39 -39.08 37.31
C ASN C 8 -7.25 -37.90 37.16
N GLY C 9 -8.52 -38.02 37.49
CA GLY C 9 -9.44 -36.91 37.42
C GLY C 9 -10.20 -36.68 36.13
N GLU C 10 -9.97 -37.42 35.08
CA GLU C 10 -10.53 -37.00 33.80
C GLU C 10 -11.34 -38.20 33.42
N THR C 11 -12.36 -38.02 32.62
CA THR C 11 -13.23 -39.11 32.29
C THR C 11 -12.69 -39.69 31.06
N ARG C 12 -12.71 -40.97 30.95
CA ARG C 12 -12.11 -41.58 29.81
C ARG C 12 -12.95 -42.78 29.34
N ARG C 13 -13.15 -42.89 28.04
CA ARG C 13 -13.96 -43.93 27.46
C ARG C 13 -13.14 -44.73 26.54
N VAL C 14 -13.04 -46.03 26.71
CA VAL C 14 -12.14 -46.79 25.90
C VAL C 14 -12.74 -47.94 25.12
N ARG C 15 -12.26 -48.20 23.93
CA ARG C 15 -12.81 -49.26 23.11
C ARG C 15 -12.04 -50.53 23.36
N ILE C 16 -12.59 -51.50 24.06
CA ILE C 16 -11.82 -52.71 24.32
C ILE C 16 -11.86 -53.69 23.18
N GLU C 17 -10.75 -54.03 22.56
CA GLU C 17 -10.76 -55.04 21.51
C GLU C 17 -10.09 -56.24 22.07
N ASP C 18 -9.20 -56.04 23.03
CA ASP C 18 -8.59 -57.20 23.69
C ASP C 18 -8.81 -57.15 25.18
N PRO C 19 -9.64 -58.00 25.71
CA PRO C 19 -10.08 -57.79 27.08
C PRO C 19 -9.11 -58.34 27.99
N THR C 20 -8.07 -58.90 27.46
CA THR C 20 -7.15 -59.62 28.29
C THR C 20 -5.94 -58.73 28.61
N GLN C 21 -5.78 -57.63 27.87
CA GLN C 21 -4.67 -56.74 28.04
C GLN C 21 -4.59 -56.21 29.42
N SER C 22 -3.41 -55.88 29.86
CA SER C 22 -3.36 -55.46 31.23
C SER C 22 -3.35 -53.98 31.40
N LEU C 23 -3.77 -53.56 32.59
CA LEU C 23 -3.83 -52.15 32.90
C LEU C 23 -2.42 -51.54 32.72
N LEU C 24 -1.40 -52.30 33.20
CA LEU C 24 -0.03 -51.88 33.05
C LEU C 24 0.28 -51.62 31.60
N GLU C 25 -0.10 -52.49 30.66
CA GLU C 25 0.09 -52.04 29.26
C GLU C 25 -0.76 -50.84 28.76
N LEU C 26 -2.07 -50.78 28.99
CA LEU C 26 -2.80 -49.64 28.43
C LEU C 26 -2.00 -48.50 28.94
N LEU C 27 -1.66 -48.61 30.21
CA LEU C 27 -1.09 -47.42 30.81
C LEU C 27 0.14 -46.92 30.07
N ARG C 28 1.02 -47.84 29.71
CA ARG C 28 2.25 -47.42 29.12
C ARG C 28 2.00 -46.97 27.72
N ALA C 29 1.25 -47.73 26.97
CA ALA C 29 1.04 -47.32 25.59
C ALA C 29 0.32 -45.97 25.56
N GLU C 30 -0.32 -45.55 26.65
CA GLU C 30 -0.92 -44.23 26.57
C GLU C 30 0.18 -43.32 26.84
N GLY C 31 1.31 -43.86 27.25
CA GLY C 31 2.39 -42.99 27.55
C GLY C 31 2.43 -42.52 28.98
N LEU C 32 1.65 -43.10 29.90
CA LEU C 32 1.67 -42.65 31.30
C LEU C 32 2.77 -43.40 31.97
N THR C 33 3.90 -43.14 31.48
CA THR C 33 5.05 -43.93 31.67
C THR C 33 5.63 -44.05 33.07
N GLY C 34 4.89 -43.55 34.05
CA GLY C 34 5.34 -43.46 35.42
C GLY C 34 5.10 -44.76 36.14
N THR C 35 4.21 -45.58 35.63
CA THR C 35 3.95 -46.86 36.28
C THR C 35 4.95 -47.79 35.71
N LYS C 36 5.84 -48.30 36.55
CA LYS C 36 6.90 -49.21 36.07
C LYS C 36 6.50 -50.66 35.97
N GLU C 37 7.24 -51.45 35.21
CA GLU C 37 7.05 -52.89 35.16
C GLU C 37 8.30 -53.48 35.71
N GLY C 38 8.21 -54.29 36.73
CA GLY C 38 9.38 -54.87 37.36
C GLY C 38 9.35 -56.37 37.50
N CYS C 39 8.22 -57.02 37.29
CA CYS C 39 8.24 -58.48 37.26
C CYS C 39 7.15 -58.95 36.42
N ASN C 40 6.09 -58.13 36.31
CA ASN C 40 4.91 -58.51 35.50
C ASN C 40 4.28 -59.77 36.08
N GLU C 41 4.53 -60.00 37.36
CA GLU C 41 4.17 -61.28 37.87
C GLU C 41 3.41 -61.14 39.18
N GLY C 42 3.23 -59.89 39.59
CA GLY C 42 2.55 -59.59 40.83
C GLY C 42 3.40 -59.36 42.04
N ASP C 43 4.61 -59.91 42.06
CA ASP C 43 5.46 -59.80 43.24
C ASP C 43 6.15 -58.52 43.54
N CYS C 44 6.34 -57.61 42.60
CA CYS C 44 7.18 -56.48 43.02
C CYS C 44 6.53 -55.17 43.50
N GLY C 45 5.34 -54.85 43.00
CA GLY C 45 4.61 -53.65 43.42
C GLY C 45 4.97 -52.42 42.59
N ALA C 46 5.94 -52.62 41.74
CA ALA C 46 6.42 -51.52 41.01
C ALA C 46 5.38 -50.93 40.06
N CYS C 47 4.28 -51.63 39.87
CA CYS C 47 3.22 -51.24 38.94
C CYS C 47 1.98 -50.92 39.71
N THR C 48 2.14 -50.61 40.96
CA THR C 48 1.02 -50.44 41.79
C THR C 48 0.24 -49.28 41.38
N VAL C 49 -1.06 -49.38 41.30
CA VAL C 49 -1.87 -48.20 41.02
C VAL C 49 -3.03 -48.13 42.01
N MET C 50 -3.70 -47.00 42.12
CA MET C 50 -4.79 -46.86 43.12
C MET C 50 -6.12 -46.85 42.51
N ILE C 51 -7.01 -47.76 42.89
CA ILE C 51 -8.36 -47.62 42.30
C ILE C 51 -9.35 -47.28 43.36
N ARG C 52 -10.48 -46.79 42.93
CA ARG C 52 -11.52 -46.42 43.88
C ARG C 52 -12.89 -46.58 43.30
N ASP C 53 -13.81 -47.04 44.12
CA ASP C 53 -15.19 -47.15 43.73
C ASP C 53 -16.01 -47.05 45.01
N ALA C 54 -17.24 -47.58 45.06
CA ALA C 54 -18.00 -47.30 46.29
C ALA C 54 -17.52 -48.04 47.52
N ALA C 55 -16.79 -49.15 47.36
CA ALA C 55 -16.33 -49.76 48.59
C ALA C 55 -15.25 -48.90 49.23
N GLY C 56 -14.73 -47.93 48.51
CA GLY C 56 -13.62 -47.13 49.03
C GLY C 56 -12.42 -47.11 48.09
N SER C 57 -11.23 -46.92 48.61
CA SER C 57 -10.12 -46.92 47.69
C SER C 57 -9.03 -47.95 48.00
N ARG C 58 -8.40 -48.53 47.02
CA ARG C 58 -7.37 -49.48 47.39
C ARG C 58 -6.15 -49.49 46.47
N ALA C 59 -5.04 -49.99 46.93
CA ALA C 59 -3.92 -49.96 46.00
C ALA C 59 -3.84 -51.31 45.45
N VAL C 60 -3.64 -51.47 44.14
CA VAL C 60 -3.53 -52.80 43.54
C VAL C 60 -2.50 -52.88 42.42
N ASN C 61 -2.09 -54.09 42.01
CA ASN C 61 -1.04 -54.17 40.95
C ASN C 61 -1.55 -54.05 39.55
N ALA C 62 -1.15 -53.10 38.78
CA ALA C 62 -1.77 -53.04 37.50
C ALA C 62 -1.31 -54.12 36.57
N CYS C 63 -0.25 -54.84 36.91
CA CYS C 63 0.19 -55.83 35.99
C CYS C 63 -0.69 -57.02 36.03
N LEU C 64 -1.36 -57.26 37.15
CA LEU C 64 -2.37 -58.31 37.25
C LEU C 64 -3.74 -57.91 36.80
N MET C 65 -4.02 -56.64 36.55
CA MET C 65 -5.43 -56.26 36.38
C MET C 65 -5.81 -55.97 34.92
N MET C 66 -6.85 -56.60 34.43
CA MET C 66 -7.20 -56.33 33.07
C MET C 66 -8.21 -55.22 33.04
N LEU C 67 -8.37 -54.60 31.86
CA LEU C 67 -9.11 -53.37 31.69
C LEU C 67 -10.53 -53.43 32.05
N PRO C 68 -11.30 -54.38 31.52
CA PRO C 68 -12.74 -54.50 31.85
C PRO C 68 -12.93 -54.44 33.31
N GLN C 69 -11.96 -54.85 34.11
CA GLN C 69 -12.10 -54.73 35.55
C GLN C 69 -12.20 -53.32 36.14
N ILE C 70 -11.74 -52.27 35.47
CA ILE C 70 -11.84 -51.02 36.19
C ILE C 70 -13.02 -50.25 35.78
N ALA C 71 -13.93 -50.88 35.05
CA ALA C 71 -15.08 -50.11 34.55
C ALA C 71 -15.95 -49.44 35.64
N GLY C 72 -16.18 -48.14 35.49
CA GLY C 72 -16.99 -47.46 36.47
C GLY C 72 -16.14 -47.10 37.65
N LYS C 73 -14.86 -47.43 37.61
CA LYS C 73 -13.99 -47.11 38.73
C LYS C 73 -13.23 -45.82 38.54
N ALA C 74 -12.55 -45.39 39.59
CA ALA C 74 -11.72 -44.19 39.50
C ALA C 74 -10.29 -44.58 39.71
N LEU C 75 -9.50 -44.36 38.65
CA LEU C 75 -8.09 -44.76 38.57
C LEU C 75 -7.08 -43.70 38.83
N ARG C 76 -6.22 -43.88 39.81
CA ARG C 76 -5.21 -42.87 40.06
C ARG C 76 -3.80 -43.49 39.89
N THR C 77 -2.98 -43.00 38.97
CA THR C 77 -1.60 -43.51 38.84
C THR C 77 -0.60 -42.56 39.45
N ILE C 78 0.67 -42.92 39.47
CA ILE C 78 1.59 -42.02 40.12
C ILE C 78 1.47 -40.68 39.48
N GLU C 79 1.38 -40.62 38.15
CA GLU C 79 1.30 -39.26 37.63
C GLU C 79 0.12 -38.44 38.12
N GLY C 80 -0.81 -39.03 38.80
CA GLY C 80 -1.86 -38.18 39.31
C GLY C 80 -1.88 -38.06 40.79
N ILE C 81 -0.80 -38.23 41.49
CA ILE C 81 -0.89 -38.23 42.92
C ILE C 81 -0.72 -36.84 43.44
N ALA C 82 -0.03 -36.00 42.72
CA ALA C 82 0.16 -34.65 43.15
C ALA C 82 -1.01 -33.86 42.72
N ALA C 83 -1.34 -32.81 43.43
CA ALA C 83 -2.51 -32.04 43.07
C ALA C 83 -2.35 -31.32 41.71
N PRO C 84 -3.45 -30.88 41.13
CA PRO C 84 -3.41 -30.29 39.77
C PRO C 84 -2.61 -29.02 39.72
N ASP C 85 -2.64 -28.23 40.80
CA ASP C 85 -1.82 -27.05 40.80
C ASP C 85 -0.39 -27.35 41.10
N GLY C 86 0.04 -28.61 41.04
CA GLY C 86 1.46 -28.91 41.27
C GLY C 86 1.91 -29.25 42.69
N ARG C 87 1.17 -28.87 43.71
CA ARG C 87 1.49 -29.30 45.04
C ARG C 87 1.83 -30.84 45.16
N LEU C 88 2.97 -31.19 45.75
CA LEU C 88 3.23 -32.57 46.02
C LEU C 88 2.33 -33.08 47.15
N HIS C 89 1.92 -34.37 47.13
CA HIS C 89 1.09 -35.06 48.18
C HIS C 89 1.93 -35.27 49.44
N PRO C 90 1.39 -35.13 50.61
CA PRO C 90 2.19 -35.25 51.84
C PRO C 90 3.17 -36.36 51.78
N VAL C 91 2.77 -37.41 51.14
CA VAL C 91 3.63 -38.57 51.08
C VAL C 91 4.90 -38.37 50.23
N GLN C 92 4.76 -37.68 49.12
CA GLN C 92 5.86 -37.31 48.25
C GLN C 92 6.88 -36.46 49.01
N GLN C 93 6.44 -35.37 49.59
CA GLN C 93 7.36 -34.51 50.28
C GLN C 93 8.04 -35.38 51.28
N ALA C 94 7.29 -36.21 51.95
CA ALA C 94 7.93 -36.99 52.97
C ALA C 94 9.02 -37.77 52.33
N MET C 95 8.70 -38.49 51.25
CA MET C 95 9.75 -39.27 50.63
C MET C 95 10.95 -38.44 50.28
N ILE C 96 10.74 -37.26 49.72
CA ILE C 96 11.91 -36.44 49.48
C ILE C 96 12.60 -36.14 50.77
N ASP C 97 11.88 -35.68 51.80
CA ASP C 97 12.53 -35.27 53.05
C ASP C 97 13.28 -36.35 53.74
N HIS C 98 12.85 -37.57 53.60
CA HIS C 98 13.56 -38.57 54.33
C HIS C 98 14.36 -39.50 53.50
N HIS C 99 14.73 -39.09 52.30
CA HIS C 99 15.56 -39.98 51.51
C HIS C 99 15.00 -41.38 51.29
N GLY C 100 13.82 -41.53 50.71
CA GLY C 100 13.18 -42.82 50.62
C GLY C 100 13.27 -43.34 49.23
N SER C 101 14.25 -42.80 48.54
CA SER C 101 14.44 -43.28 47.21
C SER C 101 15.92 -43.11 46.87
N GLN C 102 16.47 -44.09 46.17
CA GLN C 102 17.86 -44.01 45.72
C GLN C 102 17.80 -44.30 44.23
N CYS C 103 17.54 -45.51 43.81
CA CYS C 103 17.53 -45.65 42.38
C CYS C 103 16.35 -44.99 41.78
N GLY C 104 15.29 -44.84 42.52
CA GLY C 104 14.11 -44.24 41.90
C GLY C 104 13.05 -45.22 41.33
N PHE C 105 13.42 -46.42 40.94
CA PHE C 105 12.50 -47.18 40.14
C PHE C 105 11.31 -47.74 40.82
N CYS C 106 11.45 -48.10 42.09
CA CYS C 106 10.43 -48.62 42.93
C CYS C 106 9.70 -47.49 43.61
N THR C 107 9.94 -46.26 43.20
CA THR C 107 9.26 -45.23 43.87
C THR C 107 7.82 -44.92 43.59
N PRO C 108 7.43 -44.84 42.36
CA PRO C 108 6.04 -44.49 42.06
C PRO C 108 5.13 -45.49 42.71
N GLY C 109 5.58 -46.73 42.75
CA GLY C 109 4.79 -47.73 43.39
C GLY C 109 4.71 -47.50 44.84
N PHE C 110 5.81 -47.15 45.54
CA PHE C 110 5.66 -46.96 46.98
C PHE C 110 4.74 -45.76 47.18
N ILE C 111 4.89 -44.70 46.41
CA ILE C 111 4.04 -43.55 46.57
C ILE C 111 2.60 -43.92 46.43
N VAL C 112 2.28 -44.71 45.41
CA VAL C 112 0.90 -45.05 45.21
C VAL C 112 0.41 -45.82 46.43
N SER C 113 1.09 -46.86 46.84
CA SER C 113 0.72 -47.55 48.07
C SER C 113 0.65 -46.62 49.28
N MET C 114 1.59 -45.74 49.40
CA MET C 114 1.63 -44.93 50.56
C MET C 114 0.41 -44.03 50.47
N ALA C 115 0.08 -43.56 49.29
CA ALA C 115 -0.96 -42.55 49.28
C ALA C 115 -2.21 -43.25 49.59
N ALA C 116 -2.36 -44.45 49.07
CA ALA C 116 -3.63 -45.02 49.20
C ALA C 116 -3.73 -45.32 50.64
N ALA C 117 -2.66 -45.58 51.33
CA ALA C 117 -2.86 -45.86 52.74
C ALA C 117 -3.23 -44.59 53.47
N HIS C 118 -2.68 -43.50 53.02
CA HIS C 118 -2.97 -42.29 53.68
C HIS C 118 -4.44 -41.96 53.47
N ASP C 119 -4.93 -42.25 52.27
CA ASP C 119 -6.30 -41.95 51.95
C ASP C 119 -7.21 -42.46 52.98
N ARG C 120 -6.90 -43.64 53.54
CA ARG C 120 -7.80 -44.28 54.49
C ARG C 120 -7.18 -44.33 55.83
N ASP C 121 -6.23 -43.47 56.06
CA ASP C 121 -5.63 -43.45 57.36
C ASP C 121 -5.19 -44.81 57.86
N ARG C 122 -4.77 -45.68 56.97
CA ARG C 122 -4.27 -46.95 57.43
C ARG C 122 -2.81 -46.81 57.84
N LYS C 123 -2.40 -47.52 58.87
CA LYS C 123 -1.07 -47.36 59.42
C LYS C 123 -0.26 -48.64 59.63
N ASP C 124 -0.74 -49.78 59.16
CA ASP C 124 0.00 -50.98 59.30
C ASP C 124 0.95 -51.07 58.07
N TYR C 125 2.10 -50.40 58.18
CA TYR C 125 3.01 -50.30 57.05
C TYR C 125 3.71 -51.55 56.65
N ASP C 126 4.23 -52.34 57.60
CA ASP C 126 4.84 -53.56 57.23
C ASP C 126 3.81 -54.27 56.39
N ASP C 127 2.55 -54.27 56.73
CA ASP C 127 1.76 -55.11 55.88
C ASP C 127 1.40 -54.41 54.63
N LEU C 128 1.14 -53.14 54.74
CA LEU C 128 0.67 -52.38 53.59
C LEU C 128 1.73 -52.41 52.54
N LEU C 129 2.97 -52.42 52.97
CA LEU C 129 4.07 -52.36 52.01
C LEU C 129 4.74 -53.70 51.68
N ALA C 130 4.35 -54.80 52.28
CA ALA C 130 5.06 -56.01 51.92
C ALA C 130 5.13 -56.13 50.44
N GLY C 131 4.19 -55.60 49.73
CA GLY C 131 4.27 -55.91 48.34
C GLY C 131 5.00 -54.94 47.50
N ASN C 132 5.73 -54.01 48.06
CA ASN C 132 6.49 -53.12 47.25
C ASN C 132 7.97 -53.48 47.54
N LEU C 133 8.70 -54.17 46.65
CA LEU C 133 10.03 -54.51 47.03
C LEU C 133 10.91 -53.31 46.77
N CYS C 134 11.96 -53.02 47.59
CA CYS C 134 12.97 -52.03 47.11
C CYS C 134 14.34 -52.60 47.37
N ARG C 135 15.27 -52.46 46.41
CA ARG C 135 16.52 -53.17 46.57
C ARG C 135 17.58 -52.24 47.13
N CYS C 136 17.28 -50.94 47.10
CA CYS C 136 18.28 -49.91 47.42
C CYS C 136 18.38 -49.38 48.86
N THR C 137 17.28 -49.14 49.53
CA THR C 137 17.34 -48.35 50.70
C THR C 137 17.22 -49.06 51.97
N GLY C 138 16.71 -50.26 52.07
CA GLY C 138 16.69 -50.84 53.41
C GLY C 138 15.38 -50.56 54.09
N TYR C 139 14.48 -49.92 53.37
CA TYR C 139 13.13 -49.81 53.86
C TYR C 139 13.05 -48.78 55.01
N ALA C 140 14.00 -48.84 55.90
CA ALA C 140 13.89 -47.85 56.94
C ALA C 140 13.51 -46.42 56.58
N PRO C 141 14.08 -45.84 55.54
CA PRO C 141 13.79 -44.45 55.24
C PRO C 141 12.37 -44.37 54.84
N ILE C 142 11.85 -45.43 54.23
CA ILE C 142 10.47 -45.32 53.78
C ILE C 142 9.51 -45.31 54.96
N LEU C 143 9.68 -46.22 55.91
CA LEU C 143 8.87 -46.13 57.10
C LEU C 143 8.97 -44.73 57.74
N ARG C 144 10.14 -44.12 57.80
CA ARG C 144 10.16 -42.76 58.32
C ARG C 144 9.26 -41.90 57.43
N ALA C 145 9.33 -42.02 56.14
CA ALA C 145 8.50 -41.12 55.41
C ALA C 145 7.10 -41.39 55.70
N ALA C 146 6.72 -42.66 55.87
CA ALA C 146 5.29 -42.97 55.99
C ALA C 146 4.77 -42.32 57.21
N GLU C 147 5.65 -42.39 58.23
CA GLU C 147 5.29 -42.02 59.56
C GLU C 147 5.15 -40.52 59.60
N ALA C 148 6.01 -39.83 58.91
CA ALA C 148 5.96 -38.40 59.01
C ALA C 148 4.87 -37.81 58.24
N ALA C 149 4.24 -38.58 57.36
CA ALA C 149 3.20 -38.01 56.52
C ALA C 149 1.87 -38.24 57.08
N ALA C 150 1.80 -39.13 58.05
CA ALA C 150 0.50 -39.53 58.52
C ALA C 150 0.01 -38.39 59.32
N GLY C 151 0.90 -37.60 59.86
CA GLY C 151 0.39 -36.46 60.58
C GLY C 151 -0.04 -35.34 59.63
N GLU C 152 -0.77 -35.63 58.56
CA GLU C 152 -1.01 -34.55 57.63
C GLU C 152 -2.31 -34.83 57.00
N PRO C 153 -3.12 -33.81 56.96
CA PRO C 153 -4.48 -33.90 56.43
C PRO C 153 -4.51 -34.52 55.01
N PRO C 154 -5.44 -35.42 54.80
CA PRO C 154 -5.57 -36.19 53.55
C PRO C 154 -5.68 -35.33 52.29
N ALA C 155 -5.27 -35.81 51.14
CA ALA C 155 -5.32 -34.91 50.05
C ALA C 155 -6.78 -34.68 49.61
N ASP C 156 -7.26 -33.45 49.61
CA ASP C 156 -8.63 -33.23 49.13
C ASP C 156 -8.80 -33.68 47.66
N TRP C 157 -7.84 -33.43 46.83
CA TRP C 157 -8.02 -33.69 45.41
C TRP C 157 -8.22 -35.15 45.06
N LEU C 158 -7.64 -36.07 45.83
CA LEU C 158 -7.87 -37.49 45.62
C LEU C 158 -9.19 -37.92 46.12
N GLN C 159 -9.70 -37.32 47.18
CA GLN C 159 -11.04 -37.65 47.65
C GLN C 159 -12.14 -37.28 46.68
N ALA C 160 -12.03 -36.14 46.01
CA ALA C 160 -13.01 -35.80 45.00
C ALA C 160 -13.29 -36.92 44.02
N ASP C 161 -12.51 -37.96 43.96
CA ASP C 161 -12.86 -38.90 42.94
C ASP C 161 -14.06 -39.71 43.31
N ALA C 162 -14.40 -39.72 44.59
CA ALA C 162 -15.56 -40.45 45.08
C ALA C 162 -16.83 -40.12 44.30
N ALA C 163 -16.99 -38.87 43.87
CA ALA C 163 -18.12 -38.45 43.06
C ALA C 163 -18.25 -39.10 41.70
N PHE C 164 -17.61 -40.22 41.43
CA PHE C 164 -17.71 -40.74 40.08
C PHE C 164 -18.74 -41.85 39.78
N THR C 165 -19.23 -41.78 38.52
CA THR C 165 -20.35 -42.53 37.88
C THR C 165 -21.72 -42.48 38.65
N LEU C 166 -21.84 -41.37 39.37
CA LEU C 166 -22.97 -41.09 40.22
C LEU C 166 -23.52 -39.67 39.93
N PRO C 179 -17.34 -60.18 22.56
CA PRO C 179 -16.48 -59.09 23.05
C PRO C 179 -15.72 -59.46 24.37
N ALA C 180 -16.42 -59.96 25.43
CA ALA C 180 -16.02 -60.37 26.81
C ALA C 180 -17.19 -60.11 27.84
N PHE C 181 -17.66 -61.12 28.54
CA PHE C 181 -18.90 -61.00 29.33
C PHE C 181 -18.81 -60.41 30.75
N LEU C 182 -19.73 -59.55 31.13
CA LEU C 182 -19.65 -58.95 32.44
C LEU C 182 -20.86 -58.99 33.31
N PRO C 183 -21.16 -60.12 33.89
CA PRO C 183 -22.35 -60.34 34.70
C PRO C 183 -22.54 -59.46 35.89
N GLU C 184 -23.73 -58.92 36.10
CA GLU C 184 -23.98 -58.09 37.26
C GLU C 184 -24.66 -58.85 38.36
N THR C 185 -25.18 -60.03 38.06
CA THR C 185 -25.85 -60.84 39.06
C THR C 185 -25.51 -62.28 38.92
N SER C 186 -25.56 -62.98 40.02
CA SER C 186 -25.21 -64.37 40.01
C SER C 186 -26.07 -65.13 39.02
N ASP C 187 -27.29 -64.66 38.81
CA ASP C 187 -28.21 -65.30 37.86
C ASP C 187 -27.65 -65.21 36.45
N ALA C 188 -27.41 -63.98 36.03
CA ALA C 188 -26.91 -63.74 34.68
C ALA C 188 -25.74 -64.60 34.50
N LEU C 189 -24.95 -64.74 35.56
CA LEU C 189 -23.76 -65.53 35.47
C LEU C 189 -24.06 -66.97 35.16
N ALA C 190 -24.80 -67.59 36.07
CA ALA C 190 -25.17 -69.00 35.99
C ALA C 190 -25.79 -69.32 34.65
N ASP C 191 -26.66 -68.45 34.20
CA ASP C 191 -27.21 -68.71 32.93
C ASP C 191 -26.05 -68.85 31.93
N TRP C 192 -25.33 -67.76 31.72
CA TRP C 192 -24.36 -67.66 30.63
C TRP C 192 -23.29 -68.74 30.65
N TYR C 193 -22.86 -69.05 31.86
CA TYR C 193 -21.78 -69.98 31.99
C TYR C 193 -22.34 -71.26 31.47
N LEU C 194 -23.52 -71.64 31.96
CA LEU C 194 -24.17 -72.84 31.50
C LEU C 194 -24.10 -73.04 29.99
N ALA C 195 -24.28 -71.98 29.22
CA ALA C 195 -24.18 -72.08 27.80
C ALA C 195 -22.76 -72.06 27.35
N HIS C 196 -21.84 -71.55 28.16
CA HIS C 196 -20.45 -71.53 27.72
C HIS C 196 -19.52 -72.19 28.77
N PRO C 197 -19.70 -73.48 28.90
CA PRO C 197 -19.01 -74.23 29.93
C PRO C 197 -17.51 -74.08 29.75
N GLU C 198 -17.06 -73.87 28.52
CA GLU C 198 -15.64 -73.86 28.30
C GLU C 198 -15.00 -72.47 28.52
N ALA C 199 -15.84 -71.51 28.89
CA ALA C 199 -15.39 -70.16 29.09
C ALA C 199 -14.36 -70.05 30.18
N THR C 200 -13.55 -69.00 30.11
CA THR C 200 -12.56 -68.70 31.14
C THR C 200 -13.12 -67.67 32.08
N LEU C 201 -13.41 -68.12 33.28
CA LEU C 201 -13.91 -67.20 34.28
C LEU C 201 -12.74 -66.39 34.85
N ILE C 202 -12.89 -65.09 35.01
CA ILE C 202 -11.85 -64.37 35.66
C ILE C 202 -12.38 -63.57 36.78
N ALA C 203 -11.97 -63.83 37.98
CA ALA C 203 -12.39 -63.04 39.10
C ALA C 203 -11.38 -61.98 39.37
N GLY C 204 -10.43 -62.32 40.23
CA GLY C 204 -9.47 -61.34 40.62
C GLY C 204 -8.49 -61.36 39.52
N GLY C 205 -8.28 -62.55 39.03
CA GLY C 205 -7.35 -62.68 37.95
C GLY C 205 -5.92 -62.60 38.36
N THR C 206 -5.63 -62.81 39.63
CA THR C 206 -4.25 -62.83 40.08
C THR C 206 -3.62 -64.15 39.80
N ASP C 207 -4.37 -65.16 39.31
CA ASP C 207 -3.77 -66.44 38.98
C ASP C 207 -3.89 -66.47 37.50
N VAL C 208 -4.92 -65.91 36.91
CA VAL C 208 -5.09 -66.10 35.46
C VAL C 208 -4.20 -65.25 34.60
N SER C 209 -3.86 -64.06 35.08
CA SER C 209 -3.02 -63.18 34.28
C SER C 209 -1.70 -63.78 33.95
N LEU C 210 -1.11 -64.57 34.85
CA LEU C 210 0.19 -65.26 34.54
C LEU C 210 0.09 -66.27 33.43
N TRP C 211 -1.11 -66.69 33.09
CA TRP C 211 -1.22 -67.51 31.91
C TRP C 211 -0.98 -66.60 30.75
N VAL C 212 -1.48 -65.37 30.78
CA VAL C 212 -1.22 -64.49 29.63
C VAL C 212 0.14 -63.86 29.67
N THR C 213 0.61 -63.40 30.82
CA THR C 213 1.91 -62.73 30.83
C THR C 213 3.10 -63.62 30.78
N LYS C 214 3.06 -64.78 31.42
CA LYS C 214 4.27 -65.59 31.42
C LYS C 214 4.15 -66.76 30.54
N ALA C 215 3.00 -67.44 30.57
CA ALA C 215 2.86 -68.55 29.63
C ALA C 215 2.59 -67.95 28.26
N LEU C 216 2.27 -66.67 28.20
CA LEU C 216 2.02 -66.10 26.89
C LEU C 216 0.80 -66.72 26.26
N ARG C 217 -0.07 -67.27 27.09
CA ARG C 217 -1.27 -67.92 26.59
C ARG C 217 -2.30 -66.88 26.09
N ASP C 218 -3.35 -67.35 25.44
CA ASP C 218 -4.36 -66.47 24.87
C ASP C 218 -5.73 -67.05 25.18
N LEU C 219 -6.59 -66.25 25.83
CA LEU C 219 -7.89 -66.75 26.23
C LEU C 219 -9.02 -66.15 25.45
N PRO C 220 -9.76 -66.97 24.74
CA PRO C 220 -11.01 -66.47 24.14
C PRO C 220 -12.17 -67.02 25.01
N GLU C 221 -13.35 -66.40 24.93
CA GLU C 221 -14.51 -66.81 25.74
C GLU C 221 -14.18 -66.55 27.20
N VAL C 222 -14.46 -65.32 27.63
CA VAL C 222 -14.03 -64.85 28.92
C VAL C 222 -15.11 -64.09 29.60
N ALA C 223 -15.21 -64.21 30.90
CA ALA C 223 -16.18 -63.47 31.67
C ALA C 223 -15.55 -62.95 32.98
N PHE C 224 -15.90 -61.71 33.37
CA PHE C 224 -15.32 -61.17 34.55
C PHE C 224 -16.32 -61.19 35.65
N LEU C 225 -16.02 -61.84 36.74
CA LEU C 225 -16.94 -61.83 37.85
C LEU C 225 -16.93 -60.65 38.84
N SER C 226 -15.94 -59.77 38.81
CA SER C 226 -15.87 -58.82 39.91
C SER C 226 -16.96 -57.83 39.93
N HIS C 227 -17.86 -57.86 38.96
CA HIS C 227 -18.95 -56.92 39.01
C HIS C 227 -20.30 -57.50 39.54
N CYS C 228 -20.28 -58.69 40.16
CA CYS C 228 -21.52 -59.22 40.74
C CYS C 228 -21.60 -58.93 42.16
N LYS C 229 -22.06 -57.76 42.52
CA LYS C 229 -22.14 -57.44 43.91
C LYS C 229 -22.68 -58.65 44.65
N ASP C 230 -23.63 -59.34 44.04
CA ASP C 230 -24.29 -60.36 44.83
C ASP C 230 -23.47 -61.59 45.01
N LEU C 231 -22.34 -61.66 44.33
CA LEU C 231 -21.47 -62.82 44.45
C LEU C 231 -20.33 -62.55 45.47
N ALA C 232 -20.27 -61.34 45.98
CA ALA C 232 -19.22 -60.93 46.86
C ALA C 232 -19.66 -60.50 48.23
N GLN C 233 -20.68 -61.14 48.80
CA GLN C 233 -21.31 -60.71 50.06
C GLN C 233 -20.91 -61.54 51.26
N ILE C 234 -20.98 -60.98 52.42
CA ILE C 234 -20.81 -61.79 53.59
C ILE C 234 -22.14 -61.76 54.36
N ARG C 235 -22.81 -62.90 54.41
CA ARG C 235 -24.14 -62.99 55.02
C ARG C 235 -24.11 -63.77 56.30
N GLU C 236 -24.79 -63.26 57.31
CA GLU C 236 -24.87 -63.96 58.61
C GLU C 236 -25.98 -64.99 58.43
N THR C 237 -25.69 -66.20 58.83
CA THR C 237 -26.62 -67.31 58.71
C THR C 237 -26.95 -67.91 60.08
N PRO C 238 -27.96 -68.77 60.14
CA PRO C 238 -28.38 -69.37 61.41
C PRO C 238 -27.23 -70.11 62.05
N ASP C 239 -26.56 -70.81 61.16
CA ASP C 239 -25.53 -71.76 61.52
C ASP C 239 -24.26 -71.50 60.73
N GLY C 240 -23.68 -70.32 60.96
CA GLY C 240 -22.48 -69.88 60.26
C GLY C 240 -22.52 -68.59 59.49
N TYR C 241 -21.57 -68.39 58.60
CA TYR C 241 -21.43 -67.18 57.83
C TYR C 241 -21.28 -67.63 56.42
N GLY C 242 -21.94 -66.96 55.51
CA GLY C 242 -21.98 -67.42 54.14
C GLY C 242 -21.16 -66.47 53.31
N ILE C 243 -19.99 -66.93 52.87
CA ILE C 243 -19.07 -66.11 52.13
C ILE C 243 -19.13 -66.35 50.69
N GLY C 244 -19.41 -65.30 49.95
CA GLY C 244 -19.52 -65.35 48.52
C GLY C 244 -18.22 -65.64 47.82
N ALA C 245 -18.30 -66.17 46.63
CA ALA C 245 -17.06 -66.56 46.02
C ALA C 245 -16.26 -65.27 45.67
N GLY C 246 -16.94 -64.24 45.21
CA GLY C 246 -16.23 -63.06 44.83
C GLY C 246 -15.72 -62.23 46.01
N VAL C 247 -15.83 -62.73 47.23
CA VAL C 247 -15.34 -61.93 48.32
C VAL C 247 -13.80 -61.85 48.35
N THR C 248 -13.19 -60.68 48.41
CA THR C 248 -11.71 -60.66 48.39
C THR C 248 -11.03 -61.03 49.67
N ILE C 249 -9.86 -61.66 49.55
CA ILE C 249 -9.03 -62.06 50.67
C ILE C 249 -8.78 -60.90 51.61
N ALA C 250 -8.62 -59.72 51.08
CA ALA C 250 -8.52 -58.64 51.97
C ALA C 250 -9.79 -58.56 52.82
N ALA C 251 -10.94 -58.61 52.13
CA ALA C 251 -12.24 -58.47 52.73
C ALA C 251 -12.45 -59.55 53.75
N LEU C 252 -12.08 -60.79 53.37
CA LEU C 252 -12.29 -61.94 54.21
C LEU C 252 -11.44 -61.73 55.42
N ARG C 253 -10.29 -61.14 55.21
CA ARG C 253 -9.38 -61.06 56.32
C ARG C 253 -10.03 -60.21 57.28
N ALA C 254 -10.60 -59.12 56.81
CA ALA C 254 -11.08 -58.13 57.73
C ALA C 254 -12.24 -58.65 58.55
N PHE C 255 -13.15 -59.38 57.91
CA PHE C 255 -14.26 -59.96 58.59
C PHE C 255 -13.82 -60.94 59.64
N ALA C 256 -12.82 -61.75 59.34
CA ALA C 256 -12.42 -62.75 60.32
C ALA C 256 -11.67 -62.27 61.51
N GLU C 257 -11.22 -61.02 61.44
CA GLU C 257 -10.46 -60.52 62.51
C GLU C 257 -11.20 -60.72 63.81
N GLY C 258 -12.54 -60.68 63.79
CA GLY C 258 -13.36 -60.92 64.98
C GLY C 258 -13.62 -62.33 65.45
N PRO C 259 -14.41 -63.02 64.66
CA PRO C 259 -14.78 -64.40 64.90
C PRO C 259 -13.76 -65.44 64.47
N HIS C 260 -12.72 -65.10 63.73
CA HIS C 260 -11.78 -66.10 63.31
C HIS C 260 -10.37 -65.58 63.23
N PRO C 261 -9.89 -65.07 64.34
CA PRO C 261 -8.59 -64.40 64.38
C PRO C 261 -7.56 -65.30 63.76
N ALA C 262 -7.63 -66.58 64.02
CA ALA C 262 -6.66 -67.41 63.43
C ALA C 262 -6.74 -67.33 61.92
N LEU C 263 -7.89 -67.52 61.28
CA LEU C 263 -7.92 -67.34 59.86
C LEU C 263 -7.36 -65.96 59.51
N ALA C 264 -7.70 -64.93 60.27
CA ALA C 264 -7.25 -63.63 59.86
C ALA C 264 -5.74 -63.64 59.84
N GLY C 265 -5.17 -64.13 60.92
CA GLY C 265 -3.74 -64.15 61.10
C GLY C 265 -3.07 -64.74 59.87
N LEU C 266 -3.70 -65.79 59.34
CA LEU C 266 -3.14 -66.51 58.26
C LEU C 266 -3.20 -65.61 57.08
N LEU C 267 -4.39 -65.15 56.77
CA LEU C 267 -4.46 -64.30 55.58
C LEU C 267 -3.49 -63.09 55.61
N ARG C 268 -2.99 -62.72 56.78
CA ARG C 268 -2.08 -61.58 56.78
C ARG C 268 -0.87 -61.93 55.91
N ARG C 269 -0.50 -63.17 55.83
CA ARG C 269 0.60 -63.50 55.00
C ARG C 269 0.17 -64.20 53.73
N PHE C 270 -0.92 -63.80 53.10
CA PHE C 270 -1.39 -64.48 51.92
C PHE C 270 -1.11 -63.48 50.92
N ALA C 271 -0.11 -63.71 50.08
CA ALA C 271 0.29 -62.67 49.14
C ALA C 271 0.53 -61.28 49.80
N SER C 272 0.22 -60.22 49.10
CA SER C 272 0.39 -58.89 49.66
C SER C 272 -0.95 -58.06 49.67
N GLU C 273 -0.98 -56.94 50.37
CA GLU C 273 -2.15 -56.16 50.33
C GLU C 273 -2.55 -55.92 48.86
N GLN C 274 -1.61 -55.52 48.01
CA GLN C 274 -2.03 -55.33 46.64
C GLN C 274 -2.77 -56.51 46.01
N VAL C 275 -2.48 -57.73 46.40
CA VAL C 275 -3.07 -58.85 45.72
C VAL C 275 -4.30 -59.21 46.44
N ARG C 276 -4.14 -59.15 47.75
CA ARG C 276 -5.23 -59.41 48.65
C ARG C 276 -6.47 -58.52 48.31
N GLN C 277 -6.30 -57.34 47.73
CA GLN C 277 -7.47 -56.52 47.53
C GLN C 277 -8.22 -56.88 46.31
N VAL C 278 -7.73 -57.83 45.58
CA VAL C 278 -8.56 -58.19 44.45
C VAL C 278 -8.68 -59.68 44.23
N ALA C 279 -7.83 -60.45 44.89
CA ALA C 279 -7.86 -61.89 44.81
C ALA C 279 -9.03 -62.36 45.54
N THR C 280 -9.75 -63.32 44.99
CA THR C 280 -10.93 -63.76 45.73
C THR C 280 -10.86 -65.15 46.31
N ILE C 281 -11.60 -65.38 47.38
CA ILE C 281 -11.61 -66.72 48.00
C ILE C 281 -12.18 -67.78 47.15
N GLY C 282 -13.08 -67.40 46.29
CA GLY C 282 -13.69 -68.31 45.36
C GLY C 282 -12.58 -68.80 44.51
N GLY C 283 -11.84 -67.85 43.93
CA GLY C 283 -10.74 -68.17 43.03
C GLY C 283 -9.66 -68.96 43.72
N ASN C 284 -9.34 -68.56 44.94
CA ASN C 284 -8.30 -69.28 45.59
C ASN C 284 -8.68 -70.69 45.53
N ILE C 285 -9.97 -70.96 45.69
CA ILE C 285 -10.47 -72.32 45.77
C ILE C 285 -10.55 -72.92 44.39
N ALA C 286 -11.19 -72.25 43.46
CA ALA C 286 -11.27 -72.77 42.13
C ALA C 286 -9.87 -73.00 41.46
N ASN C 287 -8.90 -72.16 41.71
CA ASN C 287 -7.59 -72.45 41.16
C ASN C 287 -7.12 -73.87 41.48
N GLY C 288 -7.61 -74.42 42.59
CA GLY C 288 -7.23 -75.73 43.05
C GLY C 288 -5.78 -76.08 43.32
N SER C 289 -4.96 -75.16 43.76
CA SER C 289 -3.58 -75.50 44.00
C SER C 289 -3.38 -76.10 45.32
N PRO C 290 -2.45 -77.01 45.44
CA PRO C 290 -2.18 -77.63 46.73
C PRO C 290 -1.37 -76.72 47.54
N ILE C 291 -1.19 -75.52 47.08
CA ILE C 291 -0.50 -74.67 47.97
C ILE C 291 -1.38 -73.53 48.28
N GLY C 292 -2.53 -73.49 47.70
CA GLY C 292 -3.38 -72.40 48.15
C GLY C 292 -3.45 -72.31 49.68
N ASP C 293 -3.44 -71.11 50.22
CA ASP C 293 -3.51 -71.01 51.66
C ASP C 293 -4.89 -71.00 52.27
N GLY C 294 -5.91 -70.78 51.46
CA GLY C 294 -7.25 -70.78 51.97
C GLY C 294 -7.75 -72.13 52.49
N PRO C 295 -7.81 -73.07 51.57
CA PRO C 295 -8.39 -74.37 51.80
C PRO C 295 -7.95 -75.07 53.05
N PRO C 296 -6.68 -75.13 53.31
CA PRO C 296 -6.30 -75.84 54.49
C PRO C 296 -6.98 -75.16 55.63
N ALA C 297 -6.86 -73.87 55.75
CA ALA C 297 -7.49 -73.34 56.92
C ALA C 297 -8.99 -73.63 56.93
N LEU C 298 -9.70 -73.37 55.85
CA LEU C 298 -11.14 -73.60 55.93
C LEU C 298 -11.45 -75.05 56.27
N ILE C 299 -10.84 -75.99 55.56
CA ILE C 299 -10.92 -77.34 55.92
C ILE C 299 -10.68 -77.47 57.35
N ALA C 300 -9.63 -76.96 57.90
CA ALA C 300 -9.47 -77.27 59.32
C ALA C 300 -10.61 -76.79 60.09
N MET C 301 -11.17 -75.66 59.74
CA MET C 301 -12.21 -75.15 60.59
C MET C 301 -13.47 -75.77 60.13
N GLY C 302 -13.41 -76.54 59.08
CA GLY C 302 -14.52 -77.34 58.64
C GLY C 302 -15.58 -76.54 58.02
N ALA C 303 -15.31 -75.98 56.89
CA ALA C 303 -16.24 -75.08 56.29
C ALA C 303 -16.75 -75.88 55.25
N SER C 304 -17.80 -75.43 54.59
CA SER C 304 -18.35 -76.21 53.52
C SER C 304 -18.39 -75.31 52.35
N LEU C 305 -18.50 -75.89 51.18
CA LEU C 305 -18.47 -75.21 49.94
C LEU C 305 -19.72 -75.48 49.15
N THR C 306 -20.32 -74.45 48.56
CA THR C 306 -21.48 -74.59 47.68
C THR C 306 -21.11 -74.38 46.23
N LEU C 307 -21.38 -75.33 45.33
CA LEU C 307 -21.20 -75.09 43.89
C LEU C 307 -22.53 -74.72 43.34
N ARG C 308 -22.61 -74.32 42.07
CA ARG C 308 -23.88 -73.93 41.43
C ARG C 308 -23.90 -74.00 39.90
N ARG C 309 -24.92 -74.64 39.33
CA ARG C 309 -25.02 -74.81 37.88
C ARG C 309 -26.43 -74.46 37.48
N GLY C 310 -26.59 -73.44 36.68
CA GLY C 310 -27.89 -72.95 36.35
C GLY C 310 -28.56 -72.59 37.67
N GLN C 311 -29.60 -73.34 37.97
CA GLN C 311 -30.32 -73.08 39.16
C GLN C 311 -30.05 -74.14 40.15
N GLU C 312 -29.40 -75.23 39.75
CA GLU C 312 -29.04 -76.31 40.67
C GLU C 312 -28.02 -75.84 41.71
N ARG C 313 -27.80 -76.60 42.76
CA ARG C 313 -26.87 -76.17 43.82
C ARG C 313 -26.38 -77.39 44.64
N ARG C 314 -25.13 -77.82 44.51
CA ARG C 314 -24.56 -78.93 45.32
C ARG C 314 -24.03 -78.40 46.61
N ARG C 315 -23.27 -79.18 47.32
CA ARG C 315 -22.84 -78.62 48.54
C ARG C 315 -22.10 -79.63 49.36
N MET C 316 -20.81 -79.79 49.14
CA MET C 316 -20.05 -80.68 50.00
C MET C 316 -19.22 -79.96 50.98
N PRO C 317 -18.62 -80.71 51.87
CA PRO C 317 -17.60 -80.16 52.80
C PRO C 317 -16.35 -79.83 51.97
N LEU C 318 -15.65 -78.77 52.28
CA LEU C 318 -14.56 -78.34 51.39
C LEU C 318 -13.50 -79.37 51.02
N GLU C 319 -12.91 -80.05 51.96
CA GLU C 319 -11.88 -80.98 51.56
C GLU C 319 -12.23 -81.89 50.45
N ASP C 320 -13.51 -82.22 50.31
CA ASP C 320 -14.00 -83.16 49.31
C ASP C 320 -14.00 -82.59 47.90
N PHE C 321 -13.64 -81.33 47.74
CA PHE C 321 -13.74 -80.68 46.43
C PHE C 321 -12.52 -80.97 45.58
N PHE C 322 -11.48 -81.42 46.25
CA PHE C 322 -10.21 -81.66 45.65
C PHE C 322 -9.99 -83.15 45.53
N LEU C 323 -9.95 -83.62 44.30
CA LEU C 323 -9.80 -85.02 44.06
C LEU C 323 -8.33 -85.37 43.88
N GLU C 324 -7.79 -84.86 42.81
CA GLU C 324 -6.42 -85.08 42.52
C GLU C 324 -5.77 -83.78 42.09
N TYR C 325 -4.48 -83.71 42.29
CA TYR C 325 -3.72 -82.63 41.81
C TYR C 325 -4.27 -82.25 40.46
N ARG C 326 -4.59 -80.98 40.31
CA ARG C 326 -5.02 -80.49 39.04
C ARG C 326 -6.35 -80.99 38.57
N LYS C 327 -7.26 -81.32 39.48
CA LYS C 327 -8.50 -81.97 39.09
C LYS C 327 -9.52 -81.83 40.23
N GLN C 328 -10.68 -81.24 39.95
CA GLN C 328 -11.69 -80.98 40.99
C GLN C 328 -13.10 -81.52 40.76
N ASP C 329 -13.90 -81.55 41.80
CA ASP C 329 -15.24 -82.05 41.65
C ASP C 329 -16.06 -80.97 41.02
N ARG C 330 -15.79 -80.68 39.76
CA ARG C 330 -16.51 -79.59 39.11
C ARG C 330 -17.10 -80.01 37.81
N ARG C 331 -18.39 -79.76 37.64
CA ARG C 331 -19.05 -80.17 36.44
C ARG C 331 -19.08 -79.06 35.42
N PRO C 332 -19.00 -79.44 34.16
CA PRO C 332 -19.21 -78.53 33.02
C PRO C 332 -20.24 -77.49 33.37
N GLY C 333 -19.87 -76.22 33.31
CA GLY C 333 -20.81 -75.16 33.59
C GLY C 333 -21.09 -74.94 35.05
N GLU C 334 -20.43 -75.70 35.90
CA GLU C 334 -20.67 -75.49 37.33
C GLU C 334 -19.65 -74.51 37.82
N PHE C 335 -20.05 -73.61 38.70
CA PHE C 335 -19.07 -72.71 39.26
C PHE C 335 -19.13 -72.57 40.80
N VAL C 336 -18.10 -72.05 41.44
CA VAL C 336 -18.06 -71.99 42.90
C VAL C 336 -18.82 -70.80 43.36
N GLU C 337 -19.79 -70.92 44.27
CA GLU C 337 -20.67 -69.78 44.62
C GLU C 337 -20.50 -69.18 45.98
N SER C 338 -20.04 -70.01 46.89
CA SER C 338 -19.80 -69.49 48.20
C SER C 338 -19.22 -70.58 49.08
N VAL C 339 -18.74 -70.20 50.25
CA VAL C 339 -18.36 -71.20 51.19
C VAL C 339 -19.02 -70.80 52.45
N THR C 340 -19.24 -71.74 53.36
CA THR C 340 -19.88 -71.40 54.63
C THR C 340 -19.06 -71.74 55.86
N LEU C 341 -18.87 -70.79 56.76
CA LEU C 341 -18.04 -71.07 57.95
C LEU C 341 -18.89 -71.13 59.20
N PRO C 342 -18.50 -71.94 60.16
CA PRO C 342 -19.17 -71.97 61.42
C PRO C 342 -19.08 -70.60 62.04
N LYS C 343 -19.85 -70.35 63.08
CA LYS C 343 -19.86 -69.11 63.73
C LYS C 343 -18.65 -69.09 64.58
N SER C 344 -18.11 -70.22 64.92
CA SER C 344 -16.90 -70.15 65.73
C SER C 344 -16.05 -71.38 65.73
N ALA C 345 -14.82 -71.25 66.17
CA ALA C 345 -13.88 -72.36 66.18
C ALA C 345 -12.59 -71.92 66.87
N PRO C 346 -12.67 -71.76 68.14
CA PRO C 346 -11.57 -71.26 68.93
C PRO C 346 -10.38 -72.16 68.88
N GLY C 347 -10.49 -73.36 68.38
CA GLY C 347 -9.34 -74.21 68.46
C GLY C 347 -8.45 -74.07 67.26
N LEU C 348 -8.94 -73.50 66.17
CA LEU C 348 -8.12 -73.35 65.01
C LEU C 348 -6.89 -72.60 65.35
N ARG C 349 -5.82 -73.00 64.67
CA ARG C 349 -4.51 -72.36 64.75
C ARG C 349 -3.97 -72.58 63.33
N CYS C 350 -3.34 -71.61 62.70
CA CYS C 350 -2.83 -71.78 61.30
C CYS C 350 -1.36 -71.49 61.13
N TYR C 351 -0.59 -72.35 60.50
CA TYR C 351 0.83 -72.07 60.40
C TYR C 351 1.20 -71.93 58.97
N LYS C 352 1.85 -70.83 58.60
CA LYS C 352 2.37 -70.77 57.24
C LYS C 352 3.83 -70.90 57.37
N LEU C 353 4.52 -71.67 56.52
CA LEU C 353 6.00 -71.76 56.59
C LEU C 353 6.64 -71.57 55.23
N SER C 354 7.49 -70.55 55.06
CA SER C 354 8.12 -70.27 53.77
C SER C 354 9.57 -69.79 53.84
N LYS C 355 10.14 -69.30 52.74
CA LYS C 355 11.52 -68.97 52.89
C LYS C 355 11.62 -67.70 53.56
N ARG C 356 10.68 -66.84 53.24
CA ARG C 356 10.66 -65.50 53.81
C ARG C 356 9.24 -65.34 54.34
N PHE C 357 9.04 -64.57 55.41
CA PHE C 357 7.69 -64.39 55.97
C PHE C 357 6.73 -63.80 55.04
N ASP C 358 7.01 -62.60 54.49
CA ASP C 358 5.94 -61.92 53.71
C ASP C 358 5.90 -62.19 52.25
N GLN C 359 4.69 -62.08 51.71
CA GLN C 359 4.45 -62.40 50.33
C GLN C 359 5.27 -63.57 49.84
N ASP C 360 4.99 -64.78 50.30
CA ASP C 360 5.78 -65.94 49.86
C ASP C 360 4.87 -67.13 49.73
N ILE C 361 5.32 -68.16 49.03
CA ILE C 361 4.41 -69.28 48.80
C ILE C 361 4.74 -70.26 49.86
N SER C 362 3.80 -71.10 50.33
CA SER C 362 4.12 -71.93 51.50
C SER C 362 4.90 -73.10 51.18
N ALA C 363 5.85 -73.47 52.00
CA ALA C 363 6.46 -74.77 51.74
C ALA C 363 5.44 -75.75 52.35
N VAL C 364 4.87 -75.34 53.46
CA VAL C 364 3.95 -76.16 54.11
C VAL C 364 3.08 -75.25 54.85
N CYS C 365 1.79 -75.49 54.81
CA CYS C 365 0.92 -74.68 55.54
C CYS C 365 0.14 -75.62 56.38
N GLY C 366 0.18 -75.50 57.68
CA GLY C 366 -0.54 -76.42 58.50
C GLY C 366 -1.57 -75.77 59.38
N CYS C 367 -2.77 -76.29 59.29
CA CYS C 367 -3.88 -75.81 60.08
C CYS C 367 -4.43 -76.83 61.04
N LEU C 368 -4.53 -76.48 62.30
CA LEU C 368 -5.02 -77.43 63.27
C LEU C 368 -6.14 -76.92 64.18
N ASN C 369 -7.10 -77.81 64.39
CA ASN C 369 -8.28 -77.52 65.20
C ASN C 369 -8.62 -78.70 66.04
N LEU C 370 -8.51 -78.58 67.35
CA LEU C 370 -8.81 -79.70 68.22
C LEU C 370 -9.84 -79.23 69.19
N THR C 371 -10.78 -80.10 69.48
CA THR C 371 -11.79 -79.80 70.48
C THR C 371 -11.54 -80.68 71.66
N LEU C 372 -11.80 -80.18 72.86
CA LEU C 372 -11.46 -80.91 74.05
C LEU C 372 -12.56 -81.26 75.03
N LYS C 373 -12.50 -82.46 75.59
CA LYS C 373 -13.40 -82.88 76.67
C LYS C 373 -12.56 -82.84 77.93
N GLY C 374 -12.24 -81.64 78.41
CA GLY C 374 -11.32 -81.47 79.50
C GLY C 374 -10.17 -82.47 79.38
N SER C 375 -8.97 -81.96 79.14
CA SER C 375 -7.77 -82.82 79.05
C SER C 375 -7.91 -83.98 78.04
N LYS C 376 -9.11 -84.21 77.52
CA LYS C 376 -9.30 -85.28 76.57
C LYS C 376 -9.65 -84.80 75.18
N ILE C 377 -9.11 -85.46 74.16
CA ILE C 377 -9.32 -85.04 72.78
C ILE C 377 -10.58 -85.55 72.11
N GLU C 378 -11.59 -84.71 72.06
CA GLU C 378 -12.83 -85.04 71.39
C GLU C 378 -12.75 -85.17 69.88
N THR C 379 -12.58 -84.05 69.18
CA THR C 379 -12.46 -84.01 67.71
C THR C 379 -11.14 -83.41 67.32
N ALA C 380 -10.69 -83.76 66.12
CA ALA C 380 -9.43 -83.26 65.62
C ALA C 380 -9.47 -83.16 64.16
N ARG C 381 -9.63 -81.93 63.67
CA ARG C 381 -9.56 -81.63 62.24
C ARG C 381 -8.17 -81.03 61.94
N ILE C 382 -7.38 -81.69 61.10
CA ILE C 382 -6.01 -81.30 60.88
C ILE C 382 -5.70 -81.35 59.40
N ALA C 383 -5.39 -80.20 58.82
CA ALA C 383 -5.27 -80.12 57.36
C ALA C 383 -4.00 -79.46 56.91
N PHE C 384 -3.48 -79.85 55.75
CA PHE C 384 -2.22 -79.31 55.25
C PHE C 384 -2.21 -78.99 53.82
N GLY C 385 -1.60 -77.88 53.47
CA GLY C 385 -1.42 -77.56 52.08
C GLY C 385 0.08 -77.78 51.83
N GLY C 386 0.38 -78.06 50.58
CA GLY C 386 1.75 -78.21 50.19
C GLY C 386 2.37 -79.56 50.44
N MET C 387 1.66 -80.52 51.03
CA MET C 387 2.35 -81.79 51.30
C MET C 387 1.78 -82.84 50.41
N ALA C 388 1.00 -82.47 49.42
CA ALA C 388 0.39 -83.47 48.51
C ALA C 388 -0.21 -82.84 47.34
N GLY C 389 -0.67 -83.60 46.39
CA GLY C 389 -1.20 -83.01 45.19
C GLY C 389 -2.44 -82.22 45.50
N VAL C 390 -2.85 -82.29 46.74
CA VAL C 390 -4.12 -81.69 47.07
C VAL C 390 -4.13 -81.35 48.54
N PRO C 391 -4.95 -80.41 48.97
CA PRO C 391 -4.99 -80.06 50.40
C PRO C 391 -5.71 -81.19 51.04
N LYS C 392 -5.30 -81.77 52.16
CA LYS C 392 -6.02 -82.90 52.69
C LYS C 392 -5.91 -82.97 54.23
N ARG C 393 -6.85 -83.62 54.93
CA ARG C 393 -6.73 -83.75 56.36
C ARG C 393 -5.81 -84.90 56.49
N ALA C 394 -5.28 -85.08 57.69
CA ALA C 394 -4.30 -86.09 58.02
C ALA C 394 -4.90 -87.25 58.79
N ALA C 395 -5.74 -88.02 58.12
CA ALA C 395 -6.54 -89.04 58.75
C ALA C 395 -5.83 -89.94 59.74
N ALA C 396 -4.81 -90.65 59.31
CA ALA C 396 -4.16 -91.48 60.28
C ALA C 396 -3.75 -90.67 61.51
N PHE C 397 -3.27 -89.46 61.30
CA PHE C 397 -2.81 -88.71 62.45
C PHE C 397 -4.01 -88.31 63.27
N GLU C 398 -5.03 -87.75 62.63
CA GLU C 398 -6.26 -87.37 63.34
C GLU C 398 -6.74 -88.58 64.16
N ALA C 399 -6.97 -89.69 63.47
CA ALA C 399 -7.53 -90.86 64.13
C ALA C 399 -6.77 -91.19 65.41
N ALA C 400 -5.48 -91.39 65.31
CA ALA C 400 -4.74 -91.89 66.43
C ALA C 400 -4.80 -90.86 67.53
N LEU C 401 -5.46 -89.78 67.26
CA LEU C 401 -5.32 -88.74 68.23
C LEU C 401 -6.51 -88.66 69.19
N ILE C 402 -7.68 -89.03 68.71
CA ILE C 402 -8.88 -89.03 69.55
C ILE C 402 -8.82 -89.93 70.76
N GLY C 403 -9.41 -89.47 71.87
CA GLY C 403 -9.47 -90.23 73.12
C GLY C 403 -8.28 -90.10 74.02
N GLN C 404 -7.13 -89.78 73.42
CA GLN C 404 -5.91 -89.63 74.17
C GLN C 404 -5.89 -88.31 74.88
N ASP C 405 -4.94 -88.20 75.78
CA ASP C 405 -4.78 -86.96 76.50
C ASP C 405 -3.99 -85.93 75.67
N PHE C 406 -4.38 -84.68 75.77
CA PHE C 406 -3.74 -83.59 75.08
C PHE C 406 -2.52 -83.08 75.83
N ARG C 407 -1.42 -83.78 75.72
CA ARG C 407 -0.17 -83.41 76.33
C ARG C 407 0.84 -83.46 75.19
N GLU C 408 2.00 -82.88 75.37
CA GLU C 408 2.99 -82.95 74.33
C GLU C 408 3.44 -84.37 74.00
N ASP C 409 3.79 -85.19 74.99
CA ASP C 409 4.23 -86.58 74.70
C ASP C 409 3.23 -87.48 73.95
N THR C 410 1.93 -87.27 74.08
CA THR C 410 1.10 -88.13 73.25
C THR C 410 1.18 -87.68 71.83
N ILE C 411 1.37 -86.38 71.63
CA ILE C 411 1.47 -85.91 70.28
C ILE C 411 2.76 -86.39 69.68
N ALA C 412 3.80 -86.27 70.49
CA ALA C 412 5.11 -86.70 70.07
C ALA C 412 5.04 -88.08 69.52
N ALA C 413 4.28 -88.93 70.17
CA ALA C 413 4.26 -90.34 69.86
C ALA C 413 3.44 -90.70 68.64
N ALA C 414 2.69 -89.74 68.14
CA ALA C 414 1.85 -90.05 67.02
C ALA C 414 2.41 -89.54 65.72
N LEU C 415 3.50 -88.79 65.84
CA LEU C 415 4.11 -88.10 64.73
C LEU C 415 4.33 -88.96 63.54
N PRO C 416 4.87 -90.16 63.69
CA PRO C 416 5.19 -90.94 62.52
C PRO C 416 3.96 -91.16 61.72
N LEU C 417 2.78 -91.03 62.29
CA LEU C 417 1.60 -91.25 61.45
C LEU C 417 1.48 -90.26 60.27
N LEU C 418 2.05 -89.09 60.46
CA LEU C 418 2.09 -88.11 59.39
C LEU C 418 2.85 -88.61 58.16
N ALA C 419 3.90 -89.41 58.39
CA ALA C 419 4.64 -89.97 57.28
C ALA C 419 3.77 -90.94 56.46
N GLN C 420 2.69 -91.37 57.06
CA GLN C 420 1.83 -92.28 56.37
C GLN C 420 0.77 -91.48 55.76
N ASP C 421 0.31 -90.45 56.45
CA ASP C 421 -0.66 -89.57 55.82
C ASP C 421 -0.12 -88.85 54.54
N PHE C 422 1.13 -88.41 54.56
CA PHE C 422 1.71 -87.70 53.43
C PHE C 422 3.14 -88.10 53.00
N THR C 423 3.41 -87.99 51.72
CA THR C 423 4.71 -88.24 51.14
C THR C 423 5.05 -87.05 50.30
N PRO C 424 5.68 -86.09 50.92
CA PRO C 424 5.91 -84.80 50.32
C PRO C 424 6.99 -84.82 49.22
N LEU C 425 6.95 -83.87 48.31
CA LEU C 425 7.89 -83.78 47.26
C LEU C 425 9.03 -82.87 47.60
N SER C 426 9.97 -82.75 46.67
CA SER C 426 11.08 -81.83 46.88
C SER C 426 11.17 -80.75 45.84
N ASP C 427 11.45 -79.51 46.22
CA ASP C 427 11.53 -78.59 45.14
C ASP C 427 12.31 -77.42 45.58
N MET C 428 12.39 -76.39 44.73
CA MET C 428 13.23 -75.23 45.05
C MET C 428 12.92 -74.57 46.37
N ARG C 429 11.68 -74.71 46.83
CA ARG C 429 11.22 -74.02 48.04
C ARG C 429 11.69 -74.76 49.26
N ALA C 430 11.83 -76.08 49.13
CA ALA C 430 12.17 -76.92 50.25
C ALA C 430 12.31 -78.38 49.87
N SER C 431 13.19 -79.07 50.57
CA SER C 431 13.31 -80.51 50.42
C SER C 431 12.20 -81.31 51.14
N ALA C 432 11.90 -82.49 50.60
CA ALA C 432 10.94 -83.39 51.23
C ALA C 432 11.21 -83.62 52.66
N ALA C 433 12.42 -83.96 53.00
CA ALA C 433 12.57 -84.21 54.39
C ALA C 433 12.16 -82.96 55.18
N TYR C 434 12.60 -81.77 54.79
CA TYR C 434 12.17 -80.61 55.56
C TYR C 434 10.63 -80.42 55.58
N ARG C 435 10.00 -80.51 54.43
CA ARG C 435 8.57 -80.43 54.50
C ARG C 435 8.05 -81.42 55.50
N MET C 436 8.61 -82.60 55.58
CA MET C 436 7.95 -83.54 56.43
C MET C 436 8.20 -83.17 57.83
N ASN C 437 9.44 -82.99 58.14
CA ASN C 437 9.76 -82.69 59.50
C ASN C 437 8.96 -81.43 59.96
N ALA C 438 8.68 -80.55 59.03
CA ALA C 438 8.01 -79.36 59.45
C ALA C 438 6.64 -79.64 59.84
N ALA C 439 5.94 -80.42 59.03
CA ALA C 439 4.58 -80.84 59.40
C ALA C 439 4.54 -81.36 60.86
N GLN C 440 5.32 -82.39 61.09
CA GLN C 440 5.42 -82.84 62.39
C GLN C 440 5.62 -81.70 63.33
N ALA C 441 6.54 -80.80 63.01
CA ALA C 441 6.82 -79.72 63.95
C ALA C 441 5.66 -78.88 64.25
N MET C 442 4.82 -78.66 63.26
CA MET C 442 3.67 -77.85 63.51
C MET C 442 2.82 -78.45 64.61
N ALA C 443 2.67 -79.78 64.64
CA ALA C 443 1.84 -80.37 65.65
C ALA C 443 2.42 -80.04 66.96
N LEU C 444 3.69 -80.24 67.12
CA LEU C 444 4.25 -79.90 68.40
C LEU C 444 4.02 -78.44 68.72
N ARG C 445 4.04 -77.59 67.74
CA ARG C 445 3.89 -76.21 68.05
C ARG C 445 2.53 -76.00 68.68
N TYR C 446 1.50 -76.55 68.04
CA TYR C 446 0.08 -76.52 68.51
C TYR C 446 -0.03 -76.92 69.97
N VAL C 447 0.47 -78.07 70.38
CA VAL C 447 0.35 -78.26 71.79
C VAL C 447 1.00 -77.11 72.53
N ARG C 448 2.30 -76.94 72.33
CA ARG C 448 3.00 -75.90 73.00
C ARG C 448 2.24 -74.61 73.00
N GLU C 449 1.63 -74.25 71.89
CA GLU C 449 0.98 -72.96 71.85
C GLU C 449 -0.17 -72.88 72.85
N LEU C 450 -1.21 -73.68 72.60
CA LEU C 450 -2.39 -73.80 73.42
C LEU C 450 -2.03 -74.03 74.88
N SER C 451 -0.87 -74.57 75.11
CA SER C 451 -0.48 -74.77 76.47
C SER C 451 0.20 -73.51 77.11
N GLY C 452 0.08 -72.40 76.39
CA GLY C 452 0.57 -71.12 76.87
C GLY C 452 2.03 -70.78 76.77
N GLU C 453 2.82 -71.57 76.08
CA GLU C 453 4.25 -71.26 75.93
C GLU C 453 4.60 -70.43 74.68
N ALA C 454 5.73 -69.75 74.71
CA ALA C 454 6.09 -68.81 73.62
C ALA C 454 6.68 -69.53 72.45
N VAL C 455 6.22 -69.22 71.27
CA VAL C 455 6.50 -70.14 70.24
C VAL C 455 6.59 -69.53 68.86
N ALA C 456 6.12 -68.31 68.66
CA ALA C 456 6.15 -67.73 67.37
C ALA C 456 7.23 -66.69 67.38
N VAL C 457 8.07 -66.69 66.35
CA VAL C 457 9.13 -65.76 66.27
C VAL C 457 8.59 -64.41 65.95
N LEU C 458 7.51 -64.33 65.18
CA LEU C 458 6.96 -63.00 64.86
C LEU C 458 6.29 -62.19 65.97
N GLU C 459 6.25 -62.70 67.19
CA GLU C 459 5.69 -61.97 68.29
C GLU C 459 6.76 -61.59 69.32
N VAL C 460 8.03 -61.81 69.03
CA VAL C 460 9.08 -61.39 69.95
C VAL C 460 9.42 -59.97 69.61
N MET C 461 9.48 -59.10 70.63
CA MET C 461 9.81 -57.68 70.40
C MET C 461 11.25 -57.53 70.84
N PRO C 462 12.01 -56.68 70.15
CA PRO C 462 13.42 -56.46 70.50
C PRO C 462 13.53 -55.92 71.91
N SER D 2 29.30 -26.90 50.36
CA SER D 2 28.03 -27.62 50.12
C SER D 2 28.29 -29.04 50.45
N VAL D 3 29.52 -29.42 50.16
CA VAL D 3 30.06 -30.70 50.57
C VAL D 3 29.80 -30.84 52.05
N GLY D 4 29.31 -31.95 52.52
CA GLY D 4 29.12 -32.04 53.96
C GLY D 4 27.71 -31.91 54.49
N LYS D 5 26.84 -31.30 53.68
CA LYS D 5 25.47 -31.08 54.07
C LYS D 5 24.72 -32.33 53.68
N PRO D 6 23.62 -32.63 54.34
CA PRO D 6 22.82 -33.80 54.02
C PRO D 6 21.83 -33.50 52.90
N LEU D 7 22.20 -33.27 51.67
CA LEU D 7 21.19 -32.92 50.69
C LEU D 7 20.52 -34.10 49.99
N PRO D 8 19.29 -33.98 49.57
CA PRO D 8 18.61 -35.02 48.84
C PRO D 8 19.22 -35.46 47.54
N HIS D 9 18.88 -36.65 47.09
CA HIS D 9 19.34 -37.14 45.82
C HIS D 9 18.96 -36.15 44.73
N ASP D 10 19.76 -36.05 43.69
CA ASP D 10 19.49 -35.13 42.56
C ASP D 10 18.18 -35.36 41.89
N SER D 11 17.68 -36.56 41.81
CA SER D 11 16.41 -36.69 41.16
C SER D 11 15.24 -37.12 42.13
N ALA D 12 15.25 -36.66 43.37
CA ALA D 12 14.25 -37.11 44.27
C ALA D 12 12.84 -36.63 43.90
N ARG D 13 12.65 -35.33 43.67
CA ARG D 13 11.36 -34.90 43.15
C ARG D 13 11.03 -35.75 41.95
N ALA D 14 11.95 -35.99 41.04
CA ALA D 14 11.45 -36.73 39.87
C ALA D 14 11.15 -38.24 40.10
N HIS D 15 11.78 -38.80 41.10
CA HIS D 15 11.49 -40.13 41.40
C HIS D 15 10.07 -40.13 41.90
N VAL D 16 9.81 -39.24 42.82
CA VAL D 16 8.60 -39.30 43.57
C VAL D 16 7.30 -38.95 42.88
N THR D 17 7.37 -38.39 41.69
CA THR D 17 6.18 -38.08 40.90
C THR D 17 6.21 -38.80 39.56
N GLY D 18 7.00 -39.82 39.44
CA GLY D 18 7.06 -40.53 38.21
C GLY D 18 7.49 -39.72 37.01
N GLN D 19 8.29 -38.68 37.17
CA GLN D 19 8.72 -38.03 35.97
C GLN D 19 10.11 -38.51 35.54
N ALA D 20 10.85 -39.23 36.36
CA ALA D 20 12.19 -39.49 35.97
C ALA D 20 12.05 -40.51 34.98
N ARG D 21 12.68 -40.38 33.84
CA ARG D 21 12.53 -41.45 32.85
C ARG D 21 13.67 -42.37 32.85
N TYR D 22 13.38 -43.65 32.82
CA TYR D 22 14.43 -44.62 32.68
C TYR D 22 14.34 -45.10 31.27
N LEU D 23 15.19 -46.02 30.86
CA LEU D 23 15.26 -46.32 29.42
C LEU D 23 14.01 -46.74 28.71
N ASP D 24 13.25 -47.63 29.29
CA ASP D 24 11.98 -47.91 28.62
C ASP D 24 10.95 -46.78 28.60
N ASP D 25 11.15 -45.70 29.38
CA ASP D 25 10.21 -44.59 29.34
C ASP D 25 10.52 -43.62 28.25
N LEU D 26 11.74 -43.58 27.71
CA LEU D 26 12.06 -42.62 26.64
C LEU D 26 11.15 -42.76 25.43
N PRO D 27 10.72 -41.68 24.86
CA PRO D 27 9.78 -41.78 23.76
C PRO D 27 10.59 -42.20 22.59
N CYS D 28 10.07 -42.96 21.63
CA CYS D 28 10.88 -43.33 20.47
C CYS D 28 9.99 -43.51 19.29
N PRO D 29 10.57 -43.45 18.13
CA PRO D 29 9.80 -43.36 16.88
C PRO D 29 8.86 -44.51 16.72
N ALA D 30 7.73 -44.30 16.03
CA ALA D 30 6.73 -45.32 15.89
C ALA D 30 7.33 -46.55 15.29
N ASN D 31 8.30 -46.38 14.42
CA ASN D 31 8.79 -47.56 13.79
C ASN D 31 9.80 -48.42 14.51
N THR D 32 10.11 -48.04 15.74
CA THR D 32 11.07 -48.72 16.55
C THR D 32 10.73 -50.19 16.58
N LEU D 33 11.72 -51.06 16.55
CA LEU D 33 11.50 -52.48 16.72
C LEU D 33 11.93 -52.89 18.14
N HIS D 34 11.45 -54.10 18.51
CA HIS D 34 11.65 -54.61 19.84
C HIS D 34 12.23 -55.99 19.75
N LEU D 35 13.19 -56.33 20.62
CA LEU D 35 13.86 -57.62 20.47
C LEU D 35 13.77 -58.66 21.60
N ALA D 36 14.12 -59.88 21.27
CA ALA D 36 14.23 -60.81 22.34
C ALA D 36 15.12 -61.97 21.79
N PHE D 37 15.94 -62.56 22.63
CA PHE D 37 16.73 -63.68 22.32
C PHE D 37 15.90 -64.93 22.45
N GLY D 38 16.21 -65.98 21.72
CA GLY D 38 15.56 -67.26 21.90
C GLY D 38 16.68 -68.03 22.58
N LEU D 39 16.39 -68.80 23.63
CA LEU D 39 17.52 -69.39 24.31
C LEU D 39 17.70 -70.89 24.26
N SER D 40 18.91 -71.35 24.59
CA SER D 40 19.23 -72.75 24.55
C SER D 40 18.47 -73.40 25.64
N THR D 41 18.06 -74.63 25.47
CA THR D 41 17.45 -75.25 26.60
C THR D 41 18.33 -76.30 27.05
N GLU D 42 19.62 -76.30 26.66
CA GLU D 42 20.56 -77.35 27.07
C GLU D 42 21.77 -76.83 27.88
N ALA D 43 22.13 -77.51 28.93
CA ALA D 43 23.28 -77.08 29.67
C ALA D 43 24.56 -77.11 28.83
N SER D 44 24.65 -77.98 27.82
CA SER D 44 25.89 -78.13 27.08
C SER D 44 25.76 -79.00 25.87
N ALA D 45 25.77 -78.48 24.67
CA ALA D 45 25.53 -79.37 23.55
C ALA D 45 25.96 -78.72 22.26
N ALA D 46 25.88 -79.51 21.21
CA ALA D 46 26.28 -78.97 19.96
C ALA D 46 25.00 -78.71 19.28
N ILE D 47 24.88 -77.62 18.52
CA ILE D 47 23.63 -77.34 17.87
C ILE D 47 23.63 -77.93 16.54
N THR D 48 22.69 -78.81 16.33
CA THR D 48 22.73 -79.62 15.18
C THR D 48 21.80 -79.21 14.15
N GLY D 49 20.70 -78.58 14.52
CA GLY D 49 19.72 -78.16 13.53
C GLY D 49 19.07 -76.92 14.04
N LEU D 50 18.67 -76.02 13.16
CA LEU D 50 18.14 -74.73 13.61
C LEU D 50 17.04 -74.18 12.72
N ASP D 51 15.83 -74.72 12.81
CA ASP D 51 14.76 -74.31 11.95
C ASP D 51 14.17 -73.06 12.57
N LEU D 52 14.24 -71.91 11.87
CA LEU D 52 13.70 -70.67 12.40
C LEU D 52 12.50 -70.26 11.65
N GLU D 53 12.09 -71.10 10.71
CA GLU D 53 11.00 -70.74 9.83
C GLU D 53 9.75 -70.31 10.62
N PRO D 54 9.40 -71.09 11.64
CA PRO D 54 8.25 -70.74 12.45
C PRO D 54 8.46 -69.36 13.04
N VAL D 55 9.69 -69.01 13.30
CA VAL D 55 9.94 -67.72 13.86
C VAL D 55 9.66 -66.62 12.88
N ARG D 56 10.32 -66.68 11.74
CA ARG D 56 10.06 -65.67 10.76
C ARG D 56 8.57 -65.54 10.51
N GLU D 57 7.86 -66.66 10.51
CA GLU D 57 6.43 -66.66 10.26
C GLU D 57 5.62 -66.02 11.37
N SER D 58 6.17 -65.84 12.54
CA SER D 58 5.26 -65.34 13.57
C SER D 58 4.86 -63.91 13.41
N PRO D 59 3.69 -63.60 13.92
CA PRO D 59 3.10 -62.26 13.79
C PRO D 59 4.03 -61.13 14.26
N GLY D 60 3.97 -60.06 13.49
CA GLY D 60 4.75 -58.88 13.74
C GLY D 60 6.23 -59.08 13.65
N VAL D 61 6.74 -60.18 13.07
CA VAL D 61 8.21 -60.26 13.05
C VAL D 61 8.92 -59.63 11.85
N ILE D 62 10.07 -59.07 12.09
CA ILE D 62 10.70 -58.38 10.99
C ILE D 62 12.04 -58.92 10.64
N ALA D 63 12.84 -59.30 11.62
CA ALA D 63 14.13 -59.86 11.23
C ALA D 63 14.44 -60.88 12.26
N VAL D 64 15.32 -61.80 11.92
CA VAL D 64 15.71 -62.84 12.86
C VAL D 64 17.18 -63.02 12.72
N PHE D 65 17.92 -63.17 13.76
CA PHE D 65 19.33 -63.22 13.53
C PHE D 65 19.96 -64.39 14.13
N THR D 66 21.14 -64.70 13.62
CA THR D 66 21.93 -65.87 14.00
C THR D 66 23.38 -65.47 13.97
N ALA D 67 24.24 -66.15 14.66
CA ALA D 67 25.64 -65.78 14.61
C ALA D 67 26.02 -65.53 13.19
N ALA D 68 25.65 -66.40 12.29
CA ALA D 68 26.08 -66.15 10.91
C ALA D 68 25.65 -64.80 10.44
N ASP D 69 24.56 -64.29 10.96
CA ASP D 69 24.23 -62.97 10.50
C ASP D 69 25.07 -61.90 11.15
N LEU D 70 25.70 -62.12 12.27
CA LEU D 70 26.38 -60.96 12.76
C LEU D 70 27.37 -60.48 11.74
N PRO D 71 27.39 -59.19 11.46
CA PRO D 71 28.30 -58.67 10.44
C PRO D 71 29.77 -58.56 10.85
N HIS D 72 30.16 -58.62 12.12
CA HIS D 72 31.60 -58.51 12.49
C HIS D 72 31.94 -59.29 13.78
N ASP D 73 32.43 -58.64 14.82
CA ASP D 73 32.61 -59.40 16.01
C ASP D 73 31.30 -59.89 16.52
N ASN D 74 31.37 -61.03 17.24
CA ASN D 74 30.28 -61.66 18.01
C ASN D 74 30.85 -61.98 19.36
N ASP D 75 30.96 -60.99 20.22
CA ASP D 75 31.63 -61.13 21.49
C ASP D 75 31.28 -60.03 22.55
N ALA D 76 30.70 -60.43 23.67
CA ALA D 76 30.28 -59.44 24.62
C ALA D 76 31.03 -59.48 25.90
N SER D 77 32.12 -60.22 25.93
CA SER D 77 32.84 -60.40 27.16
C SER D 77 33.56 -59.18 27.62
N PRO D 78 33.59 -58.95 28.89
CA PRO D 78 34.35 -57.83 29.42
C PRO D 78 35.80 -58.24 29.54
N ALA D 79 36.16 -59.35 28.92
CA ALA D 79 37.52 -59.79 29.14
C ALA D 79 38.21 -60.38 27.90
N PRO D 80 39.54 -60.57 27.93
CA PRO D 80 40.25 -60.97 26.70
C PRO D 80 39.61 -62.19 26.07
N SER D 81 39.15 -63.17 26.84
CA SER D 81 38.47 -64.28 26.12
C SER D 81 37.06 -64.01 25.73
N PRO D 82 36.69 -64.43 24.55
CA PRO D 82 35.39 -64.07 23.96
C PRO D 82 34.17 -64.75 24.58
N GLU D 83 32.98 -64.20 24.42
CA GLU D 83 31.80 -64.84 24.92
C GLU D 83 30.81 -64.37 23.91
N PRO D 84 30.38 -65.25 23.04
CA PRO D 84 29.56 -64.87 21.88
C PRO D 84 28.28 -64.25 22.27
N VAL D 85 27.73 -63.33 21.49
CA VAL D 85 26.45 -62.75 21.85
C VAL D 85 25.47 -63.70 21.29
N LEU D 86 25.62 -64.14 20.04
CA LEU D 86 24.86 -65.35 19.64
C LEU D 86 25.74 -66.64 19.58
N ALA D 87 25.14 -67.74 20.03
CA ALA D 87 25.80 -69.06 20.11
C ALA D 87 26.26 -69.44 18.77
N THR D 88 27.45 -70.02 18.80
CA THR D 88 28.25 -70.42 17.62
C THR D 88 28.42 -71.93 17.54
N GLY D 89 27.41 -72.61 17.03
CA GLY D 89 27.55 -74.04 16.86
C GLY D 89 27.18 -74.87 18.07
N GLU D 90 27.36 -74.33 19.30
CA GLU D 90 27.15 -75.11 20.51
C GLU D 90 26.61 -74.23 21.61
N VAL D 91 26.17 -74.77 22.75
CA VAL D 91 25.65 -73.91 23.80
C VAL D 91 26.33 -74.32 25.08
N HIS D 92 26.47 -73.47 26.07
CA HIS D 92 27.10 -73.92 27.29
C HIS D 92 26.32 -73.65 28.55
N PHE D 93 25.08 -73.17 28.48
CA PHE D 93 24.31 -73.15 29.70
C PHE D 93 22.84 -72.98 29.41
N VAL D 94 21.94 -73.26 30.34
CA VAL D 94 20.54 -73.08 29.90
C VAL D 94 20.17 -71.63 30.01
N GLY D 95 19.86 -71.00 28.90
CA GLY D 95 19.75 -69.56 28.89
C GLY D 95 20.64 -68.91 27.81
N GLN D 96 21.68 -69.60 27.36
CA GLN D 96 22.50 -68.96 26.37
C GLN D 96 21.78 -68.65 25.14
N PRO D 97 21.83 -67.41 24.77
CA PRO D 97 21.12 -66.89 23.63
C PRO D 97 21.55 -67.55 22.38
N ILE D 98 20.62 -67.91 21.53
CA ILE D 98 21.03 -68.54 20.30
C ILE D 98 20.73 -67.69 19.14
N PHE D 99 19.56 -67.11 19.04
CA PHE D 99 19.28 -66.24 17.91
C PHE D 99 18.50 -65.08 18.48
N LEU D 100 18.12 -64.14 17.60
CA LEU D 100 17.62 -62.87 18.02
C LEU D 100 16.51 -62.37 17.15
N VAL D 101 15.35 -62.09 17.75
CA VAL D 101 14.20 -61.67 16.99
C VAL D 101 13.86 -60.24 17.14
N ALA D 102 13.41 -59.63 16.05
CA ALA D 102 13.14 -58.22 16.06
C ALA D 102 11.77 -58.07 15.54
N ALA D 103 10.79 -57.71 16.36
CA ALA D 103 9.40 -57.66 15.87
C ALA D 103 8.82 -56.29 16.10
N THR D 104 7.54 -56.03 15.79
CA THR D 104 7.05 -54.66 16.00
C THR D 104 6.50 -54.43 17.39
N SER D 105 6.78 -55.39 18.30
CA SER D 105 6.41 -55.19 19.68
C SER D 105 7.05 -56.18 20.66
N HIS D 106 7.38 -55.69 21.83
CA HIS D 106 7.97 -56.57 22.79
C HIS D 106 7.22 -57.91 22.91
N ARG D 107 5.90 -57.94 23.10
CA ARG D 107 5.28 -59.28 23.18
C ARG D 107 5.59 -60.04 21.91
N ALA D 108 5.14 -59.53 20.78
CA ALA D 108 5.44 -60.25 19.61
C ALA D 108 6.86 -60.92 19.63
N ALA D 109 7.88 -60.15 19.97
CA ALA D 109 9.18 -60.72 20.04
C ALA D 109 9.24 -61.89 20.98
N ARG D 110 8.82 -61.71 22.21
CA ARG D 110 8.89 -62.85 23.10
C ARG D 110 8.16 -64.04 22.51
N ILE D 111 6.93 -63.82 22.08
CA ILE D 111 6.27 -64.95 21.63
C ILE D 111 7.09 -65.58 20.53
N ALA D 112 7.56 -64.85 19.54
CA ALA D 112 8.26 -65.62 18.50
C ALA D 112 9.48 -66.30 19.01
N ALA D 113 10.09 -65.73 20.02
CA ALA D 113 11.31 -66.37 20.39
C ALA D 113 11.10 -67.80 20.78
N ARG D 114 9.90 -68.16 21.17
CA ARG D 114 9.67 -69.53 21.62
C ARG D 114 9.41 -70.56 20.51
N LYS D 115 9.27 -70.14 19.26
CA LYS D 115 8.82 -71.09 18.27
C LYS D 115 9.95 -71.81 17.56
N ALA D 116 11.18 -71.62 17.96
CA ALA D 116 12.15 -72.32 17.13
C ALA D 116 12.14 -73.82 17.22
N ARG D 117 12.57 -74.48 16.17
CA ARG D 117 12.77 -75.91 16.28
C ARG D 117 14.26 -76.15 16.29
N ILE D 118 14.81 -76.58 17.41
CA ILE D 118 16.24 -76.70 17.47
C ILE D 118 16.60 -78.13 17.77
N THR D 119 17.64 -78.70 17.14
CA THR D 119 18.02 -80.04 17.60
C THR D 119 19.41 -80.00 18.16
N TYR D 120 19.69 -80.75 19.21
CA TYR D 120 20.98 -80.51 19.82
C TYR D 120 21.70 -81.79 19.84
N ALA D 121 22.96 -81.85 20.17
CA ALA D 121 23.55 -83.16 20.30
C ALA D 121 24.13 -83.05 21.64
N PRO D 122 23.40 -83.44 22.68
CA PRO D 122 23.83 -83.22 24.06
C PRO D 122 25.13 -83.77 24.43
N ARG D 123 25.76 -83.17 25.42
CA ARG D 123 27.04 -83.58 25.99
C ARG D 123 27.00 -83.55 27.50
N PRO D 124 27.92 -84.24 28.14
CA PRO D 124 27.92 -84.29 29.61
C PRO D 124 28.10 -82.85 30.08
N ALA D 125 27.45 -82.40 31.15
CA ALA D 125 27.55 -81.02 31.54
C ALA D 125 28.20 -80.86 32.87
N ILE D 126 28.89 -79.77 33.15
CA ILE D 126 29.56 -79.72 34.44
C ILE D 126 28.85 -78.70 35.29
N LEU D 127 28.11 -79.09 36.32
CA LEU D 127 27.32 -78.13 37.03
C LEU D 127 27.74 -77.87 38.40
N THR D 128 28.62 -78.65 39.00
CA THR D 128 28.91 -78.34 40.40
C THR D 128 30.35 -78.15 40.55
N LEU D 129 30.76 -77.49 41.63
CA LEU D 129 32.16 -77.32 41.93
C LEU D 129 32.86 -78.68 41.85
N ASP D 130 32.33 -79.70 42.50
CA ASP D 130 33.13 -80.91 42.48
C ASP D 130 33.25 -81.36 41.06
N GLN D 131 32.14 -81.35 40.35
CA GLN D 131 32.30 -81.86 39.03
C GLN D 131 33.44 -81.15 38.34
N ALA D 132 33.49 -79.85 38.47
CA ALA D 132 34.47 -79.12 37.72
C ALA D 132 35.83 -79.47 38.29
N LEU D 133 35.91 -79.48 39.60
CA LEU D 133 37.15 -79.83 40.20
C LEU D 133 37.61 -81.14 39.59
N ALA D 134 36.74 -82.13 39.67
CA ALA D 134 36.98 -83.41 39.08
C ALA D 134 37.53 -83.28 37.66
N ALA D 135 36.85 -82.48 36.82
CA ALA D 135 37.15 -82.57 35.41
C ALA D 135 38.27 -81.65 35.02
N ASP D 136 38.90 -81.08 36.05
CA ASP D 136 39.78 -79.95 35.87
C ASP D 136 39.13 -78.93 34.88
N SER D 137 37.87 -78.54 35.14
CA SER D 137 37.21 -77.52 34.34
C SER D 137 37.47 -76.14 34.91
N ARG D 138 38.33 -75.33 34.28
CA ARG D 138 38.64 -74.08 34.96
C ARG D 138 39.21 -72.91 34.15
N PHE D 139 39.40 -71.79 34.83
CA PHE D 139 39.87 -70.59 34.15
C PHE D 139 41.25 -70.23 34.69
N GLU D 140 42.06 -69.55 33.88
CA GLU D 140 43.45 -69.23 34.27
C GLU D 140 44.42 -70.44 34.33
N GLY D 141 44.08 -71.45 33.60
CA GLY D 141 44.92 -72.63 33.60
C GLY D 141 45.41 -73.19 34.93
N GLY D 142 44.72 -73.02 36.04
CA GLY D 142 45.18 -73.69 37.24
C GLY D 142 44.90 -72.73 38.32
N PRO D 143 44.86 -73.13 39.58
CA PRO D 143 44.51 -72.24 40.68
C PRO D 143 45.47 -71.08 40.84
N VAL D 144 45.20 -70.12 41.72
CA VAL D 144 46.08 -69.00 41.95
C VAL D 144 46.48 -69.17 43.39
N ILE D 145 47.78 -69.18 43.75
CA ILE D 145 48.12 -69.32 45.17
C ILE D 145 48.98 -68.17 45.68
N TRP D 146 48.72 -67.64 46.86
CA TRP D 146 49.51 -66.56 47.44
C TRP D 146 49.77 -67.03 48.81
N ALA D 147 50.97 -66.73 49.30
CA ALA D 147 51.40 -67.25 50.57
C ALA D 147 52.26 -66.22 51.21
N ARG D 148 52.05 -65.97 52.49
CA ARG D 148 52.90 -65.07 53.16
C ARG D 148 53.30 -65.80 54.38
N GLY D 149 54.57 -66.11 54.52
CA GLY D 149 55.04 -66.72 55.74
C GLY D 149 54.97 -68.19 55.51
N ASP D 150 55.14 -68.94 56.60
CA ASP D 150 54.92 -70.39 56.50
C ASP D 150 53.76 -70.92 57.36
N VAL D 151 52.58 -71.11 56.75
CA VAL D 151 51.41 -71.63 57.47
C VAL D 151 51.55 -73.01 58.04
N GLU D 152 52.02 -73.99 57.24
CA GLU D 152 52.05 -75.35 57.75
C GLU D 152 52.81 -75.29 59.03
N THR D 153 53.98 -74.72 58.93
CA THR D 153 54.74 -74.63 60.12
C THR D 153 53.87 -74.05 61.20
N ALA D 154 53.34 -72.89 60.94
CA ALA D 154 52.60 -72.17 61.97
C ALA D 154 51.57 -73.03 62.67
N LEU D 155 50.67 -73.57 61.85
CA LEU D 155 49.59 -74.39 62.35
C LEU D 155 50.05 -75.54 63.20
N ALA D 156 50.86 -76.42 62.59
CA ALA D 156 51.46 -77.58 63.27
C ALA D 156 51.80 -77.28 64.72
N GLY D 157 52.37 -76.09 64.96
CA GLY D 157 52.79 -75.77 66.30
C GLY D 157 51.82 -74.91 67.05
N ALA D 158 50.51 -75.04 66.80
CA ALA D 158 49.59 -74.10 67.44
C ALA D 158 48.72 -74.51 68.67
N ALA D 159 48.82 -73.73 69.73
CA ALA D 159 47.97 -74.04 70.88
C ALA D 159 46.52 -74.29 70.51
N HIS D 160 46.01 -73.70 69.44
CA HIS D 160 44.60 -73.82 69.13
C HIS D 160 44.34 -73.88 67.70
N LEU D 161 43.31 -74.61 67.31
CA LEU D 161 43.15 -74.82 65.90
C LEU D 161 41.72 -75.09 65.48
N ALA D 162 41.32 -74.70 64.29
CA ALA D 162 40.00 -75.08 63.80
C ALA D 162 40.01 -75.39 62.30
N GLU D 163 39.52 -76.53 61.89
CA GLU D 163 39.45 -76.79 60.47
C GLU D 163 37.99 -76.75 60.22
N GLY D 164 37.58 -76.27 59.09
CA GLY D 164 36.18 -76.27 58.80
C GLY D 164 36.03 -75.98 57.35
N CYS D 165 34.91 -76.36 56.80
CA CYS D 165 34.68 -76.15 55.44
C CYS D 165 33.22 -75.67 55.39
N PHE D 166 32.85 -74.77 54.43
CA PHE D 166 31.45 -74.29 54.32
C PHE D 166 30.97 -73.67 53.04
N GLU D 167 29.69 -73.72 52.73
CA GLU D 167 29.31 -73.20 51.42
C GLU D 167 28.78 -71.77 51.47
N ILE D 168 29.04 -71.00 50.44
CA ILE D 168 28.47 -69.68 50.39
C ILE D 168 27.71 -69.55 49.07
N GLY D 169 26.49 -69.05 49.13
CA GLY D 169 25.76 -69.06 47.88
C GLY D 169 25.81 -67.80 47.11
N GLY D 170 25.52 -67.86 45.83
CA GLY D 170 25.58 -66.66 45.03
C GLY D 170 24.43 -65.77 45.36
N GLN D 171 24.12 -64.83 44.49
CA GLN D 171 23.04 -63.88 44.82
C GLN D 171 22.66 -63.21 43.54
N GLU D 172 21.35 -63.06 43.32
CA GLU D 172 20.87 -62.41 42.12
C GLU D 172 20.61 -60.94 42.42
N HIS D 173 21.07 -60.07 41.57
CA HIS D 173 20.98 -58.66 41.84
C HIS D 173 19.61 -58.16 42.17
N PHE D 174 18.71 -58.53 41.29
CA PHE D 174 17.38 -58.03 41.31
C PHE D 174 17.43 -56.56 41.30
N TYR D 175 17.85 -55.96 40.21
CA TYR D 175 17.82 -54.53 40.12
C TYR D 175 16.35 -54.19 39.74
N LEU D 176 15.67 -53.30 40.46
CA LEU D 176 14.30 -53.05 39.99
C LEU D 176 14.13 -52.72 38.53
N GLU D 177 14.96 -51.95 37.84
CA GLU D 177 14.78 -51.81 36.37
C GLU D 177 15.64 -52.88 35.71
N GLY D 178 15.14 -53.61 34.73
CA GLY D 178 15.94 -54.70 34.18
C GLY D 178 16.91 -54.29 33.09
N GLN D 179 17.75 -55.20 32.59
CA GLN D 179 18.68 -54.81 31.57
C GLN D 179 17.89 -54.22 30.47
N ALA D 180 18.47 -53.28 29.72
CA ALA D 180 17.72 -52.67 28.61
C ALA D 180 18.60 -51.75 27.79
N ALA D 181 18.27 -51.62 26.48
CA ALA D 181 19.03 -50.75 25.62
C ALA D 181 18.23 -50.48 24.43
N LEU D 182 18.73 -49.52 23.67
CA LEU D 182 18.06 -48.94 22.55
C LEU D 182 19.19 -48.41 21.68
N ALA D 183 19.04 -48.47 20.37
CA ALA D 183 20.07 -48.01 19.49
C ALA D 183 19.41 -47.29 18.38
N LEU D 184 19.94 -46.15 18.01
CA LEU D 184 19.35 -45.36 16.93
C LEU D 184 20.33 -45.15 15.84
N PRO D 185 20.15 -45.69 14.68
CA PRO D 185 21.06 -45.43 13.57
C PRO D 185 21.04 -43.97 13.43
N ALA D 186 22.22 -43.40 13.33
CA ALA D 186 22.38 -41.97 13.08
C ALA D 186 23.46 -41.72 12.06
N GLU D 187 23.00 -41.70 10.83
CA GLU D 187 23.79 -41.53 9.63
C GLU D 187 25.19 -42.01 9.77
N GLY D 188 25.41 -43.26 9.45
CA GLY D 188 26.76 -43.72 9.44
C GLY D 188 27.10 -44.30 10.77
N GLY D 189 26.53 -43.85 11.88
CA GLY D 189 26.98 -44.46 13.11
C GLY D 189 25.83 -44.86 13.97
N VAL D 190 26.02 -45.09 15.26
CA VAL D 190 24.83 -45.29 16.02
C VAL D 190 24.93 -44.52 17.24
N VAL D 191 23.78 -44.26 17.84
CA VAL D 191 23.72 -43.69 19.16
C VAL D 191 23.04 -44.75 20.03
N ILE D 192 23.65 -45.14 21.15
CA ILE D 192 23.01 -46.07 22.05
C ILE D 192 22.52 -45.40 23.36
N HIS D 193 21.27 -45.60 23.76
CA HIS D 193 20.89 -45.32 25.12
C HIS D 193 20.83 -46.65 25.88
N CYS D 194 21.32 -46.73 27.11
CA CYS D 194 21.11 -47.99 27.77
C CYS D 194 21.14 -47.90 29.24
N SER D 195 20.97 -49.04 29.88
CA SER D 195 20.90 -49.00 31.30
C SER D 195 22.11 -49.71 31.82
N SER D 196 23.22 -49.00 31.96
CA SER D 196 24.47 -49.70 32.23
C SER D 196 25.45 -48.91 33.03
N GLN D 197 26.27 -49.60 33.73
CA GLN D 197 27.21 -48.93 34.55
C GLN D 197 28.44 -48.71 33.71
N HIS D 198 28.45 -49.08 32.41
CA HIS D 198 29.70 -48.96 31.67
C HIS D 198 29.60 -48.53 30.22
N PRO D 199 29.24 -47.28 30.04
CA PRO D 199 28.98 -46.80 28.71
C PRO D 199 30.24 -46.87 27.88
N SER D 200 31.36 -46.37 28.32
CA SER D 200 32.54 -46.53 27.46
C SER D 200 32.73 -47.97 26.94
N GLU D 201 32.59 -48.99 27.78
CA GLU D 201 32.58 -50.30 27.22
C GLU D 201 31.36 -50.56 26.30
N ILE D 202 30.16 -50.13 26.61
CA ILE D 202 29.12 -50.44 25.69
C ILE D 202 29.60 -49.97 24.33
N GLN D 203 30.23 -48.78 24.31
CA GLN D 203 30.77 -48.23 23.08
C GLN D 203 31.69 -49.21 22.40
N HIS D 204 32.69 -49.63 23.13
CA HIS D 204 33.72 -50.47 22.56
C HIS D 204 33.07 -51.65 21.81
N LYS D 205 32.19 -52.37 22.52
CA LYS D 205 31.59 -53.60 21.97
C LYS D 205 30.60 -53.32 20.84
N VAL D 206 29.92 -52.17 20.93
CA VAL D 206 28.97 -51.94 19.89
C VAL D 206 29.79 -51.70 18.68
N ALA D 207 30.87 -50.91 18.87
CA ALA D 207 31.72 -50.56 17.72
C ALA D 207 32.29 -51.83 17.06
N HIS D 208 32.94 -52.60 17.89
CA HIS D 208 33.42 -53.77 17.32
C HIS D 208 32.34 -54.63 16.64
N ALA D 209 31.12 -54.56 17.10
CA ALA D 209 30.18 -55.46 16.49
C ALA D 209 29.71 -54.93 15.23
N LEU D 210 29.71 -53.63 15.08
CA LEU D 210 29.30 -53.03 13.83
C LEU D 210 30.49 -52.83 12.87
N GLY D 211 31.72 -52.85 13.33
CA GLY D 211 32.79 -52.64 12.40
C GLY D 211 32.99 -51.15 12.19
N LEU D 212 33.03 -50.41 13.28
CA LEU D 212 33.08 -49.00 13.19
C LEU D 212 34.13 -48.54 14.13
N ALA D 213 34.78 -47.42 13.84
CA ALA D 213 35.78 -46.92 14.80
C ALA D 213 35.03 -46.46 16.04
N PHE D 214 35.66 -46.29 17.18
CA PHE D 214 34.83 -45.82 18.23
C PHE D 214 34.15 -44.51 18.02
N HIS D 215 34.71 -43.65 17.20
CA HIS D 215 34.18 -42.31 17.18
C HIS D 215 32.83 -42.28 16.47
N ASP D 216 32.33 -43.40 15.94
CA ASP D 216 31.01 -43.35 15.27
C ASP D 216 29.99 -43.94 16.15
N VAL D 217 30.30 -43.94 17.45
CA VAL D 217 29.38 -44.55 18.38
C VAL D 217 29.27 -43.79 19.68
N ARG D 218 28.11 -43.26 19.99
CA ARG D 218 27.95 -42.51 21.20
C ARG D 218 26.99 -43.19 22.16
N VAL D 219 27.37 -43.47 23.40
CA VAL D 219 26.42 -44.03 24.37
C VAL D 219 26.00 -43.06 25.43
N GLU D 220 24.71 -42.84 25.64
CA GLU D 220 24.32 -41.83 26.63
C GLU D 220 23.61 -42.58 27.64
N MET D 221 23.89 -42.35 28.89
CA MET D 221 23.22 -43.11 29.87
C MET D 221 22.87 -42.18 31.00
N ARG D 222 21.59 -41.83 31.17
CA ARG D 222 21.25 -40.85 32.15
C ARG D 222 21.03 -41.40 33.50
N ARG D 223 20.63 -42.65 33.68
CA ARG D 223 20.35 -43.15 35.06
C ARG D 223 19.92 -44.55 34.99
N MET D 224 20.25 -45.32 36.00
CA MET D 224 19.85 -46.71 36.01
C MET D 224 18.93 -46.93 37.15
N GLY D 225 18.04 -47.90 37.03
CA GLY D 225 17.24 -48.23 38.19
C GLY D 225 17.94 -49.21 39.06
N GLY D 226 19.10 -48.88 39.56
CA GLY D 226 19.86 -49.84 40.35
C GLY D 226 20.73 -50.67 39.42
N GLY D 227 21.91 -51.09 39.93
CA GLY D 227 22.83 -51.95 39.17
C GLY D 227 23.62 -52.89 40.05
N PHE D 228 24.14 -52.41 41.16
CA PHE D 228 24.78 -53.33 42.06
C PHE D 228 25.86 -54.17 41.43
N GLY D 229 26.45 -53.81 40.33
CA GLY D 229 27.38 -54.74 39.77
C GLY D 229 26.79 -55.42 38.58
N GLY D 230 25.51 -55.75 38.57
CA GLY D 230 24.92 -56.49 37.48
C GLY D 230 24.92 -55.70 36.19
N LYS D 231 25.39 -54.48 36.23
CA LYS D 231 25.38 -53.78 34.96
C LYS D 231 26.78 -53.30 34.61
N GLU D 232 27.78 -53.97 35.21
CA GLU D 232 29.13 -53.64 34.90
C GLU D 232 29.46 -54.23 33.56
N SER D 233 28.79 -55.30 33.18
CA SER D 233 29.12 -55.88 31.88
C SER D 233 28.01 -56.53 31.13
N GLN D 234 27.04 -57.11 31.82
CA GLN D 234 25.97 -57.69 31.06
C GLN D 234 25.08 -56.65 30.39
N GLY D 235 25.62 -55.48 30.10
CA GLY D 235 24.75 -54.56 29.44
C GLY D 235 25.13 -54.84 28.05
N ASN D 236 26.30 -55.46 27.87
CA ASN D 236 26.85 -55.60 26.54
C ASN D 236 25.93 -56.29 25.56
N HIS D 237 25.50 -57.50 25.85
CA HIS D 237 24.60 -58.21 24.92
C HIS D 237 23.38 -57.39 24.48
N LEU D 238 22.73 -56.67 25.40
CA LEU D 238 21.60 -55.97 24.91
C LEU D 238 22.07 -54.93 23.89
N ALA D 239 23.12 -54.19 24.21
CA ALA D 239 23.48 -53.14 23.28
C ALA D 239 23.91 -53.68 21.92
N ILE D 240 24.73 -54.76 21.93
CA ILE D 240 25.20 -55.28 20.66
C ILE D 240 24.01 -55.70 19.85
N ALA D 241 23.04 -56.35 20.46
CA ALA D 241 21.95 -56.87 19.65
C ALA D 241 21.16 -55.69 19.14
N CYS D 242 20.91 -54.74 20.02
CA CYS D 242 20.20 -53.64 19.55
C CYS D 242 20.91 -53.03 18.38
N ALA D 243 22.21 -52.79 18.48
CA ALA D 243 22.87 -52.11 17.38
C ALA D 243 22.84 -52.96 16.14
N VAL D 244 23.12 -54.23 16.30
CA VAL D 244 23.13 -55.04 15.13
C VAL D 244 21.77 -55.04 14.41
N ALA D 245 20.67 -55.21 15.15
CA ALA D 245 19.36 -55.24 14.53
C ALA D 245 19.16 -53.95 13.83
N ALA D 246 19.62 -52.91 14.46
CA ALA D 246 19.37 -51.65 13.83
C ALA D 246 20.27 -51.37 12.61
N ARG D 247 21.48 -51.91 12.55
CA ARG D 247 22.16 -51.71 11.29
C ARG D 247 21.36 -52.39 10.19
N ALA D 248 20.93 -53.60 10.45
CA ALA D 248 20.22 -54.36 9.43
C ALA D 248 18.87 -53.89 9.08
N THR D 249 18.05 -53.45 9.99
CA THR D 249 16.66 -53.27 9.55
C THR D 249 16.54 -51.87 9.18
N GLY D 250 17.56 -51.07 9.48
CA GLY D 250 17.41 -49.68 9.11
C GLY D 250 16.65 -48.89 10.13
N ARG D 251 16.12 -49.53 11.16
CA ARG D 251 15.40 -48.76 12.16
C ARG D 251 15.74 -48.90 13.66
N PRO D 252 15.29 -47.99 14.44
CA PRO D 252 15.67 -48.01 15.83
C PRO D 252 15.23 -49.31 16.44
N CYS D 253 16.05 -49.95 17.24
CA CYS D 253 15.67 -51.14 17.91
C CYS D 253 15.94 -51.00 19.35
N LYS D 254 14.97 -51.44 20.18
CA LYS D 254 15.08 -51.44 21.64
C LYS D 254 15.11 -52.85 22.11
N MET D 255 15.66 -53.12 23.29
CA MET D 255 15.53 -54.44 23.92
C MET D 255 15.57 -54.38 25.39
N ARG D 256 14.59 -54.96 26.02
CA ARG D 256 14.62 -55.00 27.46
C ARG D 256 14.25 -56.45 27.81
N TYR D 257 14.83 -56.95 28.86
CA TYR D 257 14.57 -58.28 29.29
C TYR D 257 13.42 -58.36 30.29
N ASP D 258 12.52 -59.22 30.00
CA ASP D 258 11.50 -59.58 30.93
C ASP D 258 12.12 -60.18 32.15
N ARG D 259 11.55 -60.01 33.30
CA ARG D 259 12.27 -60.57 34.42
C ARG D 259 12.79 -61.97 34.31
N ASP D 260 11.90 -62.88 33.95
CA ASP D 260 12.27 -64.29 33.90
C ASP D 260 13.49 -64.41 33.01
N ASP D 261 13.54 -63.74 31.85
CA ASP D 261 14.65 -63.89 30.93
C ASP D 261 15.91 -63.39 31.58
N ASP D 262 15.81 -62.21 32.17
CA ASP D 262 16.92 -61.54 32.81
C ASP D 262 17.51 -62.49 33.82
N MET D 263 16.73 -63.01 34.74
CA MET D 263 17.32 -63.94 35.70
C MET D 263 17.94 -65.19 35.17
N VAL D 264 17.52 -65.61 33.99
CA VAL D 264 18.03 -66.84 33.45
C VAL D 264 19.30 -66.58 32.69
N ILE D 265 19.34 -65.46 31.94
CA ILE D 265 20.49 -65.09 31.12
C ILE D 265 21.64 -64.36 31.78
N THR D 266 21.43 -63.46 32.71
CA THR D 266 22.59 -62.73 33.27
C THR D 266 23.26 -63.49 34.39
N GLY D 267 24.32 -62.99 34.96
CA GLY D 267 24.99 -63.80 35.92
C GLY D 267 24.60 -63.40 37.30
N LYS D 268 25.29 -63.95 38.29
CA LYS D 268 24.99 -63.58 39.66
C LYS D 268 26.28 -63.53 40.45
N ARG D 269 26.22 -63.28 41.74
CA ARG D 269 27.42 -63.28 42.53
C ARG D 269 27.98 -64.62 42.49
N HIS D 270 29.29 -64.69 42.60
CA HIS D 270 29.99 -65.97 42.53
C HIS D 270 29.71 -66.76 43.82
N ASP D 271 29.04 -67.90 43.75
CA ASP D 271 28.97 -68.70 44.96
C ASP D 271 30.28 -69.36 45.21
N PHE D 272 30.57 -69.65 46.47
CA PHE D 272 31.90 -70.07 46.87
C PHE D 272 31.81 -71.26 47.76
N ARG D 273 32.89 -72.03 47.84
CA ARG D 273 33.04 -73.10 48.83
C ARG D 273 34.31 -72.73 49.46
N ILE D 274 34.37 -72.70 50.78
CA ILE D 274 35.52 -72.19 51.45
C ILE D 274 35.92 -73.12 52.51
N ARG D 275 37.16 -73.60 52.38
CA ARG D 275 37.79 -74.60 53.25
C ARG D 275 38.88 -73.89 54.06
N TYR D 276 38.97 -74.12 55.35
CA TYR D 276 39.96 -73.37 56.09
C TYR D 276 40.62 -74.10 57.25
N ARG D 277 41.86 -73.78 57.57
CA ARG D 277 42.40 -74.21 58.84
C ARG D 277 42.91 -72.99 59.48
N ILE D 278 42.54 -72.64 60.69
CA ILE D 278 43.20 -71.45 61.24
C ILE D 278 43.71 -71.80 62.62
N GLY D 279 44.71 -71.06 63.13
CA GLY D 279 45.30 -71.43 64.40
C GLY D 279 45.80 -70.24 65.14
N ALA D 280 45.82 -70.31 66.46
CA ALA D 280 46.39 -69.26 67.31
C ALA D 280 47.17 -69.77 68.54
N ASP D 281 47.94 -68.83 69.07
CA ASP D 281 48.57 -68.72 70.37
C ASP D 281 47.68 -69.16 71.50
N ALA D 282 48.25 -69.23 72.67
CA ALA D 282 47.46 -69.50 73.83
C ALA D 282 46.77 -68.21 74.26
N SER D 283 47.30 -67.06 73.87
CA SER D 283 46.69 -65.85 74.40
C SER D 283 45.58 -65.44 73.46
N GLY D 284 45.56 -66.10 72.31
CA GLY D 284 44.57 -65.74 71.31
C GLY D 284 45.05 -65.03 70.03
N LYS D 285 46.36 -64.76 69.91
CA LYS D 285 46.85 -64.09 68.73
C LYS D 285 46.91 -65.06 67.59
N LEU D 286 46.42 -64.62 66.42
CA LEU D 286 46.39 -65.52 65.32
C LEU D 286 47.77 -65.99 65.02
N LEU D 287 47.94 -67.24 64.60
CA LEU D 287 49.29 -67.66 64.22
C LEU D 287 49.37 -67.77 62.75
N GLY D 288 48.38 -68.39 62.14
CA GLY D 288 48.40 -68.47 60.69
C GLY D 288 47.01 -68.80 60.23
N ALA D 289 46.74 -68.73 58.95
CA ALA D 289 45.46 -69.20 58.53
C ALA D 289 45.59 -69.69 57.09
N ASP D 290 45.11 -70.87 56.73
CA ASP D 290 45.26 -71.37 55.38
C ASP D 290 43.88 -71.58 54.75
N PHE D 291 43.63 -71.08 53.52
CA PHE D 291 42.28 -71.03 52.99
C PHE D 291 42.12 -71.61 51.62
N VAL D 292 41.06 -72.31 51.33
CA VAL D 292 40.96 -72.69 49.96
C VAL D 292 39.64 -72.15 49.44
N HIS D 293 39.65 -71.50 48.28
CA HIS D 293 38.47 -70.96 47.78
C HIS D 293 38.10 -71.67 46.51
N LEU D 294 37.00 -72.43 46.47
CA LEU D 294 36.50 -72.87 45.18
C LEU D 294 35.35 -71.90 44.83
N ALA D 295 35.35 -71.40 43.58
CA ALA D 295 34.45 -70.36 43.15
C ALA D 295 33.87 -70.75 41.79
N ARG D 296 32.54 -70.76 41.71
CA ARG D 296 31.82 -71.20 40.57
C ARG D 296 31.70 -70.05 39.65
N CYS D 297 32.35 -70.03 38.54
CA CYS D 297 32.20 -68.85 37.69
C CYS D 297 31.27 -69.02 36.53
N GLY D 298 30.90 -70.20 36.16
CA GLY D 298 30.01 -70.21 35.01
C GLY D 298 30.70 -70.48 33.68
N TRP D 299 29.97 -70.48 32.59
CA TRP D 299 30.59 -70.87 31.39
C TRP D 299 31.61 -69.92 30.79
N SER D 300 31.87 -68.76 31.38
CA SER D 300 32.75 -67.94 30.64
C SER D 300 33.48 -66.97 31.51
N ALA D 301 34.56 -66.44 31.05
CA ALA D 301 35.32 -65.65 31.99
C ALA D 301 34.59 -64.54 32.74
N ASP D 302 33.79 -63.72 32.04
CA ASP D 302 33.27 -62.46 32.66
C ASP D 302 34.24 -61.71 33.63
N LEU D 303 33.86 -61.41 34.86
CA LEU D 303 34.86 -60.73 35.68
C LEU D 303 35.46 -61.63 36.79
N SER D 304 35.33 -62.95 36.58
CA SER D 304 35.81 -63.85 37.61
C SER D 304 37.20 -63.45 38.03
N LEU D 305 38.02 -63.09 37.05
CA LEU D 305 39.37 -62.87 37.34
C LEU D 305 39.55 -61.85 38.43
N PRO D 306 39.11 -60.65 38.24
CA PRO D 306 39.29 -59.65 39.27
C PRO D 306 38.52 -60.07 40.48
N VAL D 307 37.29 -60.55 40.35
CA VAL D 307 36.52 -60.93 41.55
C VAL D 307 37.32 -61.86 42.43
N CYS D 308 37.65 -63.02 41.87
CA CYS D 308 38.40 -63.88 42.71
C CYS D 308 39.68 -63.21 43.30
N ASP D 309 40.44 -62.42 42.53
CA ASP D 309 41.53 -61.65 43.15
C ASP D 309 41.06 -60.86 44.39
N ARG D 310 39.91 -60.24 44.28
CA ARG D 310 39.41 -59.47 45.42
C ARG D 310 39.08 -60.33 46.62
N ALA D 311 38.59 -61.53 46.39
CA ALA D 311 38.36 -62.30 47.58
C ALA D 311 39.66 -62.66 48.23
N MET D 312 40.63 -63.11 47.47
CA MET D 312 41.92 -63.41 48.07
C MET D 312 42.33 -62.17 48.78
N LEU D 313 42.30 -61.12 48.02
CA LEU D 313 42.62 -59.88 48.63
C LEU D 313 41.97 -59.66 49.97
N HIS D 314 40.76 -60.14 50.27
CA HIS D 314 40.21 -59.86 51.60
C HIS D 314 40.16 -61.03 52.55
N ALA D 315 40.76 -62.15 52.22
CA ALA D 315 40.75 -63.23 53.16
C ALA D 315 41.37 -62.98 54.55
N ASP D 316 41.73 -61.76 54.89
CA ASP D 316 42.38 -61.57 56.13
C ASP D 316 41.36 -60.96 56.95
N GLY D 317 40.23 -60.70 56.31
CA GLY D 317 39.13 -60.07 57.02
C GLY D 317 39.67 -58.83 57.68
N SER D 318 39.46 -58.66 58.96
CA SER D 318 39.99 -57.49 59.61
C SER D 318 41.18 -57.83 60.45
N TYR D 319 41.85 -58.94 60.18
CA TYR D 319 42.88 -59.26 61.16
C TYR D 319 44.26 -59.40 60.63
N PHE D 320 45.23 -59.01 61.45
CA PHE D 320 46.63 -59.18 61.11
C PHE D 320 47.00 -60.66 61.31
N VAL D 321 47.62 -61.27 60.33
CA VAL D 321 47.89 -62.67 60.46
C VAL D 321 49.31 -63.00 60.01
N PRO D 322 50.15 -63.37 60.93
CA PRO D 322 51.53 -63.63 60.61
C PRO D 322 51.70 -64.57 59.49
N ALA D 323 50.86 -65.56 59.26
CA ALA D 323 51.09 -66.36 58.06
C ALA D 323 49.74 -66.65 57.50
N LEU D 324 49.62 -66.67 56.18
CA LEU D 324 48.32 -66.88 55.63
C LEU D 324 48.42 -67.23 54.18
N ARG D 325 47.74 -68.28 53.71
CA ARG D 325 47.90 -68.74 52.35
C ARG D 325 46.49 -68.89 51.68
N ILE D 326 46.38 -68.78 50.36
CA ILE D 326 45.12 -68.93 49.78
C ILE D 326 45.26 -69.59 48.47
N GLU D 327 44.48 -70.59 48.24
CA GLU D 327 44.57 -71.21 46.96
C GLU D 327 43.18 -71.00 46.41
N SER D 328 43.10 -70.35 45.26
CA SER D 328 41.85 -69.95 44.74
C SER D 328 41.50 -70.55 43.40
N HIS D 329 40.58 -71.51 43.35
CA HIS D 329 40.24 -72.11 42.07
C HIS D 329 39.10 -71.39 41.36
N ARG D 330 39.21 -71.03 40.10
CA ARG D 330 38.08 -70.34 39.55
C ARG D 330 37.54 -71.30 38.58
N LEU D 331 36.50 -71.97 39.00
CA LEU D 331 36.01 -73.13 38.25
C LEU D 331 34.94 -72.83 37.24
N ARG D 332 35.07 -73.39 36.07
CA ARG D 332 34.12 -73.12 35.02
C ARG D 332 33.07 -74.15 35.11
N THR D 333 31.85 -73.80 34.78
CA THR D 333 30.71 -74.73 34.90
C THR D 333 29.73 -74.24 33.92
N ASN D 334 28.81 -75.10 33.56
CA ASN D 334 27.84 -74.76 32.55
C ASN D 334 26.70 -74.03 33.14
N THR D 335 26.99 -72.90 33.75
CA THR D 335 25.90 -72.11 34.28
C THR D 335 26.12 -70.64 34.06
N GLN D 336 25.16 -69.87 34.53
CA GLN D 336 25.13 -68.48 34.22
C GLN D 336 26.52 -67.98 34.47
N SER D 337 27.04 -67.12 33.60
CA SER D 337 28.37 -66.58 33.79
C SER D 337 28.37 -65.52 34.87
N ASN D 338 28.84 -65.86 36.05
CA ASN D 338 28.81 -64.90 37.17
C ASN D 338 29.67 -63.62 37.01
N THR D 339 29.42 -62.60 37.81
CA THR D 339 29.94 -61.34 37.44
C THR D 339 30.04 -60.48 38.65
N ALA D 340 30.11 -59.18 38.45
CA ALA D 340 30.22 -58.30 39.57
C ALA D 340 28.96 -58.24 40.45
N PHE D 341 29.14 -58.03 41.74
CA PHE D 341 28.01 -57.77 42.65
C PHE D 341 28.60 -57.08 43.87
N ARG D 342 28.06 -55.91 44.16
CA ARG D 342 28.41 -55.15 45.34
C ARG D 342 29.27 -55.93 46.29
N GLY D 343 30.54 -55.57 46.37
CA GLY D 343 31.51 -56.27 47.19
C GLY D 343 32.50 -56.99 46.27
N PHE D 344 32.07 -57.35 45.06
CA PHE D 344 32.98 -57.89 44.07
C PHE D 344 33.94 -58.83 44.69
N GLY D 345 33.56 -60.00 45.15
CA GLY D 345 34.43 -60.96 45.79
C GLY D 345 34.79 -60.71 47.27
N GLY D 346 34.81 -59.44 47.63
CA GLY D 346 35.31 -59.10 48.94
C GLY D 346 34.60 -59.81 50.05
N PRO D 347 33.26 -59.88 49.97
CA PRO D 347 32.46 -60.52 51.01
C PRO D 347 32.79 -61.96 51.04
N GLN D 348 32.75 -62.63 49.93
CA GLN D 348 33.07 -63.99 50.09
C GLN D 348 34.44 -64.11 50.80
N GLY D 349 35.45 -63.39 50.37
CA GLY D 349 36.71 -63.55 51.04
C GLY D 349 36.63 -63.25 52.50
N ALA D 350 35.95 -62.20 52.86
CA ALA D 350 35.90 -61.87 54.26
C ALA D 350 35.03 -62.87 55.01
N LEU D 351 34.03 -63.40 54.35
CA LEU D 351 33.17 -64.19 55.16
C LEU D 351 34.02 -65.30 55.55
N GLY D 352 34.92 -65.66 54.65
CA GLY D 352 35.73 -66.82 54.87
C GLY D 352 36.46 -66.64 56.14
N MET D 353 37.07 -65.49 56.31
CA MET D 353 37.88 -65.42 57.51
C MET D 353 36.92 -65.30 58.65
N GLU D 354 35.83 -64.56 58.49
CA GLU D 354 34.98 -64.41 59.66
C GLU D 354 34.42 -65.67 60.19
N ARG D 355 34.18 -66.67 59.33
CA ARG D 355 33.56 -67.94 59.77
C ARG D 355 34.59 -68.56 60.60
N ALA D 356 35.75 -68.74 60.00
CA ALA D 356 36.86 -69.37 60.65
C ALA D 356 37.20 -68.79 62.04
N ILE D 357 37.42 -67.50 62.13
CA ILE D 357 37.70 -66.99 63.45
C ILE D 357 36.56 -67.29 64.44
N GLU D 358 35.32 -67.38 63.97
CA GLU D 358 34.29 -67.74 64.91
C GLU D 358 34.51 -69.21 65.29
N HIS D 359 34.80 -70.04 64.32
CA HIS D 359 34.96 -71.40 64.62
C HIS D 359 36.10 -71.50 65.62
N LEU D 360 37.16 -70.76 65.40
CA LEU D 360 38.26 -70.81 66.33
C LEU D 360 37.78 -70.37 67.68
N ALA D 361 37.12 -69.24 67.76
CA ALA D 361 36.66 -68.80 69.06
C ALA D 361 35.87 -69.90 69.75
N ARG D 362 34.94 -70.53 69.04
CA ARG D 362 34.08 -71.49 69.73
C ARG D 362 34.89 -72.62 70.25
N GLY D 363 35.86 -73.01 69.45
CA GLY D 363 36.75 -74.07 69.81
C GLY D 363 37.44 -73.77 71.13
N MET D 364 37.75 -72.52 71.45
CA MET D 364 38.56 -72.33 72.64
C MET D 364 37.79 -71.76 73.80
N GLY D 365 36.49 -71.93 73.68
CA GLY D 365 35.58 -71.43 74.67
C GLY D 365 35.74 -69.96 74.78
N ARG D 366 36.25 -69.27 73.78
CA ARG D 366 36.40 -67.85 74.01
C ARG D 366 35.31 -67.00 73.40
N ASP D 367 35.15 -65.78 73.86
CA ASP D 367 34.09 -64.97 73.27
C ASP D 367 34.63 -64.36 71.99
N PRO D 368 33.96 -64.66 70.91
CA PRO D 368 34.39 -64.26 69.61
C PRO D 368 34.79 -62.79 69.62
N ALA D 369 34.00 -61.99 70.27
CA ALA D 369 34.29 -60.59 70.22
C ALA D 369 35.64 -60.15 70.74
N GLU D 370 36.17 -60.80 71.77
CA GLU D 370 37.48 -60.39 72.26
C GLU D 370 38.48 -61.02 71.31
N LEU D 371 38.22 -62.24 70.92
CA LEU D 371 39.08 -62.85 69.96
C LEU D 371 39.28 -61.86 68.82
N ARG D 372 38.20 -61.39 68.19
CA ARG D 372 38.44 -60.46 67.10
C ARG D 372 39.14 -59.20 67.63
N ALA D 373 38.58 -58.58 68.64
CA ALA D 373 39.10 -57.32 69.07
C ALA D 373 40.54 -57.50 69.14
N LEU D 374 40.98 -58.64 69.65
CA LEU D 374 42.40 -58.88 69.91
C LEU D 374 43.27 -58.99 68.68
N ASN D 375 42.74 -59.21 67.48
CA ASN D 375 43.62 -59.43 66.36
C ASN D 375 43.45 -58.41 65.30
N PHE D 376 42.70 -57.36 65.59
CA PHE D 376 42.54 -56.34 64.59
C PHE D 376 43.93 -55.83 64.36
N TYR D 377 44.21 -55.33 63.15
CA TYR D 377 45.39 -54.52 62.83
C TYR D 377 45.57 -53.48 63.91
N ASP D 378 46.78 -52.95 64.05
CA ASP D 378 47.06 -52.00 65.15
C ASP D 378 46.65 -50.68 64.66
N PRO D 379 46.31 -49.78 65.54
CA PRO D 379 45.88 -48.41 65.14
C PRO D 379 47.01 -47.74 64.44
N PRO D 380 46.88 -46.50 64.01
CA PRO D 380 47.99 -45.82 63.31
C PRO D 380 48.80 -45.01 64.29
N GLU D 381 50.06 -44.66 64.00
CA GLU D 381 51.01 -43.91 64.92
C GLU D 381 51.78 -44.80 65.93
N LYS D 398 57.90 -47.51 64.62
CA LYS D 398 58.71 -48.36 63.74
C LYS D 398 57.87 -49.59 63.30
N LYS D 399 58.04 -49.94 62.02
CA LYS D 399 57.37 -51.07 61.36
C LYS D 399 55.84 -51.16 61.60
N THR D 400 55.08 -50.86 60.57
CA THR D 400 53.65 -50.91 60.69
C THR D 400 53.26 -52.23 60.05
N GLN D 401 52.21 -52.88 60.52
CA GLN D 401 51.86 -54.21 60.04
C GLN D 401 51.47 -54.21 58.60
N THR D 402 51.43 -55.34 57.93
CA THR D 402 51.04 -55.34 56.56
C THR D 402 50.05 -56.42 56.45
N THR D 403 49.31 -56.42 55.33
CA THR D 403 48.42 -57.48 55.00
C THR D 403 49.21 -58.59 54.33
N HIS D 404 48.56 -59.69 54.04
CA HIS D 404 49.31 -60.77 53.47
C HIS D 404 49.69 -60.41 52.06
N TYR D 405 49.39 -59.21 51.60
CA TYR D 405 49.85 -58.95 50.24
C TYR D 405 50.91 -57.84 50.42
N GLY D 406 51.27 -57.67 51.68
CA GLY D 406 52.27 -56.70 52.00
C GLY D 406 51.93 -55.25 51.75
N GLN D 407 50.79 -54.76 52.22
CA GLN D 407 50.46 -53.37 51.99
C GLN D 407 50.36 -52.88 53.36
N GLU D 408 51.13 -51.90 53.78
CA GLU D 408 50.96 -51.45 55.19
C GLU D 408 49.57 -50.99 55.47
N VAL D 409 49.06 -51.29 56.64
CA VAL D 409 47.72 -50.88 57.03
C VAL D 409 47.91 -49.76 58.02
N ALA D 410 47.75 -48.56 57.52
CA ALA D 410 48.19 -47.43 58.24
C ALA D 410 47.07 -46.66 58.71
N ASP D 411 45.84 -47.15 58.60
CA ASP D 411 44.73 -46.31 59.01
C ASP D 411 43.58 -47.00 59.68
N CYS D 412 43.82 -48.17 60.24
CA CYS D 412 42.79 -48.99 60.79
C CYS D 412 42.31 -48.50 62.14
N VAL D 413 41.12 -47.98 62.19
CA VAL D 413 40.56 -47.58 63.50
C VAL D 413 39.54 -48.60 64.08
N LEU D 414 39.58 -49.83 63.64
CA LEU D 414 38.64 -50.74 64.18
C LEU D 414 38.56 -50.74 65.74
N GLY D 415 39.71 -50.88 66.37
CA GLY D 415 39.78 -50.93 67.80
C GLY D 415 38.91 -49.89 68.41
N GLU D 416 39.31 -48.65 68.18
CA GLU D 416 38.56 -47.52 68.72
C GLU D 416 37.05 -47.63 68.41
N LEU D 417 36.73 -47.85 67.14
CA LEU D 417 35.37 -47.94 66.63
C LEU D 417 34.53 -49.07 67.20
N VAL D 418 34.98 -50.30 67.08
CA VAL D 418 34.19 -51.39 67.62
C VAL D 418 33.85 -51.05 69.10
N THR D 419 34.88 -50.70 69.89
CA THR D 419 34.65 -50.30 71.28
C THR D 419 33.49 -49.31 71.34
N ARG D 420 33.57 -48.24 70.60
CA ARG D 420 32.54 -47.24 70.70
C ARG D 420 31.20 -47.90 70.39
N LEU D 421 31.19 -48.87 69.47
CA LEU D 421 29.94 -49.43 69.01
C LEU D 421 29.35 -50.31 70.08
N GLN D 422 30.20 -51.17 70.63
CA GLN D 422 29.76 -52.04 71.71
C GLN D 422 29.06 -51.30 72.79
N LYS D 423 29.58 -50.13 73.11
CA LYS D 423 29.06 -49.40 74.21
C LYS D 423 27.82 -48.71 73.84
N SER D 424 27.76 -48.14 72.67
CA SER D 424 26.58 -47.39 72.37
C SER D 424 25.48 -48.36 72.16
N ALA D 425 25.80 -49.61 71.93
CA ALA D 425 24.75 -50.54 71.60
C ALA D 425 24.49 -51.39 72.79
N ASN D 426 25.17 -51.08 73.87
CA ASN D 426 24.85 -51.76 75.07
C ASN D 426 25.13 -53.19 74.89
N PHE D 427 26.18 -53.53 74.16
CA PHE D 427 26.47 -54.89 73.83
C PHE D 427 26.47 -55.88 74.97
N THR D 428 27.38 -55.75 75.92
CA THR D 428 27.56 -56.69 77.03
C THR D 428 26.27 -56.95 77.82
N THR D 429 25.67 -55.90 78.36
CA THR D 429 24.42 -56.08 79.04
C THR D 429 23.49 -56.88 78.14
N ARG D 430 23.36 -56.48 76.88
CA ARG D 430 22.50 -57.21 75.95
C ARG D 430 22.93 -58.64 75.77
N ARG D 431 24.18 -58.94 75.87
CA ARG D 431 24.57 -60.30 75.68
C ARG D 431 23.99 -61.19 76.79
N ALA D 432 24.10 -60.69 78.01
CA ALA D 432 23.60 -61.35 79.19
C ALA D 432 22.09 -61.50 79.14
N GLU D 433 21.36 -60.38 78.97
CA GLU D 433 19.92 -60.44 78.90
C GLU D 433 19.56 -61.62 78.02
N ILE D 434 20.24 -61.78 76.92
CA ILE D 434 19.93 -62.86 76.03
C ILE D 434 20.17 -64.28 76.59
N ALA D 435 21.27 -64.46 77.31
CA ALA D 435 21.62 -65.78 77.79
C ALA D 435 20.49 -66.23 78.69
N ALA D 436 20.12 -65.33 79.57
CA ALA D 436 19.08 -65.63 80.51
C ALA D 436 17.88 -65.97 79.69
N TRP D 437 17.43 -65.04 78.85
CA TRP D 437 16.25 -65.31 78.07
C TRP D 437 16.33 -66.70 77.43
N ASN D 438 17.43 -67.06 76.82
CA ASN D 438 17.45 -68.32 76.14
C ASN D 438 17.18 -69.45 77.12
N SER D 439 17.63 -69.29 78.37
CA SER D 439 17.60 -70.40 79.34
C SER D 439 16.23 -70.70 79.82
N THR D 440 15.32 -69.79 79.62
CA THR D 440 13.93 -69.95 79.97
C THR D 440 13.09 -70.32 78.76
N ASN D 441 13.71 -70.67 77.65
CA ASN D 441 12.92 -70.80 76.47
C ASN D 441 13.30 -72.05 75.78
N ARG D 442 12.32 -72.84 75.32
CA ARG D 442 12.69 -74.06 74.64
C ARG D 442 12.24 -74.11 73.15
N THR D 443 11.54 -73.10 72.70
CA THR D 443 11.23 -73.10 71.30
C THR D 443 11.92 -71.98 70.54
N LEU D 444 12.17 -70.85 71.18
CA LEU D 444 12.88 -69.78 70.56
C LEU D 444 14.24 -69.61 71.15
N ALA D 445 15.12 -68.98 70.41
CA ALA D 445 16.43 -68.69 70.95
C ALA D 445 16.90 -67.47 70.26
N ARG D 446 17.42 -66.54 71.00
CA ARG D 446 17.87 -65.35 70.38
C ARG D 446 19.37 -65.52 70.23
N GLY D 447 20.00 -64.86 69.26
CA GLY D 447 21.45 -64.87 69.10
C GLY D 447 21.93 -63.45 68.81
N ILE D 448 23.14 -63.10 69.23
CA ILE D 448 23.64 -61.76 68.84
C ILE D 448 25.13 -61.78 68.36
N ALA D 449 25.57 -60.94 67.42
CA ALA D 449 26.99 -61.06 66.98
C ALA D 449 27.54 -59.77 66.50
N LEU D 450 28.87 -59.57 66.66
CA LEU D 450 29.50 -58.30 66.23
C LEU D 450 30.38 -58.62 65.11
N SER D 451 30.31 -57.85 64.07
CA SER D 451 31.15 -58.19 62.95
C SER D 451 31.75 -56.92 62.34
N PRO D 452 33.04 -57.01 62.04
CA PRO D 452 33.78 -55.88 61.49
C PRO D 452 34.10 -55.99 60.02
N VAL D 453 34.43 -54.82 59.47
CA VAL D 453 34.75 -54.71 58.07
C VAL D 453 35.96 -53.90 57.73
N LYS D 454 36.78 -54.42 56.84
CA LYS D 454 37.82 -53.56 56.31
C LYS D 454 37.81 -53.78 54.82
N PHE D 455 37.72 -52.74 54.01
CA PHE D 455 37.59 -52.92 52.60
C PHE D 455 38.48 -51.98 51.80
N GLY D 456 39.31 -52.55 50.91
CA GLY D 456 40.23 -51.79 50.10
C GLY D 456 39.46 -51.04 49.04
N ILE D 457 39.88 -49.82 48.69
CA ILE D 457 39.23 -48.99 47.74
C ILE D 457 40.14 -48.73 46.55
N SER D 458 39.71 -49.15 45.34
CA SER D 458 40.34 -48.90 44.07
C SER D 458 40.24 -50.12 43.22
N PHE D 459 40.12 -50.00 41.91
CA PHE D 459 40.06 -51.17 41.09
C PHE D 459 41.32 -51.95 41.26
N THR D 460 41.31 -53.25 41.22
CA THR D 460 42.54 -53.96 41.43
C THR D 460 43.19 -54.06 40.15
N LEU D 461 42.54 -53.69 39.11
CA LEU D 461 43.17 -53.77 37.79
C LEU D 461 43.58 -52.31 37.60
N THR D 462 44.64 -51.94 38.28
CA THR D 462 45.10 -50.56 38.31
C THR D 462 44.85 -49.57 37.28
N HIS D 463 45.07 -49.82 36.02
CA HIS D 463 44.80 -48.63 35.19
C HIS D 463 43.32 -48.18 35.15
N LEU D 464 42.40 -48.87 35.79
CA LEU D 464 41.04 -48.43 35.70
C LEU D 464 40.87 -47.26 36.55
N ASN D 465 41.78 -46.99 37.45
CA ASN D 465 41.44 -45.93 38.39
C ASN D 465 41.72 -44.55 37.81
N GLN D 466 40.91 -44.15 36.79
CA GLN D 466 40.90 -42.79 36.16
C GLN D 466 39.50 -42.15 35.96
N ALA D 467 39.36 -40.85 35.87
CA ALA D 467 38.01 -40.37 35.69
C ALA D 467 38.17 -39.03 35.03
N GLY D 468 37.15 -38.52 34.32
CA GLY D 468 37.23 -37.19 33.77
C GLY D 468 35.91 -36.49 33.85
N ALA D 469 35.84 -35.19 33.63
CA ALA D 469 34.64 -34.42 33.78
C ALA D 469 34.83 -33.31 32.86
N LEU D 470 33.75 -32.69 32.41
CA LEU D 470 33.74 -31.56 31.48
C LEU D 470 32.72 -30.63 32.10
N VAL D 471 33.12 -29.42 32.49
CA VAL D 471 32.16 -28.48 33.01
C VAL D 471 31.87 -27.24 32.18
N GLN D 472 30.64 -26.70 32.22
CA GLN D 472 30.39 -25.51 31.44
C GLN D 472 29.75 -24.45 32.30
N ILE D 473 30.13 -23.19 32.06
CA ILE D 473 29.45 -22.06 32.69
C ILE D 473 28.85 -21.14 31.62
N TYR D 474 27.52 -20.98 31.65
CA TYR D 474 26.89 -20.09 30.68
C TYR D 474 26.82 -18.58 31.10
N THR D 475 26.48 -17.71 30.18
CA THR D 475 26.62 -16.38 30.58
C THR D 475 25.61 -15.92 31.53
N ASP D 476 24.64 -16.72 31.94
CA ASP D 476 23.73 -16.20 32.97
C ASP D 476 24.21 -16.76 34.29
N GLY D 477 25.31 -17.48 34.24
CA GLY D 477 25.87 -17.91 35.49
C GLY D 477 25.48 -19.29 35.88
N SER D 478 24.69 -19.96 35.07
CA SER D 478 24.36 -21.31 35.44
C SER D 478 25.39 -22.22 34.93
N VAL D 479 25.32 -23.44 35.37
CA VAL D 479 26.45 -24.31 35.15
C VAL D 479 25.96 -25.68 34.88
N ALA D 480 26.67 -26.39 33.98
CA ALA D 480 26.26 -27.69 33.49
C ALA D 480 27.37 -28.55 33.81
N LEU D 481 27.16 -29.57 34.62
CA LEU D 481 28.22 -30.46 35.06
C LEU D 481 28.12 -31.78 34.34
N ASN D 482 29.25 -32.42 34.13
CA ASN D 482 29.19 -33.66 33.45
C ASN D 482 30.36 -34.45 33.79
N HIS D 483 30.18 -35.69 34.25
CA HIS D 483 31.36 -36.50 34.46
C HIS D 483 31.16 -37.94 33.97
N GLY D 484 32.12 -38.79 34.25
CA GLY D 484 32.10 -40.08 33.69
C GLY D 484 31.34 -41.13 34.44
N GLY D 485 30.92 -40.81 35.65
CA GLY D 485 30.23 -41.80 36.46
C GLY D 485 28.77 -41.94 36.10
N THR D 486 28.17 -43.05 36.49
CA THR D 486 26.79 -43.26 36.14
C THR D 486 26.00 -43.40 37.37
N GLU D 487 24.83 -42.75 37.37
CA GLU D 487 23.96 -42.74 38.56
C GLU D 487 23.11 -43.99 38.62
N MET D 488 23.18 -44.73 39.68
CA MET D 488 22.35 -45.86 39.67
C MET D 488 21.60 -45.92 41.01
N GLY D 489 21.41 -44.76 41.65
CA GLY D 489 20.65 -44.76 42.87
C GLY D 489 21.53 -44.44 43.99
N GLN D 490 22.81 -44.33 43.75
CA GLN D 490 23.68 -44.20 44.89
C GLN D 490 24.01 -42.83 45.25
N GLY D 491 23.35 -41.86 44.68
CA GLY D 491 23.69 -40.49 45.01
C GLY D 491 24.88 -39.87 44.32
N LEU D 492 25.53 -40.51 43.34
CA LEU D 492 26.69 -39.91 42.75
C LEU D 492 26.43 -38.55 42.17
N HIS D 493 25.47 -38.39 41.28
CA HIS D 493 25.30 -37.01 40.84
C HIS D 493 25.03 -35.93 41.98
N ALA D 494 24.52 -36.28 43.14
CA ALA D 494 24.37 -35.15 44.05
C ALA D 494 25.77 -34.84 44.49
N LYS D 495 26.45 -35.84 45.01
CA LYS D 495 27.76 -35.56 45.49
C LYS D 495 28.58 -34.79 44.41
N MET D 496 28.44 -35.14 43.12
CA MET D 496 29.23 -34.43 42.21
C MET D 496 28.76 -32.97 42.11
N VAL D 497 27.46 -32.75 42.08
CA VAL D 497 26.97 -31.38 42.06
C VAL D 497 27.53 -30.72 43.34
N GLN D 498 27.47 -31.40 44.47
CA GLN D 498 27.93 -30.71 45.65
C GLN D 498 29.41 -30.21 45.51
N VAL D 499 30.36 -31.11 45.25
CA VAL D 499 31.73 -30.74 45.01
C VAL D 499 31.79 -29.55 44.08
N ALA D 500 31.09 -29.67 42.98
CA ALA D 500 31.16 -28.52 42.07
C ALA D 500 30.67 -27.26 42.71
N ALA D 501 29.60 -27.32 43.44
CA ALA D 501 29.16 -26.05 43.88
C ALA D 501 30.16 -25.48 44.90
N ALA D 502 30.90 -26.37 45.55
CA ALA D 502 31.65 -25.88 46.66
C ALA D 502 32.80 -25.24 46.08
N VAL D 503 33.47 -25.96 45.19
CA VAL D 503 34.70 -25.45 44.62
C VAL D 503 34.42 -24.16 43.87
N LEU D 504 33.28 -23.99 43.26
CA LEU D 504 33.08 -22.78 42.48
C LEU D 504 32.57 -21.69 43.35
N GLY D 505 32.19 -22.01 44.57
CA GLY D 505 31.70 -20.92 45.42
C GLY D 505 30.25 -20.44 45.19
N ILE D 506 29.38 -21.26 44.63
CA ILE D 506 28.02 -20.87 44.37
C ILE D 506 27.04 -21.90 44.86
N ASP D 507 25.78 -21.58 44.86
CA ASP D 507 24.84 -22.47 45.44
C ASP D 507 24.55 -23.60 44.44
N PRO D 508 24.36 -24.82 44.96
CA PRO D 508 24.18 -26.01 44.15
C PRO D 508 23.06 -25.85 43.21
N VAL D 509 22.09 -25.04 43.53
CA VAL D 509 20.99 -24.92 42.60
C VAL D 509 21.43 -24.48 41.19
N GLN D 510 22.58 -23.82 41.12
CA GLN D 510 23.03 -23.25 39.89
C GLN D 510 23.74 -24.34 39.12
N VAL D 511 23.85 -25.54 39.64
CA VAL D 511 24.59 -26.49 38.85
C VAL D 511 23.70 -27.60 38.39
N ARG D 512 23.56 -27.92 37.11
CA ARG D 512 22.68 -29.01 36.73
C ARG D 512 23.47 -30.14 36.22
N ILE D 513 23.11 -31.41 36.48
CA ILE D 513 23.89 -32.56 35.97
C ILE D 513 23.39 -33.01 34.64
N THR D 514 24.24 -33.52 33.79
CA THR D 514 23.78 -34.00 32.55
C THR D 514 24.00 -35.46 32.49
N ALA D 515 23.40 -36.09 31.48
CA ALA D 515 23.50 -37.54 31.31
C ALA D 515 24.96 -37.93 31.03
N THR D 516 25.37 -39.10 31.49
CA THR D 516 26.67 -39.60 31.19
C THR D 516 26.68 -39.80 29.67
N ASP D 517 27.72 -39.37 29.00
CA ASP D 517 27.73 -39.43 27.57
C ASP D 517 29.16 -39.61 27.06
N THR D 518 29.49 -40.73 26.44
CA THR D 518 30.85 -40.91 26.04
C THR D 518 31.34 -39.89 24.97
N SER D 519 30.53 -38.98 24.44
CA SER D 519 31.11 -38.10 23.51
C SER D 519 31.52 -36.88 24.26
N LYS D 520 31.32 -36.86 25.57
CA LYS D 520 31.61 -35.73 26.36
C LYS D 520 32.80 -36.03 27.31
N VAL D 521 32.79 -37.10 28.10
CA VAL D 521 34.00 -37.48 28.76
C VAL D 521 34.30 -38.89 28.30
N PRO D 522 35.49 -39.10 27.71
CA PRO D 522 35.85 -40.38 27.02
C PRO D 522 36.64 -41.35 27.79
N ASN D 523 36.65 -42.53 27.28
CA ASN D 523 37.53 -43.54 27.87
C ASN D 523 37.34 -43.71 29.34
N THR D 524 36.12 -43.92 29.82
CA THR D 524 35.87 -44.08 31.21
C THR D 524 35.85 -45.54 31.66
N SER D 525 36.06 -45.71 32.97
CA SER D 525 35.98 -47.01 33.58
C SER D 525 34.58 -47.18 33.93
N ALA D 526 34.17 -48.40 34.19
CA ALA D 526 32.78 -48.59 34.61
C ALA D 526 32.61 -47.94 35.98
N THR D 527 31.43 -47.56 36.33
CA THR D 527 31.28 -46.96 37.65
C THR D 527 31.21 -48.10 38.64
N ALA D 528 32.22 -48.25 39.46
CA ALA D 528 32.32 -49.44 40.24
C ALA D 528 33.46 -49.43 41.23
N ALA D 529 33.55 -50.50 42.01
CA ALA D 529 34.71 -50.53 42.87
C ALA D 529 34.53 -49.47 43.91
N SER D 530 33.29 -49.05 44.06
CA SER D 530 32.94 -48.02 45.02
C SER D 530 33.77 -46.90 44.77
N SER D 531 34.19 -46.69 43.53
CA SER D 531 35.10 -45.56 43.33
C SER D 531 34.51 -44.36 42.52
N GLY D 532 33.21 -44.41 42.25
CA GLY D 532 32.53 -43.36 41.50
C GLY D 532 32.89 -41.97 41.98
N ALA D 533 32.76 -41.74 43.27
CA ALA D 533 32.91 -40.42 43.76
C ALA D 533 34.31 -40.04 44.10
N ASP D 534 35.04 -40.92 44.75
CA ASP D 534 36.44 -40.65 45.04
C ASP D 534 37.00 -39.98 43.81
N MET D 535 36.87 -40.62 42.66
CA MET D 535 37.53 -40.14 41.46
C MET D 535 36.77 -39.03 40.69
N ASN D 536 35.55 -39.29 40.29
CA ASN D 536 34.90 -38.21 39.55
C ASN D 536 34.89 -36.92 40.37
N GLY D 537 34.71 -37.04 41.68
CA GLY D 537 34.80 -35.91 42.57
C GLY D 537 36.06 -35.16 42.29
N MET D 538 37.23 -35.82 42.36
CA MET D 538 38.51 -35.16 42.01
C MET D 538 38.41 -34.55 40.64
N ALA D 539 38.12 -35.32 39.60
CA ALA D 539 38.09 -34.66 38.34
C ALA D 539 37.17 -33.48 38.32
N VAL D 540 36.04 -33.54 38.96
CA VAL D 540 35.21 -32.39 38.85
C VAL D 540 35.89 -31.27 39.58
N LYS D 541 36.40 -31.55 40.76
CA LYS D 541 37.12 -30.45 41.40
C LYS D 541 38.14 -29.86 40.43
N ASP D 542 38.93 -30.74 39.80
CA ASP D 542 39.87 -30.33 38.84
C ASP D 542 39.35 -29.39 37.73
N ALA D 543 38.13 -29.55 37.27
CA ALA D 543 37.78 -28.62 36.19
C ALA D 543 37.26 -27.35 36.81
N CYS D 544 36.62 -27.49 37.96
CA CYS D 544 36.08 -26.29 38.56
C CYS D 544 37.22 -25.37 38.95
N GLU D 545 38.30 -26.00 39.46
CA GLU D 545 39.44 -25.23 39.92
C GLU D 545 39.98 -24.51 38.71
N THR D 546 40.08 -25.20 37.56
CA THR D 546 40.46 -24.48 36.38
C THR D 546 39.57 -23.27 36.16
N LEU D 547 38.26 -23.49 36.10
CA LEU D 547 37.44 -22.38 35.72
C LEU D 547 37.53 -21.32 36.76
N ARG D 548 37.38 -21.65 38.05
CA ARG D 548 37.53 -20.58 39.04
C ARG D 548 38.90 -19.80 38.89
N GLY D 549 39.91 -20.51 38.42
CA GLY D 549 41.17 -19.92 38.10
C GLY D 549 41.03 -18.90 36.99
N ARG D 550 40.28 -19.24 35.95
CA ARG D 550 40.30 -18.24 34.97
C ARG D 550 39.54 -17.08 35.50
N LEU D 551 38.49 -17.32 36.27
CA LEU D 551 37.75 -16.17 36.67
C LEU D 551 38.60 -15.31 37.56
N ALA D 552 39.32 -15.89 38.53
CA ALA D 552 40.06 -15.02 39.44
C ALA D 552 41.02 -14.21 38.60
N GLY D 553 41.78 -14.87 37.75
CA GLY D 553 42.72 -14.15 36.90
C GLY D 553 42.01 -12.91 36.35
N PHE D 554 40.92 -13.11 35.67
CA PHE D 554 40.25 -11.99 35.14
C PHE D 554 39.88 -10.93 36.17
N VAL D 555 39.32 -11.27 37.28
CA VAL D 555 38.97 -10.18 38.16
C VAL D 555 40.22 -9.49 38.60
N ALA D 556 41.27 -10.26 38.72
CA ALA D 556 42.49 -9.68 39.25
C ALA D 556 43.00 -8.56 38.34
N ALA D 557 43.27 -8.94 37.11
CA ALA D 557 43.72 -7.98 36.15
C ALA D 557 42.79 -6.76 36.18
N ARG D 558 41.52 -7.01 36.22
CA ARG D 558 40.65 -5.91 36.03
C ARG D 558 40.72 -5.06 37.24
N GLU D 559 40.72 -5.60 38.43
CA GLU D 559 40.74 -4.67 39.55
C GLU D 559 42.15 -4.51 40.08
N GLY D 560 43.15 -4.82 39.25
CA GLY D 560 44.53 -4.82 39.71
C GLY D 560 44.67 -5.43 41.13
N CYS D 561 45.12 -6.67 41.21
CA CYS D 561 45.44 -7.15 42.52
C CYS D 561 45.69 -8.59 42.36
N ALA D 562 45.82 -9.33 43.41
CA ALA D 562 46.24 -10.64 43.08
C ALA D 562 45.04 -11.63 42.99
N ALA D 563 45.22 -12.67 42.19
CA ALA D 563 44.19 -13.65 42.01
C ALA D 563 43.87 -14.34 43.31
N ARG D 564 44.89 -14.64 44.10
CA ARG D 564 44.69 -15.41 45.32
C ARG D 564 43.86 -14.67 46.31
N ASP D 565 43.56 -13.43 45.99
CA ASP D 565 42.70 -12.64 46.84
C ASP D 565 41.37 -12.45 46.23
N VAL D 566 41.06 -13.17 45.17
CA VAL D 566 39.69 -13.08 44.70
C VAL D 566 38.90 -14.20 45.40
N ILE D 567 37.69 -13.89 45.84
CA ILE D 567 37.06 -14.85 46.71
C ILE D 567 35.66 -15.20 46.27
N PHE D 568 35.42 -16.50 46.07
CA PHE D 568 34.13 -16.93 45.66
C PHE D 568 33.51 -17.60 46.82
N ASP D 569 32.40 -17.07 47.26
CA ASP D 569 31.73 -17.71 48.33
C ASP D 569 30.31 -17.37 48.28
N ALA D 570 29.46 -18.35 48.44
CA ALA D 570 28.06 -18.07 48.54
C ALA D 570 27.50 -17.38 47.29
N GLY D 571 27.99 -17.66 46.14
CA GLY D 571 27.28 -16.99 45.08
C GLY D 571 27.70 -15.55 44.91
N GLN D 572 28.78 -15.11 45.57
CA GLN D 572 29.25 -13.71 45.47
C GLN D 572 30.72 -13.69 45.24
N VAL D 573 31.25 -12.70 44.51
CA VAL D 573 32.69 -12.72 44.22
C VAL D 573 33.25 -11.50 44.82
N GLN D 574 34.38 -11.55 45.50
CA GLN D 574 34.86 -10.38 46.29
C GLN D 574 36.34 -10.11 46.01
N ALA D 575 36.67 -8.84 45.86
CA ALA D 575 38.07 -8.45 45.63
C ALA D 575 38.31 -6.97 45.86
N SER D 576 39.53 -6.61 46.25
CA SER D 576 39.82 -5.24 46.70
C SER D 576 38.61 -4.54 47.30
N GLY D 577 37.94 -5.15 48.27
CA GLY D 577 36.85 -4.39 48.87
C GLY D 577 35.60 -4.13 48.03
N LYS D 578 35.60 -4.47 46.77
CA LYS D 578 34.30 -4.52 46.10
C LYS D 578 33.66 -5.98 46.07
N SER D 579 32.38 -6.10 45.77
CA SER D 579 31.88 -7.45 45.58
C SER D 579 30.82 -7.45 44.50
N TRP D 580 30.62 -8.58 43.86
CA TRP D 580 29.62 -8.66 42.85
C TRP D 580 29.07 -10.03 42.88
N ARG D 581 28.01 -10.24 42.10
CA ARG D 581 27.34 -11.56 42.03
C ARG D 581 28.06 -12.43 41.04
N PHE D 582 28.26 -13.69 41.39
CA PHE D 582 28.93 -14.58 40.47
C PHE D 582 28.51 -14.36 39.02
N ALA D 583 27.19 -14.27 38.77
CA ALA D 583 26.81 -14.07 37.38
C ALA D 583 27.43 -12.80 36.80
N GLU D 584 27.52 -11.73 37.60
CA GLU D 584 28.14 -10.53 37.02
C GLU D 584 29.55 -10.84 36.73
N ILE D 585 30.28 -11.48 37.61
CA ILE D 585 31.57 -11.84 37.12
C ILE D 585 31.43 -12.60 35.78
N VAL D 586 30.68 -13.68 35.71
CA VAL D 586 30.75 -14.47 34.46
C VAL D 586 30.48 -13.73 33.18
N ALA D 587 29.51 -12.86 33.25
CA ALA D 587 29.13 -12.16 32.02
C ALA D 587 30.31 -11.32 31.62
N ALA D 588 30.87 -10.61 32.60
CA ALA D 588 32.00 -9.77 32.36
C ALA D 588 33.12 -10.68 31.76
N ALA D 589 33.37 -11.84 32.33
CA ALA D 589 34.41 -12.54 31.65
C ALA D 589 34.10 -12.90 30.18
N TYR D 590 32.83 -13.16 29.91
CA TYR D 590 32.51 -13.59 28.61
C TYR D 590 32.83 -12.43 27.73
N MET D 591 32.44 -11.23 28.15
CA MET D 591 32.70 -10.07 27.30
C MET D 591 34.17 -9.88 27.18
N ALA D 592 34.97 -10.27 28.15
CA ALA D 592 36.40 -10.08 28.06
C ALA D 592 36.93 -11.18 27.25
N ARG D 593 36.05 -12.07 26.79
CA ARG D 593 36.46 -13.20 26.01
C ARG D 593 37.37 -14.23 26.72
N ILE D 594 36.88 -14.70 27.86
CA ILE D 594 37.58 -15.76 28.58
C ILE D 594 36.88 -17.12 28.52
N SER D 595 37.54 -18.18 28.11
CA SER D 595 36.80 -19.41 27.99
C SER D 595 36.15 -19.88 29.28
N LEU D 596 34.89 -20.23 29.18
CA LEU D 596 34.18 -20.70 30.31
C LEU D 596 33.94 -22.17 30.15
N SER D 597 34.90 -22.88 29.61
CA SER D 597 34.64 -24.28 29.55
C SER D 597 35.91 -25.00 29.96
N ALA D 598 35.83 -26.22 30.49
CA ALA D 598 37.05 -26.90 30.98
C ALA D 598 36.83 -28.37 31.21
N THR D 599 37.83 -29.21 30.98
CA THR D 599 37.67 -30.58 31.32
C THR D 599 38.53 -30.76 32.51
N GLY D 600 38.48 -31.94 33.12
CA GLY D 600 39.16 -32.25 34.35
C GLY D 600 39.50 -33.71 34.39
N PHE D 601 40.52 -34.07 35.13
CA PHE D 601 40.89 -35.44 35.03
C PHE D 601 41.51 -35.91 36.30
N TYR D 602 41.54 -37.22 36.60
CA TYR D 602 42.19 -37.64 37.80
C TYR D 602 42.63 -39.07 37.81
N ALA D 603 43.76 -39.38 38.42
CA ALA D 603 44.24 -40.77 38.42
C ALA D 603 44.71 -41.12 39.79
N THR D 604 44.27 -42.20 40.38
CA THR D 604 44.65 -42.36 41.76
C THR D 604 46.12 -42.71 41.81
N PRO D 605 46.78 -42.03 42.70
CA PRO D 605 48.18 -42.23 42.98
C PRO D 605 48.50 -43.44 43.84
N LYS D 606 49.76 -43.57 44.20
CA LYS D 606 50.28 -44.67 44.98
C LYS D 606 49.88 -46.06 44.65
N LEU D 607 49.48 -46.43 43.44
CA LEU D 607 49.11 -47.83 43.36
C LEU D 607 50.06 -48.61 42.56
N SER D 608 50.37 -49.79 43.03
CA SER D 608 51.23 -50.73 42.29
C SER D 608 51.18 -52.08 42.94
N TRP D 609 50.89 -53.13 42.18
CA TRP D 609 50.87 -54.43 42.84
C TRP D 609 50.87 -55.51 41.85
N ASP D 610 51.32 -56.71 42.22
CA ASP D 610 51.32 -57.76 41.22
C ASP D 610 50.57 -59.06 41.50
N ARG D 611 49.46 -59.14 40.81
CA ARG D 611 48.53 -60.25 40.84
C ARG D 611 49.20 -61.57 41.01
N LEU D 612 50.15 -61.90 40.17
CA LEU D 612 50.71 -63.24 40.18
C LEU D 612 51.53 -63.49 41.44
N ARG D 613 52.24 -62.49 41.87
CA ARG D 613 52.98 -62.72 43.06
C ARG D 613 52.11 -62.51 44.29
N GLY D 614 51.06 -61.70 44.25
CA GLY D 614 50.26 -61.43 45.41
C GLY D 614 50.96 -60.41 46.26
N GLN D 615 51.65 -59.48 45.61
CA GLN D 615 52.35 -58.43 46.37
C GLN D 615 52.11 -57.00 45.85
N GLY D 616 51.99 -56.01 46.73
CA GLY D 616 51.94 -54.68 46.21
C GLY D 616 51.11 -53.76 47.07
N ARG D 617 50.76 -52.60 46.51
CA ARG D 617 49.75 -51.75 47.07
C ARG D 617 48.63 -51.71 46.02
N PRO D 618 47.66 -52.58 46.11
CA PRO D 618 46.60 -52.52 45.11
C PRO D 618 45.59 -51.45 45.63
N PHE D 619 45.62 -50.98 46.89
CA PHE D 619 44.63 -50.01 47.36
C PHE D 619 45.06 -48.64 47.95
N LEU D 620 44.38 -47.57 47.64
CA LEU D 620 44.72 -46.31 48.26
C LEU D 620 44.50 -46.30 49.73
N TYR D 621 43.37 -46.78 50.20
CA TYR D 621 43.09 -46.76 51.63
C TYR D 621 42.03 -47.83 51.97
N PHE D 622 41.66 -47.99 53.23
CA PHE D 622 40.67 -49.00 53.56
C PHE D 622 39.48 -48.41 54.29
N ALA D 623 38.30 -48.94 53.99
CA ALA D 623 37.04 -48.45 54.53
C ALA D 623 36.80 -49.32 55.72
N TYR D 624 36.26 -48.77 56.80
CA TYR D 624 35.96 -49.64 57.92
C TYR D 624 34.60 -49.44 58.50
N GLY D 625 34.26 -50.36 59.38
CA GLY D 625 33.03 -50.22 60.12
C GLY D 625 32.70 -51.48 60.86
N ALA D 626 31.59 -51.41 61.55
CA ALA D 626 31.26 -52.52 62.35
C ALA D 626 29.79 -52.56 62.53
N ALA D 627 29.23 -53.74 62.82
CA ALA D 627 27.79 -53.91 62.99
C ALA D 627 27.46 -55.00 63.98
N ILE D 628 26.56 -54.74 64.88
CA ILE D 628 26.14 -55.76 65.82
C ILE D 628 24.69 -56.11 65.50
N THR D 629 24.44 -57.35 65.14
CA THR D 629 23.09 -57.76 64.86
C THR D 629 22.52 -58.70 65.90
N GLU D 630 21.24 -58.52 66.22
CA GLU D 630 20.50 -59.42 67.09
C GLU D 630 19.28 -60.12 66.40
N VAL D 631 19.17 -61.44 66.56
CA VAL D 631 18.08 -62.16 65.89
C VAL D 631 17.41 -63.22 66.77
N VAL D 632 16.32 -63.82 66.29
CA VAL D 632 15.67 -64.90 67.02
C VAL D 632 15.39 -65.94 66.00
N ILE D 633 15.49 -67.19 66.38
CA ILE D 633 15.11 -68.29 65.50
C ILE D 633 14.17 -69.19 66.28
N ASP D 634 13.46 -70.02 65.55
CA ASP D 634 12.49 -70.88 66.15
C ASP D 634 12.98 -72.25 65.97
N ARG D 635 13.27 -72.85 67.09
CA ARG D 635 13.86 -74.15 67.10
C ARG D 635 13.03 -75.19 66.49
N LEU D 636 11.80 -74.89 66.11
CA LEU D 636 11.06 -75.92 65.41
C LEU D 636 11.19 -75.84 63.93
N THR D 637 10.97 -74.71 63.28
CA THR D 637 11.01 -74.80 61.83
C THR D 637 12.16 -74.16 61.19
N GLY D 638 12.82 -73.35 61.98
CA GLY D 638 13.93 -72.60 61.45
C GLY D 638 13.54 -71.20 61.13
N GLU D 639 12.29 -70.87 61.36
CA GLU D 639 11.90 -69.52 60.98
C GLU D 639 12.74 -68.56 61.77
N ASN D 640 12.99 -67.37 61.24
CA ASN D 640 13.82 -66.49 61.98
C ASN D 640 13.75 -65.08 61.47
N ARG D 641 14.23 -64.12 62.25
CA ARG D 641 14.24 -62.74 61.82
C ARG D 641 15.17 -61.82 62.62
N ILE D 642 15.50 -60.69 62.03
CA ILE D 642 16.45 -59.81 62.65
C ILE D 642 15.73 -58.83 63.56
N LEU D 643 15.99 -58.85 64.85
CA LEU D 643 15.27 -57.92 65.70
C LEU D 643 15.86 -56.55 65.73
N ARG D 644 17.18 -56.51 65.81
CA ARG D 644 17.79 -55.20 65.97
C ARG D 644 19.23 -55.21 65.47
N THR D 645 19.65 -54.11 64.85
CA THR D 645 20.99 -54.02 64.29
C THR D 645 21.46 -52.65 64.71
N ASP D 646 22.75 -52.52 64.91
CA ASP D 646 23.37 -51.27 65.28
C ASP D 646 24.65 -51.19 64.49
N ILE D 647 24.84 -50.15 63.70
CA ILE D 647 26.06 -49.99 62.93
C ILE D 647 26.84 -48.69 63.16
N LEU D 648 28.14 -48.74 62.98
CA LEU D 648 28.98 -47.55 63.07
C LEU D 648 29.98 -47.65 61.95
N HIS D 649 29.79 -46.87 60.91
CA HIS D 649 30.64 -47.11 59.73
C HIS D 649 31.41 -45.88 59.41
N ASP D 650 32.54 -46.08 58.75
CA ASP D 650 33.46 -44.99 58.52
C ASP D 650 33.41 -44.56 57.09
N ALA D 651 32.84 -43.37 56.87
CA ALA D 651 32.79 -42.86 55.57
C ALA D 651 33.82 -41.71 55.38
N GLY D 652 34.87 -41.71 56.14
CA GLY D 652 35.73 -40.53 56.10
C GLY D 652 35.03 -39.24 56.47
N ALA D 653 35.43 -38.10 55.92
CA ALA D 653 34.61 -36.90 56.05
C ALA D 653 33.48 -36.98 55.01
N SER D 654 32.38 -37.62 55.33
CA SER D 654 31.33 -37.84 54.35
C SER D 654 31.14 -36.66 53.42
N LEU D 655 31.09 -36.86 52.11
CA LEU D 655 30.58 -35.86 51.20
C LEU D 655 29.09 -35.62 51.45
N ASN D 656 28.30 -36.51 52.09
CA ASN D 656 26.90 -36.20 52.25
C ASN D 656 26.31 -37.23 53.20
N PRO D 657 26.28 -36.94 54.47
CA PRO D 657 25.91 -37.96 55.45
C PRO D 657 24.55 -38.54 55.15
N ALA D 658 23.57 -37.78 54.76
CA ALA D 658 22.32 -38.41 54.40
C ALA D 658 22.58 -39.51 53.38
N LEU D 659 23.14 -39.14 52.25
CA LEU D 659 23.33 -40.11 51.23
C LEU D 659 24.17 -41.31 51.73
N ASP D 660 25.09 -41.06 52.68
CA ASP D 660 25.94 -42.10 53.18
C ASP D 660 25.20 -42.99 54.16
N ILE D 661 24.47 -42.41 55.08
CA ILE D 661 23.67 -43.29 55.91
C ILE D 661 22.81 -44.13 54.96
N GLY D 662 22.36 -43.59 53.85
CA GLY D 662 21.50 -44.40 53.06
C GLY D 662 22.18 -45.61 52.47
N GLN D 663 23.44 -45.47 52.12
CA GLN D 663 24.06 -46.61 51.49
C GLN D 663 24.36 -47.63 52.60
N ILE D 664 24.75 -47.15 53.75
CA ILE D 664 24.93 -48.11 54.79
C ILE D 664 23.62 -48.88 55.08
N GLU D 665 22.49 -48.21 55.15
CA GLU D 665 21.28 -48.93 55.50
C GLU D 665 21.00 -49.95 54.46
N GLY D 666 20.87 -49.49 53.23
CA GLY D 666 20.50 -50.38 52.17
C GLY D 666 21.54 -51.45 52.00
N ALA D 667 22.78 -51.12 52.21
CA ALA D 667 23.68 -52.19 51.90
C ALA D 667 23.54 -53.26 53.01
N TYR D 668 23.37 -52.82 54.24
CA TYR D 668 23.23 -53.82 55.30
C TYR D 668 22.12 -54.78 54.95
N VAL D 669 20.96 -54.22 54.62
CA VAL D 669 19.88 -55.05 54.27
C VAL D 669 20.22 -56.04 53.20
N GLN D 670 20.82 -55.57 52.11
CA GLN D 670 21.15 -56.47 51.02
C GLN D 670 22.16 -57.48 51.47
N GLY D 671 23.10 -57.03 52.28
CA GLY D 671 24.10 -57.99 52.68
C GLY D 671 23.42 -59.13 53.44
N ALA D 672 22.60 -58.80 54.43
CA ALA D 672 21.90 -59.82 55.15
C ALA D 672 21.07 -60.64 54.14
N GLY D 673 20.44 -59.92 53.23
CA GLY D 673 19.59 -60.55 52.26
C GLY D 673 20.31 -61.74 51.74
N TRP D 674 21.55 -61.47 51.39
CA TRP D 674 22.46 -62.48 50.85
C TRP D 674 22.64 -63.69 51.73
N LEU D 675 22.69 -63.50 53.04
CA LEU D 675 22.98 -64.64 53.83
C LEU D 675 21.79 -65.25 54.52
N THR D 676 20.56 -65.00 54.02
CA THR D 676 19.36 -65.45 54.68
C THR D 676 18.33 -65.82 53.69
N THR D 677 17.69 -64.94 52.97
CA THR D 677 16.69 -65.58 52.17
C THR D 677 17.06 -65.72 50.74
N GLU D 678 18.08 -65.05 50.28
CA GLU D 678 18.34 -65.27 48.85
C GLU D 678 18.95 -66.60 48.62
N GLU D 679 18.37 -67.41 47.75
CA GLU D 679 18.95 -68.71 47.47
C GLU D 679 18.82 -69.19 46.02
N LEU D 680 19.93 -69.49 45.36
CA LEU D 680 19.79 -69.86 43.96
C LEU D 680 19.64 -71.38 43.82
N VAL D 681 18.84 -71.86 42.86
CA VAL D 681 18.66 -73.31 42.75
C VAL D 681 18.54 -73.74 41.34
N TRP D 682 19.37 -74.72 41.01
CA TRP D 682 19.44 -75.33 39.67
C TRP D 682 19.00 -76.77 39.77
N ASP D 683 18.34 -77.28 38.77
CA ASP D 683 17.89 -78.66 38.84
C ASP D 683 18.89 -79.55 38.11
N HIS D 684 18.67 -80.84 38.12
CA HIS D 684 19.64 -81.77 37.52
C HIS D 684 20.09 -81.44 36.09
N CYS D 685 19.25 -80.79 35.33
CA CYS D 685 19.62 -80.43 33.97
C CYS D 685 20.31 -79.14 33.86
N GLY D 686 20.54 -78.49 34.98
CA GLY D 686 21.24 -77.25 34.90
C GLY D 686 20.31 -76.07 34.76
N ARG D 687 18.99 -76.29 34.64
CA ARG D 687 17.98 -75.24 34.54
C ARG D 687 17.81 -74.39 35.80
N LEU D 688 17.72 -73.08 35.68
CA LEU D 688 17.59 -72.31 36.89
C LEU D 688 16.18 -72.42 37.46
N MET D 689 16.06 -72.96 38.65
CA MET D 689 14.73 -73.13 39.13
C MET D 689 14.28 -71.86 39.73
N THR D 690 15.14 -71.05 40.34
CA THR D 690 14.65 -69.82 40.93
C THR D 690 14.85 -68.69 39.94
N HIS D 691 13.88 -68.36 39.14
CA HIS D 691 14.16 -67.32 38.17
C HIS D 691 13.06 -66.31 38.08
N ALA D 692 12.70 -65.77 39.23
CA ALA D 692 11.63 -64.81 39.34
C ALA D 692 11.34 -64.58 40.79
N PRO D 693 10.93 -63.36 41.13
CA PRO D 693 10.75 -62.92 42.49
C PRO D 693 9.81 -63.81 43.24
N SER D 694 8.88 -64.44 42.56
CA SER D 694 8.05 -65.39 43.29
C SER D 694 8.85 -66.55 43.85
N THR D 695 10.01 -66.85 43.32
CA THR D 695 10.76 -67.93 43.93
C THR D 695 12.14 -67.60 44.46
N TYR D 696 12.67 -66.42 44.13
CA TYR D 696 13.93 -65.89 44.64
C TYR D 696 13.51 -64.75 45.58
N LYS D 697 13.80 -64.82 46.87
CA LYS D 697 13.20 -63.82 47.78
C LYS D 697 14.09 -62.76 48.48
N ILE D 698 14.10 -61.55 47.95
CA ILE D 698 14.87 -60.44 48.59
C ILE D 698 14.16 -59.99 49.82
N PRO D 699 14.87 -59.28 50.66
CA PRO D 699 14.27 -58.82 51.87
C PRO D 699 13.05 -57.97 51.51
N ALA D 700 11.94 -58.21 52.21
CA ALA D 700 10.78 -57.38 52.01
C ALA D 700 10.72 -56.47 53.18
N PHE D 701 9.96 -55.42 52.98
CA PHE D 701 9.79 -54.38 53.92
C PHE D 701 9.89 -54.92 55.30
N SER D 702 8.99 -55.80 55.67
CA SER D 702 9.06 -56.23 57.05
C SER D 702 10.37 -56.91 57.47
N ASP D 703 11.26 -57.40 56.62
CA ASP D 703 12.45 -58.04 57.17
C ASP D 703 13.42 -57.02 57.56
N ARG D 704 13.10 -55.73 57.46
CA ARG D 704 14.00 -54.68 57.99
C ARG D 704 14.11 -54.91 59.50
N PRO D 705 15.25 -54.63 60.07
CA PRO D 705 15.49 -54.79 61.50
C PRO D 705 14.56 -53.86 62.21
N ARG D 706 14.06 -54.21 63.36
CA ARG D 706 13.04 -53.34 63.95
C ARG D 706 13.64 -52.16 64.61
N ILE D 707 14.89 -52.29 64.93
CA ILE D 707 15.57 -51.25 65.61
C ILE D 707 16.79 -51.30 64.79
N PHE D 708 17.03 -50.16 64.16
CA PHE D 708 18.05 -50.06 63.15
C PHE D 708 18.77 -48.81 63.34
N ASN D 709 19.83 -48.83 64.12
CA ASN D 709 20.62 -47.59 64.36
C ASN D 709 21.87 -47.52 63.53
N VAL D 710 21.98 -46.49 62.71
CA VAL D 710 23.17 -46.43 61.91
C VAL D 710 23.88 -45.18 62.22
N ALA D 711 25.18 -45.23 62.42
CA ALA D 711 25.85 -43.96 62.71
C ALA D 711 27.19 -43.95 62.10
N LEU D 712 27.65 -42.77 61.69
CA LEU D 712 28.90 -42.60 60.96
C LEU D 712 30.02 -42.26 61.85
N TRP D 713 31.21 -42.68 61.53
CA TRP D 713 32.43 -42.41 62.33
C TRP D 713 32.94 -41.19 61.64
N ASP D 714 33.13 -40.09 62.34
CA ASP D 714 33.48 -38.92 61.53
C ASP D 714 34.95 -38.57 61.66
N GLN D 715 35.75 -39.03 60.71
CA GLN D 715 37.20 -38.76 60.68
C GLN D 715 37.69 -38.64 59.24
N PRO D 716 38.46 -37.61 59.00
CA PRO D 716 38.95 -37.33 57.66
C PRO D 716 39.81 -38.44 57.26
N ASN D 717 39.91 -38.73 55.97
CA ASN D 717 40.73 -39.80 55.46
C ASN D 717 42.13 -39.42 55.63
N ARG D 718 42.99 -40.33 56.05
CA ARG D 718 44.46 -40.09 55.93
C ARG D 718 44.94 -39.74 54.52
N GLU D 719 44.42 -40.42 53.53
CA GLU D 719 44.77 -40.20 52.17
C GLU D 719 44.06 -38.98 51.62
N GLU D 720 44.59 -38.37 50.55
CA GLU D 720 44.05 -37.13 50.00
C GLU D 720 42.95 -37.35 48.99
N THR D 721 41.78 -37.67 49.52
CA THR D 721 40.68 -37.97 48.66
C THR D 721 39.81 -36.78 48.63
N ILE D 722 39.01 -36.66 47.59
CA ILE D 722 38.13 -35.51 47.50
C ILE D 722 37.55 -35.25 48.85
N PHE D 723 37.76 -34.05 49.33
CA PHE D 723 37.38 -33.63 50.68
C PHE D 723 37.64 -34.62 51.78
N ARG D 724 38.60 -35.48 51.60
CA ARG D 724 38.94 -36.38 52.67
C ARG D 724 37.80 -37.30 53.01
N SER D 725 36.94 -37.58 52.06
CA SER D 725 35.83 -38.46 52.29
C SER D 725 36.29 -39.85 51.96
N LYS D 726 35.38 -40.82 52.09
CA LYS D 726 35.71 -42.25 51.80
C LYS D 726 34.59 -42.87 51.06
N ALA D 727 34.92 -43.78 50.16
CA ALA D 727 33.95 -44.52 49.42
C ALA D 727 33.01 -45.25 50.36
N VAL D 728 31.75 -45.35 50.00
CA VAL D 728 30.88 -46.00 50.92
C VAL D 728 29.89 -46.92 50.24
N GLY D 729 30.20 -47.34 49.00
CA GLY D 729 29.25 -48.08 48.19
C GLY D 729 29.24 -49.53 48.58
N GLU D 730 30.41 -50.14 48.57
CA GLU D 730 30.48 -51.56 48.85
C GLU D 730 30.70 -51.93 50.31
N PRO D 731 31.66 -51.29 50.96
CA PRO D 731 32.16 -51.72 52.26
C PRO D 731 31.02 -52.11 53.13
N PRO D 732 30.08 -51.20 53.28
CA PRO D 732 28.97 -51.41 54.23
C PRO D 732 28.19 -52.70 53.91
N PHE D 733 28.18 -53.18 52.68
CA PHE D 733 27.53 -54.48 52.46
C PHE D 733 28.13 -55.56 53.31
N LEU D 734 29.43 -55.54 53.52
CA LEU D 734 29.98 -56.57 54.34
C LEU D 734 29.39 -56.51 55.73
N LEU D 735 28.68 -55.45 56.15
CA LEU D 735 28.22 -55.54 57.50
C LEU D 735 27.16 -56.64 57.62
N GLY D 736 26.66 -57.21 56.51
CA GLY D 736 25.58 -58.16 56.63
C GLY D 736 26.10 -59.36 57.42
N ILE D 737 27.38 -59.63 57.25
CA ILE D 737 27.88 -60.79 57.88
C ILE D 737 27.42 -60.79 59.34
N SER D 738 27.30 -59.68 60.03
CA SER D 738 26.90 -59.96 61.40
C SER D 738 25.56 -60.69 61.44
N ALA D 739 24.66 -60.42 60.54
CA ALA D 739 23.42 -61.16 60.63
C ALA D 739 23.61 -62.65 60.59
N PHE D 740 24.42 -63.13 59.67
CA PHE D 740 24.64 -64.53 59.59
C PHE D 740 25.33 -64.92 60.85
N LEU D 741 26.34 -64.19 61.33
CA LEU D 741 27.07 -64.65 62.50
C LEU D 741 26.16 -64.72 63.66
N ALA D 742 25.15 -63.88 63.63
CA ALA D 742 24.27 -63.92 64.76
C ALA D 742 23.29 -65.10 64.62
N LEU D 743 22.69 -65.30 63.45
CA LEU D 743 21.95 -66.50 63.30
C LEU D 743 22.75 -67.66 63.81
N HIS D 744 24.06 -67.74 63.58
CA HIS D 744 24.84 -68.92 64.02
C HIS D 744 24.93 -68.94 65.54
N ASP D 745 24.93 -67.76 66.15
CA ASP D 745 25.03 -67.71 67.62
C ASP D 745 23.78 -68.29 68.18
N ALA D 746 22.64 -67.99 67.62
CA ALA D 746 21.45 -68.63 68.14
C ALA D 746 21.49 -70.17 67.97
N CYS D 747 21.77 -70.67 66.79
CA CYS D 747 22.01 -72.09 66.77
C CYS D 747 22.90 -72.52 67.94
N ALA D 748 24.03 -71.88 68.09
CA ALA D 748 24.97 -72.37 69.09
C ALA D 748 24.35 -72.43 70.40
N ALA D 749 23.30 -71.66 70.55
CA ALA D 749 22.74 -71.59 71.86
C ALA D 749 21.88 -72.79 72.18
N CYS D 750 21.74 -73.70 71.24
CA CYS D 750 20.83 -74.77 71.52
C CYS D 750 21.39 -76.12 71.91
N GLY D 751 22.71 -76.28 71.93
CA GLY D 751 23.36 -77.55 72.16
C GLY D 751 24.84 -77.28 72.26
N PRO D 752 25.69 -78.24 72.55
CA PRO D 752 27.12 -77.97 72.65
C PRO D 752 27.86 -78.28 71.39
N HIS D 753 27.20 -78.70 70.32
CA HIS D 753 27.89 -79.07 69.09
C HIS D 753 27.94 -77.94 68.08
N TRP D 754 28.94 -77.99 67.22
CA TRP D 754 29.19 -76.96 66.23
C TRP D 754 28.04 -77.05 65.36
N PRO D 755 27.34 -75.98 65.17
CA PRO D 755 26.18 -76.00 64.31
C PRO D 755 26.55 -76.14 62.86
N ASP D 756 27.70 -75.62 62.48
CA ASP D 756 28.12 -75.71 61.07
C ASP D 756 27.01 -75.13 60.16
N LEU D 757 26.56 -73.92 60.50
CA LEU D 757 25.54 -73.30 59.71
C LEU D 757 26.03 -72.90 58.34
N GLN D 758 25.39 -73.32 57.26
CA GLN D 758 25.84 -72.93 55.95
C GLN D 758 25.17 -71.68 55.41
N ALA D 759 25.65 -71.11 54.32
CA ALA D 759 24.97 -69.97 53.87
C ALA D 759 24.47 -70.29 52.52
N PRO D 760 23.35 -69.77 52.13
CA PRO D 760 22.49 -68.96 52.94
C PRO D 760 21.75 -69.70 54.04
N ALA D 761 21.69 -69.03 55.18
CA ALA D 761 20.91 -69.46 56.34
C ALA D 761 19.43 -69.32 56.06
N THR D 762 18.83 -70.06 55.14
CA THR D 762 17.39 -69.99 55.08
C THR D 762 16.86 -70.72 56.30
N PRO D 763 15.57 -70.71 56.53
CA PRO D 763 15.08 -71.41 57.71
C PRO D 763 15.42 -72.90 57.57
N GLU D 764 15.20 -73.56 56.44
CA GLU D 764 15.70 -74.93 56.35
C GLU D 764 17.14 -75.01 56.85
N ALA D 765 17.97 -74.14 56.34
CA ALA D 765 19.37 -74.17 56.68
C ALA D 765 19.57 -74.01 58.17
N VAL D 766 18.87 -73.06 58.78
CA VAL D 766 19.01 -72.85 60.20
C VAL D 766 18.57 -74.08 60.99
N LEU D 767 17.46 -74.68 60.60
CA LEU D 767 16.95 -75.75 61.34
C LEU D 767 17.95 -76.80 61.28
N ALA D 768 18.47 -77.07 60.10
CA ALA D 768 19.53 -78.06 60.07
C ALA D 768 20.62 -77.75 61.02
N ALA D 769 20.98 -76.48 61.23
CA ALA D 769 22.09 -76.18 62.09
C ALA D 769 21.68 -76.47 63.46
N VAL D 770 20.44 -76.18 63.73
CA VAL D 770 19.94 -76.41 65.05
C VAL D 770 20.19 -77.83 65.46
N ARG D 771 19.68 -78.71 64.67
CA ARG D 771 19.81 -80.08 65.00
C ARG D 771 21.28 -80.49 65.18
N ARG D 772 22.19 -80.02 64.34
CA ARG D 772 23.56 -80.46 64.61
C ARG D 772 23.91 -80.05 66.00
N ALA D 773 23.58 -78.83 66.32
CA ALA D 773 24.04 -78.33 67.60
C ALA D 773 23.46 -79.15 68.70
N GLU D 774 22.27 -79.68 68.40
CA GLU D 774 21.47 -80.35 69.37
C GLU D 774 21.90 -81.79 69.42
N GLY D 775 22.79 -82.19 68.55
CA GLY D 775 23.14 -83.59 68.56
C GLY D 775 22.10 -84.52 67.94
N ARG D 776 20.98 -83.95 67.51
CA ARG D 776 19.93 -84.72 66.86
C ARG D 776 20.22 -85.03 65.43
N ALA D 777 21.48 -85.35 65.12
CA ALA D 777 21.93 -85.71 63.75
C ALA D 777 22.61 -84.55 63.05
N MET E 1 -2.97 61.23 -45.82
CA MET E 1 -1.61 60.71 -46.21
C MET E 1 -1.41 59.21 -45.90
N GLU E 2 -1.12 58.43 -46.92
CA GLU E 2 -1.12 56.98 -46.81
C GLU E 2 0.29 56.47 -46.73
N ILE E 3 0.49 55.37 -46.00
CA ILE E 3 1.82 54.75 -45.93
C ILE E 3 1.63 53.26 -45.89
N ALA E 4 2.74 52.57 -46.16
CA ALA E 4 2.67 51.16 -46.31
C ALA E 4 3.79 50.48 -45.57
N PHE E 5 3.54 49.24 -45.13
CA PHE E 5 4.58 48.55 -44.42
C PHE E 5 4.07 47.20 -44.23
N LEU E 6 5.01 46.29 -43.98
CA LEU E 6 4.66 44.90 -43.88
C LEU E 6 4.50 44.59 -42.36
N LEU E 7 3.45 43.87 -42.00
CA LEU E 7 3.13 43.58 -40.61
C LEU E 7 3.15 42.13 -40.43
N ASN E 8 4.22 41.62 -39.81
CA ASN E 8 4.35 40.17 -39.57
C ASN E 8 4.02 39.42 -40.79
N GLY E 9 4.69 39.74 -41.88
CA GLY E 9 4.40 39.06 -43.13
C GLY E 9 3.27 39.56 -44.05
N GLU E 10 2.41 40.46 -43.56
CA GLU E 10 1.32 40.94 -44.42
C GLU E 10 1.58 42.39 -44.93
N THR E 11 0.91 42.71 -46.00
CA THR E 11 1.05 44.01 -46.61
C THR E 11 0.01 44.88 -45.94
N ARG E 12 0.39 46.03 -45.45
CA ARG E 12 -0.61 46.83 -44.79
C ARG E 12 -0.44 48.29 -45.21
N ARG E 13 -1.55 48.90 -45.63
CA ARG E 13 -1.58 50.27 -46.08
C ARG E 13 -2.40 51.05 -45.07
N VAL E 14 -1.90 52.18 -44.58
CA VAL E 14 -2.71 52.87 -43.58
C VAL E 14 -2.96 54.35 -43.78
N ARG E 15 -4.17 54.81 -43.49
CA ARG E 15 -4.44 56.25 -43.64
C ARG E 15 -3.99 56.99 -42.38
N ILE E 16 -2.97 57.82 -42.45
CA ILE E 16 -2.58 58.53 -41.26
C ILE E 16 -3.35 59.80 -41.07
N GLU E 17 -4.15 59.90 -40.03
CA GLU E 17 -4.85 61.15 -39.76
C GLU E 17 -4.18 61.82 -38.59
N ASP E 18 -3.48 61.07 -37.76
CA ASP E 18 -2.71 61.72 -36.72
C ASP E 18 -1.29 61.21 -36.72
N PRO E 19 -0.35 62.05 -37.10
CA PRO E 19 0.99 61.59 -37.40
C PRO E 19 1.73 61.42 -36.13
N THR E 20 1.04 61.61 -35.04
CA THR E 20 1.81 61.68 -33.83
C THR E 20 1.55 60.47 -32.99
N GLN E 21 0.52 59.74 -33.36
CA GLN E 21 0.15 58.50 -32.68
C GLN E 21 1.38 57.60 -32.50
N SER E 22 1.42 56.82 -31.44
CA SER E 22 2.57 55.95 -31.35
C SER E 22 2.29 54.62 -32.01
N LEU E 23 3.35 53.92 -32.42
CA LEU E 23 3.18 52.58 -32.98
C LEU E 23 2.53 51.72 -31.89
N LEU E 24 3.02 51.88 -30.67
CA LEU E 24 2.48 51.09 -29.59
C LEU E 24 0.96 51.28 -29.57
N GLU E 25 0.43 52.48 -29.77
CA GLU E 25 -1.06 52.52 -29.77
C GLU E 25 -1.69 51.96 -31.02
N LEU E 26 -1.07 52.20 -32.23
CA LEU E 26 -1.71 51.56 -33.45
C LEU E 26 -1.82 50.06 -33.13
N LEU E 27 -0.73 49.49 -32.67
CA LEU E 27 -0.83 48.06 -32.50
C LEU E 27 -1.96 47.66 -31.59
N ARG E 28 -2.09 48.35 -30.44
CA ARG E 28 -3.09 47.79 -29.50
C ARG E 28 -4.46 48.03 -30.07
N ALA E 29 -4.65 49.20 -30.67
CA ALA E 29 -5.97 49.43 -31.32
C ALA E 29 -6.23 48.34 -32.39
N GLU E 30 -5.21 47.87 -33.13
CA GLU E 30 -5.62 46.88 -34.09
C GLU E 30 -5.97 45.59 -33.40
N GLY E 31 -5.63 45.48 -32.11
CA GLY E 31 -5.96 44.24 -31.45
C GLY E 31 -4.73 43.37 -31.32
N LEU E 32 -3.55 43.87 -31.72
CA LEU E 32 -2.28 43.13 -31.58
C LEU E 32 -1.73 43.28 -30.15
N THR E 33 -2.63 42.86 -29.28
CA THR E 33 -2.59 43.05 -27.86
C THR E 33 -1.33 42.52 -27.16
N GLY E 34 -0.42 41.95 -27.93
CA GLY E 34 0.78 41.38 -27.37
C GLY E 34 1.91 42.37 -27.03
N THR E 35 2.08 43.42 -27.79
CA THR E 35 3.14 44.32 -27.39
C THR E 35 2.55 44.93 -26.16
N LYS E 36 3.24 44.97 -25.03
CA LYS E 36 2.63 45.55 -23.81
C LYS E 36 3.07 46.99 -23.53
N GLU E 37 2.28 47.75 -22.76
CA GLU E 37 2.76 49.08 -22.32
C GLU E 37 3.20 48.99 -20.92
N GLY E 38 4.41 49.45 -20.65
CA GLY E 38 4.97 49.36 -19.30
C GLY E 38 5.43 50.66 -18.68
N CYS E 39 5.76 51.64 -19.49
CA CYS E 39 6.13 52.93 -18.91
C CYS E 39 5.73 53.99 -19.88
N ASN E 40 5.60 53.60 -21.16
CA ASN E 40 5.20 54.56 -22.22
C ASN E 40 6.21 55.71 -22.26
N GLU E 41 7.43 55.43 -21.78
CA GLU E 41 8.40 56.46 -21.58
C GLU E 41 9.76 56.06 -22.09
N GLY E 42 9.80 54.87 -22.69
CA GLY E 42 11.01 54.34 -23.27
C GLY E 42 11.88 53.46 -22.42
N ASP E 43 11.72 53.42 -21.10
CA ASP E 43 12.68 52.72 -20.22
C ASP E 43 12.38 51.29 -20.02
N CYS E 44 11.16 50.82 -20.27
CA CYS E 44 10.93 49.43 -19.89
C CYS E 44 11.25 48.29 -20.92
N GLY E 45 11.13 48.59 -22.21
CA GLY E 45 11.33 47.58 -23.26
C GLY E 45 10.04 46.75 -23.46
N ALA E 46 9.11 46.88 -22.53
CA ALA E 46 8.02 45.97 -22.65
C ALA E 46 7.28 46.11 -23.97
N CYS E 47 7.64 47.09 -24.77
CA CYS E 47 6.80 47.39 -25.95
C CYS E 47 7.65 47.28 -27.12
N THR E 48 8.73 46.53 -26.96
CA THR E 48 9.75 46.42 -27.97
C THR E 48 9.25 45.75 -29.19
N VAL E 49 9.48 46.32 -30.34
CA VAL E 49 9.10 45.59 -31.53
C VAL E 49 10.33 45.49 -32.42
N MET E 50 10.17 44.74 -33.52
CA MET E 50 11.34 44.62 -34.42
C MET E 50 11.05 45.22 -35.77
N ILE E 51 11.92 46.15 -36.24
CA ILE E 51 11.74 46.62 -37.61
C ILE E 51 12.83 46.08 -38.50
N ARG E 52 12.60 46.14 -39.79
CA ARG E 52 13.67 45.77 -40.74
C ARG E 52 13.56 46.56 -42.04
N ASP E 53 14.70 47.01 -42.51
CA ASP E 53 14.81 47.76 -43.75
C ASP E 53 16.23 47.55 -44.33
N ALA E 54 16.66 48.45 -45.21
CA ALA E 54 17.90 48.20 -45.92
C ALA E 54 19.05 48.02 -45.00
N ALA E 55 19.13 48.87 -44.01
CA ALA E 55 20.28 48.74 -43.11
C ALA E 55 20.27 47.42 -42.33
N GLY E 56 19.15 46.70 -42.39
CA GLY E 56 19.10 45.44 -41.67
C GLY E 56 17.95 45.37 -40.68
N SER E 57 18.19 44.77 -39.51
CA SER E 57 17.06 44.69 -38.59
C SER E 57 17.50 45.15 -37.25
N ARG E 58 16.59 45.78 -36.49
CA ARG E 58 16.86 46.16 -35.09
C ARG E 58 15.61 46.00 -34.23
N ALA E 59 15.83 46.08 -32.93
CA ALA E 59 14.74 46.05 -31.98
C ALA E 59 14.57 47.45 -31.50
N VAL E 60 13.36 48.00 -31.50
CA VAL E 60 13.18 49.39 -31.04
C VAL E 60 11.95 49.57 -30.17
N ASN E 61 11.86 50.66 -29.36
CA ASN E 61 10.61 50.77 -28.52
C ASN E 61 9.33 51.29 -29.17
N ALA E 62 8.32 50.46 -29.29
CA ALA E 62 7.16 50.98 -30.00
C ALA E 62 6.51 52.18 -29.30
N CYS E 63 6.88 52.44 -28.03
CA CYS E 63 6.22 53.49 -27.32
C CYS E 63 6.75 54.78 -27.85
N LEU E 64 8.03 54.79 -28.25
CA LEU E 64 8.65 56.02 -28.73
C LEU E 64 8.53 56.20 -30.18
N MET E 65 7.96 55.30 -30.92
CA MET E 65 8.07 55.60 -32.34
C MET E 65 6.74 55.88 -33.03
N MET E 66 6.68 56.94 -33.80
CA MET E 66 5.40 57.17 -34.41
C MET E 66 5.25 56.53 -35.83
N LEU E 67 3.99 56.31 -36.25
CA LEU E 67 3.69 55.61 -37.48
C LEU E 67 4.52 56.08 -38.68
N PRO E 68 4.36 57.31 -39.09
CA PRO E 68 5.12 57.76 -40.26
C PRO E 68 6.46 57.14 -40.30
N GLN E 69 7.07 56.89 -39.14
CA GLN E 69 8.44 56.38 -39.18
C GLN E 69 8.66 54.95 -39.66
N ILE E 70 7.65 54.12 -39.77
CA ILE E 70 7.97 52.76 -40.20
C ILE E 70 7.62 52.61 -41.64
N ALA E 71 7.42 53.74 -42.34
CA ALA E 71 7.02 53.63 -43.75
C ALA E 71 8.02 52.77 -44.64
N GLY E 72 7.42 51.83 -45.33
CA GLY E 72 8.25 51.02 -46.20
C GLY E 72 9.19 50.12 -45.40
N LYS E 73 8.87 49.88 -44.13
CA LYS E 73 9.76 49.04 -43.42
C LYS E 73 9.01 47.80 -43.12
N ALA E 74 9.72 46.81 -42.56
CA ALA E 74 9.01 45.56 -42.29
C ALA E 74 8.98 45.46 -40.79
N LEU E 75 7.76 45.16 -40.31
CA LEU E 75 7.47 45.19 -38.89
C LEU E 75 7.10 43.90 -38.29
N ARG E 76 7.79 43.52 -37.26
CA ARG E 76 7.51 42.24 -36.66
C ARG E 76 7.28 42.44 -35.13
N THR E 77 6.15 42.00 -34.61
CA THR E 77 5.94 42.19 -33.20
C THR E 77 5.98 40.84 -32.57
N ILE E 78 5.71 40.77 -31.28
CA ILE E 78 5.72 39.47 -30.69
C ILE E 78 4.77 38.56 -31.39
N GLU E 79 3.58 39.04 -31.77
CA GLU E 79 2.64 38.00 -32.20
C GLU E 79 3.14 37.27 -33.47
N GLY E 80 4.10 37.84 -34.19
CA GLY E 80 4.50 37.09 -35.35
C GLY E 80 5.92 36.62 -35.25
N ILE E 81 6.29 36.08 -34.12
CA ILE E 81 7.68 35.70 -33.98
C ILE E 81 7.69 34.22 -34.22
N ALA E 82 6.59 33.57 -33.95
CA ALA E 82 6.51 32.15 -34.26
C ALA E 82 6.30 32.11 -35.75
N ALA E 83 6.79 31.05 -36.39
CA ALA E 83 6.60 30.88 -37.80
C ALA E 83 5.12 30.50 -38.01
N PRO E 84 4.65 30.76 -39.23
CA PRO E 84 3.24 30.60 -39.63
C PRO E 84 2.71 29.20 -39.36
N ASP E 85 3.54 28.17 -39.47
CA ASP E 85 2.93 26.89 -39.16
C ASP E 85 2.80 26.60 -37.68
N GLY E 86 2.97 27.60 -36.81
CA GLY E 86 2.90 27.36 -35.38
C GLY E 86 4.21 26.95 -34.68
N ARG E 87 5.27 26.63 -35.40
CA ARG E 87 6.55 26.33 -34.76
C ARG E 87 7.05 27.52 -33.87
N LEU E 88 7.50 27.26 -32.65
CA LEU E 88 8.05 28.39 -31.87
C LEU E 88 9.38 28.86 -32.40
N HIS E 89 9.82 30.04 -32.08
CA HIS E 89 11.16 30.49 -32.53
C HIS E 89 12.22 29.95 -31.52
N PRO E 90 13.37 29.55 -31.95
CA PRO E 90 14.29 28.98 -30.98
C PRO E 90 14.18 29.74 -29.66
N VAL E 91 14.35 31.06 -29.76
CA VAL E 91 14.25 31.90 -28.59
C VAL E 91 13.00 31.65 -27.67
N GLN E 92 11.81 31.57 -28.23
CA GLN E 92 10.71 31.13 -27.40
C GLN E 92 10.99 29.77 -26.65
N GLN E 93 11.30 28.68 -27.37
CA GLN E 93 11.47 27.40 -26.69
C GLN E 93 12.47 27.63 -25.59
N ALA E 94 13.52 28.36 -25.94
CA ALA E 94 14.55 28.61 -24.96
C ALA E 94 13.86 29.17 -23.72
N MET E 95 13.21 30.33 -23.84
CA MET E 95 12.58 30.85 -22.61
C MET E 95 11.72 29.81 -21.97
N ILE E 96 10.97 29.06 -22.71
CA ILE E 96 10.26 28.01 -21.97
C ILE E 96 11.15 26.99 -21.22
N ASP E 97 12.16 26.43 -21.87
CA ASP E 97 12.84 25.34 -21.20
C ASP E 97 13.58 25.86 -19.99
N HIS E 98 14.01 27.11 -20.10
CA HIS E 98 14.79 27.72 -19.06
C HIS E 98 14.07 28.58 -18.04
N HIS E 99 12.74 28.58 -18.08
CA HIS E 99 12.01 29.33 -17.12
C HIS E 99 12.34 30.81 -17.10
N GLY E 100 12.35 31.47 -18.26
CA GLY E 100 12.86 32.82 -18.37
C GLY E 100 11.73 33.78 -18.19
N SER E 101 10.65 33.21 -17.65
CA SER E 101 9.50 34.05 -17.50
C SER E 101 8.72 33.68 -16.23
N GLN E 102 8.15 34.64 -15.52
CA GLN E 102 7.35 34.34 -14.32
C GLN E 102 6.07 35.09 -14.42
N CYS E 103 6.09 36.41 -14.35
CA CYS E 103 4.79 37.02 -14.37
C CYS E 103 4.23 36.96 -15.82
N GLY E 104 5.10 37.01 -16.81
CA GLY E 104 4.68 36.94 -18.21
C GLY E 104 4.76 38.29 -18.98
N PHE E 105 4.53 39.35 -18.20
CA PHE E 105 4.45 40.68 -18.76
C PHE E 105 5.65 41.23 -19.49
N CYS E 106 6.88 40.90 -19.08
CA CYS E 106 8.08 41.45 -19.75
C CYS E 106 8.53 40.57 -20.84
N THR E 107 7.86 39.45 -21.01
CA THR E 107 8.32 38.49 -21.96
C THR E 107 8.31 38.90 -23.41
N PRO E 108 7.17 39.34 -23.95
CA PRO E 108 7.10 39.63 -25.38
C PRO E 108 8.23 40.56 -25.69
N GLY E 109 8.46 41.48 -24.80
CA GLY E 109 9.52 42.38 -25.13
C GLY E 109 10.79 41.66 -25.30
N PHE E 110 11.19 40.86 -24.30
CA PHE E 110 12.47 40.19 -24.35
C PHE E 110 12.51 39.31 -25.64
N ILE E 111 11.51 38.45 -25.82
CA ILE E 111 11.50 37.69 -27.04
C ILE E 111 11.87 38.60 -28.24
N VAL E 112 11.06 39.60 -28.49
CA VAL E 112 11.35 40.41 -29.62
C VAL E 112 12.84 40.80 -29.54
N SER E 113 13.29 41.39 -28.45
CA SER E 113 14.69 41.80 -28.35
C SER E 113 15.61 40.57 -28.59
N MET E 114 15.18 39.44 -28.06
CA MET E 114 16.04 38.27 -28.17
C MET E 114 16.14 37.94 -29.63
N ALA E 115 14.97 37.74 -30.23
CA ALA E 115 14.94 37.37 -31.61
C ALA E 115 15.73 38.32 -32.47
N ALA E 116 15.41 39.59 -32.47
CA ALA E 116 16.24 40.41 -33.33
C ALA E 116 17.70 40.18 -33.04
N ALA E 117 18.11 39.95 -31.80
CA ALA E 117 19.53 39.74 -31.66
C ALA E 117 19.92 38.43 -32.36
N HIS E 118 19.02 37.51 -32.32
CA HIS E 118 19.42 36.28 -32.90
C HIS E 118 19.55 36.55 -34.38
N ASP E 119 18.56 37.26 -34.91
CA ASP E 119 18.57 37.45 -36.33
C ASP E 119 19.92 37.98 -36.83
N ARG E 120 20.68 38.70 -36.02
CA ARG E 120 21.95 39.21 -36.52
C ARG E 120 23.08 38.53 -35.78
N ASP E 121 22.78 37.34 -35.32
CA ASP E 121 23.77 36.63 -34.54
C ASP E 121 24.52 37.58 -33.60
N ARG E 122 23.83 38.56 -33.02
CA ARG E 122 24.46 39.41 -32.01
C ARG E 122 24.50 38.63 -30.67
N LYS E 123 25.55 38.86 -29.91
CA LYS E 123 25.76 38.11 -28.67
C LYS E 123 26.17 38.94 -27.45
N ASP E 124 26.01 40.26 -27.47
CA ASP E 124 26.33 41.03 -26.28
C ASP E 124 25.02 41.35 -25.50
N TYR E 125 24.53 40.29 -24.86
CA TYR E 125 23.29 40.30 -24.14
C TYR E 125 23.16 41.43 -23.11
N ASP E 126 24.17 41.60 -22.27
CA ASP E 126 24.05 42.61 -21.25
C ASP E 126 23.74 43.91 -21.93
N ASP E 127 24.34 44.14 -23.05
CA ASP E 127 23.97 45.40 -23.66
C ASP E 127 22.67 45.21 -24.41
N LEU E 128 22.55 44.18 -25.21
CA LEU E 128 21.31 44.06 -26.00
C LEU E 128 20.08 44.17 -25.18
N LEU E 129 20.13 43.67 -23.96
CA LEU E 129 18.95 43.60 -23.11
C LEU E 129 18.87 44.69 -22.04
N ALA E 130 19.84 45.54 -21.94
CA ALA E 130 19.71 46.52 -20.88
C ALA E 130 18.29 47.05 -20.87
N GLY E 131 17.76 47.32 -22.04
CA GLY E 131 16.46 47.93 -22.12
C GLY E 131 15.28 47.05 -21.86
N ASN E 132 15.46 45.86 -21.31
CA ASN E 132 14.23 45.06 -21.03
C ASN E 132 14.22 44.84 -19.52
N LEU E 133 13.33 45.46 -18.78
CA LEU E 133 13.50 45.29 -17.36
C LEU E 133 12.64 44.15 -17.02
N CYS E 134 13.05 43.29 -16.09
CA CYS E 134 12.08 42.27 -15.63
C CYS E 134 12.16 42.31 -14.10
N ARG E 135 11.02 42.27 -13.41
CA ARG E 135 11.14 42.46 -11.98
C ARG E 135 11.12 41.13 -11.26
N CYS E 136 10.53 40.13 -11.93
CA CYS E 136 10.38 38.75 -11.39
C CYS E 136 11.61 37.74 -11.28
N THR E 137 12.43 37.60 -12.33
CA THR E 137 13.33 36.48 -12.44
C THR E 137 14.76 36.72 -12.08
N GLY E 138 15.23 37.90 -11.95
CA GLY E 138 16.64 37.89 -11.65
C GLY E 138 17.47 37.81 -12.90
N TYR E 139 16.83 37.79 -14.04
CA TYR E 139 17.60 37.88 -15.25
C TYR E 139 18.40 36.58 -15.59
N ALA E 140 19.10 36.05 -14.62
CA ALA E 140 19.79 34.81 -14.88
C ALA E 140 19.08 33.80 -15.83
N PRO E 141 17.83 33.51 -15.67
CA PRO E 141 17.31 32.45 -16.53
C PRO E 141 17.36 33.01 -17.90
N ILE E 142 17.19 34.31 -18.01
CA ILE E 142 16.99 34.75 -19.35
C ILE E 142 18.31 34.56 -20.07
N LEU E 143 19.40 35.01 -19.49
CA LEU E 143 20.68 34.80 -20.12
C LEU E 143 20.84 33.33 -20.54
N ARG E 144 20.49 32.39 -19.69
CA ARG E 144 20.55 31.02 -20.11
C ARG E 144 19.69 30.84 -21.38
N ALA E 145 18.46 31.28 -21.38
CA ALA E 145 17.79 30.98 -22.59
C ALA E 145 18.53 31.62 -23.72
N ALA E 146 19.06 32.82 -23.55
CA ALA E 146 19.61 33.46 -24.73
C ALA E 146 20.71 32.55 -25.21
N GLU E 147 21.54 32.10 -24.29
CA GLU E 147 22.72 31.37 -24.67
C GLU E 147 22.38 30.06 -25.37
N ALA E 148 21.44 29.35 -24.84
CA ALA E 148 21.00 28.11 -25.42
C ALA E 148 20.34 28.25 -26.76
N ALA E 149 19.96 29.42 -27.23
CA ALA E 149 19.34 29.42 -28.55
C ALA E 149 20.25 30.00 -29.54
N ALA E 150 21.42 30.38 -29.10
CA ALA E 150 22.30 31.02 -30.01
C ALA E 150 22.77 29.86 -30.81
N GLY E 151 22.81 28.68 -30.17
CA GLY E 151 23.23 27.49 -30.89
C GLY E 151 22.12 26.97 -31.80
N GLU E 152 21.51 27.83 -32.60
CA GLU E 152 20.40 27.36 -33.41
C GLU E 152 20.28 28.24 -34.63
N PRO E 153 19.86 27.57 -35.70
CA PRO E 153 19.72 28.20 -37.02
C PRO E 153 18.68 29.27 -36.90
N PRO E 154 19.00 30.44 -37.40
CA PRO E 154 18.08 31.57 -37.56
C PRO E 154 16.72 31.15 -38.10
N ALA E 155 15.66 31.87 -37.78
CA ALA E 155 14.39 31.44 -38.35
C ALA E 155 14.40 31.90 -39.78
N ASP E 156 14.07 30.97 -40.67
CA ASP E 156 14.04 31.31 -42.09
C ASP E 156 12.92 32.35 -42.31
N TRP E 157 11.77 32.15 -41.64
CA TRP E 157 10.63 33.06 -41.84
C TRP E 157 10.78 34.52 -41.44
N LEU E 158 11.64 34.82 -40.50
CA LEU E 158 11.86 36.21 -40.21
C LEU E 158 12.73 36.89 -41.25
N GLN E 159 13.58 36.13 -41.93
CA GLN E 159 14.45 36.81 -42.88
C GLN E 159 13.71 37.11 -44.18
N ALA E 160 12.73 36.28 -44.54
CA ALA E 160 11.99 36.56 -45.77
C ALA E 160 11.46 38.00 -45.83
N ASP E 161 11.36 38.69 -44.71
CA ASP E 161 10.87 40.05 -44.77
C ASP E 161 11.86 40.96 -45.52
N ALA E 162 13.05 40.43 -45.77
CA ALA E 162 14.10 41.19 -46.47
C ALA E 162 13.60 41.75 -47.79
N ALA E 163 12.84 40.91 -48.49
CA ALA E 163 12.31 41.20 -49.81
C ALA E 163 11.18 42.23 -49.84
N PHE E 164 11.09 43.15 -48.89
CA PHE E 164 9.98 44.11 -48.96
C PHE E 164 10.25 45.53 -49.53
N THR E 165 9.20 46.02 -50.22
CA THR E 165 9.10 47.25 -51.08
C THR E 165 10.15 47.24 -52.23
N LEU E 166 10.51 46.02 -52.60
CA LEU E 166 11.52 45.76 -53.62
C LEU E 166 10.97 44.83 -54.73
N PRO E 179 -1.77 64.57 -41.90
CA PRO E 179 -0.58 64.97 -42.63
C PRO E 179 0.51 65.64 -41.85
N ALA E 180 1.68 65.47 -42.43
CA ALA E 180 2.93 65.82 -41.81
C ALA E 180 3.99 65.50 -42.87
N PHE E 181 5.05 66.28 -42.81
CA PHE E 181 6.02 66.28 -43.89
C PHE E 181 7.11 65.19 -43.84
N LEU E 182 7.44 64.60 -44.99
CA LEU E 182 8.49 63.59 -45.03
C LEU E 182 9.62 63.74 -46.04
N PRO E 183 10.50 64.66 -45.80
CA PRO E 183 11.62 64.93 -46.70
C PRO E 183 12.42 63.70 -47.05
N GLU E 184 12.91 63.58 -48.28
CA GLU E 184 13.74 62.46 -48.72
C GLU E 184 15.16 62.93 -48.86
N THR E 185 15.35 64.25 -48.87
CA THR E 185 16.67 64.83 -49.08
C THR E 185 16.87 66.08 -48.26
N SER E 186 18.11 66.29 -47.92
CA SER E 186 18.41 67.43 -47.10
C SER E 186 17.89 68.68 -47.77
N ASP E 187 17.81 68.63 -49.08
CA ASP E 187 17.39 69.83 -49.81
C ASP E 187 15.92 70.14 -49.50
N ALA E 188 15.11 69.13 -49.82
CA ALA E 188 13.67 69.23 -49.65
C ALA E 188 13.52 69.70 -48.26
N LEU E 189 14.39 69.20 -47.39
CA LEU E 189 14.23 69.56 -46.02
C LEU E 189 14.42 71.05 -45.91
N ALA E 190 15.66 71.46 -46.11
CA ALA E 190 16.06 72.84 -45.88
C ALA E 190 15.07 73.79 -46.49
N ASP E 191 14.55 73.39 -47.64
CA ASP E 191 13.56 74.27 -48.28
C ASP E 191 12.40 74.51 -47.30
N TRP E 192 11.62 73.44 -47.13
CA TRP E 192 10.38 73.41 -46.35
C TRP E 192 10.46 73.92 -44.92
N TYR E 193 11.61 73.73 -44.29
CA TYR E 193 11.76 74.19 -42.92
C TYR E 193 11.80 75.67 -43.05
N LEU E 194 12.66 76.16 -43.94
CA LEU E 194 12.79 77.57 -44.15
C LEU E 194 11.42 78.25 -44.22
N ALA E 195 10.45 77.60 -44.86
CA ALA E 195 9.13 78.20 -44.93
C ALA E 195 8.33 77.99 -43.68
N HIS E 196 8.66 76.98 -42.89
CA HIS E 196 7.90 76.73 -41.65
C HIS E 196 8.82 76.69 -40.45
N PRO E 197 9.38 77.83 -40.13
CA PRO E 197 10.40 77.90 -39.08
C PRO E 197 9.88 77.30 -37.80
N GLU E 198 8.56 77.33 -37.63
CA GLU E 198 8.01 77.01 -36.33
C GLU E 198 7.66 75.54 -36.17
N ALA E 199 7.91 74.80 -37.24
CA ALA E 199 7.59 73.40 -37.26
C ALA E 199 8.34 72.63 -36.19
N THR E 200 7.80 71.45 -35.90
CA THR E 200 8.40 70.52 -34.98
C THR E 200 9.14 69.49 -35.80
N LEU E 201 10.44 69.47 -35.62
CA LEU E 201 11.24 68.47 -36.31
C LEU E 201 11.38 67.14 -35.52
N ILE E 202 10.86 66.06 -36.05
CA ILE E 202 11.08 64.81 -35.39
C ILE E 202 12.07 63.86 -36.09
N ALA E 203 13.09 63.43 -35.34
CA ALA E 203 14.08 62.54 -35.87
C ALA E 203 13.84 61.23 -35.31
N GLY E 204 14.57 60.99 -34.22
CA GLY E 204 14.46 59.70 -33.58
C GLY E 204 13.16 59.76 -32.87
N GLY E 205 12.98 60.87 -32.16
CA GLY E 205 11.71 61.03 -31.54
C GLY E 205 11.74 60.42 -30.20
N THR E 206 12.91 60.15 -29.72
CA THR E 206 13.01 59.63 -28.39
C THR E 206 12.96 60.74 -27.41
N ASP E 207 13.09 61.99 -27.81
CA ASP E 207 12.98 63.04 -26.82
C ASP E 207 11.62 63.67 -27.04
N VAL E 208 11.08 63.59 -28.26
CA VAL E 208 9.91 64.35 -28.60
C VAL E 208 8.67 63.66 -28.18
N SER E 209 8.64 62.35 -28.25
CA SER E 209 7.39 61.65 -27.90
C SER E 209 6.95 61.83 -26.48
N LEU E 210 7.88 62.01 -25.53
CA LEU E 210 7.48 62.29 -24.13
C LEU E 210 6.63 63.55 -24.01
N TRP E 211 6.81 64.46 -24.95
CA TRP E 211 5.99 65.63 -25.01
C TRP E 211 4.58 65.18 -25.18
N VAL E 212 4.35 64.26 -26.08
CA VAL E 212 2.98 63.83 -26.26
C VAL E 212 2.48 62.83 -25.22
N THR E 213 3.34 61.93 -24.77
CA THR E 213 2.86 60.91 -23.86
C THR E 213 2.88 61.34 -22.43
N LYS E 214 3.78 62.22 -22.05
CA LYS E 214 3.73 62.58 -20.65
C LYS E 214 3.26 63.97 -20.37
N ALA E 215 3.74 64.93 -21.14
CA ALA E 215 3.24 66.28 -21.00
C ALA E 215 1.87 66.36 -21.66
N LEU E 216 1.46 65.32 -22.38
CA LEU E 216 0.17 65.36 -23.06
C LEU E 216 0.07 66.57 -23.98
N ARG E 217 1.21 66.93 -24.58
CA ARG E 217 1.23 68.04 -25.51
C ARG E 217 0.74 67.61 -26.90
N ASP E 218 0.51 68.56 -27.77
CA ASP E 218 -0.05 68.24 -29.05
C ASP E 218 0.67 69.07 -30.05
N LEU E 219 1.22 68.44 -31.08
CA LEU E 219 2.10 69.13 -32.02
C LEU E 219 1.51 69.22 -33.41
N PRO E 220 1.29 70.42 -33.90
CA PRO E 220 0.89 70.57 -35.31
C PRO E 220 2.15 71.03 -36.05
N GLU E 221 2.17 70.89 -37.38
CA GLU E 221 3.32 71.35 -38.17
C GLU E 221 4.52 70.54 -37.71
N VAL E 222 4.63 69.38 -38.31
CA VAL E 222 5.62 68.39 -37.96
C VAL E 222 6.29 67.79 -39.17
N ALA E 223 7.55 67.41 -39.03
CA ALA E 223 8.27 66.78 -40.12
C ALA E 223 9.19 65.70 -39.57
N PHE E 224 9.18 64.54 -40.22
CA PHE E 224 10.01 63.43 -39.82
C PHE E 224 11.32 63.31 -40.63
N LEU E 225 12.47 63.50 -40.01
CA LEU E 225 13.73 63.35 -40.75
C LEU E 225 14.21 61.90 -41.13
N SER E 226 13.68 60.88 -40.49
CA SER E 226 14.39 59.61 -40.61
C SER E 226 14.34 59.09 -42.01
N HIS E 227 13.64 59.77 -42.92
CA HIS E 227 13.75 59.30 -44.29
C HIS E 227 14.75 60.09 -45.16
N CYS E 228 15.77 60.69 -44.58
CA CYS E 228 16.69 61.43 -45.41
C CYS E 228 18.00 60.80 -45.54
N LYS E 229 18.03 59.76 -46.37
CA LYS E 229 19.25 59.01 -46.43
C LYS E 229 20.41 59.98 -46.37
N ASP E 230 20.31 61.05 -47.14
CA ASP E 230 21.47 61.90 -47.24
C ASP E 230 21.77 62.68 -46.00
N LEU E 231 20.96 62.50 -44.97
CA LEU E 231 21.21 63.26 -43.76
C LEU E 231 21.88 62.36 -42.71
N ALA E 232 21.80 61.06 -42.98
CA ALA E 232 22.25 60.03 -42.06
C ALA E 232 23.49 59.29 -42.56
N GLN E 233 24.52 60.04 -42.99
CA GLN E 233 25.72 59.47 -43.60
C GLN E 233 26.98 59.64 -42.78
N ILE E 234 27.85 58.67 -42.91
CA ILE E 234 29.17 58.83 -42.36
C ILE E 234 30.13 59.01 -43.54
N ARG E 235 30.79 60.16 -43.60
CA ARG E 235 31.66 60.47 -44.72
C ARG E 235 33.08 60.74 -44.28
N GLU E 236 34.02 60.02 -44.88
CA GLU E 236 35.42 60.25 -44.56
C GLU E 236 35.84 61.49 -45.34
N THR E 237 36.46 62.42 -44.61
CA THR E 237 36.94 63.71 -45.09
C THR E 237 38.46 63.82 -44.96
N PRO E 238 39.03 64.86 -45.57
CA PRO E 238 40.49 65.12 -45.55
C PRO E 238 40.97 65.32 -44.14
N ASP E 239 40.11 65.96 -43.35
CA ASP E 239 40.48 66.35 -42.00
C ASP E 239 39.39 65.98 -40.96
N GLY E 240 39.12 64.68 -40.84
CA GLY E 240 38.13 64.19 -39.91
C GLY E 240 36.94 63.52 -40.56
N TYR E 241 35.99 63.11 -39.72
CA TYR E 241 34.84 62.40 -40.26
C TYR E 241 33.51 63.20 -40.23
N GLY E 242 32.67 62.92 -41.22
CA GLY E 242 31.46 63.66 -41.41
C GLY E 242 30.27 62.87 -40.95
N ILE E 243 29.70 63.33 -39.83
CA ILE E 243 28.51 62.69 -39.28
C ILE E 243 27.26 63.48 -39.40
N GLY E 244 26.38 62.89 -40.21
CA GLY E 244 25.09 63.48 -40.53
C GLY E 244 24.26 63.58 -39.29
N ALA E 245 23.38 64.54 -39.27
CA ALA E 245 22.68 64.72 -38.02
C ALA E 245 21.77 63.54 -37.74
N GLY E 246 21.28 62.94 -38.80
CA GLY E 246 20.34 61.84 -38.63
C GLY E 246 20.98 60.48 -38.42
N VAL E 247 22.28 60.49 -38.12
CA VAL E 247 22.97 59.22 -37.89
C VAL E 247 22.58 58.68 -36.50
N THR E 248 22.27 57.39 -36.37
CA THR E 248 21.81 56.85 -35.06
C THR E 248 22.91 56.49 -34.10
N ILE E 249 22.68 56.78 -32.82
CA ILE E 249 23.68 56.53 -31.81
C ILE E 249 24.21 55.09 -31.95
N ALA E 250 23.32 54.18 -32.27
CA ALA E 250 23.88 52.86 -32.38
C ALA E 250 25.02 52.98 -33.46
N ALA E 251 24.58 53.42 -34.65
CA ALA E 251 25.45 53.58 -35.80
C ALA E 251 26.70 54.34 -35.38
N LEU E 252 26.53 55.54 -34.86
CA LEU E 252 27.72 56.25 -34.42
C LEU E 252 28.50 55.40 -33.44
N ARG E 253 27.85 54.41 -32.79
CA ARG E 253 28.63 53.66 -31.82
C ARG E 253 29.53 52.75 -32.54
N ALA E 254 28.96 52.15 -33.56
CA ALA E 254 29.68 51.14 -34.31
C ALA E 254 30.86 51.77 -35.01
N PHE E 255 30.61 52.83 -35.73
CA PHE E 255 31.69 53.50 -36.38
C PHE E 255 32.76 53.93 -35.38
N ALA E 256 32.42 54.27 -34.17
CA ALA E 256 33.44 54.79 -33.29
C ALA E 256 34.34 53.73 -32.73
N GLU E 257 33.85 52.50 -32.90
CA GLU E 257 34.53 51.41 -32.24
C GLU E 257 36.02 51.38 -32.60
N GLY E 258 36.33 51.72 -33.85
CA GLY E 258 37.69 51.75 -34.33
C GLY E 258 38.56 52.92 -33.90
N PRO E 259 38.25 54.09 -34.46
CA PRO E 259 39.09 55.29 -34.31
C PRO E 259 38.81 56.07 -33.04
N HIS E 260 37.76 55.68 -32.31
CA HIS E 260 37.35 56.43 -31.14
C HIS E 260 36.71 55.50 -30.18
N PRO E 261 37.51 54.58 -29.70
CA PRO E 261 37.03 53.61 -28.72
C PRO E 261 36.39 54.39 -27.57
N ALA E 262 37.04 55.43 -27.06
CA ALA E 262 36.42 55.97 -25.89
C ALA E 262 34.97 56.43 -26.21
N LEU E 263 34.75 57.08 -27.36
CA LEU E 263 33.39 57.49 -27.66
C LEU E 263 32.54 56.25 -27.62
N ALA E 264 33.06 55.21 -28.21
CA ALA E 264 32.24 54.00 -28.26
C ALA E 264 31.97 53.57 -26.83
N GLY E 265 33.01 53.58 -26.01
CA GLY E 265 32.94 53.25 -24.61
C GLY E 265 31.71 53.91 -24.05
N LEU E 266 31.76 55.24 -24.07
CA LEU E 266 30.61 56.02 -23.70
C LEU E 266 29.30 55.57 -24.39
N LEU E 267 29.11 55.87 -25.64
CA LEU E 267 27.77 55.50 -26.13
C LEU E 267 27.26 54.13 -25.63
N ARG E 268 28.12 53.31 -25.02
CA ARG E 268 27.62 51.97 -24.69
C ARG E 268 26.52 52.13 -23.63
N ARG E 269 26.70 53.15 -22.80
CA ARG E 269 25.77 53.47 -21.77
C ARG E 269 24.89 54.66 -22.13
N PHE E 270 24.51 54.79 -23.37
CA PHE E 270 23.69 55.91 -23.72
C PHE E 270 22.41 55.22 -23.94
N ALA E 271 21.49 55.38 -23.00
CA ALA E 271 20.22 54.71 -23.09
C ALA E 271 20.45 53.22 -23.29
N SER E 272 19.65 52.64 -24.15
CA SER E 272 19.70 51.22 -24.37
C SER E 272 19.78 50.92 -25.89
N GLU E 273 19.97 49.66 -26.25
CA GLU E 273 19.98 49.35 -27.63
C GLU E 273 18.66 49.87 -28.19
N GLN E 274 17.55 49.52 -27.57
CA GLN E 274 16.31 49.89 -28.22
C GLN E 274 16.23 51.36 -28.55
N VAL E 275 16.96 52.19 -27.83
CA VAL E 275 16.79 53.62 -28.07
C VAL E 275 17.85 54.03 -29.00
N ARG E 276 19.03 53.56 -28.67
CA ARG E 276 20.22 53.82 -29.45
C ARG E 276 19.96 53.59 -30.93
N GLN E 277 19.21 52.55 -31.25
CA GLN E 277 18.92 52.23 -32.63
C GLN E 277 18.13 53.27 -33.36
N VAL E 278 17.60 54.29 -32.69
CA VAL E 278 16.84 55.26 -33.47
C VAL E 278 17.20 56.65 -33.01
N ALA E 279 17.66 56.75 -31.79
CA ALA E 279 18.01 58.06 -31.36
C ALA E 279 19.07 58.63 -32.34
N THR E 280 19.07 59.92 -32.65
CA THR E 280 20.15 60.40 -33.55
C THR E 280 20.97 61.41 -32.88
N ILE E 281 22.18 61.59 -33.38
CA ILE E 281 23.12 62.48 -32.69
C ILE E 281 22.75 63.85 -32.96
N GLY E 282 22.06 64.00 -34.10
CA GLY E 282 21.57 65.31 -34.50
C GLY E 282 20.79 65.78 -33.30
N GLY E 283 19.66 65.05 -33.18
CA GLY E 283 18.74 65.13 -32.04
C GLY E 283 19.45 65.30 -30.69
N ASN E 284 20.32 64.35 -30.35
CA ASN E 284 20.87 64.50 -29.08
C ASN E 284 21.36 65.88 -28.93
N ILE E 285 21.86 66.47 -29.99
CA ILE E 285 22.48 67.77 -29.90
C ILE E 285 21.48 68.90 -29.93
N ALA E 286 20.56 68.80 -30.86
CA ALA E 286 19.50 69.79 -30.90
C ALA E 286 18.76 69.85 -29.57
N ASN E 287 18.50 68.71 -28.97
CA ASN E 287 17.69 68.77 -27.79
C ASN E 287 18.34 69.74 -26.85
N GLY E 288 19.62 69.79 -26.84
CA GLY E 288 20.15 70.83 -26.00
C GLY E 288 20.22 70.56 -24.52
N SER E 289 20.10 69.29 -24.13
CA SER E 289 20.15 69.03 -22.66
C SER E 289 21.53 69.07 -22.05
N PRO E 290 21.69 69.61 -20.87
CA PRO E 290 23.01 69.68 -20.22
C PRO E 290 23.35 68.34 -19.72
N ILE E 291 22.50 67.38 -19.95
CA ILE E 291 22.88 66.10 -19.53
C ILE E 291 23.04 65.27 -20.72
N GLY E 292 22.89 65.84 -21.89
CA GLY E 292 23.13 65.04 -23.08
C GLY E 292 24.50 64.38 -22.94
N ASP E 293 24.64 63.16 -23.40
CA ASP E 293 25.93 62.55 -23.24
C ASP E 293 26.75 62.78 -24.45
N GLY E 294 26.13 62.88 -25.62
CA GLY E 294 26.95 63.21 -26.76
C GLY E 294 27.92 64.39 -26.50
N PRO E 295 27.34 65.56 -26.39
CA PRO E 295 28.11 66.77 -26.38
C PRO E 295 29.37 66.72 -25.62
N PRO E 296 29.35 66.35 -24.40
CA PRO E 296 30.57 66.43 -23.62
C PRO E 296 31.67 65.67 -24.33
N ALA E 297 31.50 64.40 -24.55
CA ALA E 297 32.51 63.76 -25.32
C ALA E 297 32.91 64.61 -26.53
N LEU E 298 32.14 64.60 -27.62
CA LEU E 298 32.52 65.45 -28.75
C LEU E 298 33.30 66.74 -28.29
N ILE E 299 32.69 67.54 -27.45
CA ILE E 299 33.42 68.71 -27.12
C ILE E 299 34.77 68.30 -26.77
N ALA E 300 34.93 67.31 -25.93
CA ALA E 300 36.28 67.07 -25.44
C ALA E 300 37.19 66.73 -26.58
N MET E 301 36.72 65.93 -27.49
CA MET E 301 37.60 65.59 -28.61
C MET E 301 37.57 66.70 -29.64
N GLY E 302 37.20 67.88 -29.18
CA GLY E 302 37.06 69.05 -30.03
C GLY E 302 36.34 68.94 -31.38
N ALA E 303 35.18 68.29 -31.46
CA ALA E 303 34.54 68.24 -32.78
C ALA E 303 33.92 69.58 -33.05
N SER E 304 33.34 69.67 -34.26
CA SER E 304 32.70 70.89 -34.73
C SER E 304 31.35 70.51 -35.29
N LEU E 305 30.46 71.51 -35.36
CA LEU E 305 29.05 71.30 -35.67
C LEU E 305 28.69 72.23 -36.75
N THR E 306 27.78 71.76 -37.60
CA THR E 306 27.45 72.46 -38.82
C THR E 306 25.98 72.74 -38.96
N LEU E 307 25.60 74.03 -38.92
CA LEU E 307 24.17 74.39 -39.09
C LEU E 307 23.81 74.55 -40.56
N ARG E 308 22.55 74.71 -40.88
CA ARG E 308 22.16 74.89 -42.27
C ARG E 308 20.73 75.46 -42.44
N ARG E 309 20.61 76.52 -43.24
CA ARG E 309 19.34 77.25 -43.41
C ARG E 309 19.18 77.53 -44.90
N GLY E 310 18.26 76.82 -45.57
CA GLY E 310 18.12 76.93 -47.01
C GLY E 310 19.36 76.43 -47.74
N GLN E 311 20.19 77.35 -48.20
CA GLN E 311 21.43 76.95 -48.83
C GLN E 311 22.61 77.46 -48.05
N GLU E 312 22.41 78.37 -47.08
CA GLU E 312 23.53 78.87 -46.26
C GLU E 312 24.07 77.74 -45.39
N ARG E 313 25.18 78.00 -44.69
CA ARG E 313 25.77 76.95 -43.87
C ARG E 313 26.73 77.53 -42.87
N ARG E 314 26.36 77.65 -41.58
CA ARG E 314 27.33 78.15 -40.56
C ARG E 314 28.19 77.01 -40.11
N ARG E 315 28.99 77.23 -39.08
CA ARG E 315 29.87 76.16 -38.70
C ARG E 315 30.71 76.54 -37.49
N MET E 316 30.27 76.18 -36.29
CA MET E 316 31.13 76.45 -35.16
C MET E 316 31.62 75.20 -34.43
N PRO E 317 32.55 75.45 -33.52
CA PRO E 317 33.02 74.44 -32.56
C PRO E 317 31.91 74.05 -31.58
N LEU E 318 31.51 72.81 -31.57
CA LEU E 318 30.40 72.39 -30.70
C LEU E 318 30.13 73.15 -29.43
N GLU E 319 31.05 73.20 -28.49
CA GLU E 319 30.63 73.83 -27.25
C GLU E 319 29.92 75.14 -27.50
N ASP E 320 30.34 75.85 -28.53
CA ASP E 320 29.80 77.19 -28.79
C ASP E 320 28.35 77.17 -29.24
N PHE E 321 27.75 75.99 -29.34
CA PHE E 321 26.37 75.94 -29.79
C PHE E 321 25.38 76.08 -28.67
N PHE E 322 25.89 76.03 -27.45
CA PHE E 322 25.09 76.07 -26.26
C PHE E 322 25.34 77.34 -25.48
N LEU E 323 24.39 78.28 -25.57
CA LEU E 323 24.49 79.56 -24.86
C LEU E 323 24.06 79.43 -23.42
N GLU E 324 22.78 79.12 -23.26
CA GLU E 324 22.25 79.04 -21.92
C GLU E 324 21.25 77.92 -21.80
N TYR E 325 21.13 77.49 -20.55
CA TYR E 325 20.20 76.44 -20.24
C TYR E 325 18.96 76.71 -21.06
N ARG E 326 18.68 75.81 -21.99
CA ARG E 326 17.40 75.89 -22.65
C ARG E 326 17.40 76.87 -23.79
N LYS E 327 18.57 77.10 -24.38
CA LYS E 327 18.68 78.14 -25.38
C LYS E 327 19.94 77.91 -26.26
N GLN E 328 19.75 77.76 -27.56
CA GLN E 328 20.89 77.54 -28.45
C GLN E 328 21.11 78.55 -29.55
N ASP E 329 22.30 78.53 -30.15
CA ASP E 329 22.64 79.42 -31.25
C ASP E 329 22.00 78.89 -32.49
N ARG E 330 20.70 78.98 -32.59
CA ARG E 330 20.06 78.44 -33.75
C ARG E 330 19.03 79.45 -34.24
N ARG E 331 18.95 79.62 -35.55
CA ARG E 331 18.16 80.72 -36.04
C ARG E 331 16.96 80.13 -36.62
N PRO E 332 15.89 80.88 -36.54
CA PRO E 332 14.65 80.56 -37.24
C PRO E 332 14.97 79.86 -38.55
N GLY E 333 14.46 78.65 -38.73
CA GLY E 333 14.59 77.95 -39.99
C GLY E 333 15.90 77.21 -40.03
N GLU E 334 16.78 77.54 -39.12
CA GLU E 334 18.08 76.87 -39.08
C GLU E 334 17.88 75.43 -38.53
N PHE E 335 18.58 74.44 -39.10
CA PHE E 335 18.56 73.09 -38.55
C PHE E 335 19.87 72.42 -38.59
N VAL E 336 20.13 71.53 -37.63
CA VAL E 336 21.44 70.87 -37.43
C VAL E 336 21.65 69.86 -38.49
N GLU E 337 22.80 69.87 -39.22
CA GLU E 337 23.01 68.91 -40.36
C GLU E 337 24.19 67.95 -40.26
N SER E 338 25.12 68.28 -39.39
CA SER E 338 26.14 67.30 -39.22
C SER E 338 27.14 67.83 -38.26
N VAL E 339 28.00 66.94 -37.79
CA VAL E 339 29.09 67.36 -36.94
C VAL E 339 30.20 66.65 -37.57
N THR E 340 31.41 67.09 -37.23
CA THR E 340 32.59 66.49 -37.79
C THR E 340 33.63 66.28 -36.71
N LEU E 341 34.23 65.08 -36.74
CA LEU E 341 35.23 64.73 -35.75
C LEU E 341 36.56 64.49 -36.40
N PRO E 342 37.61 64.81 -35.66
CA PRO E 342 38.99 64.63 -36.08
C PRO E 342 39.20 63.17 -36.46
N LYS E 343 40.33 62.92 -37.14
CA LYS E 343 40.60 61.56 -37.54
C LYS E 343 40.92 60.84 -36.28
N SER E 344 41.49 61.53 -35.29
CA SER E 344 41.89 60.75 -34.15
C SER E 344 42.14 61.55 -32.86
N ALA E 345 42.11 60.86 -31.72
CA ALA E 345 42.20 61.54 -30.45
C ALA E 345 42.38 60.52 -29.31
N PRO E 346 43.53 59.88 -29.34
CA PRO E 346 43.90 58.93 -28.32
C PRO E 346 43.63 59.47 -26.91
N GLY E 347 43.78 60.76 -26.71
CA GLY E 347 43.71 61.19 -25.32
C GLY E 347 42.33 61.11 -24.67
N LEU E 348 41.31 61.15 -25.51
CA LEU E 348 39.95 61.07 -25.02
C LEU E 348 39.82 59.97 -24.03
N ARG E 349 39.11 60.27 -22.95
CA ARG E 349 38.64 59.29 -21.98
C ARG E 349 37.21 59.78 -21.59
N CYS E 350 36.24 58.90 -21.34
CA CYS E 350 34.90 59.44 -20.97
C CYS E 350 34.19 58.84 -19.78
N TYR E 351 33.87 59.63 -18.79
CA TYR E 351 33.27 59.05 -17.61
C TYR E 351 31.79 59.39 -17.48
N LYS E 352 30.93 58.34 -17.37
CA LYS E 352 29.51 58.55 -17.09
C LYS E 352 29.23 58.15 -15.66
N LEU E 353 28.56 59.01 -14.88
CA LEU E 353 28.30 58.62 -13.49
C LEU E 353 26.81 58.68 -13.18
N SER E 354 26.18 57.57 -12.79
CA SER E 354 24.73 57.51 -12.56
C SER E 354 24.38 56.75 -11.37
N LYS E 355 23.10 56.48 -11.20
CA LYS E 355 22.77 55.75 -10.01
C LYS E 355 22.95 54.31 -10.33
N ARG E 356 22.54 53.95 -11.53
CA ARG E 356 22.71 52.58 -11.98
C ARG E 356 23.61 52.69 -13.21
N PHE E 357 24.30 51.61 -13.58
CA PHE E 357 25.18 51.65 -14.75
C PHE E 357 24.43 51.70 -16.07
N ASP E 358 23.47 50.80 -16.27
CA ASP E 358 22.82 50.77 -17.55
C ASP E 358 21.50 51.53 -17.62
N GLN E 359 21.24 52.10 -18.81
CA GLN E 359 20.07 52.91 -19.09
C GLN E 359 19.84 53.94 -17.97
N ASP E 360 20.64 54.96 -17.84
CA ASP E 360 20.43 55.90 -16.74
C ASP E 360 20.98 57.25 -17.15
N ILE E 361 20.39 58.31 -16.65
CA ILE E 361 20.80 59.61 -17.05
C ILE E 361 21.99 59.95 -16.24
N SER E 362 22.90 60.83 -16.69
CA SER E 362 24.14 61.05 -15.93
C SER E 362 24.00 61.97 -14.76
N ALA E 363 24.68 61.73 -13.67
CA ALA E 363 24.64 62.73 -12.59
C ALA E 363 25.68 63.72 -13.01
N VAL E 364 26.65 63.17 -13.72
CA VAL E 364 27.80 63.89 -14.18
C VAL E 364 28.51 63.09 -15.23
N CYS E 365 28.59 63.60 -16.43
CA CYS E 365 29.35 62.93 -17.42
C CYS E 365 30.69 63.66 -17.58
N GLY E 366 31.82 63.00 -17.42
CA GLY E 366 33.10 63.69 -17.49
C GLY E 366 33.90 63.25 -18.72
N CYS E 367 34.30 64.20 -19.55
CA CYS E 367 35.04 63.80 -20.71
C CYS E 367 36.37 64.40 -20.75
N LEU E 368 37.42 63.61 -20.69
CA LEU E 368 38.74 64.20 -20.69
C LEU E 368 39.67 63.89 -21.85
N ASN E 369 40.40 64.93 -22.21
CA ASN E 369 41.36 64.87 -23.31
C ASN E 369 42.63 65.69 -23.16
N LEU E 370 43.74 65.04 -22.90
CA LEU E 370 44.99 65.79 -22.70
C LEU E 370 46.00 65.41 -23.78
N THR E 371 46.76 66.40 -24.26
CA THR E 371 47.83 66.08 -25.20
C THR E 371 49.13 66.45 -24.55
N LEU E 372 50.08 65.53 -24.67
CA LEU E 372 51.34 65.65 -23.97
C LEU E 372 52.55 66.02 -24.80
N LYS E 373 53.49 66.73 -24.16
CA LYS E 373 54.81 67.02 -24.72
C LYS E 373 55.70 66.25 -23.78
N GLY E 374 55.69 64.92 -23.90
CA GLY E 374 56.42 64.04 -22.99
C GLY E 374 56.50 64.60 -21.57
N SER E 375 55.83 63.93 -20.63
CA SER E 375 55.86 64.40 -19.24
C SER E 375 55.27 65.83 -19.02
N LYS E 376 55.03 66.57 -20.11
CA LYS E 376 54.47 67.95 -20.02
C LYS E 376 53.14 68.12 -20.76
N ILE E 377 52.23 68.88 -20.16
CA ILE E 377 50.90 69.03 -20.73
C ILE E 377 50.76 70.08 -21.83
N GLU E 378 50.58 69.64 -23.05
CA GLU E 378 50.42 70.60 -24.13
C GLU E 378 49.05 71.26 -24.17
N THR E 379 48.07 70.44 -24.51
CA THR E 379 46.68 70.84 -24.65
C THR E 379 45.81 70.10 -23.67
N ALA E 380 44.66 70.68 -23.33
CA ALA E 380 43.78 70.07 -22.33
C ALA E 380 42.35 70.49 -22.46
N ARG E 381 41.64 69.81 -23.35
CA ARG E 381 40.20 69.94 -23.56
C ARG E 381 39.45 69.17 -22.49
N ILE E 382 38.77 69.86 -21.61
CA ILE E 382 38.04 69.18 -20.55
C ILE E 382 36.57 69.58 -20.51
N ALA E 383 35.67 68.63 -20.67
CA ALA E 383 34.22 68.95 -20.74
C ALA E 383 33.35 68.18 -19.73
N PHE E 384 32.20 68.76 -19.36
CA PHE E 384 31.27 68.07 -18.48
C PHE E 384 29.90 68.31 -18.83
N GLY E 385 29.12 67.24 -18.63
CA GLY E 385 27.67 67.23 -18.80
C GLY E 385 27.04 67.25 -17.42
N GLY E 386 26.02 68.05 -17.23
CA GLY E 386 25.35 67.96 -15.97
C GLY E 386 25.96 68.73 -14.81
N MET E 387 27.03 69.49 -15.03
CA MET E 387 27.50 70.36 -13.95
C MET E 387 27.03 71.77 -14.16
N ALA E 388 26.15 72.01 -15.14
CA ALA E 388 25.51 73.34 -15.32
C ALA E 388 24.42 73.44 -16.36
N GLY E 389 24.02 74.65 -16.70
CA GLY E 389 22.88 74.82 -17.57
C GLY E 389 23.22 74.34 -18.95
N VAL E 390 24.48 74.03 -19.13
CA VAL E 390 24.89 73.73 -20.48
C VAL E 390 26.09 72.87 -20.39
N PRO E 391 26.47 72.11 -21.41
CA PRO E 391 27.68 71.30 -21.33
C PRO E 391 28.77 72.29 -21.59
N LYS E 392 29.84 72.36 -20.80
CA LYS E 392 30.86 73.38 -21.01
C LYS E 392 32.32 72.94 -20.67
N ARG E 393 33.34 73.56 -21.24
CA ARG E 393 34.69 73.08 -20.91
C ARG E 393 34.94 73.68 -19.57
N ALA E 394 35.97 73.23 -18.88
CA ALA E 394 36.30 73.70 -17.53
C ALA E 394 37.37 74.82 -17.41
N ALA E 395 37.29 75.82 -18.29
CA ALA E 395 38.30 76.86 -18.38
C ALA E 395 39.31 76.96 -17.24
N ALA E 396 38.98 77.53 -16.10
CA ALA E 396 40.06 77.68 -15.12
C ALA E 396 40.80 76.37 -14.94
N PHE E 397 40.09 75.25 -15.05
CA PHE E 397 40.73 73.97 -14.80
C PHE E 397 41.67 73.70 -15.89
N GLU E 398 41.15 73.64 -17.12
CA GLU E 398 41.96 73.47 -18.33
C GLU E 398 43.21 74.36 -18.17
N ALA E 399 43.02 75.67 -18.07
CA ALA E 399 44.11 76.64 -17.95
C ALA E 399 45.16 76.20 -16.99
N ALA E 400 44.89 76.30 -15.71
CA ALA E 400 45.99 76.15 -14.78
C ALA E 400 46.66 74.85 -15.03
N LEU E 401 46.23 74.17 -16.06
CA LEU E 401 46.80 72.87 -16.31
C LEU E 401 47.97 72.86 -17.29
N ILE E 402 47.93 73.77 -18.24
CA ILE E 402 48.91 73.72 -19.30
C ILE E 402 50.31 74.03 -18.80
N GLY E 403 51.30 73.37 -19.41
CA GLY E 403 52.70 73.55 -19.03
C GLY E 403 53.18 72.87 -17.75
N GLN E 404 52.26 72.48 -16.88
CA GLN E 404 52.58 71.73 -15.66
C GLN E 404 52.84 70.26 -16.02
N ASP E 405 53.51 69.60 -15.07
CA ASP E 405 53.87 68.18 -15.14
C ASP E 405 52.67 67.20 -14.95
N PHE E 406 52.53 66.24 -15.85
CA PHE E 406 51.43 65.29 -15.79
C PHE E 406 51.59 64.18 -14.77
N ARG E 407 51.57 64.54 -13.50
CA ARG E 407 51.63 63.57 -12.41
C ARG E 407 50.29 63.67 -11.62
N GLU E 408 50.05 62.77 -10.69
CA GLU E 408 48.84 62.89 -9.89
C GLU E 408 48.81 64.16 -9.03
N ASP E 409 49.86 64.45 -8.27
CA ASP E 409 49.83 65.64 -7.38
C ASP E 409 49.55 66.97 -8.08
N THR E 410 49.96 67.13 -9.32
CA THR E 410 49.73 68.41 -9.90
C THR E 410 48.23 68.58 -10.07
N ILE E 411 47.60 67.57 -10.65
CA ILE E 411 46.15 67.57 -10.79
C ILE E 411 45.54 67.79 -9.44
N ALA E 412 45.97 67.02 -8.46
CA ALA E 412 45.46 67.21 -7.12
C ALA E 412 45.30 68.67 -6.80
N ALA E 413 46.40 69.41 -6.92
CA ALA E 413 46.32 70.79 -6.41
C ALA E 413 45.55 71.72 -7.34
N ALA E 414 45.18 71.23 -8.51
CA ALA E 414 44.44 72.09 -9.40
C ALA E 414 42.92 71.93 -9.23
N LEU E 415 42.52 70.97 -8.40
CA LEU E 415 41.10 70.57 -8.30
C LEU E 415 40.15 71.69 -7.93
N PRO E 416 40.51 72.47 -6.93
CA PRO E 416 39.57 73.48 -6.44
C PRO E 416 39.11 74.37 -7.59
N LEU E 417 39.97 74.54 -8.59
CA LEU E 417 39.62 75.38 -9.69
C LEU E 417 38.31 74.90 -10.30
N LEU E 418 37.98 73.63 -10.14
CA LEU E 418 36.71 73.14 -10.67
C LEU E 418 35.49 73.80 -9.99
N ALA E 419 35.63 74.11 -8.72
CA ALA E 419 34.58 74.79 -7.97
C ALA E 419 34.31 76.15 -8.55
N GLN E 420 35.19 76.60 -9.44
CA GLN E 420 35.05 77.92 -9.97
C GLN E 420 34.51 77.72 -11.32
N ASP E 421 34.95 76.71 -12.00
CA ASP E 421 34.34 76.57 -13.30
C ASP E 421 32.88 76.18 -13.17
N PHE E 422 32.52 75.54 -12.06
CA PHE E 422 31.15 75.08 -11.89
C PHE E 422 30.49 75.20 -10.52
N THR E 423 29.18 75.33 -10.55
CA THR E 423 28.44 75.45 -9.30
C THR E 423 27.16 74.70 -9.51
N PRO E 424 27.27 73.39 -9.26
CA PRO E 424 26.30 72.42 -9.73
C PRO E 424 25.15 72.33 -8.75
N LEU E 425 24.06 71.76 -9.23
CA LEU E 425 22.81 71.70 -8.49
C LEU E 425 22.59 70.46 -7.61
N SER E 426 21.39 70.33 -7.03
CA SER E 426 21.07 69.10 -6.35
C SER E 426 19.78 68.66 -6.88
N ASP E 427 19.60 67.37 -7.01
CA ASP E 427 18.29 66.93 -7.41
C ASP E 427 18.09 65.48 -7.01
N MET E 428 17.04 64.86 -7.54
CA MET E 428 16.84 63.49 -7.10
C MET E 428 18.01 62.54 -7.46
N ARG E 429 18.77 62.85 -8.51
CA ARG E 429 19.84 61.97 -8.89
C ARG E 429 21.10 62.06 -8.01
N ALA E 430 21.28 63.17 -7.36
CA ALA E 430 22.53 63.34 -6.68
C ALA E 430 22.55 64.75 -6.11
N SER E 431 23.23 64.89 -4.96
CA SER E 431 23.44 66.17 -4.36
C SER E 431 24.60 66.94 -5.03
N ALA E 432 24.50 68.25 -4.92
CA ALA E 432 25.55 69.16 -5.36
C ALA E 432 26.89 68.72 -4.79
N ALA E 433 26.97 68.58 -3.49
CA ALA E 433 28.29 68.21 -3.01
C ALA E 433 28.83 67.02 -3.83
N TYR E 434 28.09 65.93 -3.88
CA TYR E 434 28.53 64.81 -4.68
C TYR E 434 28.88 65.19 -6.15
N ARG E 435 27.99 65.91 -6.77
CA ARG E 435 28.28 66.19 -8.14
C ARG E 435 29.66 66.80 -8.26
N MET E 436 29.99 67.73 -7.39
CA MET E 436 31.21 68.44 -7.53
C MET E 436 32.26 67.46 -7.26
N ASN E 437 32.34 67.07 -6.01
CA ASN E 437 33.34 66.12 -5.64
C ASN E 437 33.53 65.06 -6.72
N ALA E 438 32.47 64.67 -7.39
CA ALA E 438 32.72 63.64 -8.36
C ALA E 438 33.58 64.16 -9.45
N ALA E 439 33.23 65.31 -9.98
CA ALA E 439 33.95 65.76 -11.17
C ALA E 439 35.42 65.82 -10.79
N GLN E 440 35.72 66.38 -9.64
CA GLN E 440 37.09 66.28 -9.29
C GLN E 440 37.53 64.87 -9.46
N ALA E 441 36.80 63.93 -8.86
CA ALA E 441 37.31 62.56 -8.90
C ALA E 441 37.61 62.17 -10.31
N MET E 442 36.73 62.55 -11.22
CA MET E 442 36.94 62.16 -12.60
C MET E 442 38.39 62.54 -13.04
N ALA E 443 38.89 63.65 -12.54
CA ALA E 443 40.19 64.07 -12.92
C ALA E 443 41.15 63.05 -12.44
N LEU E 444 41.18 62.87 -11.12
CA LEU E 444 42.11 61.91 -10.54
C LEU E 444 42.06 60.57 -11.31
N ARG E 445 40.88 60.10 -11.63
CA ARG E 445 40.87 58.85 -12.33
C ARG E 445 41.71 58.92 -13.60
N TYR E 446 41.43 59.89 -14.45
CA TYR E 446 42.19 60.14 -15.68
C TYR E 446 43.68 60.06 -15.52
N VAL E 447 44.28 60.71 -14.53
CA VAL E 447 45.69 60.46 -14.43
C VAL E 447 45.83 58.93 -14.19
N ARG E 448 45.43 58.52 -13.01
CA ARG E 448 45.50 57.12 -12.72
C ARG E 448 45.24 56.27 -13.99
N GLU E 449 44.12 56.44 -14.67
CA GLU E 449 43.90 55.56 -15.79
C GLU E 449 45.09 55.61 -16.77
N LEU E 450 45.35 56.78 -17.34
CA LEU E 450 46.45 56.92 -18.29
C LEU E 450 47.78 56.36 -17.76
N SER E 451 48.04 56.48 -16.46
CA SER E 451 49.29 55.95 -15.98
C SER E 451 49.18 54.42 -15.69
N GLY E 452 48.31 53.75 -16.46
CA GLY E 452 48.06 52.30 -16.42
C GLY E 452 47.58 51.64 -15.13
N GLU E 453 46.95 52.39 -14.23
CA GLU E 453 46.46 51.83 -12.95
C GLU E 453 45.01 51.33 -13.07
N ALA E 454 44.59 50.46 -12.16
CA ALA E 454 43.29 49.82 -12.28
C ALA E 454 42.31 50.74 -11.59
N VAL E 455 41.21 50.97 -12.30
CA VAL E 455 40.35 52.03 -11.91
C VAL E 455 38.86 51.90 -12.36
N ALA E 456 38.51 50.97 -13.20
CA ALA E 456 37.17 50.88 -13.61
C ALA E 456 36.54 49.67 -12.98
N VAL E 457 35.53 49.87 -12.13
CA VAL E 457 34.78 48.76 -11.57
C VAL E 457 34.24 47.86 -12.62
N LEU E 458 33.83 48.39 -13.76
CA LEU E 458 33.22 47.54 -14.77
C LEU E 458 34.11 46.54 -15.47
N GLU E 459 35.42 46.68 -15.27
CA GLU E 459 36.38 45.78 -15.88
C GLU E 459 36.84 44.68 -14.90
N VAL E 460 36.31 44.64 -13.69
CA VAL E 460 36.76 43.64 -12.78
C VAL E 460 35.97 42.38 -12.98
N MET E 461 36.64 41.24 -13.21
CA MET E 461 35.98 39.93 -13.41
C MET E 461 36.03 39.23 -12.07
N PRO E 462 35.03 38.40 -11.75
CA PRO E 462 35.01 37.73 -10.44
C PRO E 462 36.05 36.64 -10.35
N SER F 2 3.78 14.05 -9.30
CA SER F 2 4.15 15.18 -10.20
C SER F 2 4.75 16.30 -9.39
N VAL F 3 4.29 16.33 -8.14
CA VAL F 3 4.86 17.15 -7.13
C VAL F 3 6.33 16.82 -7.15
N GLY F 4 7.23 17.80 -7.17
CA GLY F 4 8.63 17.44 -7.10
C GLY F 4 9.45 17.55 -8.38
N LYS F 5 8.74 17.55 -9.49
CA LYS F 5 9.41 17.60 -10.76
C LYS F 5 9.58 19.08 -11.06
N PRO F 6 10.57 19.43 -11.90
CA PRO F 6 10.80 20.82 -12.30
C PRO F 6 9.99 21.19 -13.49
N LEU F 7 8.67 21.23 -13.50
CA LEU F 7 7.92 21.64 -14.69
C LEU F 7 7.80 23.16 -14.87
N PRO F 8 7.69 23.61 -16.10
CA PRO F 8 7.60 25.03 -16.43
C PRO F 8 6.34 25.64 -15.90
N HIS F 9 6.32 26.96 -15.87
CA HIS F 9 5.16 27.72 -15.43
C HIS F 9 3.91 27.36 -16.23
N ASP F 10 2.74 27.31 -15.60
CA ASP F 10 1.51 27.06 -16.33
C ASP F 10 1.29 27.89 -17.52
N SER F 11 1.76 29.10 -17.64
CA SER F 11 1.44 29.77 -18.89
C SER F 11 2.68 30.26 -19.67
N ALA F 12 3.70 29.38 -19.63
CA ALA F 12 4.96 29.78 -20.26
C ALA F 12 4.81 29.94 -21.79
N ARG F 13 4.12 28.98 -22.44
CA ARG F 13 4.00 29.09 -23.86
C ARG F 13 3.19 30.34 -24.06
N ALA F 14 2.18 30.56 -23.23
CA ALA F 14 1.42 31.78 -23.52
C ALA F 14 2.17 33.10 -23.28
N HIS F 15 3.04 33.11 -22.25
CA HIS F 15 3.85 34.30 -22.09
C HIS F 15 4.65 34.43 -23.35
N VAL F 16 5.49 33.47 -23.60
CA VAL F 16 6.41 33.57 -24.69
C VAL F 16 5.97 33.93 -26.17
N THR F 17 4.69 33.69 -26.50
CA THR F 17 4.13 34.12 -27.81
C THR F 17 3.15 35.29 -27.68
N GLY F 18 3.09 35.93 -26.53
CA GLY F 18 2.15 37.03 -26.40
C GLY F 18 0.72 36.61 -26.53
N GLN F 19 0.38 35.39 -26.19
CA GLN F 19 -1.03 35.18 -26.17
C GLN F 19 -1.59 35.33 -24.74
N ALA F 20 -0.77 35.41 -23.71
CA ALA F 20 -1.44 35.43 -22.42
C ALA F 20 -1.99 36.78 -22.34
N ARG F 21 -3.27 36.85 -21.97
CA ARG F 21 -3.84 38.17 -21.82
C ARG F 21 -3.86 38.67 -20.40
N TYR F 22 -3.35 39.88 -20.18
CA TYR F 22 -3.54 40.56 -18.92
C TYR F 22 -4.73 41.51 -19.10
N LEU F 23 -5.22 42.11 -18.02
CA LEU F 23 -6.48 42.89 -18.07
C LEU F 23 -6.69 43.87 -19.21
N ASP F 24 -5.65 44.70 -19.48
CA ASP F 24 -5.81 45.64 -20.60
C ASP F 24 -5.89 44.95 -21.96
N ASP F 25 -5.52 43.67 -22.02
CA ASP F 25 -5.68 42.93 -23.27
C ASP F 25 -7.09 42.46 -23.51
N LEU F 26 -7.93 42.32 -22.48
CA LEU F 26 -9.21 41.66 -22.72
C LEU F 26 -9.99 42.45 -23.73
N PRO F 27 -10.74 41.81 -24.57
CA PRO F 27 -11.49 42.55 -25.56
C PRO F 27 -12.60 43.15 -24.77
N CYS F 28 -13.15 44.33 -25.12
CA CYS F 28 -14.42 44.78 -24.38
C CYS F 28 -15.22 45.62 -25.31
N PRO F 29 -16.49 45.78 -25.01
CA PRO F 29 -17.45 46.39 -25.94
C PRO F 29 -17.01 47.73 -26.43
N ALA F 30 -17.55 48.18 -27.55
CA ALA F 30 -17.04 49.43 -28.12
C ALA F 30 -17.40 50.55 -27.19
N ASN F 31 -18.51 50.41 -26.48
CA ASN F 31 -18.90 51.51 -25.68
C ASN F 31 -18.18 51.69 -24.37
N THR F 32 -17.29 50.77 -24.04
CA THR F 32 -16.51 50.83 -22.84
C THR F 32 -16.01 52.23 -22.66
N LEU F 33 -15.99 52.73 -21.40
CA LEU F 33 -15.37 54.00 -21.06
C LEU F 33 -14.03 53.75 -20.36
N HIS F 34 -13.24 54.79 -20.21
CA HIS F 34 -11.92 54.69 -19.63
C HIS F 34 -11.70 55.79 -18.59
N LEU F 35 -11.16 55.47 -17.40
CA LEU F 35 -11.11 56.51 -16.34
C LEU F 35 -9.72 57.12 -15.99
N ALA F 36 -9.75 58.21 -15.26
CA ALA F 36 -8.51 58.61 -14.66
C ALA F 36 -8.85 59.49 -13.42
N PHE F 37 -8.01 59.50 -12.39
CA PHE F 37 -8.27 60.29 -11.25
C PHE F 37 -7.60 61.54 -11.59
N GLY F 38 -8.01 62.67 -11.00
CA GLY F 38 -7.25 63.90 -11.17
C GLY F 38 -6.78 64.03 -9.76
N LEU F 39 -5.57 64.53 -9.50
CA LEU F 39 -5.03 64.47 -8.15
C LEU F 39 -4.68 65.75 -7.44
N SER F 40 -4.46 65.66 -6.12
CA SER F 40 -4.23 66.87 -5.34
C SER F 40 -2.88 67.28 -5.70
N THR F 41 -2.52 68.52 -5.64
CA THR F 41 -1.16 68.85 -5.82
C THR F 41 -0.70 69.33 -4.50
N GLU F 42 -1.45 69.09 -3.42
CA GLU F 42 -1.05 69.61 -2.08
C GLU F 42 -0.76 68.50 -1.07
N ALA F 43 0.29 68.65 -0.31
CA ALA F 43 0.57 67.62 0.65
C ALA F 43 -0.48 67.59 1.73
N SER F 44 -1.15 68.70 2.00
CA SER F 44 -2.11 68.72 3.06
C SER F 44 -2.86 70.03 3.04
N ALA F 45 -4.11 70.04 2.62
CA ALA F 45 -4.91 71.27 2.57
C ALA F 45 -6.41 71.00 2.62
N ALA F 46 -7.20 72.02 2.87
CA ALA F 46 -8.63 71.81 2.82
C ALA F 46 -8.97 72.22 1.41
N ILE F 47 -9.91 71.56 0.78
CA ILE F 47 -10.22 71.95 -0.56
C ILE F 47 -11.27 72.99 -0.51
N THR F 48 -10.99 74.09 -1.19
CA THR F 48 -11.85 75.21 -1.00
C THR F 48 -12.73 75.53 -2.12
N GLY F 49 -12.42 75.02 -3.28
CA GLY F 49 -13.27 75.24 -4.41
C GLY F 49 -12.84 74.29 -5.47
N LEU F 50 -13.81 73.81 -6.21
CA LEU F 50 -13.58 72.77 -7.16
C LEU F 50 -14.35 72.97 -8.43
N ASP F 51 -13.80 73.71 -9.39
CA ASP F 51 -14.52 74.02 -10.62
C ASP F 51 -14.13 72.92 -11.52
N LEU F 52 -15.11 72.15 -12.03
CA LEU F 52 -14.82 71.05 -12.96
C LEU F 52 -15.34 71.29 -14.35
N GLU F 53 -15.85 72.49 -14.56
CA GLU F 53 -16.41 72.80 -15.85
C GLU F 53 -15.44 72.53 -16.98
N PRO F 54 -14.19 72.97 -16.87
CA PRO F 54 -13.20 72.64 -17.93
C PRO F 54 -13.12 71.13 -18.11
N VAL F 55 -13.42 70.37 -17.08
CA VAL F 55 -13.31 68.97 -17.26
C VAL F 55 -14.50 68.47 -18.05
N ARG F 56 -15.70 68.73 -17.59
CA ARG F 56 -16.84 68.25 -18.37
C ARG F 56 -16.72 68.65 -19.84
N GLU F 57 -16.19 69.85 -20.06
CA GLU F 57 -16.05 70.35 -21.41
C GLU F 57 -14.97 69.62 -22.20
N SER F 58 -14.09 68.88 -21.56
CA SER F 58 -13.06 68.27 -22.40
C SER F 58 -13.51 67.21 -23.36
N PRO F 59 -12.85 67.14 -24.50
CA PRO F 59 -13.25 66.22 -25.57
C PRO F 59 -13.28 64.80 -25.07
N GLY F 60 -14.18 64.00 -25.62
CA GLY F 60 -14.32 62.65 -25.21
C GLY F 60 -14.85 62.48 -23.80
N VAL F 61 -15.12 63.54 -23.02
CA VAL F 61 -15.62 63.23 -21.68
C VAL F 61 -17.09 62.86 -21.49
N ILE F 62 -17.38 61.88 -20.64
CA ILE F 62 -18.76 61.46 -20.40
C ILE F 62 -19.36 61.70 -19.03
N ALA F 63 -18.59 61.54 -17.95
CA ALA F 63 -19.11 61.83 -16.59
C ALA F 63 -17.89 62.24 -15.88
N VAL F 64 -18.06 62.82 -14.69
CA VAL F 64 -16.97 63.26 -13.89
C VAL F 64 -17.42 63.07 -12.49
N PHE F 65 -16.57 62.71 -11.55
CA PHE F 65 -17.18 62.33 -10.29
C PHE F 65 -16.49 62.92 -9.19
N THR F 66 -17.20 63.01 -8.08
CA THR F 66 -16.73 63.69 -6.92
C THR F 66 -17.22 62.92 -5.74
N ALA F 67 -16.61 63.10 -4.60
CA ALA F 67 -17.00 62.38 -3.41
C ALA F 67 -18.49 62.47 -3.23
N ALA F 68 -19.05 63.58 -3.61
CA ALA F 68 -20.49 63.76 -3.45
C ALA F 68 -21.23 62.79 -4.28
N ASP F 69 -20.69 62.49 -5.44
CA ASP F 69 -21.41 61.66 -6.36
C ASP F 69 -21.35 60.24 -5.97
N LEU F 70 -20.49 59.88 -5.04
CA LEU F 70 -20.47 58.46 -4.73
C LEU F 70 -21.78 58.09 -4.05
N PRO F 71 -22.45 57.08 -4.56
CA PRO F 71 -23.78 56.73 -4.06
C PRO F 71 -23.77 56.10 -2.65
N HIS F 72 -22.67 55.51 -2.20
CA HIS F 72 -22.67 54.82 -0.88
C HIS F 72 -21.33 54.90 -0.15
N ASP F 73 -20.64 53.82 0.10
CA ASP F 73 -19.36 54.02 0.78
C ASP F 73 -18.35 54.70 -0.10
N ASN F 74 -17.54 55.60 0.46
CA ASN F 74 -16.36 56.14 -0.17
C ASN F 74 -15.20 55.72 0.76
N ASP F 75 -14.60 54.53 0.49
CA ASP F 75 -13.61 53.94 1.36
C ASP F 75 -12.90 52.65 0.80
N ALA F 76 -11.65 52.74 0.51
CA ALA F 76 -10.93 51.67 -0.14
C ALA F 76 -9.90 51.01 0.77
N SER F 77 -9.91 51.40 2.03
CA SER F 77 -8.90 50.95 2.97
C SER F 77 -9.06 49.48 3.28
N PRO F 78 -7.97 48.79 3.40
CA PRO F 78 -7.99 47.41 3.81
C PRO F 78 -8.10 47.30 5.27
N ALA F 79 -8.51 48.36 5.91
CA ALA F 79 -8.45 48.26 7.37
C ALA F 79 -9.56 49.02 8.00
N PRO F 80 -9.81 48.82 9.28
CA PRO F 80 -11.02 49.35 9.89
C PRO F 80 -11.15 50.83 9.73
N SER F 81 -10.11 51.64 9.89
CA SER F 81 -10.34 53.06 9.58
C SER F 81 -10.26 53.33 8.08
N PRO F 82 -11.08 54.27 7.64
CA PRO F 82 -11.34 54.55 6.21
C PRO F 82 -10.25 55.32 5.51
N GLU F 83 -10.29 55.32 4.20
CA GLU F 83 -9.33 56.00 3.38
C GLU F 83 -10.19 56.24 2.16
N PRO F 84 -10.61 57.48 1.97
CA PRO F 84 -11.57 57.76 0.92
C PRO F 84 -11.05 57.39 -0.45
N VAL F 85 -11.93 56.97 -1.35
CA VAL F 85 -11.51 56.79 -2.72
C VAL F 85 -11.44 58.18 -3.32
N LEU F 86 -12.54 58.95 -3.34
CA LEU F 86 -12.35 60.37 -3.67
C LEU F 86 -12.27 61.23 -2.42
N ALA F 87 -11.37 62.22 -2.43
CA ALA F 87 -11.15 63.18 -1.32
C ALA F 87 -12.38 63.86 -0.81
N THR F 88 -12.48 63.92 0.51
CA THR F 88 -13.64 64.51 1.13
C THR F 88 -13.27 65.85 1.75
N GLY F 89 -13.37 66.90 0.97
CA GLY F 89 -13.08 68.18 1.57
C GLY F 89 -11.64 68.54 1.81
N GLU F 90 -10.75 67.59 2.05
CA GLU F 90 -9.38 68.01 2.32
C GLU F 90 -8.44 67.06 1.60
N VAL F 91 -7.12 67.21 1.62
CA VAL F 91 -6.34 66.23 0.88
C VAL F 91 -5.22 65.88 1.78
N HIS F 92 -4.64 64.70 1.70
CA HIS F 92 -3.54 64.47 2.61
C HIS F 92 -2.23 64.12 2.06
N PHE F 93 -2.01 64.10 0.75
CA PHE F 93 -0.64 63.87 0.22
C PHE F 93 -0.64 64.25 -1.24
N VAL F 94 0.50 64.45 -1.88
CA VAL F 94 0.36 64.90 -3.26
C VAL F 94 0.27 63.73 -4.13
N GLY F 95 -0.87 63.62 -4.80
CA GLY F 95 -1.29 62.41 -5.51
C GLY F 95 -2.72 61.97 -5.12
N GLN F 96 -3.18 62.36 -3.94
CA GLN F 96 -4.47 61.93 -3.53
C GLN F 96 -5.54 62.31 -4.47
N PRO F 97 -6.23 61.29 -4.92
CA PRO F 97 -7.22 61.44 -5.99
C PRO F 97 -8.32 62.30 -5.49
N ILE F 98 -8.77 63.25 -6.28
CA ILE F 98 -9.85 64.10 -5.86
C ILE F 98 -11.14 63.95 -6.62
N PHE F 99 -11.12 63.72 -7.92
CA PHE F 99 -12.36 63.48 -8.68
C PHE F 99 -12.00 62.47 -9.73
N LEU F 100 -12.98 62.05 -10.51
CA LEU F 100 -12.80 60.89 -11.33
C LEU F 100 -13.38 61.16 -12.65
N VAL F 101 -12.61 61.08 -13.73
CA VAL F 101 -13.16 61.29 -15.06
C VAL F 101 -13.38 60.04 -15.80
N ALA F 102 -14.50 59.98 -16.51
CA ALA F 102 -14.78 58.84 -17.36
C ALA F 102 -14.87 59.35 -18.77
N ALA F 103 -13.94 59.08 -19.68
CA ALA F 103 -14.09 59.60 -21.06
C ALA F 103 -14.18 58.48 -22.05
N THR F 104 -14.15 58.74 -23.35
CA THR F 104 -14.27 57.62 -24.34
C THR F 104 -12.90 57.12 -24.70
N SER F 105 -11.89 57.57 -23.98
CA SER F 105 -10.62 57.01 -24.26
C SER F 105 -9.48 57.37 -23.22
N HIS F 106 -8.75 56.35 -22.78
CA HIS F 106 -7.66 56.58 -21.86
C HIS F 106 -7.02 57.94 -22.06
N ARG F 107 -6.49 58.24 -23.26
CA ARG F 107 -5.87 59.59 -23.39
C ARG F 107 -6.87 60.70 -23.00
N ALA F 108 -8.05 60.70 -23.61
CA ALA F 108 -9.00 61.72 -23.22
C ALA F 108 -9.13 61.88 -21.71
N ALA F 109 -9.31 60.78 -21.04
CA ALA F 109 -9.50 60.88 -19.63
C ALA F 109 -8.26 61.51 -19.01
N ARG F 110 -7.12 60.92 -19.26
CA ARG F 110 -5.93 61.57 -18.74
C ARG F 110 -5.93 63.04 -19.04
N ILE F 111 -5.97 63.43 -20.31
CA ILE F 111 -6.01 64.82 -20.56
C ILE F 111 -7.06 65.50 -19.69
N ALA F 112 -8.32 65.07 -19.73
CA ALA F 112 -9.25 65.88 -18.94
C ALA F 112 -8.81 66.01 -17.53
N ALA F 113 -8.17 64.99 -17.02
CA ALA F 113 -8.00 65.01 -15.60
C ALA F 113 -7.23 66.24 -15.23
N ARG F 114 -6.47 66.76 -16.17
CA ARG F 114 -5.60 67.83 -15.79
C ARG F 114 -6.21 69.24 -15.87
N LYS F 115 -7.47 69.36 -16.25
CA LYS F 115 -8.03 70.66 -16.46
C LYS F 115 -8.78 71.24 -15.26
N ALA F 116 -8.90 70.53 -14.17
CA ALA F 116 -9.68 71.17 -13.11
C ALA F 116 -9.04 72.44 -12.56
N ARG F 117 -9.86 73.31 -11.99
CA ARG F 117 -9.33 74.46 -11.26
C ARG F 117 -9.68 74.25 -9.80
N ILE F 118 -8.68 74.05 -8.97
CA ILE F 118 -9.00 73.71 -7.59
C ILE F 118 -8.41 74.81 -6.72
N THR F 119 -9.08 75.18 -5.63
CA THR F 119 -8.45 76.12 -4.75
C THR F 119 -8.26 75.47 -3.37
N TYR F 120 -7.11 75.65 -2.78
CA TYR F 120 -6.90 74.91 -1.58
C TYR F 120 -6.59 75.88 -0.49
N ALA F 121 -6.68 75.45 0.74
CA ALA F 121 -6.33 76.28 1.84
C ALA F 121 -5.21 75.53 2.55
N PRO F 122 -3.97 75.73 2.13
CA PRO F 122 -2.85 74.90 2.63
C PRO F 122 -2.67 74.79 4.09
N ARG F 123 -2.09 73.70 4.56
CA ARG F 123 -1.82 73.54 5.98
C ARG F 123 -0.46 72.95 6.17
N PRO F 124 0.05 72.99 7.39
CA PRO F 124 1.40 72.52 7.65
C PRO F 124 1.43 71.02 7.31
N ALA F 125 2.43 70.53 6.57
CA ALA F 125 2.44 69.14 6.21
C ALA F 125 3.49 68.41 7.00
N ILE F 126 3.22 67.20 7.44
CA ILE F 126 4.24 66.41 8.13
C ILE F 126 4.96 65.45 7.14
N LEU F 127 6.20 65.73 6.76
CA LEU F 127 6.84 64.84 5.78
C LEU F 127 7.97 63.98 6.26
N THR F 128 8.32 64.05 7.51
CA THR F 128 9.48 63.27 7.89
C THR F 128 9.25 62.59 9.22
N LEU F 129 9.97 61.51 9.44
CA LEU F 129 9.84 60.82 10.66
C LEU F 129 9.96 61.78 11.84
N ASP F 130 10.97 62.66 11.85
CA ASP F 130 11.09 63.52 13.02
C ASP F 130 9.92 64.41 13.02
N GLN F 131 9.55 64.95 11.88
CA GLN F 131 8.44 65.82 12.03
C GLN F 131 7.29 65.11 12.70
N ALA F 132 7.00 63.92 12.23
CA ALA F 132 5.89 63.18 12.78
C ALA F 132 6.15 62.97 14.23
N LEU F 133 7.31 62.47 14.53
CA LEU F 133 7.62 62.26 15.91
C LEU F 133 7.37 63.51 16.75
N ALA F 134 7.88 64.64 16.30
CA ALA F 134 7.63 65.91 16.94
C ALA F 134 6.12 66.18 17.17
N ALA F 135 5.29 65.99 16.17
CA ALA F 135 3.92 66.36 16.33
C ALA F 135 3.11 65.24 16.90
N ASP F 136 3.77 64.19 17.35
CA ASP F 136 3.02 63.03 17.71
C ASP F 136 1.99 62.66 16.63
N SER F 137 2.39 62.65 15.35
CA SER F 137 1.53 62.20 14.29
C SER F 137 1.64 60.72 14.14
N ARG F 138 0.66 59.93 14.61
CA ARG F 138 0.83 58.45 14.51
C ARG F 138 -0.39 57.57 14.38
N PHE F 139 -0.16 56.27 14.30
CA PHE F 139 -1.27 55.35 14.13
C PHE F 139 -1.22 54.46 15.32
N GLU F 140 -2.37 53.99 15.77
CA GLU F 140 -2.43 53.10 16.95
C GLU F 140 -2.21 53.85 18.25
N GLY F 141 -2.53 55.14 18.23
CA GLY F 141 -2.42 55.95 19.42
C GLY F 141 -1.20 55.80 20.29
N GLY F 142 -0.06 55.47 19.75
CA GLY F 142 1.09 55.28 20.62
C GLY F 142 1.96 54.20 20.04
N PRO F 143 3.22 54.11 20.44
CA PRO F 143 4.12 53.15 19.84
C PRO F 143 3.77 51.81 20.40
N VAL F 144 4.26 50.70 19.87
CA VAL F 144 3.92 49.38 20.36
C VAL F 144 5.16 48.83 20.96
N ILE F 145 5.16 48.34 22.22
CA ILE F 145 6.42 47.84 22.84
C ILE F 145 6.40 46.37 23.30
N TRP F 146 7.42 45.58 22.95
CA TRP F 146 7.46 44.19 23.38
C TRP F 146 8.83 44.09 23.94
N ALA F 147 8.96 43.22 24.92
CA ALA F 147 10.17 43.13 25.71
C ALA F 147 10.18 41.76 26.34
N ARG F 148 11.30 41.08 26.19
CA ARG F 148 11.42 39.80 26.75
C ARG F 148 12.65 39.97 27.63
N GLY F 149 12.54 39.63 28.90
CA GLY F 149 13.69 39.65 29.76
C GLY F 149 13.90 41.09 30.07
N ASP F 150 15.09 41.41 30.62
CA ASP F 150 15.47 42.77 30.95
C ASP F 150 16.72 43.29 30.25
N VAL F 151 16.53 44.02 29.15
CA VAL F 151 17.66 44.55 28.37
C VAL F 151 18.60 45.52 29.05
N GLU F 152 18.08 46.56 29.71
CA GLU F 152 18.98 47.54 30.31
C GLU F 152 19.89 46.73 31.20
N THR F 153 19.29 45.97 32.11
CA THR F 153 20.12 45.15 32.93
C THR F 153 21.14 44.40 32.07
N ALA F 154 20.67 43.71 31.06
CA ALA F 154 21.67 42.98 30.28
C ALA F 154 22.81 43.87 29.72
N LEU F 155 22.48 44.89 28.96
CA LEU F 155 23.51 45.70 28.36
C LEU F 155 24.49 46.39 29.34
N ALA F 156 23.92 47.00 30.39
CA ALA F 156 24.71 47.63 31.44
C ALA F 156 25.86 46.74 31.84
N GLY F 157 25.60 45.46 31.99
CA GLY F 157 26.71 44.59 32.35
C GLY F 157 27.41 43.86 31.19
N ALA F 158 27.42 44.42 29.98
CA ALA F 158 28.03 43.68 28.91
C ALA F 158 29.53 43.90 28.56
N ALA F 159 30.26 42.83 28.42
CA ALA F 159 31.61 42.97 27.93
C ALA F 159 31.73 43.71 26.59
N HIS F 160 30.72 43.66 25.75
CA HIS F 160 30.85 44.38 24.50
C HIS F 160 29.56 44.97 24.14
N LEU F 161 29.63 46.02 23.36
CA LEU F 161 28.45 46.82 23.09
C LEU F 161 28.53 47.63 21.84
N ALA F 162 27.38 47.82 21.23
CA ALA F 162 27.31 48.68 20.08
C ALA F 162 25.98 49.44 20.02
N GLU F 163 26.10 50.76 19.84
CA GLU F 163 24.96 51.61 19.66
C GLU F 163 25.17 52.08 18.25
N GLY F 164 24.09 52.25 17.52
CA GLY F 164 24.17 52.67 16.15
C GLY F 164 22.77 53.01 15.80
N CYS F 165 22.63 53.72 14.69
CA CYS F 165 21.37 54.21 14.28
C CYS F 165 21.47 54.22 12.81
N PHE F 166 20.47 53.75 12.04
CA PHE F 166 20.59 53.87 10.59
C PHE F 166 19.31 54.00 9.77
N GLU F 167 19.38 54.56 8.57
CA GLU F 167 18.12 54.65 7.81
C GLU F 167 17.87 53.54 6.81
N ILE F 168 16.65 53.22 6.50
CA ILE F 168 16.39 52.20 5.49
C ILE F 168 15.40 52.79 4.52
N GLY F 169 15.70 52.81 3.26
CA GLY F 169 14.72 53.37 2.36
C GLY F 169 13.57 52.49 1.88
N GLY F 170 12.50 53.10 1.44
CA GLY F 170 11.40 52.30 0.99
C GLY F 170 11.79 51.72 -0.30
N GLN F 171 10.81 51.31 -1.07
CA GLN F 171 11.01 50.61 -2.34
C GLN F 171 9.73 50.60 -3.10
N GLU F 172 9.78 50.96 -4.37
CA GLU F 172 8.60 50.97 -5.23
C GLU F 172 8.40 49.62 -5.99
N HIS F 173 7.25 49.02 -5.89
CA HIS F 173 7.09 47.71 -6.50
C HIS F 173 7.59 47.56 -7.95
N PHE F 174 7.20 48.53 -8.74
CA PHE F 174 7.40 48.40 -10.14
C PHE F 174 6.94 47.10 -10.72
N TYR F 175 5.72 46.68 -10.46
CA TYR F 175 5.17 45.58 -11.23
C TYR F 175 5.11 45.96 -12.76
N LEU F 176 5.76 45.21 -13.64
CA LEU F 176 5.59 45.50 -15.07
C LEU F 176 4.14 45.70 -15.54
N GLU F 177 3.12 44.92 -15.21
CA GLU F 177 1.76 45.38 -15.55
C GLU F 177 1.24 46.31 -14.45
N GLY F 178 0.70 47.47 -14.79
CA GLY F 178 0.22 48.37 -13.74
C GLY F 178 -1.14 48.08 -13.11
N GLN F 179 -1.56 48.89 -12.14
CA GLN F 179 -2.86 48.68 -11.47
C GLN F 179 -3.85 48.75 -12.54
N ALA F 180 -4.96 48.03 -12.44
CA ALA F 180 -5.95 48.12 -13.55
C ALA F 180 -7.18 47.29 -13.29
N ALA F 181 -8.35 47.74 -13.78
CA ALA F 181 -9.56 47.02 -13.47
C ALA F 181 -10.60 47.39 -14.46
N LEU F 182 -11.72 46.68 -14.39
CA LEU F 182 -12.71 46.82 -15.42
C LEU F 182 -14.00 46.22 -14.85
N ALA F 183 -15.11 46.83 -15.19
CA ALA F 183 -16.35 46.47 -14.54
C ALA F 183 -17.44 46.47 -15.55
N LEU F 184 -18.25 45.42 -15.50
CA LEU F 184 -19.32 45.26 -16.48
C LEU F 184 -20.64 45.18 -15.80
N PRO F 185 -21.49 46.14 -15.95
CA PRO F 185 -22.81 46.03 -15.31
C PRO F 185 -23.31 44.75 -15.84
N ALA F 186 -24.04 44.05 -14.99
CA ALA F 186 -24.55 42.78 -15.35
C ALA F 186 -25.86 42.52 -14.62
N GLU F 187 -26.91 43.07 -15.22
CA GLU F 187 -28.26 43.03 -14.71
C GLU F 187 -28.37 42.97 -13.18
N GLY F 188 -28.37 44.16 -12.58
CA GLY F 188 -28.52 44.18 -11.15
C GLY F 188 -27.15 44.27 -10.51
N GLY F 189 -26.12 43.67 -11.08
CA GLY F 189 -24.91 43.62 -10.28
C GLY F 189 -23.70 44.00 -11.05
N VAL F 190 -22.53 43.63 -10.59
CA VAL F 190 -21.48 43.87 -11.51
C VAL F 190 -20.60 42.70 -11.61
N VAL F 191 -19.73 42.74 -12.61
CA VAL F 191 -18.67 41.80 -12.70
C VAL F 191 -17.37 42.55 -12.82
N ILE F 192 -16.40 42.23 -11.96
CA ILE F 192 -15.14 42.97 -12.07
C ILE F 192 -14.01 42.07 -12.58
N HIS F 193 -13.24 42.53 -13.51
CA HIS F 193 -12.02 41.84 -13.82
C HIS F 193 -10.98 42.86 -13.33
N CYS F 194 -9.90 42.43 -12.68
CA CYS F 194 -8.85 43.34 -12.31
C CYS F 194 -7.54 42.71 -12.07
N SER F 195 -6.57 43.53 -11.81
CA SER F 195 -5.28 42.98 -11.65
C SER F 195 -4.97 43.03 -10.18
N SER F 196 -5.60 42.17 -9.38
CA SER F 196 -5.36 42.25 -7.97
C SER F 196 -4.93 40.94 -7.27
N GLN F 197 -4.21 41.05 -6.16
CA GLN F 197 -3.88 39.90 -5.42
C GLN F 197 -5.02 39.59 -4.51
N HIS F 198 -6.12 40.36 -4.48
CA HIS F 198 -7.16 40.04 -3.47
C HIS F 198 -8.65 40.22 -3.90
N PRO F 199 -9.05 39.40 -4.84
CA PRO F 199 -10.37 39.51 -5.42
C PRO F 199 -11.43 39.43 -4.36
N SER F 200 -11.43 38.50 -3.41
CA SER F 200 -12.52 38.56 -2.42
C SER F 200 -12.60 39.95 -1.79
N GLU F 201 -11.48 40.64 -1.61
CA GLU F 201 -11.63 41.97 -1.05
C GLU F 201 -12.25 42.88 -2.11
N ILE F 202 -11.65 42.97 -3.30
CA ILE F 202 -12.22 43.82 -4.29
C ILE F 202 -13.74 43.59 -4.30
N GLN F 203 -14.14 42.32 -4.24
CA GLN F 203 -15.55 42.05 -4.06
C GLN F 203 -16.18 42.96 -2.98
N HIS F 204 -15.74 42.77 -1.75
CA HIS F 204 -16.26 43.45 -0.60
C HIS F 204 -16.31 44.96 -0.87
N LYS F 205 -15.19 45.51 -1.31
CA LYS F 205 -15.20 46.95 -1.43
C LYS F 205 -16.16 47.39 -2.52
N VAL F 206 -16.20 46.65 -3.61
CA VAL F 206 -17.05 47.11 -4.65
C VAL F 206 -18.46 47.03 -4.17
N ALA F 207 -18.78 45.98 -3.41
CA ALA F 207 -20.18 45.82 -2.99
C ALA F 207 -20.57 46.95 -2.07
N HIS F 208 -19.67 47.28 -1.16
CA HIS F 208 -20.08 48.36 -0.29
C HIS F 208 -20.22 49.68 -1.07
N ALA F 209 -19.40 49.82 -2.13
CA ALA F 209 -19.41 51.06 -2.81
C ALA F 209 -20.66 51.20 -3.55
N LEU F 210 -21.24 50.11 -3.98
CA LEU F 210 -22.43 50.21 -4.78
C LEU F 210 -23.67 49.91 -3.93
N GLY F 211 -23.55 49.57 -2.67
CA GLY F 211 -24.80 49.35 -1.94
C GLY F 211 -25.46 48.01 -2.30
N LEU F 212 -24.61 47.03 -2.61
CA LEU F 212 -25.04 45.73 -3.02
C LEU F 212 -24.63 44.66 -2.06
N ALA F 213 -25.39 43.58 -1.97
CA ALA F 213 -24.92 42.50 -1.11
C ALA F 213 -23.74 41.85 -1.80
N PHE F 214 -22.92 41.14 -1.07
CA PHE F 214 -21.85 40.51 -1.77
C PHE F 214 -22.27 39.57 -2.95
N HIS F 215 -23.43 38.96 -2.87
CA HIS F 215 -23.74 37.98 -3.89
C HIS F 215 -24.00 38.61 -5.23
N ASP F 216 -24.09 39.94 -5.34
CA ASP F 216 -24.28 40.57 -6.64
C ASP F 216 -23.02 41.14 -7.18
N VAL F 217 -21.88 40.65 -6.71
CA VAL F 217 -20.64 41.17 -7.26
C VAL F 217 -19.60 40.05 -7.45
N ARG F 218 -19.21 39.77 -8.70
CA ARG F 218 -18.32 38.69 -8.96
C ARG F 218 -17.00 39.24 -9.47
N VAL F 219 -15.88 38.91 -8.81
CA VAL F 219 -14.57 39.36 -9.28
C VAL F 219 -13.80 38.21 -9.87
N GLU F 220 -13.26 38.36 -11.06
CA GLU F 220 -12.53 37.23 -11.68
C GLU F 220 -11.20 37.76 -11.98
N MET F 221 -10.18 37.05 -11.62
CA MET F 221 -8.89 37.58 -11.90
C MET F 221 -8.07 36.40 -12.37
N ARG F 222 -7.53 36.45 -13.58
CA ARG F 222 -6.90 35.28 -14.06
C ARG F 222 -5.46 35.42 -13.88
N ARG F 223 -4.83 36.56 -14.10
CA ARG F 223 -3.40 36.59 -13.79
C ARG F 223 -3.06 38.01 -13.66
N MET F 224 -1.96 38.31 -12.99
CA MET F 224 -1.45 39.68 -12.85
C MET F 224 -0.07 39.69 -13.42
N GLY F 225 0.37 40.77 -13.99
CA GLY F 225 1.76 40.82 -14.42
C GLY F 225 2.71 41.23 -13.30
N GLY F 226 2.62 40.62 -12.13
CA GLY F 226 3.48 41.14 -11.09
C GLY F 226 2.56 41.69 -10.07
N GLY F 227 2.94 41.51 -8.78
CA GLY F 227 2.21 41.93 -7.57
C GLY F 227 3.15 42.33 -6.39
N PHE F 228 3.96 41.38 -5.92
CA PHE F 228 4.92 41.74 -4.90
C PHE F 228 4.28 42.43 -3.74
N GLY F 229 2.99 42.29 -3.53
CA GLY F 229 2.43 43.00 -2.41
C GLY F 229 1.82 44.31 -2.80
N GLY F 230 2.27 44.89 -3.92
CA GLY F 230 1.71 46.13 -4.40
C GLY F 230 0.21 45.93 -4.81
N LYS F 231 -0.29 44.70 -4.71
CA LYS F 231 -1.66 44.50 -5.19
C LYS F 231 -2.41 43.78 -4.14
N GLU F 232 -1.95 43.85 -2.91
CA GLU F 232 -2.74 43.25 -1.87
C GLU F 232 -3.87 44.16 -1.53
N SER F 233 -3.77 45.46 -1.77
CA SER F 233 -4.86 46.33 -1.40
C SER F 233 -5.10 47.56 -2.27
N GLN F 234 -4.06 48.10 -2.90
CA GLN F 234 -4.30 49.20 -3.75
C GLN F 234 -4.96 48.77 -5.06
N GLY F 235 -5.59 47.62 -5.07
CA GLY F 235 -6.35 47.31 -6.26
C GLY F 235 -7.70 47.90 -5.98
N ASN F 236 -8.00 48.16 -4.71
CA ASN F 236 -9.30 48.67 -4.37
C ASN F 236 -9.74 49.95 -5.10
N HIS F 237 -8.98 51.05 -5.08
CA HIS F 237 -9.51 52.24 -5.77
C HIS F 237 -9.85 52.08 -7.26
N LEU F 238 -9.06 51.29 -7.98
CA LEU F 238 -9.44 51.15 -9.33
C LEU F 238 -10.81 50.44 -9.33
N ALA F 239 -10.92 49.36 -8.58
CA ALA F 239 -12.15 48.64 -8.79
C ALA F 239 -13.37 49.45 -8.35
N ILE F 240 -13.22 50.34 -7.36
CA ILE F 240 -14.38 51.05 -6.88
C ILE F 240 -14.82 52.00 -7.93
N ALA F 241 -13.85 52.76 -8.45
CA ALA F 241 -14.12 53.80 -9.39
C ALA F 241 -14.76 53.09 -10.55
N CYS F 242 -14.07 52.10 -11.13
CA CYS F 242 -14.67 51.42 -12.25
C CYS F 242 -16.14 51.03 -11.95
N ALA F 243 -16.42 50.37 -10.85
CA ALA F 243 -17.75 49.97 -10.61
C ALA F 243 -18.62 51.19 -10.59
N VAL F 244 -18.29 52.14 -9.74
CA VAL F 244 -19.15 53.31 -9.60
C VAL F 244 -19.46 53.97 -10.94
N ALA F 245 -18.44 54.30 -11.74
CA ALA F 245 -18.67 54.91 -13.05
C ALA F 245 -19.67 54.08 -13.85
N ALA F 246 -19.46 52.79 -13.80
CA ALA F 246 -20.38 51.96 -14.53
C ALA F 246 -21.82 52.05 -14.00
N ARG F 247 -22.06 51.95 -12.71
CA ARG F 247 -23.43 51.92 -12.33
C ARG F 247 -24.02 53.24 -12.81
N ALA F 248 -23.19 54.28 -12.87
CA ALA F 248 -23.75 55.57 -13.18
C ALA F 248 -23.93 55.78 -14.61
N THR F 249 -22.97 55.46 -15.46
CA THR F 249 -23.15 55.72 -16.87
C THR F 249 -23.80 54.57 -17.58
N GLY F 250 -24.13 53.48 -16.93
CA GLY F 250 -24.75 52.43 -17.73
C GLY F 250 -23.78 51.60 -18.59
N ARG F 251 -22.53 51.99 -18.66
CA ARG F 251 -21.69 51.19 -19.46
C ARG F 251 -20.38 50.69 -18.88
N PRO F 252 -19.77 49.73 -19.51
CA PRO F 252 -18.52 49.19 -19.01
C PRO F 252 -17.53 50.29 -18.84
N CYS F 253 -16.78 50.27 -17.77
CA CYS F 253 -15.74 51.23 -17.52
C CYS F 253 -14.52 50.52 -17.15
N LYS F 254 -13.41 50.90 -17.74
CA LYS F 254 -12.12 50.31 -17.41
C LYS F 254 -11.24 51.35 -16.79
N MET F 255 -10.23 50.94 -16.04
CA MET F 255 -9.26 51.92 -15.62
C MET F 255 -7.88 51.39 -15.40
N ARG F 256 -6.95 52.11 -15.93
CA ARG F 256 -5.61 51.58 -15.77
C ARG F 256 -4.67 52.80 -15.55
N TYR F 257 -3.71 52.69 -14.65
CA TYR F 257 -2.92 53.83 -14.35
C TYR F 257 -1.71 53.91 -15.23
N ASP F 258 -1.55 55.05 -15.83
CA ASP F 258 -0.31 55.36 -16.48
C ASP F 258 0.83 55.17 -15.46
N ARG F 259 2.01 54.86 -15.90
CA ARG F 259 2.97 54.61 -14.86
C ARG F 259 3.15 55.73 -13.89
N ASP F 260 3.34 56.92 -14.41
CA ASP F 260 3.61 58.07 -13.56
C ASP F 260 2.48 58.18 -12.47
N ASP F 261 1.21 58.05 -12.83
CA ASP F 261 0.18 58.14 -11.83
C ASP F 261 0.41 57.06 -10.81
N ASP F 262 0.70 55.87 -11.33
CA ASP F 262 0.79 54.69 -10.51
C ASP F 262 1.80 54.94 -9.47
N MET F 263 2.97 55.36 -9.86
CA MET F 263 3.95 55.62 -8.82
C MET F 263 3.63 56.76 -7.96
N VAL F 264 2.78 57.67 -8.37
CA VAL F 264 2.47 58.77 -7.48
C VAL F 264 1.33 58.44 -6.51
N ILE F 265 0.31 57.70 -6.97
CA ILE F 265 -0.79 57.32 -6.12
C ILE F 265 -0.60 56.12 -5.18
N THR F 266 0.12 55.09 -5.55
CA THR F 266 0.08 53.90 -4.70
C THR F 266 1.18 53.93 -3.63
N GLY F 267 1.18 52.93 -2.76
CA GLY F 267 2.17 52.96 -1.74
C GLY F 267 3.49 52.35 -2.21
N LYS F 268 4.41 52.30 -1.25
CA LYS F 268 5.66 51.61 -1.39
C LYS F 268 6.00 50.88 -0.08
N ARG F 269 7.17 50.26 -0.02
CA ARG F 269 7.54 49.54 1.18
C ARG F 269 7.78 50.55 2.22
N HIS F 270 7.30 50.32 3.41
CA HIS F 270 7.57 51.25 4.51
C HIS F 270 9.04 51.52 4.71
N ASP F 271 9.55 52.73 4.46
CA ASP F 271 10.93 53.07 4.83
C ASP F 271 11.11 53.17 6.32
N PHE F 272 12.28 52.85 6.87
CA PHE F 272 12.37 52.73 8.33
C PHE F 272 13.58 53.44 8.81
N ARG F 273 13.62 53.83 10.08
CA ARG F 273 14.84 54.39 10.66
C ARG F 273 14.96 53.45 11.79
N ILE F 274 16.13 52.91 12.06
CA ILE F 274 16.22 51.91 13.07
C ILE F 274 17.29 52.29 13.98
N ARG F 275 17.00 52.33 15.27
CA ARG F 275 17.95 52.73 16.32
C ARG F 275 18.29 51.52 17.14
N TYR F 276 19.55 51.20 17.38
CA TYR F 276 19.82 49.96 18.19
C TYR F 276 20.90 50.02 19.24
N ARG F 277 20.76 49.24 20.30
CA ARG F 277 21.96 48.99 21.13
C ARG F 277 22.09 47.50 21.25
N ILE F 278 23.24 46.94 20.93
CA ILE F 278 23.26 45.50 21.18
C ILE F 278 24.45 45.11 21.99
N GLY F 279 24.37 44.00 22.71
CA GLY F 279 25.49 43.66 23.57
C GLY F 279 25.78 42.19 23.78
N ALA F 280 27.07 41.82 23.88
CA ALA F 280 27.42 40.41 24.16
C ALA F 280 28.41 40.20 25.25
N ASP F 281 28.58 38.90 25.49
CA ASP F 281 29.46 38.14 26.38
C ASP F 281 30.87 38.39 25.93
N ALA F 282 31.78 37.78 26.65
CA ALA F 282 33.17 37.89 26.31
C ALA F 282 33.47 36.91 25.21
N SER F 283 32.66 35.86 25.14
CA SER F 283 32.91 34.80 24.19
C SER F 283 32.22 35.09 22.88
N GLY F 284 31.36 36.10 22.94
CA GLY F 284 30.54 36.45 21.80
C GLY F 284 29.02 36.17 21.92
N LYS F 285 28.56 35.48 22.96
CA LYS F 285 27.15 35.18 23.01
C LYS F 285 26.26 36.41 23.22
N LEU F 286 25.27 36.62 22.36
CA LEU F 286 24.44 37.79 22.58
C LEU F 286 23.88 37.81 23.96
N LEU F 287 23.89 38.97 24.61
CA LEU F 287 23.29 39.10 25.92
C LEU F 287 22.00 39.82 25.86
N GLY F 288 21.84 40.75 24.91
CA GLY F 288 20.55 41.43 24.83
C GLY F 288 20.55 42.36 23.64
N ALA F 289 19.37 42.75 23.15
CA ALA F 289 19.45 43.74 22.11
C ALA F 289 18.23 44.59 22.24
N ASP F 290 18.37 45.93 22.19
CA ASP F 290 17.26 46.84 22.32
C ASP F 290 17.09 47.62 21.02
N PHE F 291 15.89 47.69 20.47
CA PHE F 291 15.71 48.26 19.16
C PHE F 291 14.61 49.31 19.11
N VAL F 292 14.79 50.32 18.28
CA VAL F 292 13.71 51.25 18.09
C VAL F 292 13.45 51.39 16.58
N HIS F 293 12.20 51.12 16.19
CA HIS F 293 11.82 51.20 14.80
C HIS F 293 10.95 52.41 14.58
N LEU F 294 11.41 53.36 13.75
CA LEU F 294 10.50 54.41 13.33
C LEU F 294 10.11 54.06 11.88
N ALA F 295 8.81 53.97 11.61
CA ALA F 295 8.35 53.58 10.31
C ALA F 295 7.35 54.57 9.69
N ARG F 296 7.64 54.95 8.45
CA ARG F 296 6.93 55.97 7.73
C ARG F 296 5.73 55.38 7.08
N CYS F 297 4.55 55.63 7.57
CA CYS F 297 3.45 54.90 6.96
C CYS F 297 2.69 55.61 5.87
N GLY F 298 2.67 56.92 5.89
CA GLY F 298 1.81 57.61 4.94
C GLY F 298 0.50 58.07 5.61
N TRP F 299 -0.39 58.61 4.81
CA TRP F 299 -1.48 59.27 5.40
C TRP F 299 -2.57 58.39 5.90
N SER F 300 -2.49 57.08 5.72
CA SER F 300 -3.58 56.28 6.19
C SER F 300 -3.13 54.95 6.59
N ALA F 301 -3.93 54.29 7.37
CA ALA F 301 -3.44 53.04 7.91
C ALA F 301 -2.96 51.94 6.88
N ASP F 302 -3.68 51.79 5.77
CA ASP F 302 -3.40 50.61 4.90
C ASP F 302 -2.94 49.31 5.69
N LEU F 303 -1.79 48.73 5.37
CA LEU F 303 -1.41 47.55 6.12
C LEU F 303 -0.30 47.82 7.15
N SER F 304 -0.14 49.11 7.49
CA SER F 304 0.97 49.41 8.39
C SER F 304 0.95 48.51 9.60
N LEU F 305 -0.22 48.28 10.16
CA LEU F 305 -0.34 47.51 11.38
C LEU F 305 0.34 46.16 11.31
N PRO F 306 -0.13 45.31 10.46
CA PRO F 306 0.49 44.01 10.37
C PRO F 306 1.91 44.19 9.85
N VAL F 307 2.19 45.13 8.98
CA VAL F 307 3.56 45.13 8.54
C VAL F 307 4.47 45.38 9.72
N CYS F 308 4.26 46.52 10.39
CA CYS F 308 5.09 46.78 11.53
C CYS F 308 5.17 45.59 12.52
N ASP F 309 4.01 44.99 12.86
CA ASP F 309 4.05 43.70 13.61
C ASP F 309 5.07 42.72 13.04
N ARG F 310 5.12 42.61 11.73
CA ARG F 310 6.02 41.64 11.21
C ARG F 310 7.44 42.07 11.49
N ALA F 311 7.75 43.35 11.31
CA ALA F 311 9.17 43.74 11.55
C ALA F 311 9.50 43.43 13.00
N MET F 312 8.60 43.72 13.91
CA MET F 312 8.96 43.45 15.27
C MET F 312 9.21 41.99 15.34
N LEU F 313 8.33 41.28 14.67
CA LEU F 313 8.42 39.87 14.76
C LEU F 313 9.72 39.42 14.23
N HIS F 314 10.33 40.03 13.24
CA HIS F 314 11.62 39.48 12.88
C HIS F 314 12.89 40.14 13.39
N ALA F 315 12.76 41.04 14.37
CA ALA F 315 13.87 41.76 14.95
C ALA F 315 14.99 40.89 15.54
N ASP F 316 14.82 39.59 15.55
CA ASP F 316 15.83 38.75 16.15
C ASP F 316 16.64 38.25 15.04
N GLY F 317 16.23 38.56 13.83
CA GLY F 317 16.95 38.03 12.68
C GLY F 317 17.07 36.52 12.92
N SER F 318 18.24 35.96 12.63
CA SER F 318 18.49 34.56 12.88
C SER F 318 19.09 34.27 14.22
N TYR F 319 18.96 35.10 15.25
CA TYR F 319 19.70 34.70 16.46
C TYR F 319 18.91 34.58 17.75
N PHE F 320 19.44 33.80 18.65
CA PHE F 320 18.76 33.64 19.89
C PHE F 320 19.28 34.76 20.81
N VAL F 321 18.37 35.50 21.43
CA VAL F 321 18.72 36.63 22.24
C VAL F 321 18.05 36.62 23.58
N PRO F 322 18.81 36.45 24.62
CA PRO F 322 18.18 36.27 25.91
C PRO F 322 17.38 37.45 26.21
N ALA F 323 17.76 38.64 25.80
CA ALA F 323 16.88 39.76 26.12
C ALA F 323 16.76 40.61 24.91
N LEU F 324 15.56 41.14 24.66
CA LEU F 324 15.42 41.88 23.45
C LEU F 324 14.20 42.67 23.50
N ARG F 325 14.24 43.97 23.23
CA ARG F 325 13.08 44.85 23.32
C ARG F 325 12.79 45.51 21.98
N ILE F 326 11.55 45.89 21.71
CA ILE F 326 11.34 46.64 20.50
C ILE F 326 10.28 47.62 20.76
N GLU F 327 10.49 48.86 20.33
CA GLU F 327 9.50 49.91 20.49
C GLU F 327 9.24 50.35 19.05
N SER F 328 8.02 50.11 18.61
CA SER F 328 7.75 50.38 17.25
C SER F 328 6.81 51.56 16.96
N HIS F 329 7.28 52.69 16.43
CA HIS F 329 6.34 53.76 16.16
C HIS F 329 5.73 53.70 14.77
N ARG F 330 4.43 53.76 14.60
CA ARG F 330 4.06 53.74 13.21
C ARG F 330 3.68 55.14 12.93
N LEU F 331 4.54 55.82 12.16
CA LEU F 331 4.29 57.27 12.01
C LEU F 331 3.50 57.69 10.84
N ARG F 332 2.54 58.57 11.04
CA ARG F 332 1.69 59.03 9.96
C ARG F 332 2.33 60.17 9.30
N THR F 333 2.31 60.25 7.98
CA THR F 333 2.92 61.42 7.35
C THR F 333 2.20 61.69 6.11
N ASN F 334 2.23 62.90 5.63
CA ASN F 334 1.50 63.26 4.43
C ASN F 334 2.09 62.77 3.14
N THR F 335 2.32 61.46 3.10
CA THR F 335 2.79 60.88 1.88
C THR F 335 2.06 59.64 1.55
N GLN F 336 2.52 59.01 0.47
CA GLN F 336 1.85 57.88 -0.07
C GLN F 336 1.61 56.92 1.04
N SER F 337 0.42 56.32 1.10
CA SER F 337 0.15 55.38 2.15
C SER F 337 0.85 54.08 1.87
N ASN F 338 1.91 53.79 2.61
CA ASN F 338 2.66 52.59 2.37
C ASN F 338 1.93 51.29 2.73
N THR F 339 2.42 50.14 2.23
CA THR F 339 1.58 48.94 2.13
C THR F 339 2.43 47.73 2.02
N ALA F 340 1.86 46.63 1.63
CA ALA F 340 2.66 45.43 1.48
C ALA F 340 3.78 45.53 0.46
N PHE F 341 4.85 44.76 0.68
CA PHE F 341 5.92 44.52 -0.30
C PHE F 341 6.77 43.30 0.16
N ARG F 342 6.88 42.32 -0.70
CA ARG F 342 7.67 41.15 -0.48
C ARG F 342 8.52 41.19 0.75
N GLY F 343 8.12 40.51 1.79
CA GLY F 343 8.82 40.58 3.04
C GLY F 343 7.87 41.16 4.10
N PHE F 344 6.94 41.97 3.64
CA PHE F 344 5.95 42.53 4.50
C PHE F 344 6.56 42.86 5.82
N GLY F 345 7.52 43.75 5.85
CA GLY F 345 8.13 44.17 7.11
C GLY F 345 9.30 43.36 7.60
N GLY F 346 9.36 42.11 7.17
CA GLY F 346 10.36 41.23 7.74
C GLY F 346 11.78 41.67 7.49
N PRO F 347 12.01 42.15 6.30
CA PRO F 347 13.33 42.58 5.91
C PRO F 347 13.65 43.71 6.81
N GLN F 348 12.76 44.65 6.93
CA GLN F 348 13.21 45.75 7.72
C GLN F 348 13.61 45.19 9.07
N GLY F 349 12.76 44.46 9.74
CA GLY F 349 13.20 44.00 11.03
C GLY F 349 14.55 43.29 10.94
N ALA F 350 14.73 42.47 9.96
CA ALA F 350 15.86 41.65 10.02
C ALA F 350 17.02 42.51 9.75
N LEU F 351 16.81 43.49 8.89
CA LEU F 351 18.00 44.21 8.49
C LEU F 351 18.41 44.89 9.74
N GLY F 352 17.42 45.17 10.58
CA GLY F 352 17.65 45.78 11.85
C GLY F 352 18.71 45.03 12.55
N MET F 353 18.44 43.78 12.86
CA MET F 353 19.38 43.00 13.65
C MET F 353 20.65 42.69 12.91
N GLU F 354 20.58 42.51 11.60
CA GLU F 354 21.81 42.22 10.94
C GLU F 354 22.81 43.34 10.95
N ARG F 355 22.36 44.62 10.89
CA ARG F 355 23.30 45.75 10.82
C ARG F 355 23.99 45.73 12.15
N ALA F 356 23.17 45.77 13.19
CA ALA F 356 23.69 45.77 14.55
C ALA F 356 24.75 44.67 14.84
N ILE F 357 24.48 43.45 14.40
CA ILE F 357 25.38 42.40 14.78
C ILE F 357 26.68 42.69 14.05
N GLU F 358 26.57 43.16 12.82
CA GLU F 358 27.78 43.49 12.16
C GLU F 358 28.46 44.58 12.96
N HIS F 359 27.70 45.55 13.44
CA HIS F 359 28.32 46.66 14.14
C HIS F 359 29.05 46.05 15.34
N LEU F 360 28.33 45.32 16.16
CA LEU F 360 28.95 44.63 17.24
C LEU F 360 30.16 43.84 16.79
N ALA F 361 30.09 43.08 15.72
CA ALA F 361 31.26 42.32 15.36
C ALA F 361 32.44 43.21 15.10
N ARG F 362 32.25 44.32 14.37
CA ARG F 362 33.41 45.18 14.02
C ARG F 362 33.98 45.73 15.29
N GLY F 363 33.08 46.09 16.20
CA GLY F 363 33.40 46.52 17.53
C GLY F 363 34.36 45.61 18.25
N MET F 364 34.28 44.29 18.11
CA MET F 364 35.18 43.45 18.90
C MET F 364 36.29 42.86 18.04
N GLY F 365 36.45 43.40 16.87
CA GLY F 365 37.51 42.90 16.07
C GLY F 365 37.16 41.49 15.70
N ARG F 366 35.91 41.06 15.90
CA ARG F 366 35.64 39.69 15.48
C ARG F 366 35.11 39.51 14.07
N ASP F 367 35.30 38.35 13.50
CA ASP F 367 34.80 38.17 12.16
C ASP F 367 33.32 37.91 12.23
N PRO F 368 32.58 38.76 11.55
CA PRO F 368 31.13 38.72 11.63
C PRO F 368 30.59 37.32 11.53
N ALA F 369 31.06 36.60 10.53
CA ALA F 369 30.59 35.25 10.31
C ALA F 369 30.55 34.36 11.53
N GLU F 370 31.66 34.30 12.27
CA GLU F 370 31.68 33.50 13.49
C GLU F 370 30.76 34.15 14.49
N LEU F 371 30.70 35.46 14.50
CA LEU F 371 29.77 36.04 15.45
C LEU F 371 28.39 35.52 15.16
N ARG F 372 27.99 35.49 13.89
CA ARG F 372 26.67 34.98 13.61
C ARG F 372 26.57 33.48 13.93
N ALA F 373 27.47 32.73 13.32
CA ALA F 373 27.41 31.31 13.43
C ALA F 373 27.21 30.96 14.88
N LEU F 374 27.91 31.69 15.75
CA LEU F 374 27.85 31.40 17.14
C LEU F 374 26.51 31.76 17.76
N ASN F 375 25.65 32.50 17.09
CA ASN F 375 24.47 32.89 17.78
C ASN F 375 23.23 32.44 17.08
N PHE F 376 23.36 31.63 16.04
CA PHE F 376 22.14 31.07 15.47
C PHE F 376 21.39 30.30 16.47
N TYR F 377 20.11 30.11 16.24
CA TYR F 377 19.30 29.25 17.11
C TYR F 377 19.90 27.86 17.09
N ASP F 378 19.64 27.09 18.15
CA ASP F 378 20.26 25.74 18.26
C ASP F 378 19.53 24.84 17.32
N PRO F 379 20.21 23.86 16.73
CA PRO F 379 19.57 22.87 15.85
C PRO F 379 18.44 22.14 16.57
N PRO F 380 17.70 21.33 15.86
CA PRO F 380 16.58 20.62 16.51
C PRO F 380 17.05 19.35 17.21
N GLU F 381 16.35 18.83 18.21
CA GLU F 381 16.75 17.59 18.93
C GLU F 381 17.79 17.85 20.05
N LYS F 398 15.74 18.79 26.43
CA LYS F 398 14.92 19.54 27.39
C LYS F 398 15.05 21.02 27.00
N LYS F 399 13.94 21.75 27.15
CA LYS F 399 13.84 23.21 26.89
C LYS F 399 14.49 23.69 25.57
N THR F 400 13.63 23.95 24.60
CA THR F 400 14.09 24.40 23.31
C THR F 400 14.02 25.94 23.38
N GLN F 401 14.85 26.64 22.62
CA GLN F 401 14.92 28.08 22.77
C GLN F 401 13.70 28.69 22.20
N THR F 402 13.34 29.89 22.60
CA THR F 402 12.17 30.51 21.99
C THR F 402 12.65 31.80 21.44
N THR F 403 11.86 32.43 20.57
CA THR F 403 12.13 33.75 20.08
C THR F 403 11.59 34.75 21.09
N HIS F 404 11.81 36.02 20.85
CA HIS F 404 11.35 36.97 21.81
C HIS F 404 9.84 37.03 21.92
N TYR F 405 9.11 36.21 21.18
CA TYR F 405 7.65 36.33 21.32
C TYR F 405 7.23 35.00 21.91
N GLY F 406 8.26 34.24 22.25
CA GLY F 406 8.04 32.97 22.88
C GLY F 406 7.50 31.86 22.00
N GLN F 407 8.07 31.61 20.85
CA GLN F 407 7.55 30.51 20.10
C GLN F 407 8.73 29.58 19.95
N GLU F 408 8.57 28.29 20.19
CA GLU F 408 9.79 27.55 20.20
C GLU F 408 10.38 27.54 18.81
N VAL F 409 11.69 27.49 18.66
CA VAL F 409 12.28 27.39 17.30
C VAL F 409 12.77 25.99 17.17
N ALA F 410 11.98 25.16 16.53
CA ALA F 410 12.26 23.75 16.59
C ALA F 410 12.72 23.21 15.30
N ASP F 411 13.12 24.05 14.34
CA ASP F 411 13.54 23.53 13.04
C ASP F 411 14.68 24.33 12.37
N CYS F 412 15.44 25.02 13.17
CA CYS F 412 16.48 25.87 12.67
C CYS F 412 17.78 25.12 12.22
N VAL F 413 18.01 25.05 10.93
CA VAL F 413 19.12 24.30 10.45
C VAL F 413 20.17 25.24 9.96
N LEU F 414 20.11 26.46 10.46
CA LEU F 414 21.05 27.43 9.92
C LEU F 414 22.52 27.00 10.02
N GLY F 415 22.86 26.49 11.22
CA GLY F 415 24.21 26.01 11.49
C GLY F 415 24.75 25.12 10.35
N GLU F 416 24.06 24.01 10.17
CA GLU F 416 24.50 23.05 9.20
C GLU F 416 24.55 23.70 7.81
N LEU F 417 23.51 24.45 7.44
CA LEU F 417 23.40 25.09 6.13
C LEU F 417 24.50 26.12 5.88
N VAL F 418 24.60 27.06 6.79
CA VAL F 418 25.62 28.06 6.57
C VAL F 418 26.94 27.37 6.27
N THR F 419 27.32 26.39 7.13
CA THR F 419 28.61 25.69 6.96
C THR F 419 28.59 25.15 5.54
N ARG F 420 27.56 24.40 5.21
CA ARG F 420 27.61 23.81 3.93
C ARG F 420 27.84 24.89 2.89
N LEU F 421 27.26 26.08 3.13
CA LEU F 421 27.33 27.14 2.12
C LEU F 421 28.73 27.74 1.98
N GLN F 422 29.33 28.03 3.13
CA GLN F 422 30.65 28.62 3.12
C GLN F 422 31.64 27.76 2.32
N LYS F 423 31.54 26.45 2.52
CA LYS F 423 32.48 25.58 1.93
C LYS F 423 32.14 25.46 0.51
N SER F 424 30.91 25.44 0.13
CA SER F 424 30.69 25.21 -1.26
C SER F 424 31.09 26.46 -1.99
N ALA F 425 31.00 27.58 -1.29
CA ALA F 425 31.32 28.83 -1.98
C ALA F 425 32.76 29.20 -1.83
N ASN F 426 33.51 28.39 -1.09
CA ASN F 426 34.90 28.61 -1.01
C ASN F 426 35.12 29.87 -0.26
N PHE F 427 34.37 30.05 0.81
CA PHE F 427 34.30 31.34 1.48
C PHE F 427 35.62 31.81 2.06
N THR F 428 36.29 30.92 2.77
CA THR F 428 37.45 31.30 3.59
C THR F 428 38.55 31.73 2.67
N THR F 429 38.92 30.84 1.79
CA THR F 429 39.94 31.17 0.83
C THR F 429 39.62 32.46 0.09
N ARG F 430 38.37 32.62 -0.31
CA ARG F 430 37.99 33.82 -1.00
C ARG F 430 38.19 35.05 -0.12
N ARG F 431 37.78 34.95 1.12
CA ARG F 431 37.98 36.07 2.01
C ARG F 431 39.45 36.58 1.99
N ALA F 432 40.42 35.69 2.05
CA ALA F 432 41.85 36.00 1.98
C ALA F 432 42.19 36.59 0.61
N GLU F 433 41.93 35.85 -0.45
CA GLU F 433 42.21 36.38 -1.79
C GLU F 433 41.83 37.87 -1.79
N ILE F 434 40.69 38.20 -1.22
CA ILE F 434 40.25 39.58 -1.21
C ILE F 434 41.14 40.49 -0.42
N ALA F 435 41.42 40.15 0.81
CA ALA F 435 42.31 40.99 1.63
C ALA F 435 43.58 41.39 0.86
N ALA F 436 44.31 40.37 0.46
CA ALA F 436 45.39 40.56 -0.47
C ALA F 436 45.10 41.60 -1.54
N TRP F 437 44.20 41.25 -2.44
CA TRP F 437 43.85 42.14 -3.55
C TRP F 437 43.61 43.58 -3.09
N ASN F 438 42.81 43.75 -2.02
CA ASN F 438 42.56 45.08 -1.53
C ASN F 438 43.89 45.76 -1.19
N SER F 439 44.80 45.07 -0.52
CA SER F 439 46.05 45.76 -0.12
C SER F 439 46.99 46.23 -1.27
N THR F 440 46.66 45.85 -2.48
CA THR F 440 47.45 46.19 -3.63
C THR F 440 46.64 47.17 -4.43
N ASN F 441 45.52 47.61 -3.90
CA ASN F 441 44.73 48.50 -4.72
C ASN F 441 44.47 49.79 -4.01
N ARG F 442 44.44 50.87 -4.77
CA ARG F 442 44.12 52.12 -4.13
C ARG F 442 42.88 52.82 -4.77
N THR F 443 42.32 52.22 -5.78
CA THR F 443 41.10 52.80 -6.25
C THR F 443 39.89 51.86 -6.06
N LEU F 444 40.14 50.56 -6.12
CA LEU F 444 39.06 49.64 -5.96
C LEU F 444 39.10 48.94 -4.67
N ALA F 445 37.97 48.44 -4.23
CA ALA F 445 38.09 47.58 -3.11
C ALA F 445 36.98 46.54 -3.18
N ARG F 446 37.34 45.31 -2.82
CA ARG F 446 36.33 44.31 -2.97
C ARG F 446 35.85 44.08 -1.60
N GLY F 447 34.61 43.61 -1.48
CA GLY F 447 34.10 43.20 -0.18
C GLY F 447 33.30 41.93 -0.25
N ILE F 448 33.19 41.20 0.84
CA ILE F 448 32.39 39.98 0.72
C ILE F 448 31.62 39.67 2.01
N ALA F 449 30.37 39.17 1.93
CA ALA F 449 29.69 39.01 3.21
C ALA F 449 28.68 37.88 3.24
N LEU F 450 28.46 37.26 4.40
CA LEU F 450 27.47 36.19 4.48
C LEU F 450 26.31 36.62 5.29
N SER F 451 25.13 36.44 4.77
CA SER F 451 23.99 36.81 5.56
C SER F 451 22.92 35.70 5.57
N PRO F 452 22.36 35.48 6.73
CA PRO F 452 21.35 34.45 6.94
C PRO F 452 19.93 34.89 7.06
N VAL F 453 18.99 33.98 6.81
CA VAL F 453 17.59 34.30 6.88
C VAL F 453 16.70 33.34 7.60
N LYS F 454 15.81 33.89 8.37
CA LYS F 454 14.93 33.02 9.02
C LYS F 454 13.62 33.77 8.92
N PHE F 455 12.58 33.20 8.31
CA PHE F 455 11.34 33.88 8.09
C PHE F 455 10.14 33.08 8.48
N GLY F 456 9.22 33.64 9.26
CA GLY F 456 8.01 32.92 9.70
C GLY F 456 6.86 32.81 8.69
N ILE F 457 6.10 31.75 8.63
CA ILE F 457 5.16 31.61 7.54
C ILE F 457 3.75 31.46 8.05
N SER F 458 2.87 32.37 7.64
CA SER F 458 1.43 32.46 8.03
C SER F 458 0.98 33.85 8.36
N PHE F 459 -0.24 34.22 8.08
CA PHE F 459 -0.57 35.63 8.26
C PHE F 459 -0.54 35.84 9.73
N THR F 460 0.01 36.96 10.17
CA THR F 460 0.00 37.28 11.60
C THR F 460 -1.38 37.58 12.03
N LEU F 461 -2.23 37.97 11.11
CA LEU F 461 -3.62 38.19 11.44
C LEU F 461 -4.30 36.75 11.35
N THR F 462 -4.24 36.02 12.44
CA THR F 462 -4.53 34.61 12.33
C THR F 462 -5.62 34.10 11.50
N HIS F 463 -6.81 34.65 11.58
CA HIS F 463 -7.87 34.01 10.77
C HIS F 463 -7.59 34.11 9.26
N LEU F 464 -6.61 34.85 8.82
CA LEU F 464 -6.45 34.85 7.40
C LEU F 464 -5.93 33.56 6.88
N ASN F 465 -5.43 32.69 7.71
CA ASN F 465 -4.81 31.51 7.14
C ASN F 465 -5.93 30.46 6.87
N GLN F 466 -6.67 30.66 5.77
CA GLN F 466 -7.66 29.70 5.20
C GLN F 466 -7.66 29.68 3.63
N ALA F 467 -8.07 28.62 3.00
CA ALA F 467 -8.08 28.66 1.57
C ALA F 467 -9.14 27.64 1.15
N GLY F 468 -9.64 27.77 -0.09
CA GLY F 468 -10.60 26.81 -0.60
C GLY F 468 -10.33 26.47 -2.05
N ALA F 469 -10.89 25.37 -2.56
CA ALA F 469 -10.69 24.99 -3.97
C ALA F 469 -11.89 24.29 -4.40
N LEU F 470 -12.10 24.27 -5.71
CA LEU F 470 -13.32 23.60 -6.21
C LEU F 470 -12.81 22.83 -7.40
N VAL F 471 -12.93 21.51 -7.41
CA VAL F 471 -12.45 20.72 -8.55
C VAL F 471 -13.52 20.01 -9.33
N GLN F 472 -13.33 19.89 -10.63
CA GLN F 472 -14.34 19.21 -11.45
C GLN F 472 -13.72 18.19 -12.39
N ILE F 473 -14.26 16.95 -12.37
CA ILE F 473 -13.89 16.02 -13.45
C ILE F 473 -15.06 15.80 -14.49
N TYR F 474 -14.77 16.14 -15.74
CA TYR F 474 -15.76 15.88 -16.78
C TYR F 474 -15.76 14.36 -17.27
N THR F 475 -16.75 13.94 -18.03
CA THR F 475 -16.78 12.57 -18.38
C THR F 475 -15.72 12.18 -19.33
N ASP F 476 -14.99 13.09 -19.99
CA ASP F 476 -13.87 12.54 -20.80
C ASP F 476 -12.64 12.42 -19.93
N GLY F 477 -12.76 12.61 -18.62
CA GLY F 477 -11.62 12.40 -17.74
C GLY F 477 -10.68 13.57 -17.60
N SER F 478 -10.97 14.66 -18.28
CA SER F 478 -10.15 15.82 -18.07
C SER F 478 -10.68 16.50 -16.86
N VAL F 479 -9.99 17.55 -16.49
CA VAL F 479 -10.29 18.14 -15.20
C VAL F 479 -9.99 19.60 -15.15
N ALA F 480 -10.80 20.28 -14.34
CA ALA F 480 -10.78 21.73 -14.28
C ALA F 480 -10.50 22.01 -12.89
N LEU F 481 -9.35 22.63 -12.64
CA LEU F 481 -8.97 23.00 -11.29
C LEU F 481 -9.37 24.46 -10.94
N ASN F 482 -9.79 24.69 -9.70
CA ASN F 482 -9.98 26.07 -9.33
C ASN F 482 -9.65 26.29 -7.91
N HIS F 483 -8.94 27.36 -7.56
CA HIS F 483 -8.70 27.58 -6.13
C HIS F 483 -8.65 29.05 -5.80
N GLY F 484 -8.40 29.40 -4.57
CA GLY F 484 -8.49 30.80 -4.25
C GLY F 484 -7.24 31.58 -4.54
N GLY F 485 -6.17 30.95 -4.94
CA GLY F 485 -4.95 31.74 -5.01
C GLY F 485 -4.84 32.57 -6.28
N THR F 486 -3.91 33.50 -6.40
CA THR F 486 -3.90 34.23 -7.65
C THR F 486 -2.56 34.19 -8.31
N GLU F 487 -2.50 34.14 -9.62
CA GLU F 487 -1.21 33.99 -10.21
C GLU F 487 -0.49 35.34 -10.46
N MET F 488 0.65 35.59 -9.88
CA MET F 488 1.25 36.85 -10.19
C MET F 488 2.63 36.61 -10.72
N GLY F 489 2.88 35.37 -11.15
CA GLY F 489 4.12 35.11 -11.83
C GLY F 489 4.91 34.17 -11.01
N GLN F 490 4.31 33.69 -9.91
CA GLN F 490 5.16 32.96 -8.99
C GLN F 490 5.01 31.53 -9.09
N GLY F 491 4.26 31.07 -10.07
CA GLY F 491 4.11 29.64 -10.28
C GLY F 491 3.00 28.96 -9.49
N LEU F 492 2.15 29.71 -8.85
CA LEU F 492 1.25 29.04 -7.98
C LEU F 492 0.33 28.11 -8.74
N HIS F 493 -0.24 28.58 -9.82
CA HIS F 493 -1.05 27.65 -10.56
C HIS F 493 -0.25 26.36 -11.02
N ALA F 494 0.99 26.44 -11.47
CA ALA F 494 1.62 25.15 -11.78
C ALA F 494 1.58 24.22 -10.53
N LYS F 495 2.10 24.74 -9.42
CA LYS F 495 2.19 23.93 -8.28
C LYS F 495 0.83 23.40 -8.00
N MET F 496 -0.19 24.24 -8.06
CA MET F 496 -1.49 23.64 -7.77
C MET F 496 -1.91 22.55 -8.82
N VAL F 497 -1.68 22.83 -10.12
CA VAL F 497 -1.88 21.81 -11.11
C VAL F 497 -1.21 20.51 -10.58
N GLN F 498 0.10 20.55 -10.38
CA GLN F 498 0.77 19.34 -9.90
C GLN F 498 0.09 18.67 -8.69
N VAL F 499 -0.03 19.35 -7.57
CA VAL F 499 -0.60 18.71 -6.41
C VAL F 499 -1.73 17.95 -6.89
N ALA F 500 -2.48 18.59 -7.77
CA ALA F 500 -3.70 17.96 -8.30
C ALA F 500 -3.38 16.65 -9.00
N ALA F 501 -2.58 16.75 -10.05
CA ALA F 501 -2.35 15.58 -10.80
C ALA F 501 -1.86 14.51 -9.87
N ALA F 502 -1.07 14.90 -8.87
CA ALA F 502 -0.47 13.83 -8.11
C ALA F 502 -1.51 13.16 -7.22
N VAL F 503 -2.32 13.92 -6.51
CA VAL F 503 -3.22 13.23 -5.66
C VAL F 503 -4.24 12.44 -6.48
N LEU F 504 -4.53 12.87 -7.70
CA LEU F 504 -5.58 12.20 -8.43
C LEU F 504 -5.04 10.99 -9.18
N GLY F 505 -3.74 10.96 -9.39
CA GLY F 505 -3.15 9.79 -10.03
C GLY F 505 -3.02 9.90 -11.53
N ILE F 506 -3.24 11.10 -12.09
CA ILE F 506 -3.10 11.26 -13.54
C ILE F 506 -2.03 12.21 -13.98
N ASP F 507 -1.85 12.36 -15.26
CA ASP F 507 -0.86 13.23 -15.80
C ASP F 507 -1.32 14.67 -15.72
N PRO F 508 -0.45 15.59 -15.32
CA PRO F 508 -0.80 17.01 -15.23
C PRO F 508 -1.44 17.50 -16.50
N VAL F 509 -1.07 16.95 -17.67
CA VAL F 509 -1.75 17.45 -18.85
C VAL F 509 -3.29 17.46 -18.78
N GLN F 510 -3.87 16.55 -17.99
CA GLN F 510 -5.30 16.42 -17.88
C GLN F 510 -5.92 17.48 -16.95
N VAL F 511 -5.12 18.37 -16.42
CA VAL F 511 -5.72 19.20 -15.43
C VAL F 511 -5.49 20.61 -15.92
N ARG F 512 -6.53 21.44 -16.06
CA ARG F 512 -6.41 22.81 -16.54
C ARG F 512 -6.80 23.78 -15.44
N ILE F 513 -6.05 24.87 -15.23
CA ILE F 513 -6.37 25.86 -14.20
C ILE F 513 -7.36 26.84 -14.76
N THR F 514 -8.29 27.29 -13.92
CA THR F 514 -9.24 28.31 -14.32
C THR F 514 -9.00 29.58 -13.59
N ALA F 515 -9.56 30.67 -14.07
CA ALA F 515 -9.19 31.93 -13.35
C ALA F 515 -9.71 31.99 -11.94
N THR F 516 -9.09 32.84 -11.16
CA THR F 516 -9.49 32.93 -9.80
C THR F 516 -10.84 33.62 -9.85
N ASP F 517 -11.79 33.19 -9.03
CA ASP F 517 -13.10 33.74 -9.25
C ASP F 517 -13.99 33.59 -8.04
N THR F 518 -14.38 34.74 -7.51
CA THR F 518 -15.11 34.67 -6.27
C THR F 518 -16.44 33.95 -6.27
N SER F 519 -16.95 33.56 -7.42
CA SER F 519 -18.24 32.89 -7.37
C SER F 519 -18.02 31.41 -7.41
N LYS F 520 -16.73 31.03 -7.39
CA LYS F 520 -16.31 29.67 -7.38
C LYS F 520 -15.75 29.31 -6.02
N VAL F 521 -14.69 29.94 -5.55
CA VAL F 521 -14.29 29.72 -4.17
C VAL F 521 -14.44 31.03 -3.46
N PRO F 522 -15.26 31.07 -2.45
CA PRO F 522 -15.56 32.29 -1.72
C PRO F 522 -14.78 32.53 -0.47
N ASN F 523 -14.79 33.81 -0.08
CA ASN F 523 -14.27 34.34 1.14
C ASN F 523 -12.82 34.04 1.32
N THR F 524 -12.01 34.35 0.33
CA THR F 524 -10.62 34.02 0.38
C THR F 524 -9.77 35.16 0.93
N SER F 525 -8.58 34.78 1.41
CA SER F 525 -7.61 35.77 1.89
C SER F 525 -6.95 36.26 0.72
N ALA F 526 -6.10 37.24 0.90
CA ALA F 526 -5.36 37.70 -0.29
C ALA F 526 -4.32 36.62 -0.44
N THR F 527 -3.66 36.61 -1.56
CA THR F 527 -2.66 35.60 -1.85
C THR F 527 -1.46 36.34 -1.44
N ALA F 528 -0.96 35.99 -0.30
CA ALA F 528 0.11 36.74 0.30
C ALA F 528 0.81 36.01 1.46
N ALA F 529 1.73 36.69 2.10
CA ALA F 529 2.31 36.04 3.26
C ALA F 529 2.96 34.75 2.82
N SER F 530 3.43 34.74 1.60
CA SER F 530 4.09 33.57 1.08
C SER F 530 3.26 32.40 1.31
N SER F 531 1.95 32.57 1.47
CA SER F 531 1.18 31.41 1.87
C SER F 531 0.26 30.81 0.80
N GLY F 532 0.42 31.27 -0.44
CA GLY F 532 -0.43 30.78 -1.52
C GLY F 532 -0.55 29.24 -1.71
N ALA F 533 0.63 28.65 -1.91
CA ALA F 533 0.77 27.21 -2.09
C ALA F 533 0.52 26.45 -0.83
N ASP F 534 1.34 26.66 0.21
CA ASP F 534 1.14 26.00 1.51
C ASP F 534 -0.34 25.67 1.61
N MET F 535 -1.20 26.67 1.50
CA MET F 535 -2.61 26.50 1.85
C MET F 535 -3.48 25.98 0.73
N ASN F 536 -3.53 26.66 -0.42
CA ASN F 536 -4.44 26.19 -1.46
C ASN F 536 -4.03 24.75 -1.76
N GLY F 537 -2.72 24.56 -1.94
CA GLY F 537 -2.16 23.22 -2.02
C GLY F 537 -2.96 22.26 -1.15
N MET F 538 -3.03 22.49 0.16
CA MET F 538 -3.83 21.57 0.99
C MET F 538 -5.21 21.51 0.44
N ALA F 539 -5.86 22.65 0.30
CA ALA F 539 -7.26 22.53 -0.04
C ALA F 539 -7.39 21.75 -1.34
N VAL F 540 -6.46 21.98 -2.24
CA VAL F 540 -6.66 21.26 -3.47
C VAL F 540 -6.57 19.79 -3.18
N LYS F 541 -5.53 19.43 -2.49
CA LYS F 541 -5.45 18.06 -2.08
C LYS F 541 -6.77 17.60 -1.47
N ASP F 542 -7.31 18.39 -0.54
CA ASP F 542 -8.55 18.02 0.13
C ASP F 542 -9.62 17.70 -0.89
N ALA F 543 -9.65 18.40 -2.00
CA ALA F 543 -10.75 18.13 -2.90
C ALA F 543 -10.45 16.89 -3.70
N CYS F 544 -9.23 16.84 -4.19
CA CYS F 544 -8.91 15.75 -5.04
C CYS F 544 -9.03 14.48 -4.27
N GLU F 545 -8.80 14.57 -2.96
CA GLU F 545 -8.87 13.33 -2.14
C GLU F 545 -10.30 12.93 -2.11
N THR F 546 -11.18 13.89 -1.89
CA THR F 546 -12.60 13.57 -1.89
C THR F 546 -13.00 12.84 -3.12
N LEU F 547 -12.72 13.45 -4.25
CA LEU F 547 -13.06 12.82 -5.47
C LEU F 547 -12.43 11.43 -5.61
N ARG F 548 -11.11 11.32 -5.53
CA ARG F 548 -10.58 10.00 -5.69
C ARG F 548 -11.33 9.06 -4.72
N GLY F 549 -11.81 9.63 -3.66
CA GLY F 549 -12.43 8.73 -2.73
C GLY F 549 -13.71 8.27 -3.36
N ARG F 550 -14.39 9.13 -4.06
CA ARG F 550 -15.61 8.57 -4.55
C ARG F 550 -15.22 7.58 -5.59
N LEU F 551 -14.18 7.85 -6.37
CA LEU F 551 -13.92 6.89 -7.40
C LEU F 551 -13.68 5.55 -6.75
N ALA F 552 -12.78 5.49 -5.76
CA ALA F 552 -12.38 4.16 -5.29
C ALA F 552 -13.64 3.44 -4.87
N GLY F 553 -14.45 4.16 -4.11
CA GLY F 553 -15.65 3.57 -3.57
C GLY F 553 -16.42 2.87 -4.69
N PHE F 554 -16.63 3.62 -5.74
CA PHE F 554 -17.26 3.04 -6.87
C PHE F 554 -16.44 1.86 -7.44
N VAL F 555 -15.18 2.01 -7.77
CA VAL F 555 -14.60 0.80 -8.25
C VAL F 555 -14.72 -0.31 -7.27
N ALA F 556 -14.58 -0.03 -5.98
CA ALA F 556 -14.60 -1.17 -5.05
C ALA F 556 -15.89 -2.00 -4.96
N ALA F 557 -17.00 -1.31 -4.90
CA ALA F 557 -18.27 -1.98 -4.90
C ALA F 557 -18.36 -2.79 -6.17
N ARG F 558 -17.94 -2.19 -7.24
CA ARG F 558 -18.18 -2.81 -8.50
C ARG F 558 -17.38 -4.07 -8.55
N GLU F 559 -16.08 -4.00 -8.31
CA GLU F 559 -15.32 -5.23 -8.43
C GLU F 559 -15.18 -5.97 -7.12
N GLY F 560 -16.12 -5.79 -6.18
CA GLY F 560 -16.12 -6.43 -4.87
C GLY F 560 -14.74 -6.50 -4.23
N CYS F 561 -14.40 -5.52 -3.40
CA CYS F 561 -13.12 -5.55 -2.74
C CYS F 561 -12.96 -4.21 -2.09
N ALA F 562 -11.80 -3.90 -1.57
CA ALA F 562 -11.78 -2.70 -0.76
C ALA F 562 -11.27 -1.44 -1.42
N ALA F 563 -11.77 -0.32 -0.93
CA ALA F 563 -11.46 0.92 -1.55
C ALA F 563 -9.99 1.15 -1.49
N ARG F 564 -9.45 0.86 -0.32
CA ARG F 564 -8.07 1.16 -0.01
C ARG F 564 -7.14 0.40 -0.91
N ASP F 565 -7.75 -0.45 -1.72
CA ASP F 565 -7.04 -1.28 -2.69
C ASP F 565 -7.28 -0.89 -4.11
N VAL F 566 -7.96 0.21 -4.35
CA VAL F 566 -8.03 0.71 -5.74
C VAL F 566 -6.87 1.65 -5.93
N ILE F 567 -6.19 1.60 -7.06
CA ILE F 567 -4.94 2.35 -7.06
C ILE F 567 -4.89 3.17 -8.29
N PHE F 568 -4.66 4.47 -8.09
CA PHE F 568 -4.61 5.34 -9.24
C PHE F 568 -3.21 5.72 -9.33
N ASP F 569 -2.66 5.57 -10.52
CA ASP F 569 -1.31 5.97 -10.77
C ASP F 569 -1.05 6.12 -12.23
N ALA F 570 -0.39 7.17 -12.60
CA ALA F 570 -0.03 7.28 -14.00
C ALA F 570 -1.24 7.25 -14.88
N GLY F 571 -2.36 7.79 -14.50
CA GLY F 571 -3.33 7.77 -15.56
C GLY F 571 -4.02 6.46 -15.71
N GLN F 572 -3.69 5.48 -14.86
CA GLN F 572 -4.47 4.24 -14.82
C GLN F 572 -5.06 3.91 -13.46
N VAL F 573 -6.23 3.28 -13.44
CA VAL F 573 -6.86 2.81 -12.18
C VAL F 573 -6.67 1.30 -12.15
N GLN F 574 -6.34 0.70 -11.02
CA GLN F 574 -6.09 -0.79 -10.89
C GLN F 574 -6.72 -1.35 -9.63
N ALA F 575 -7.38 -2.47 -9.77
CA ALA F 575 -7.97 -3.15 -8.60
C ALA F 575 -8.19 -4.63 -8.93
N SER F 576 -8.26 -5.50 -7.92
CA SER F 576 -8.48 -6.92 -8.19
C SER F 576 -7.76 -7.44 -9.42
N GLY F 577 -6.51 -7.11 -9.67
CA GLY F 577 -5.97 -7.68 -10.88
C GLY F 577 -6.41 -7.09 -12.22
N LYS F 578 -7.52 -6.40 -12.26
CA LYS F 578 -7.74 -5.74 -13.53
C LYS F 578 -7.31 -4.28 -13.48
N SER F 579 -7.05 -3.70 -14.66
CA SER F 579 -6.68 -2.31 -14.77
C SER F 579 -7.41 -1.58 -15.94
N TRP F 580 -7.75 -0.30 -15.78
CA TRP F 580 -8.39 0.40 -16.86
C TRP F 580 -7.78 1.76 -16.95
N ARG F 581 -8.24 2.54 -17.89
CA ARG F 581 -7.81 3.93 -18.01
C ARG F 581 -8.63 4.91 -17.13
N PHE F 582 -7.99 5.95 -16.55
CA PHE F 582 -8.78 6.90 -15.70
C PHE F 582 -10.13 7.29 -16.32
N ALA F 583 -10.09 7.68 -17.59
CA ALA F 583 -11.31 8.08 -18.19
C ALA F 583 -12.31 6.95 -18.10
N GLU F 584 -11.91 5.74 -18.43
CA GLU F 584 -12.93 4.72 -18.30
C GLU F 584 -13.48 4.63 -16.88
N ILE F 585 -12.67 4.84 -15.86
CA ILE F 585 -13.33 4.82 -14.61
C ILE F 585 -14.29 5.99 -14.55
N VAL F 586 -13.86 7.13 -15.00
CA VAL F 586 -14.73 8.25 -14.74
C VAL F 586 -16.10 8.10 -15.38
N ALA F 587 -16.02 7.65 -16.62
CA ALA F 587 -17.20 7.42 -17.45
C ALA F 587 -18.05 6.43 -16.74
N ALA F 588 -17.48 5.34 -16.30
CA ALA F 588 -18.38 4.44 -15.64
C ALA F 588 -19.01 5.13 -14.42
N ALA F 589 -18.19 5.80 -13.64
CA ALA F 589 -18.80 6.43 -12.49
C ALA F 589 -20.05 7.30 -12.94
N TYR F 590 -19.82 8.06 -14.01
CA TYR F 590 -20.84 8.93 -14.43
C TYR F 590 -22.10 8.17 -14.70
N MET F 591 -21.99 7.06 -15.42
CA MET F 591 -23.19 6.25 -15.62
C MET F 591 -23.74 5.79 -14.31
N ALA F 592 -22.92 5.47 -13.31
CA ALA F 592 -23.50 5.06 -12.05
C ALA F 592 -24.02 6.20 -11.26
N ARG F 593 -24.06 7.40 -11.85
CA ARG F 593 -24.56 8.53 -11.12
C ARG F 593 -23.76 8.86 -9.79
N ILE F 594 -22.45 9.15 -9.97
CA ILE F 594 -21.66 9.54 -8.84
C ILE F 594 -21.03 10.94 -9.01
N SER F 595 -21.39 11.87 -8.14
CA SER F 595 -20.91 13.24 -8.32
C SER F 595 -19.41 13.35 -8.53
N LEU F 596 -19.05 14.03 -9.58
CA LEU F 596 -17.68 14.21 -9.89
C LEU F 596 -17.27 15.66 -9.72
N SER F 597 -17.85 16.29 -8.73
CA SER F 597 -17.47 17.64 -8.39
C SER F 597 -17.23 17.67 -6.86
N ALA F 598 -16.21 18.45 -6.39
CA ALA F 598 -15.92 18.60 -4.90
C ALA F 598 -15.32 19.90 -4.58
N THR F 599 -15.62 20.47 -3.42
CA THR F 599 -14.80 21.60 -2.98
C THR F 599 -13.80 21.04 -2.00
N GLY F 600 -12.97 21.91 -1.48
CA GLY F 600 -12.02 21.53 -0.45
C GLY F 600 -11.66 22.78 0.32
N PHE F 601 -11.13 22.58 1.50
CA PHE F 601 -10.88 23.74 2.29
C PHE F 601 -9.77 23.40 3.22
N TYR F 602 -9.04 24.39 3.74
CA TYR F 602 -8.00 24.14 4.76
C TYR F 602 -7.68 25.35 5.66
N ALA F 603 -7.22 25.08 6.88
CA ALA F 603 -6.94 26.12 7.89
C ALA F 603 -5.64 25.84 8.59
N THR F 604 -4.65 26.70 8.52
CA THR F 604 -3.45 26.31 9.24
C THR F 604 -3.70 26.14 10.73
N PRO F 605 -3.33 24.96 11.21
CA PRO F 605 -3.41 24.63 12.63
C PRO F 605 -2.28 25.24 13.50
N LYS F 606 -2.36 24.92 14.80
CA LYS F 606 -1.42 25.40 15.82
C LYS F 606 -1.21 26.91 15.92
N LEU F 607 -2.09 27.75 15.41
CA LEU F 607 -1.68 29.16 15.48
C LEU F 607 -2.34 29.91 16.61
N SER F 608 -1.56 30.60 17.38
CA SER F 608 -2.23 31.48 18.40
C SER F 608 -1.31 32.51 19.00
N TRP F 609 -1.70 33.77 18.97
CA TRP F 609 -0.80 34.75 19.56
C TRP F 609 -1.39 36.05 19.90
N ASP F 610 -0.74 36.79 20.77
CA ASP F 610 -1.32 38.06 21.12
C ASP F 610 -0.49 39.35 20.83
N ARG F 611 -0.77 39.94 19.66
CA ARG F 611 -0.31 41.26 19.24
C ARG F 611 0.11 42.17 20.37
N LEU F 612 -0.81 42.45 21.27
CA LEU F 612 -0.47 43.44 22.27
C LEU F 612 0.54 42.86 23.25
N ARG F 613 0.33 41.64 23.64
CA ARG F 613 1.32 41.20 24.57
C ARG F 613 2.66 40.92 23.84
N GLY F 614 2.65 40.51 22.58
CA GLY F 614 3.89 40.09 21.95
C GLY F 614 4.19 38.64 22.33
N GLN F 615 3.15 37.85 22.58
CA GLN F 615 3.33 36.44 22.93
C GLN F 615 2.45 35.47 22.12
N GLY F 616 3.00 34.30 21.76
CA GLY F 616 2.20 33.29 21.11
C GLY F 616 3.00 32.51 20.09
N ARG F 617 2.25 31.78 19.24
CA ARG F 617 2.79 31.14 18.05
C ARG F 617 2.04 31.83 16.91
N PRO F 618 2.61 32.80 16.29
CA PRO F 618 1.88 33.36 15.20
C PRO F 618 2.36 32.56 13.97
N PHE F 619 3.35 31.66 14.04
CA PHE F 619 3.76 30.94 12.81
C PHE F 619 3.83 29.39 12.78
N LEU F 620 3.40 28.78 11.70
CA LEU F 620 3.53 27.33 11.68
C LEU F 620 5.01 26.87 11.62
N TYR F 621 5.82 27.52 10.79
CA TYR F 621 7.23 27.14 10.67
C TYR F 621 8.20 28.28 10.21
N PHE F 622 9.46 27.98 10.05
CA PHE F 622 10.33 29.06 9.63
C PHE F 622 11.01 28.63 8.38
N ALA F 623 11.30 29.54 7.47
CA ALA F 623 11.98 29.22 6.21
C ALA F 623 13.32 29.67 6.44
N TYR F 624 14.34 29.00 5.93
CA TYR F 624 15.74 29.48 6.09
C TYR F 624 16.53 29.44 4.82
N GLY F 625 17.70 30.06 4.88
CA GLY F 625 18.61 30.11 3.74
C GLY F 625 19.74 31.05 4.10
N ALA F 626 20.72 31.10 3.22
CA ALA F 626 21.78 32.00 3.48
C ALA F 626 22.36 32.45 2.21
N ALA F 627 23.04 33.58 2.22
CA ALA F 627 23.60 34.08 0.96
C ALA F 627 24.97 34.67 1.13
N ILE F 628 25.92 34.37 0.29
CA ILE F 628 27.16 35.05 0.48
C ILE F 628 27.25 35.88 -0.74
N THR F 629 27.44 37.19 -0.58
CA THR F 629 27.60 38.03 -1.74
C THR F 629 28.97 38.68 -1.81
N GLU F 630 29.47 38.93 -3.03
CA GLU F 630 30.76 39.63 -3.27
C GLU F 630 30.67 40.78 -4.29
N VAL F 631 31.16 41.95 -3.87
CA VAL F 631 31.08 43.15 -4.69
C VAL F 631 32.38 43.90 -4.76
N VAL F 632 32.45 44.86 -5.66
CA VAL F 632 33.58 45.78 -5.70
C VAL F 632 33.02 47.18 -5.73
N ILE F 633 33.60 48.10 -4.97
CA ILE F 633 33.28 49.52 -5.12
C ILE F 633 34.48 50.29 -5.62
N ASP F 634 34.20 51.50 -6.03
CA ASP F 634 35.16 52.39 -6.59
C ASP F 634 35.37 53.48 -5.62
N ARG F 635 36.53 53.57 -5.04
CA ARG F 635 36.69 54.52 -3.96
C ARG F 635 36.65 55.93 -4.38
N LEU F 636 36.56 56.22 -5.64
CA LEU F 636 36.49 57.60 -5.97
C LEU F 636 35.02 58.06 -6.05
N THR F 637 34.20 57.49 -6.93
CA THR F 637 32.86 57.95 -7.11
C THR F 637 31.87 57.21 -6.25
N GLY F 638 32.22 55.97 -5.89
CA GLY F 638 31.30 55.07 -5.23
C GLY F 638 30.57 54.11 -6.17
N GLU F 639 30.80 54.21 -7.47
CA GLU F 639 30.06 53.31 -8.33
C GLU F 639 30.36 51.90 -7.82
N ASN F 640 29.62 50.88 -8.22
CA ASN F 640 29.91 49.58 -7.66
C ASN F 640 29.09 48.48 -8.27
N ARG F 641 29.47 47.23 -8.06
CA ARG F 641 28.61 46.17 -8.57
C ARG F 641 28.88 44.86 -7.97
N ILE F 642 27.98 43.91 -8.24
CA ILE F 642 28.02 42.67 -7.49
C ILE F 642 28.64 41.58 -8.33
N LEU F 643 29.85 41.13 -8.00
CA LEU F 643 30.53 40.20 -8.88
C LEU F 643 29.94 38.83 -8.81
N ARG F 644 29.66 38.37 -7.61
CA ARG F 644 29.17 37.02 -7.51
C ARG F 644 28.39 36.76 -6.22
N THR F 645 27.41 35.86 -6.30
CA THR F 645 26.58 35.54 -5.16
C THR F 645 26.43 34.06 -5.24
N ASP F 646 26.28 33.46 -4.06
CA ASP F 646 26.14 32.04 -3.89
C ASP F 646 25.06 31.87 -2.87
N ILE F 647 24.04 31.09 -3.17
CA ILE F 647 22.99 30.91 -2.17
C ILE F 647 22.66 29.43 -1.90
N LEU F 648 22.10 29.19 -0.74
CA LEU F 648 21.65 27.89 -0.40
C LEU F 648 20.40 28.18 0.39
N HIS F 649 19.23 27.86 -0.17
CA HIS F 649 17.96 28.25 0.51
C HIS F 649 17.11 27.05 0.78
N ASP F 650 16.29 27.08 1.84
CA ASP F 650 15.49 25.95 2.26
C ASP F 650 14.02 26.08 1.87
N ALA F 651 13.62 25.27 0.88
CA ALA F 651 12.26 25.27 0.42
C ALA F 651 11.55 24.01 0.81
N GLY F 652 11.88 23.47 1.98
CA GLY F 652 11.31 22.16 2.35
C GLY F 652 11.51 21.11 1.25
N ALA F 653 10.57 20.18 1.13
CA ALA F 653 10.59 19.30 -0.04
C ALA F 653 9.94 20.10 -1.14
N SER F 654 10.72 20.80 -1.94
CA SER F 654 10.10 21.65 -2.91
C SER F 654 8.95 20.99 -3.70
N LEU F 655 7.76 21.59 -3.83
CA LEU F 655 6.86 21.16 -4.85
C LEU F 655 7.43 21.41 -6.27
N ASN F 656 8.46 22.23 -6.54
CA ASN F 656 8.91 22.38 -7.93
C ASN F 656 10.26 23.14 -8.02
N PRO F 657 11.34 22.40 -7.88
CA PRO F 657 12.63 23.03 -7.75
C PRO F 657 12.81 24.04 -8.84
N ALA F 658 12.20 23.90 -10.02
CA ALA F 658 12.53 24.91 -11.03
C ALA F 658 11.94 26.17 -10.51
N LEU F 659 10.64 26.09 -10.24
CA LEU F 659 9.93 27.29 -9.88
C LEU F 659 10.45 27.88 -8.62
N ASP F 660 10.89 27.05 -7.66
CA ASP F 660 11.46 27.60 -6.44
C ASP F 660 12.83 28.21 -6.66
N ILE F 661 13.72 27.60 -7.42
CA ILE F 661 14.99 28.26 -7.63
C ILE F 661 14.62 29.61 -8.25
N GLY F 662 13.60 29.62 -9.11
CA GLY F 662 13.33 30.89 -9.74
C GLY F 662 12.94 32.03 -8.78
N GLN F 663 12.17 31.64 -7.80
CA GLN F 663 11.72 32.65 -6.93
C GLN F 663 12.95 33.09 -6.17
N ILE F 664 13.86 32.16 -5.85
CA ILE F 664 15.05 32.59 -5.14
C ILE F 664 15.89 33.60 -5.97
N GLU F 665 16.30 33.17 -7.13
CA GLU F 665 17.12 34.05 -7.92
C GLU F 665 16.41 35.38 -7.92
N GLY F 666 15.14 35.36 -8.35
CA GLY F 666 14.45 36.62 -8.57
C GLY F 666 14.35 37.39 -7.26
N ALA F 667 14.12 36.70 -6.20
CA ALA F 667 13.90 37.59 -5.14
C ALA F 667 15.24 38.16 -4.71
N TYR F 668 16.32 37.38 -4.87
CA TYR F 668 17.63 37.94 -4.47
C TYR F 668 17.82 39.23 -5.19
N VAL F 669 17.60 39.18 -6.50
CA VAL F 669 17.78 40.40 -7.21
C VAL F 669 16.94 41.53 -6.72
N GLN F 670 15.69 41.26 -6.45
CA GLN F 670 14.87 42.32 -5.92
C GLN F 670 15.44 42.78 -4.60
N GLY F 671 15.71 41.87 -3.70
CA GLY F 671 16.16 42.33 -2.40
C GLY F 671 17.38 43.24 -2.49
N ALA F 672 18.32 42.89 -3.35
CA ALA F 672 19.49 43.69 -3.46
C ALA F 672 19.11 45.03 -4.02
N GLY F 673 18.24 44.95 -5.01
CA GLY F 673 17.80 46.16 -5.73
C GLY F 673 17.43 47.16 -4.66
N TRP F 674 16.69 46.64 -3.68
CA TRP F 674 16.25 47.40 -2.53
C TRP F 674 17.37 48.10 -1.83
N LEU F 675 18.56 47.51 -1.75
CA LEU F 675 19.53 48.19 -0.92
C LEU F 675 20.58 48.88 -1.72
N THR F 676 20.29 49.10 -2.99
CA THR F 676 21.35 49.65 -3.85
C THR F 676 20.90 50.74 -4.82
N THR F 677 20.19 50.42 -5.88
CA THR F 677 19.90 51.59 -6.66
C THR F 677 18.52 52.12 -6.39
N GLU F 678 17.67 51.32 -5.81
CA GLU F 678 16.36 51.86 -5.64
C GLU F 678 16.31 52.92 -4.60
N GLU F 679 15.98 54.15 -4.99
CA GLU F 679 15.90 55.25 -4.00
C GLU F 679 14.63 56.12 -4.12
N LEU F 680 13.86 56.32 -3.06
CA LEU F 680 12.64 57.12 -3.27
C LEU F 680 12.95 58.55 -2.87
N VAL F 681 12.53 59.52 -3.68
CA VAL F 681 12.83 60.94 -3.35
C VAL F 681 11.67 61.91 -3.39
N TRP F 682 11.45 62.61 -2.26
CA TRP F 682 10.38 63.61 -2.18
C TRP F 682 10.98 65.00 -2.06
N ASP F 683 10.38 66.03 -2.65
CA ASP F 683 10.89 67.40 -2.50
C ASP F 683 10.23 68.07 -1.32
N HIS F 684 10.63 69.29 -1.07
CA HIS F 684 10.22 70.05 0.12
C HIS F 684 8.71 70.15 0.23
N CYS F 685 8.04 70.13 -0.89
CA CYS F 685 6.63 70.19 -0.93
C CYS F 685 5.93 68.92 -0.61
N GLY F 686 6.69 67.85 -0.48
CA GLY F 686 6.04 66.57 -0.36
C GLY F 686 5.85 65.87 -1.68
N ARG F 687 6.19 66.48 -2.80
CA ARG F 687 6.03 65.82 -4.12
C ARG F 687 7.01 64.66 -4.38
N LEU F 688 6.52 63.57 -4.99
CA LEU F 688 7.39 62.46 -5.24
C LEU F 688 8.27 62.78 -6.45
N MET F 689 9.55 62.99 -6.21
CA MET F 689 10.43 63.35 -7.30
C MET F 689 10.76 62.20 -8.19
N THR F 690 10.83 60.98 -7.66
CA THR F 690 11.19 59.82 -8.46
C THR F 690 9.89 59.14 -8.74
N HIS F 691 9.29 59.36 -9.89
CA HIS F 691 8.00 58.73 -10.11
C HIS F 691 7.93 58.17 -11.52
N ALA F 692 8.89 57.30 -11.84
CA ALA F 692 9.15 56.88 -13.21
C ALA F 692 10.51 56.21 -13.33
N PRO F 693 10.58 55.22 -14.20
CA PRO F 693 11.74 54.34 -14.30
C PRO F 693 12.91 55.14 -14.80
N SER F 694 12.62 56.23 -15.47
CA SER F 694 13.69 57.20 -15.75
C SER F 694 14.38 57.72 -14.48
N THR F 695 13.68 57.70 -13.36
CA THR F 695 14.31 58.30 -12.22
C THR F 695 14.39 57.34 -11.00
N TYR F 696 13.65 56.21 -11.06
CA TYR F 696 13.65 55.19 -10.02
C TYR F 696 14.28 53.99 -10.69
N LYS F 697 15.42 53.48 -10.21
CA LYS F 697 16.14 52.50 -11.03
C LYS F 697 16.18 51.07 -10.51
N ILE F 698 15.28 50.21 -11.04
CA ILE F 698 15.40 48.81 -10.58
C ILE F 698 16.63 48.16 -11.18
N PRO F 699 16.97 46.98 -10.72
CA PRO F 699 18.13 46.32 -11.25
C PRO F 699 17.86 46.04 -12.70
N ALA F 700 18.87 46.26 -13.50
CA ALA F 700 18.74 46.00 -14.91
C ALA F 700 19.59 44.78 -15.19
N PHE F 701 19.18 44.04 -16.19
CA PHE F 701 19.88 42.86 -16.63
C PHE F 701 21.36 42.89 -16.24
N SER F 702 22.09 43.88 -16.70
CA SER F 702 23.49 43.82 -16.32
C SER F 702 23.75 43.75 -14.76
N ASP F 703 22.87 44.15 -13.87
CA ASP F 703 23.33 44.14 -12.48
C ASP F 703 23.10 42.79 -11.90
N ARG F 704 22.84 41.78 -12.74
CA ARG F 704 22.75 40.37 -12.25
C ARG F 704 24.16 39.97 -11.90
N PRO F 705 24.36 39.33 -10.77
CA PRO F 705 25.68 38.90 -10.34
C PRO F 705 26.39 38.12 -11.46
N ARG F 706 27.69 38.20 -11.57
CA ARG F 706 28.25 37.46 -12.69
C ARG F 706 28.26 35.97 -12.45
N ILE F 707 28.39 35.64 -11.20
CA ILE F 707 28.41 34.27 -10.93
C ILE F 707 27.35 34.22 -9.92
N PHE F 708 26.38 33.37 -10.21
CA PHE F 708 25.16 33.31 -9.47
C PHE F 708 24.75 31.86 -9.20
N ASN F 709 25.19 31.32 -8.08
CA ASN F 709 24.83 29.94 -7.85
C ASN F 709 23.78 29.90 -6.83
N VAL F 710 22.62 29.35 -7.16
CA VAL F 710 21.58 29.21 -6.18
C VAL F 710 21.39 27.76 -6.04
N ALA F 711 21.29 27.26 -4.82
CA ALA F 711 21.08 25.84 -4.70
C ALA F 711 20.19 25.60 -3.49
N LEU F 712 19.34 24.55 -3.52
CA LEU F 712 18.33 24.32 -2.47
C LEU F 712 18.73 23.32 -1.37
N TRP F 713 18.21 23.45 -0.18
CA TRP F 713 18.52 22.55 0.92
C TRP F 713 17.39 21.60 0.89
N ASP F 714 17.64 20.33 0.65
CA ASP F 714 16.52 19.45 0.46
C ASP F 714 16.14 18.70 1.72
N GLN F 715 15.26 19.25 2.52
CA GLN F 715 14.74 18.56 3.69
C GLN F 715 13.27 18.80 3.96
N PRO F 716 12.55 17.73 4.13
CA PRO F 716 11.12 17.81 4.35
C PRO F 716 10.84 18.68 5.57
N ASN F 717 9.72 19.37 5.60
CA ASN F 717 9.35 20.30 6.62
C ASN F 717 8.90 19.47 7.77
N ARG F 718 9.32 19.86 8.99
CA ARG F 718 8.89 19.14 10.16
C ARG F 718 7.41 19.21 10.28
N GLU F 719 6.80 20.34 9.94
CA GLU F 719 5.34 20.44 10.11
C GLU F 719 4.66 19.87 8.90
N GLU F 720 3.36 19.57 9.03
CA GLU F 720 2.66 18.84 7.95
C GLU F 720 2.04 19.70 6.83
N THR F 721 2.93 20.14 5.95
CA THR F 721 2.56 21.00 4.87
C THR F 721 2.40 20.20 3.63
N ILE F 722 1.55 20.71 2.76
CA ILE F 722 1.43 20.09 1.50
C ILE F 722 2.80 19.58 1.06
N PHE F 723 2.81 18.28 0.87
CA PHE F 723 3.97 17.51 0.53
C PHE F 723 5.27 17.92 1.22
N ARG F 724 5.10 18.30 2.49
CA ARG F 724 6.24 18.79 3.27
C ARG F 724 7.17 19.82 2.54
N SER F 725 6.57 20.71 1.77
CA SER F 725 7.32 21.72 1.09
C SER F 725 7.25 22.88 2.04
N LYS F 726 7.95 23.96 1.69
CA LYS F 726 7.92 25.17 2.51
C LYS F 726 7.69 26.33 1.60
N ALA F 727 7.00 27.34 2.12
CA ALA F 727 6.82 28.55 1.36
C ALA F 727 8.13 29.14 0.88
N VAL F 728 8.16 29.72 -0.30
CA VAL F 728 9.43 30.26 -0.70
C VAL F 728 9.25 31.59 -1.41
N GLY F 729 8.15 32.27 -1.16
CA GLY F 729 7.89 33.53 -1.87
C GLY F 729 8.68 34.73 -1.36
N GLU F 730 8.60 34.92 -0.06
CA GLU F 730 9.22 36.05 0.61
C GLU F 730 10.62 35.76 1.14
N PRO F 731 10.76 34.71 1.92
CA PRO F 731 11.97 34.54 2.69
C PRO F 731 13.16 34.78 1.80
N PRO F 732 13.28 34.23 0.64
CA PRO F 732 14.54 34.43 -0.07
C PRO F 732 14.77 35.93 -0.34
N PHE F 733 13.77 36.79 -0.31
CA PHE F 733 14.10 38.22 -0.54
C PHE F 733 15.10 38.66 0.52
N LEU F 734 14.95 38.21 1.74
CA LEU F 734 15.90 38.69 2.69
C LEU F 734 17.30 38.35 2.29
N LEU F 735 17.53 37.42 1.37
CA LEU F 735 18.93 37.14 1.12
C LEU F 735 19.64 38.33 0.57
N GLY F 736 18.96 39.41 0.25
CA GLY F 736 19.67 40.52 -0.38
C GLY F 736 20.54 41.21 0.67
N ILE F 737 20.05 41.17 1.89
CA ILE F 737 20.85 41.77 2.89
C ILE F 737 22.32 41.42 2.67
N SER F 738 22.59 40.27 2.16
CA SER F 738 24.01 40.06 1.96
C SER F 738 24.64 41.10 0.99
N ALA F 739 23.96 41.58 -0.01
CA ALA F 739 24.70 42.47 -0.88
C ALA F 739 25.07 43.71 -0.17
N PHE F 740 24.17 44.23 0.65
CA PHE F 740 24.38 45.44 1.41
C PHE F 740 25.54 45.11 2.29
N LEU F 741 25.44 44.16 3.20
CA LEU F 741 26.56 43.98 4.12
C LEU F 741 27.84 43.88 3.36
N ALA F 742 27.79 43.32 2.16
CA ALA F 742 29.04 43.11 1.51
C ALA F 742 29.51 44.47 1.12
N LEU F 743 28.58 45.29 0.61
CA LEU F 743 28.94 46.64 0.25
C LEU F 743 29.60 47.28 1.47
N HIS F 744 29.08 47.02 2.65
CA HIS F 744 29.65 47.71 3.77
C HIS F 744 31.02 47.16 4.05
N ASP F 745 31.16 45.83 3.85
CA ASP F 745 32.47 45.22 4.05
C ASP F 745 33.52 45.95 3.19
N ALA F 746 33.20 46.23 1.94
CA ALA F 746 34.16 46.98 1.17
C ALA F 746 34.47 48.38 1.85
N CYS F 747 33.46 49.13 2.22
CA CYS F 747 33.82 50.37 2.84
C CYS F 747 34.78 50.08 3.96
N ALA F 748 34.47 49.16 4.83
CA ALA F 748 35.32 49.05 6.05
C ALA F 748 36.69 48.71 5.69
N ALA F 749 36.88 48.28 4.45
CA ALA F 749 38.20 47.90 4.02
C ALA F 749 39.05 49.12 3.68
N CYS F 750 38.43 50.27 3.60
CA CYS F 750 39.20 51.39 3.20
C CYS F 750 39.80 52.25 4.30
N GLY F 751 39.58 51.92 5.58
CA GLY F 751 40.04 52.76 6.69
C GLY F 751 39.56 52.14 7.98
N PRO F 752 39.97 52.63 9.13
CA PRO F 752 39.62 51.99 10.40
C PRO F 752 38.36 52.48 11.02
N HIS F 753 37.63 53.38 10.39
CA HIS F 753 36.41 53.89 11.04
C HIS F 753 35.12 53.27 10.52
N TRP F 754 34.12 53.24 11.38
CA TRP F 754 32.83 52.69 11.07
C TRP F 754 32.37 53.51 9.94
N PRO F 755 32.16 52.86 8.83
CA PRO F 755 31.67 53.55 7.64
C PRO F 755 30.25 54.04 7.80
N ASP F 756 29.49 53.44 8.70
CA ASP F 756 28.09 53.84 8.91
C ASP F 756 27.32 53.98 7.60
N LEU F 757 27.44 52.98 6.70
CA LEU F 757 26.77 53.04 5.44
C LEU F 757 25.23 52.94 5.60
N GLN F 758 24.50 53.81 4.93
CA GLN F 758 23.06 53.84 5.04
C GLN F 758 22.39 53.17 3.85
N ALA F 759 21.10 52.96 3.93
CA ALA F 759 20.45 52.24 2.85
C ALA F 759 19.44 53.13 2.28
N PRO F 760 19.31 53.14 1.01
CA PRO F 760 19.99 52.32 0.09
C PRO F 760 21.36 52.77 -0.06
N ALA F 761 22.17 51.85 -0.52
CA ALA F 761 23.55 52.05 -0.81
C ALA F 761 23.67 52.54 -2.26
N THR F 762 23.13 53.70 -2.64
CA THR F 762 23.54 54.21 -3.97
C THR F 762 25.02 54.60 -3.95
N PRO F 763 25.63 54.76 -5.12
CA PRO F 763 27.00 55.19 -5.21
C PRO F 763 27.22 56.40 -4.29
N GLU F 764 26.31 57.38 -4.33
CA GLU F 764 26.51 58.47 -3.36
C GLU F 764 26.62 57.90 -1.95
N ALA F 765 25.65 57.12 -1.60
CA ALA F 765 25.66 56.58 -0.29
C ALA F 765 27.03 55.85 0.00
N VAL F 766 27.54 55.09 -0.95
CA VAL F 766 28.71 54.29 -0.71
C VAL F 766 29.89 55.21 -0.52
N LEU F 767 29.97 56.23 -1.39
CA LEU F 767 31.08 57.18 -1.26
C LEU F 767 31.05 57.83 0.08
N ALA F 768 29.89 58.21 0.55
CA ALA F 768 29.94 58.77 1.85
C ALA F 768 30.63 57.78 2.78
N ALA F 769 30.24 56.50 2.73
CA ALA F 769 30.74 55.58 3.77
C ALA F 769 32.20 55.43 3.66
N VAL F 770 32.65 55.41 2.42
CA VAL F 770 34.07 55.32 2.21
C VAL F 770 34.74 56.44 2.98
N ARG F 771 34.43 57.66 2.63
CA ARG F 771 35.07 58.74 3.35
C ARG F 771 34.89 58.60 4.86
N ARG F 772 33.72 58.24 5.37
CA ARG F 772 33.70 58.14 6.81
C ARG F 772 34.78 57.19 7.22
N ALA F 773 34.90 56.09 6.48
CA ALA F 773 35.80 55.02 6.91
C ALA F 773 37.19 55.54 6.85
N GLU F 774 37.43 56.23 5.75
CA GLU F 774 38.70 56.87 5.50
C GLU F 774 39.03 57.94 6.53
N GLY F 775 38.09 58.43 7.29
CA GLY F 775 38.46 59.49 8.21
C GLY F 775 38.51 60.83 7.50
N ARG F 776 38.12 60.87 6.24
CA ARG F 776 38.08 62.10 5.49
C ARG F 776 36.80 62.88 5.70
N ALA F 777 36.23 62.82 6.91
CA ALA F 777 34.99 63.52 7.28
C ALA F 777 33.84 62.53 7.34
N MET G 1 -29.21 62.63 -46.00
CA MET G 1 -30.56 63.08 -45.54
C MET G 1 -30.73 62.95 -44.01
N GLU G 2 -31.09 64.06 -43.36
CA GLU G 2 -31.26 64.11 -41.89
C GLU G 2 -32.73 64.17 -41.41
N ILE G 3 -33.09 63.37 -40.41
CA ILE G 3 -34.43 63.50 -39.81
C ILE G 3 -34.30 63.58 -38.32
N ALA G 4 -35.37 63.94 -37.65
CA ALA G 4 -35.32 64.03 -36.22
C ALA G 4 -36.50 63.33 -35.67
N PHE G 5 -36.37 62.90 -34.42
CA PHE G 5 -37.51 62.35 -33.71
C PHE G 5 -37.17 62.29 -32.30
N LEU G 6 -38.19 62.01 -31.51
CA LEU G 6 -38.06 62.03 -30.08
C LEU G 6 -37.91 60.58 -29.68
N LEU G 7 -36.86 60.24 -28.95
CA LEU G 7 -36.65 58.85 -28.59
C LEU G 7 -36.66 58.75 -27.11
N ASN G 8 -37.69 58.11 -26.60
CA ASN G 8 -37.87 57.96 -25.17
C ASN G 8 -37.63 59.29 -24.52
N GLY G 9 -38.15 60.36 -25.09
CA GLY G 9 -37.98 61.66 -24.47
C GLY G 9 -36.76 62.49 -24.84
N GLU G 10 -35.81 61.94 -25.54
CA GLU G 10 -34.61 62.69 -25.86
C GLU G 10 -34.76 63.08 -27.34
N THR G 11 -34.26 64.22 -27.77
CA THR G 11 -34.32 64.56 -29.20
C THR G 11 -33.17 63.90 -29.92
N ARG G 12 -33.44 63.24 -31.02
CA ARG G 12 -32.36 62.59 -31.77
C ARG G 12 -32.35 62.97 -33.23
N ARG G 13 -31.17 63.29 -33.78
CA ARG G 13 -31.11 63.69 -35.18
C ARG G 13 -30.30 62.65 -35.82
N VAL G 14 -30.76 62.10 -36.93
CA VAL G 14 -29.97 61.02 -37.56
C VAL G 14 -29.65 61.17 -39.06
N ARG G 15 -28.49 60.68 -39.46
CA ARG G 15 -28.14 60.77 -40.86
C ARG G 15 -28.59 59.52 -41.54
N ILE G 16 -29.65 59.57 -42.32
CA ILE G 16 -30.06 58.38 -43.07
C ILE G 16 -29.17 58.06 -44.30
N GLU G 17 -28.46 56.94 -44.32
CA GLU G 17 -27.75 56.65 -45.56
C GLU G 17 -28.38 55.45 -46.25
N ASP G 18 -29.01 54.55 -45.48
CA ASP G 18 -29.83 53.53 -46.13
C ASP G 18 -31.21 53.69 -45.57
N PRO G 19 -32.10 54.16 -46.41
CA PRO G 19 -33.44 54.55 -46.00
C PRO G 19 -34.26 53.31 -45.99
N THR G 20 -33.63 52.19 -46.17
CA THR G 20 -34.46 51.09 -46.11
C THR G 20 -34.32 50.28 -44.82
N GLN G 21 -33.36 50.67 -43.99
CA GLN G 21 -33.10 50.09 -42.64
C GLN G 21 -34.35 50.09 -41.82
N SER G 22 -34.68 48.97 -41.22
CA SER G 22 -35.89 48.92 -40.41
C SER G 22 -35.58 49.55 -39.06
N LEU G 23 -36.68 49.97 -38.42
CA LEU G 23 -36.64 50.57 -37.11
C LEU G 23 -36.03 49.56 -36.16
N LEU G 24 -36.58 48.36 -36.21
CA LEU G 24 -35.97 47.34 -35.42
C LEU G 24 -34.39 47.31 -35.49
N GLU G 25 -33.78 47.38 -36.67
CA GLU G 25 -32.31 47.38 -36.64
C GLU G 25 -31.66 48.65 -36.00
N LEU G 26 -31.96 49.89 -36.45
CA LEU G 26 -31.29 51.10 -35.84
C LEU G 26 -31.35 50.84 -34.32
N LEU G 27 -32.49 50.39 -33.78
CA LEU G 27 -32.55 50.31 -32.34
C LEU G 27 -31.45 49.41 -31.77
N ARG G 28 -31.44 48.18 -32.25
CA ARG G 28 -30.53 47.26 -31.69
C ARG G 28 -29.16 47.71 -31.99
N ALA G 29 -28.93 48.36 -33.10
CA ALA G 29 -27.53 48.74 -33.24
C ALA G 29 -27.23 49.90 -32.28
N GLU G 30 -28.26 50.46 -31.68
CA GLU G 30 -27.95 51.63 -30.88
C GLU G 30 -27.74 51.09 -29.52
N GLY G 31 -27.99 49.82 -29.38
CA GLY G 31 -27.81 49.25 -28.08
C GLY G 31 -29.11 49.18 -27.33
N LEU G 32 -30.24 49.66 -27.90
CA LEU G 32 -31.50 49.58 -27.12
C LEU G 32 -32.14 48.23 -27.29
N THR G 33 -31.40 47.30 -26.75
CA THR G 33 -31.50 45.87 -26.84
C THR G 33 -32.84 45.29 -26.47
N GLY G 34 -33.67 46.11 -25.85
CA GLY G 34 -34.87 45.62 -25.24
C GLY G 34 -35.98 45.19 -26.16
N THR G 35 -36.00 45.81 -27.32
CA THR G 35 -36.95 45.48 -28.37
C THR G 35 -36.40 44.23 -29.01
N LYS G 36 -37.10 43.09 -28.87
CA LYS G 36 -36.67 41.84 -29.46
C LYS G 36 -37.03 41.65 -30.94
N GLU G 37 -36.30 40.80 -31.69
CA GLU G 37 -36.71 40.33 -33.06
C GLU G 37 -37.15 38.88 -32.88
N GLY G 38 -38.37 38.54 -33.27
CA GLY G 38 -38.92 37.20 -33.10
C GLY G 38 -39.41 36.63 -34.44
N CYS G 39 -39.60 37.44 -35.49
CA CYS G 39 -39.85 36.81 -36.78
C CYS G 39 -39.38 37.65 -37.86
N ASN G 40 -39.46 38.94 -37.66
CA ASN G 40 -38.96 39.86 -38.67
C ASN G 40 -39.90 39.82 -39.82
N GLU G 41 -41.10 39.31 -39.55
CA GLU G 41 -42.08 39.23 -40.63
C GLU G 41 -43.44 39.90 -40.35
N GLY G 42 -43.55 40.69 -39.26
CA GLY G 42 -44.78 41.32 -38.85
C GLY G 42 -45.76 40.52 -37.99
N ASP G 43 -45.63 39.19 -37.94
CA ASP G 43 -46.52 38.36 -37.20
C ASP G 43 -46.37 38.23 -35.70
N CYS G 44 -45.23 38.55 -35.03
CA CYS G 44 -45.27 38.14 -33.58
C CYS G 44 -45.46 39.21 -32.51
N GLY G 45 -45.11 40.45 -32.83
CA GLY G 45 -45.34 41.55 -31.91
C GLY G 45 -44.11 41.80 -31.07
N ALA G 46 -43.27 40.80 -31.04
CA ALA G 46 -42.13 40.95 -30.21
C ALA G 46 -41.29 42.22 -30.49
N CYS G 47 -41.52 42.95 -31.57
CA CYS G 47 -40.72 44.16 -31.80
C CYS G 47 -41.59 45.37 -31.65
N THR G 48 -42.67 45.24 -30.92
CA THR G 48 -43.65 46.26 -30.90
C THR G 48 -43.13 47.50 -30.32
N VAL G 49 -43.31 48.63 -30.95
CA VAL G 49 -42.88 49.83 -30.27
C VAL G 49 -44.00 50.86 -30.33
N MET G 50 -43.93 51.90 -29.50
CA MET G 50 -44.98 52.96 -29.50
C MET G 50 -44.59 54.25 -30.21
N ILE G 51 -45.34 54.64 -31.27
CA ILE G 51 -45.09 55.98 -31.86
C ILE G 51 -46.22 56.95 -31.56
N ARG G 52 -45.93 58.24 -31.71
CA ARG G 52 -46.90 59.28 -31.43
C ARG G 52 -46.64 60.48 -32.27
N ASP G 53 -47.75 61.17 -32.57
CA ASP G 53 -47.75 62.32 -33.43
C ASP G 53 -49.11 62.93 -33.26
N ALA G 54 -49.45 63.93 -34.07
CA ALA G 54 -50.72 64.58 -33.77
C ALA G 54 -51.93 63.64 -33.83
N ALA G 55 -51.92 62.62 -34.68
CA ALA G 55 -53.06 61.70 -34.70
C ALA G 55 -53.21 61.03 -33.34
N GLY G 56 -52.16 61.06 -32.56
CA GLY G 56 -52.17 60.37 -31.29
C GLY G 56 -51.03 59.35 -31.20
N SER G 57 -51.23 58.34 -30.38
CA SER G 57 -50.20 57.35 -30.25
C SER G 57 -50.73 55.95 -30.49
N ARG G 58 -49.93 55.12 -31.12
CA ARG G 58 -50.34 53.74 -31.37
C ARG G 58 -49.15 52.85 -31.24
N ALA G 59 -49.43 51.56 -31.33
CA ALA G 59 -48.44 50.55 -31.18
C ALA G 59 -48.15 49.97 -32.53
N VAL G 60 -46.91 49.81 -32.96
CA VAL G 60 -46.71 49.26 -34.29
C VAL G 60 -45.48 48.39 -34.30
N ASN G 61 -45.29 47.51 -35.30
CA ASN G 61 -44.15 46.60 -35.21
C ASN G 61 -42.92 47.21 -35.77
N ALA G 62 -41.86 47.21 -35.02
CA ALA G 62 -40.71 47.92 -35.49
C ALA G 62 -40.02 47.19 -36.62
N CYS G 63 -40.33 45.90 -36.79
CA CYS G 63 -39.70 45.17 -37.84
C CYS G 63 -40.19 45.49 -39.24
N LEU G 64 -41.44 45.95 -39.35
CA LEU G 64 -42.01 46.47 -40.62
C LEU G 64 -41.71 47.90 -40.96
N MET G 65 -41.26 48.71 -39.99
CA MET G 65 -41.28 50.15 -40.24
C MET G 65 -39.94 50.77 -40.46
N MET G 66 -39.69 51.41 -41.58
CA MET G 66 -38.32 51.90 -41.80
C MET G 66 -38.13 53.34 -41.34
N LEU G 67 -36.88 53.75 -41.12
CA LEU G 67 -36.58 55.04 -40.48
C LEU G 67 -37.36 56.20 -40.95
N PRO G 68 -37.16 56.58 -42.19
CA PRO G 68 -37.84 57.73 -42.74
C PRO G 68 -39.25 57.84 -42.20
N GLN G 69 -39.89 56.72 -41.92
CA GLN G 69 -41.22 56.83 -41.43
C GLN G 69 -41.43 57.46 -40.06
N ILE G 70 -40.42 57.68 -39.27
CA ILE G 70 -40.78 58.28 -37.99
C ILE G 70 -40.33 59.66 -37.89
N ALA G 71 -39.93 60.29 -38.99
CA ALA G 71 -39.54 61.70 -38.86
C ALA G 71 -40.58 62.60 -38.15
N GLY G 72 -40.09 63.36 -37.19
CA GLY G 72 -40.97 64.27 -36.49
C GLY G 72 -41.94 63.55 -35.60
N LYS G 73 -41.72 62.27 -35.35
CA LYS G 73 -42.65 61.60 -34.47
C LYS G 73 -41.94 61.33 -33.16
N ALA G 74 -42.68 60.88 -32.17
CA ALA G 74 -42.02 60.63 -30.92
C ALA G 74 -42.14 59.16 -30.73
N LEU G 75 -41.00 58.57 -30.38
CA LEU G 75 -40.91 57.12 -30.30
C LEU G 75 -40.64 56.59 -28.91
N ARG G 76 -41.44 55.70 -28.43
CA ARG G 76 -41.12 55.22 -27.11
C ARG G 76 -40.86 53.73 -27.22
N THR G 77 -39.77 53.20 -26.68
CA THR G 77 -39.59 51.74 -26.72
C THR G 77 -39.71 51.19 -25.35
N ILE G 78 -39.56 49.89 -25.18
CA ILE G 78 -39.77 49.36 -23.83
C ILE G 78 -38.80 50.00 -22.87
N GLU G 79 -37.55 50.18 -23.22
CA GLU G 79 -36.68 50.79 -22.19
C GLU G 79 -37.12 52.18 -21.74
N GLY G 80 -37.99 52.82 -22.49
CA GLY G 80 -38.52 54.07 -22.03
C GLY G 80 -39.97 53.94 -21.60
N ILE G 81 -40.39 52.81 -21.08
CA ILE G 81 -41.77 52.79 -20.68
C ILE G 81 -41.91 53.15 -19.24
N ALA G 82 -40.81 53.13 -18.52
CA ALA G 82 -40.88 53.42 -17.13
C ALA G 82 -40.58 54.87 -17.06
N ALA G 83 -41.04 55.52 -15.99
CA ALA G 83 -40.69 56.91 -15.77
C ALA G 83 -39.20 57.08 -15.36
N PRO G 84 -38.63 58.19 -15.80
CA PRO G 84 -37.25 58.59 -15.52
C PRO G 84 -36.85 58.44 -14.08
N ASP G 85 -37.77 58.66 -13.14
CA ASP G 85 -37.34 58.43 -11.78
C ASP G 85 -37.09 56.97 -11.52
N GLY G 86 -37.49 56.09 -12.44
CA GLY G 86 -37.44 54.64 -12.20
C GLY G 86 -38.80 53.97 -11.83
N ARG G 87 -39.79 54.73 -11.42
CA ARG G 87 -41.11 54.18 -11.11
C ARG G 87 -41.63 53.25 -12.25
N LEU G 88 -42.17 52.07 -11.96
CA LEU G 88 -42.70 51.22 -13.07
C LEU G 88 -44.01 51.71 -13.57
N HIS G 89 -44.30 51.51 -14.86
CA HIS G 89 -45.60 51.93 -15.38
C HIS G 89 -46.66 50.91 -14.91
N PRO G 90 -47.83 51.43 -14.62
CA PRO G 90 -48.94 50.63 -14.19
C PRO G 90 -48.95 49.37 -14.89
N VAL G 91 -48.60 49.46 -16.16
CA VAL G 91 -48.58 48.22 -16.96
C VAL G 91 -47.60 47.12 -16.49
N GLN G 92 -46.36 47.50 -16.22
CA GLN G 92 -45.39 46.56 -15.78
C GLN G 92 -45.74 45.91 -14.44
N GLN G 93 -45.98 46.74 -13.40
CA GLN G 93 -46.31 46.14 -12.09
C GLN G 93 -47.41 45.04 -12.32
N ALA G 94 -48.35 45.46 -13.15
CA ALA G 94 -49.52 44.68 -13.28
C ALA G 94 -49.01 43.32 -13.82
N MET G 95 -48.06 43.42 -14.76
CA MET G 95 -47.50 42.27 -15.38
C MET G 95 -46.70 41.51 -14.29
N ILE G 96 -45.89 42.22 -13.50
CA ILE G 96 -45.25 41.44 -12.44
C ILE G 96 -46.28 40.85 -11.48
N ASP G 97 -47.27 41.63 -11.06
CA ASP G 97 -48.07 41.04 -9.96
C ASP G 97 -48.89 39.89 -10.49
N HIS G 98 -49.12 39.91 -11.82
CA HIS G 98 -49.97 38.91 -12.42
C HIS G 98 -49.29 37.76 -13.14
N HIS G 99 -47.96 37.76 -13.13
CA HIS G 99 -47.27 36.61 -13.69
C HIS G 99 -47.54 36.60 -15.22
N GLY G 100 -47.60 37.75 -15.81
CA GLY G 100 -47.75 37.64 -17.25
C GLY G 100 -46.44 37.40 -17.96
N SER G 101 -45.44 36.94 -17.22
CA SER G 101 -44.32 36.55 -18.00
C SER G 101 -43.76 35.22 -17.50
N GLN G 102 -43.24 34.41 -18.42
CA GLN G 102 -42.44 33.23 -18.05
C GLN G 102 -41.08 33.36 -18.78
N CYS G 103 -41.04 33.07 -20.06
CA CYS G 103 -39.73 33.06 -20.60
C CYS G 103 -39.22 34.51 -20.67
N GLY G 104 -40.15 35.42 -20.79
CA GLY G 104 -39.71 36.82 -20.79
C GLY G 104 -39.60 37.51 -22.11
N PHE G 105 -39.14 36.71 -23.09
CA PHE G 105 -38.94 37.18 -24.44
C PHE G 105 -40.06 37.98 -25.08
N CYS G 106 -41.31 37.53 -25.04
CA CYS G 106 -42.39 38.26 -25.64
C CYS G 106 -42.79 39.40 -24.84
N THR G 107 -42.08 39.67 -23.78
CA THR G 107 -42.57 40.65 -22.90
C THR G 107 -42.45 42.11 -23.21
N PRO G 108 -41.29 42.63 -23.60
CA PRO G 108 -41.19 44.08 -23.92
C PRO G 108 -42.29 44.43 -24.86
N GLY G 109 -42.61 43.53 -25.75
CA GLY G 109 -43.70 43.76 -26.67
C GLY G 109 -45.09 43.96 -26.09
N PHE G 110 -45.51 43.05 -25.25
CA PHE G 110 -46.81 43.23 -24.66
C PHE G 110 -46.81 44.55 -23.83
N ILE G 111 -45.72 44.79 -23.08
CA ILE G 111 -45.68 46.01 -22.35
C ILE G 111 -45.89 47.17 -23.29
N VAL G 112 -45.08 47.32 -24.34
CA VAL G 112 -45.40 48.42 -25.24
C VAL G 112 -46.88 48.35 -25.69
N SER G 113 -47.38 47.23 -26.14
CA SER G 113 -48.77 47.20 -26.58
C SER G 113 -49.68 47.51 -25.39
N MET G 114 -49.38 46.94 -24.26
CA MET G 114 -50.25 47.23 -23.14
C MET G 114 -50.19 48.73 -22.92
N ALA G 115 -49.00 49.28 -22.81
CA ALA G 115 -48.91 50.73 -22.55
C ALA G 115 -49.75 51.48 -23.59
N ALA G 116 -49.26 51.53 -24.81
CA ALA G 116 -49.99 52.33 -25.70
C ALA G 116 -51.52 52.10 -25.48
N ALA G 117 -52.02 50.91 -25.21
CA ALA G 117 -53.46 50.93 -25.11
C ALA G 117 -53.79 51.77 -23.89
N HIS G 118 -53.02 51.63 -22.82
CA HIS G 118 -53.36 52.40 -21.66
C HIS G 118 -53.50 53.86 -22.11
N ASP G 119 -52.42 54.46 -22.56
CA ASP G 119 -52.42 55.85 -23.01
C ASP G 119 -53.71 56.36 -23.66
N ARG G 120 -54.50 55.49 -24.28
CA ARG G 120 -55.70 55.97 -24.95
C ARG G 120 -56.83 55.23 -24.35
N ASP G 121 -56.64 54.78 -23.15
CA ASP G 121 -57.72 54.07 -22.51
C ASP G 121 -58.44 53.14 -23.49
N ARG G 122 -57.72 52.37 -24.28
CA ARG G 122 -58.41 51.44 -25.13
C ARG G 122 -58.45 50.18 -24.30
N LYS G 123 -59.56 49.42 -24.41
CA LYS G 123 -59.76 48.22 -23.61
C LYS G 123 -60.13 46.91 -24.36
N ASP G 124 -60.09 46.94 -25.71
CA ASP G 124 -60.39 45.75 -26.50
C ASP G 124 -59.06 44.91 -26.67
N TYR G 125 -58.75 44.21 -25.56
CA TYR G 125 -57.55 43.42 -25.37
C TYR G 125 -57.37 42.40 -26.49
N ASP G 126 -58.33 41.46 -26.58
CA ASP G 126 -58.27 40.46 -27.62
C ASP G 126 -57.89 41.13 -28.94
N ASP G 127 -58.60 42.15 -29.32
CA ASP G 127 -58.17 42.70 -30.56
C ASP G 127 -56.85 43.49 -30.37
N LEU G 128 -56.62 44.20 -29.26
CA LEU G 128 -55.36 44.98 -29.20
C LEU G 128 -54.10 44.10 -29.14
N LEU G 129 -54.22 42.88 -28.64
CA LEU G 129 -53.00 42.13 -28.48
C LEU G 129 -52.94 41.00 -29.44
N ALA G 130 -53.88 40.97 -30.36
CA ALA G 130 -53.85 39.81 -31.24
C ALA G 130 -52.41 39.67 -31.83
N GLY G 131 -51.80 40.81 -32.03
CA GLY G 131 -50.49 40.86 -32.62
C GLY G 131 -49.33 40.50 -31.73
N ASN G 132 -49.60 39.93 -30.55
CA ASN G 132 -48.44 39.64 -29.68
C ASN G 132 -48.52 38.16 -29.38
N LEU G 133 -47.63 37.30 -29.89
CA LEU G 133 -47.94 35.96 -29.52
C LEU G 133 -47.11 35.71 -28.33
N CYS G 134 -47.56 34.86 -27.39
CA CYS G 134 -46.66 34.39 -26.36
C CYS G 134 -46.97 32.89 -26.43
N ARG G 135 -45.92 32.06 -26.32
CA ARG G 135 -46.00 30.59 -26.39
C ARG G 135 -46.00 30.01 -24.96
N CYS G 136 -45.58 30.85 -24.00
CA CYS G 136 -45.34 30.50 -22.59
C CYS G 136 -46.58 30.46 -21.64
N THR G 137 -47.47 31.44 -21.70
CA THR G 137 -48.35 31.62 -20.57
C THR G 137 -49.78 31.40 -20.80
N GLY G 138 -50.26 31.36 -22.01
CA GLY G 138 -51.64 30.95 -22.05
C GLY G 138 -52.50 32.16 -22.11
N TYR G 139 -51.85 33.28 -21.98
CA TYR G 139 -52.57 34.49 -22.28
C TYR G 139 -53.40 35.01 -21.05
N ALA G 140 -54.11 34.10 -20.39
CA ALA G 140 -54.88 34.41 -19.21
C ALA G 140 -54.27 35.45 -18.27
N PRO G 141 -53.05 35.22 -17.84
CA PRO G 141 -52.50 36.03 -16.79
C PRO G 141 -52.34 37.31 -17.49
N ILE G 142 -52.10 37.30 -18.80
CA ILE G 142 -51.90 38.58 -19.39
C ILE G 142 -53.20 39.40 -19.33
N LEU G 143 -54.34 38.74 -19.47
CA LEU G 143 -55.54 39.52 -19.51
C LEU G 143 -55.71 40.16 -18.16
N ARG G 144 -55.76 39.34 -17.09
CA ARG G 144 -55.72 39.93 -15.77
C ARG G 144 -54.72 41.17 -15.72
N ALA G 145 -53.49 41.04 -16.15
CA ALA G 145 -52.72 42.27 -15.94
C ALA G 145 -53.37 43.43 -16.60
N ALA G 146 -53.88 43.22 -17.80
CA ALA G 146 -54.24 44.42 -18.53
C ALA G 146 -55.36 45.02 -17.77
N GLU G 147 -56.16 44.13 -17.24
CA GLU G 147 -57.36 44.54 -16.61
C GLU G 147 -57.02 45.30 -15.33
N ALA G 148 -56.16 44.67 -14.54
CA ALA G 148 -55.79 45.27 -13.29
C ALA G 148 -55.21 46.61 -13.49
N ALA G 149 -54.63 46.92 -14.63
CA ALA G 149 -53.93 48.19 -14.66
C ALA G 149 -54.80 49.28 -15.26
N ALA G 150 -55.95 48.87 -15.77
CA ALA G 150 -56.82 49.83 -16.43
C ALA G 150 -57.24 50.83 -15.37
N GLY G 151 -57.55 50.31 -14.17
CA GLY G 151 -57.92 51.14 -13.06
C GLY G 151 -56.75 51.97 -12.57
N GLU G 152 -56.02 52.62 -13.47
CA GLU G 152 -54.92 53.47 -13.04
C GLU G 152 -54.64 54.64 -13.94
N PRO G 153 -54.34 55.73 -13.30
CA PRO G 153 -54.10 56.98 -14.03
C PRO G 153 -52.98 56.77 -14.98
N PRO G 154 -53.26 57.13 -16.22
CA PRO G 154 -52.28 57.19 -17.34
C PRO G 154 -50.93 57.72 -16.91
N ALA G 155 -49.87 57.32 -17.59
CA ALA G 155 -48.56 57.79 -17.20
C ALA G 155 -48.39 59.23 -17.61
N ASP G 156 -48.07 60.11 -16.66
CA ASP G 156 -47.87 61.49 -17.06
C ASP G 156 -46.73 61.57 -18.04
N TRP G 157 -45.61 60.91 -17.75
CA TRP G 157 -44.38 61.05 -18.58
C TRP G 157 -44.52 60.63 -20.00
N LEU G 158 -45.43 59.70 -20.28
CA LEU G 158 -45.65 59.25 -21.65
C LEU G 158 -46.37 60.32 -22.45
N GLN G 159 -47.29 61.04 -21.80
CA GLN G 159 -48.06 62.04 -22.51
C GLN G 159 -47.24 63.26 -22.87
N ALA G 160 -46.30 63.64 -22.01
CA ALA G 160 -45.46 64.78 -22.30
C ALA G 160 -44.75 64.73 -23.68
N ASP G 161 -44.76 63.58 -24.33
CA ASP G 161 -44.21 63.56 -25.68
C ASP G 161 -45.09 64.32 -26.66
N ALA G 162 -46.38 64.48 -26.34
CA ALA G 162 -47.34 65.23 -27.17
C ALA G 162 -46.73 66.53 -27.67
N ALA G 163 -46.10 67.25 -26.76
CA ALA G 163 -45.44 68.50 -27.09
C ALA G 163 -44.34 68.41 -28.14
N PHE G 164 -44.28 67.37 -28.98
CA PHE G 164 -43.12 67.35 -29.88
C PHE G 164 -43.26 67.89 -31.31
N THR G 165 -42.13 68.48 -31.77
CA THR G 165 -41.88 69.21 -33.04
C THR G 165 -42.77 70.42 -33.17
N LEU G 166 -43.11 70.96 -32.02
CA LEU G 166 -44.05 72.06 -32.00
C LEU G 166 -43.58 73.11 -30.98
N PRO G 179 -32.04 61.98 -50.91
CA PRO G 179 -31.82 60.56 -51.25
C PRO G 179 -32.69 59.59 -50.50
N ALA G 180 -33.83 59.37 -51.18
CA ALA G 180 -35.04 58.64 -50.81
C ALA G 180 -36.12 59.73 -50.65
N PHE G 181 -37.18 59.62 -51.44
CA PHE G 181 -38.13 60.74 -51.61
C PHE G 181 -39.31 60.83 -50.65
N LEU G 182 -39.51 62.03 -50.10
CA LEU G 182 -40.56 62.24 -49.10
C LEU G 182 -41.58 63.33 -49.44
N PRO G 183 -42.47 63.03 -50.35
CA PRO G 183 -43.47 63.99 -50.79
C PRO G 183 -44.31 64.42 -49.62
N GLU G 184 -44.70 65.70 -49.60
CA GLU G 184 -45.63 66.23 -48.60
C GLU G 184 -47.04 66.38 -49.15
N THR G 185 -47.16 66.53 -50.49
CA THR G 185 -48.44 66.74 -51.21
C THR G 185 -48.67 65.76 -52.38
N SER G 186 -49.92 65.37 -52.59
CA SER G 186 -50.15 64.45 -53.69
C SER G 186 -49.53 65.00 -54.97
N ASP G 187 -49.49 66.32 -55.12
CA ASP G 187 -48.94 66.92 -56.34
C ASP G 187 -47.45 66.57 -56.53
N ALA G 188 -46.70 66.92 -55.49
CA ALA G 188 -45.28 66.74 -55.56
C ALA G 188 -45.13 65.27 -55.86
N LEU G 189 -46.03 64.45 -55.35
CA LEU G 189 -45.88 63.03 -55.57
C LEU G 189 -45.99 62.70 -57.04
N ALA G 190 -47.17 62.98 -57.57
CA ALA G 190 -47.44 62.72 -58.97
C ALA G 190 -46.33 63.26 -59.87
N ASP G 191 -45.91 64.50 -59.62
CA ASP G 191 -44.82 65.06 -60.41
C ASP G 191 -43.65 64.05 -60.52
N TRP G 192 -43.02 63.82 -59.36
CA TRP G 192 -41.80 63.01 -59.24
C TRP G 192 -41.97 61.58 -59.70
N TYR G 193 -43.15 60.99 -59.42
CA TYR G 193 -43.35 59.60 -59.78
C TYR G 193 -43.24 59.60 -61.29
N LEU G 194 -44.02 60.48 -61.89
CA LEU G 194 -43.98 60.65 -63.33
C LEU G 194 -42.58 60.67 -63.91
N ALA G 195 -41.60 61.23 -63.21
CA ALA G 195 -40.25 61.19 -63.75
C ALA G 195 -39.56 59.89 -63.37
N HIS G 196 -40.04 59.19 -62.36
CA HIS G 196 -39.36 57.95 -61.95
C HIS G 196 -40.38 56.84 -61.88
N PRO G 197 -40.83 56.44 -63.04
CA PRO G 197 -41.85 55.41 -63.13
C PRO G 197 -41.33 54.18 -62.42
N GLU G 198 -40.02 54.00 -62.39
CA GLU G 198 -39.53 52.72 -61.89
C GLU G 198 -39.31 52.65 -60.40
N ALA G 199 -39.36 53.80 -59.75
CA ALA G 199 -39.21 53.93 -58.31
C ALA G 199 -40.01 52.90 -57.55
N THR G 200 -39.63 52.68 -56.28
CA THR G 200 -40.39 51.77 -55.43
C THR G 200 -41.15 52.58 -54.41
N LEU G 201 -42.48 52.51 -54.50
CA LEU G 201 -43.33 53.34 -53.65
C LEU G 201 -43.60 52.61 -52.38
N ILE G 202 -43.28 53.20 -51.23
CA ILE G 202 -43.55 52.59 -49.92
C ILE G 202 -44.54 53.37 -49.06
N ALA G 203 -45.64 52.71 -48.69
CA ALA G 203 -46.60 53.44 -47.88
C ALA G 203 -46.40 53.01 -46.49
N GLY G 204 -47.21 51.99 -46.15
CA GLY G 204 -47.14 51.35 -44.86
C GLY G 204 -45.82 50.59 -44.85
N GLY G 205 -45.52 49.97 -45.97
CA GLY G 205 -44.33 49.16 -46.03
C GLY G 205 -44.54 47.78 -45.40
N THR G 206 -45.79 47.39 -45.15
CA THR G 206 -45.99 46.13 -44.50
C THR G 206 -45.99 44.98 -45.43
N ASP G 207 -45.96 45.21 -46.74
CA ASP G 207 -45.75 44.08 -47.66
C ASP G 207 -44.32 44.36 -48.16
N VAL G 208 -43.94 45.61 -48.40
CA VAL G 208 -42.64 45.91 -48.98
C VAL G 208 -41.42 45.51 -48.19
N SER G 209 -41.48 45.61 -46.86
CA SER G 209 -40.28 45.26 -46.08
C SER G 209 -39.93 43.77 -46.18
N LEU G 210 -40.94 42.88 -46.26
CA LEU G 210 -40.57 41.46 -46.52
C LEU G 210 -39.63 41.30 -47.76
N TRP G 211 -39.68 42.22 -48.68
CA TRP G 211 -38.80 42.02 -49.76
C TRP G 211 -37.39 42.22 -49.22
N VAL G 212 -37.24 43.12 -48.27
CA VAL G 212 -35.90 43.36 -47.80
C VAL G 212 -35.45 42.38 -46.72
N THR G 213 -36.34 42.08 -45.78
CA THR G 213 -35.95 41.17 -44.71
C THR G 213 -35.98 39.72 -45.09
N LYS G 214 -36.89 39.32 -45.95
CA LYS G 214 -36.96 37.90 -46.29
C LYS G 214 -36.43 37.52 -47.63
N ALA G 215 -36.73 38.33 -48.65
CA ALA G 215 -36.19 38.02 -49.96
C ALA G 215 -34.86 38.73 -50.07
N LEU G 216 -34.49 39.41 -48.99
CA LEU G 216 -33.15 39.98 -48.93
C LEU G 216 -32.92 40.78 -50.16
N ARG G 217 -33.97 41.42 -50.62
CA ARG G 217 -33.85 42.21 -51.83
C ARG G 217 -33.25 43.59 -51.49
N ASP G 218 -33.11 44.44 -52.49
CA ASP G 218 -32.46 45.73 -52.25
C ASP G 218 -33.10 46.71 -53.19
N LEU G 219 -33.67 47.79 -52.68
CA LEU G 219 -34.46 48.68 -53.52
C LEU G 219 -33.85 50.02 -53.61
N PRO G 220 -33.52 50.44 -54.79
CA PRO G 220 -32.99 51.80 -54.94
C PRO G 220 -34.16 52.60 -55.49
N GLU G 221 -34.07 53.92 -55.51
CA GLU G 221 -35.16 54.70 -56.07
C GLU G 221 -36.38 54.31 -55.25
N VAL G 222 -36.52 55.03 -54.13
CA VAL G 222 -37.59 54.82 -53.16
C VAL G 222 -38.31 56.07 -52.69
N ALA G 223 -39.61 55.97 -52.51
CA ALA G 223 -40.33 57.12 -51.98
C ALA G 223 -41.33 56.72 -50.86
N PHE G 224 -41.43 57.55 -49.82
CA PHE G 224 -42.34 57.19 -48.73
C PHE G 224 -43.61 57.97 -48.76
N LEU G 225 -44.72 57.33 -49.01
CA LEU G 225 -45.93 58.15 -49.02
C LEU G 225 -46.48 58.64 -47.70
N SER G 226 -46.10 58.08 -46.57
CA SER G 226 -46.87 58.37 -45.37
C SER G 226 -46.80 59.81 -44.89
N HIS G 227 -46.04 60.66 -45.57
CA HIS G 227 -46.13 62.06 -45.18
C HIS G 227 -46.98 62.94 -46.13
N CYS G 228 -48.02 62.40 -46.76
CA CYS G 228 -48.86 63.26 -47.60
C CYS G 228 -50.20 63.34 -46.97
N LYS G 229 -50.34 64.29 -46.07
CA LYS G 229 -51.58 64.38 -45.35
C LYS G 229 -52.71 64.26 -46.33
N ASP G 230 -52.59 64.99 -47.47
CA ASP G 230 -53.65 65.10 -48.50
C ASP G 230 -53.95 63.84 -49.23
N LEU G 231 -53.12 62.83 -49.02
CA LEU G 231 -53.33 61.54 -49.63
C LEU G 231 -54.03 60.60 -48.66
N ALA G 232 -54.19 61.06 -47.41
CA ALA G 232 -54.76 60.18 -46.39
C ALA G 232 -55.99 60.75 -45.74
N GLN G 233 -56.89 61.24 -46.58
CA GLN G 233 -58.08 61.90 -46.08
C GLN G 233 -59.29 61.08 -46.31
N ILE G 234 -60.29 61.24 -45.46
CA ILE G 234 -61.58 60.66 -45.73
C ILE G 234 -62.52 61.83 -46.03
N ARG G 235 -63.00 61.91 -47.26
CA ARG G 235 -63.90 63.00 -47.61
C ARG G 235 -65.34 62.54 -47.88
N GLU G 236 -66.29 63.25 -47.28
CA GLU G 236 -67.71 62.99 -47.58
C GLU G 236 -68.04 63.61 -48.93
N THR G 237 -68.62 62.81 -49.81
CA THR G 237 -68.98 63.29 -51.15
C THR G 237 -70.48 63.24 -51.34
N PRO G 238 -70.92 63.88 -52.41
CA PRO G 238 -72.35 63.94 -52.75
C PRO G 238 -72.86 62.51 -52.89
N ASP G 239 -72.01 61.66 -53.47
CA ASP G 239 -72.43 60.30 -53.81
C ASP G 239 -71.46 59.26 -53.27
N GLY G 240 -71.35 59.25 -51.93
CA GLY G 240 -70.49 58.31 -51.23
C GLY G 240 -69.29 58.89 -50.50
N TYR G 241 -68.31 58.06 -50.18
CA TYR G 241 -67.15 58.52 -49.43
C TYR G 241 -65.84 58.31 -50.18
N GLY G 242 -64.94 59.27 -50.03
CA GLY G 242 -63.72 59.31 -50.79
C GLY G 242 -62.57 59.04 -49.87
N ILE G 243 -61.98 57.89 -50.14
CA ILE G 243 -60.93 57.39 -49.33
C ILE G 243 -59.67 57.41 -50.07
N GLY G 244 -58.75 58.19 -49.49
CA GLY G 244 -57.37 58.35 -49.95
C GLY G 244 -56.58 57.07 -49.78
N ALA G 245 -55.67 56.87 -50.70
CA ALA G 245 -54.97 55.62 -50.75
C ALA G 245 -54.09 55.46 -49.51
N GLY G 246 -53.70 56.59 -48.93
CA GLY G 246 -52.76 56.52 -47.82
C GLY G 246 -53.47 56.49 -46.50
N VAL G 247 -54.73 56.08 -46.51
CA VAL G 247 -55.53 55.99 -45.33
C VAL G 247 -55.26 54.66 -44.70
N THR G 248 -54.95 54.61 -43.41
CA THR G 248 -54.70 53.29 -42.77
C THR G 248 -55.93 52.40 -42.53
N ILE G 249 -55.69 51.10 -42.61
CA ILE G 249 -56.76 50.15 -42.44
C ILE G 249 -57.37 50.48 -41.13
N ALA G 250 -56.53 50.67 -40.14
CA ALA G 250 -57.03 50.98 -38.83
C ALA G 250 -58.08 52.09 -38.99
N ALA G 251 -57.62 53.16 -39.62
CA ALA G 251 -58.47 54.32 -39.75
C ALA G 251 -59.78 53.89 -40.46
N LEU G 252 -59.62 53.21 -41.59
CA LEU G 252 -60.74 52.83 -42.38
C LEU G 252 -61.59 52.02 -41.50
N ARG G 253 -61.01 51.37 -40.52
CA ARG G 253 -61.93 50.52 -39.83
C ARG G 253 -62.81 51.40 -39.02
N ALA G 254 -62.21 52.45 -38.51
CA ALA G 254 -62.91 53.27 -37.51
C ALA G 254 -64.07 53.93 -38.22
N PHE G 255 -63.77 54.45 -39.39
CA PHE G 255 -64.76 55.15 -40.15
C PHE G 255 -65.83 54.23 -40.52
N ALA G 256 -65.50 53.02 -40.92
CA ALA G 256 -66.56 52.12 -41.35
C ALA G 256 -67.51 51.63 -40.27
N GLU G 257 -67.18 51.98 -39.03
CA GLU G 257 -67.94 51.39 -37.93
C GLU G 257 -69.40 51.79 -37.98
N GLY G 258 -69.62 53.03 -38.43
CA GLY G 258 -70.97 53.55 -38.61
C GLY G 258 -71.65 53.03 -39.87
N PRO G 259 -71.26 53.61 -40.99
CA PRO G 259 -71.86 53.31 -42.30
C PRO G 259 -71.50 51.94 -42.94
N HIS G 260 -70.44 51.28 -42.50
CA HIS G 260 -70.26 49.98 -43.13
C HIS G 260 -69.83 48.90 -42.14
N PRO G 261 -70.68 48.68 -41.16
CA PRO G 261 -70.31 47.76 -40.10
C PRO G 261 -69.72 46.52 -40.74
N ALA G 262 -70.31 46.03 -41.77
CA ALA G 262 -69.79 44.83 -42.31
C ALA G 262 -68.31 45.05 -42.62
N LEU G 263 -68.01 46.03 -43.48
CA LEU G 263 -66.59 46.29 -43.77
C LEU G 263 -65.80 46.40 -42.49
N ALA G 264 -66.35 47.03 -41.46
CA ALA G 264 -65.62 47.12 -40.21
C ALA G 264 -65.34 45.72 -39.64
N GLY G 265 -66.41 45.01 -39.40
CA GLY G 265 -66.25 43.63 -38.95
C GLY G 265 -65.08 42.91 -39.64
N LEU G 266 -65.00 43.05 -40.97
CA LEU G 266 -63.95 42.38 -41.70
C LEU G 266 -62.57 42.98 -41.28
N LEU G 267 -62.37 44.26 -41.47
CA LEU G 267 -61.09 44.73 -41.09
C LEU G 267 -60.73 44.31 -39.62
N ARG G 268 -61.71 43.92 -38.84
CA ARG G 268 -61.31 43.62 -37.49
C ARG G 268 -60.19 42.58 -37.53
N ARG G 269 -60.33 41.61 -38.45
CA ARG G 269 -59.39 40.48 -38.64
C ARG G 269 -58.50 40.65 -39.86
N PHE G 270 -58.04 41.85 -40.08
CA PHE G 270 -57.14 42.10 -41.21
C PHE G 270 -55.88 42.36 -40.46
N ALA G 271 -54.91 41.46 -40.62
CA ALA G 271 -53.70 41.50 -39.83
C ALA G 271 -54.10 41.67 -38.36
N SER G 272 -53.39 42.63 -37.72
CA SER G 272 -53.45 42.88 -36.29
C SER G 272 -53.48 44.37 -36.09
N GLU G 273 -53.84 44.83 -34.90
CA GLU G 273 -53.77 46.24 -34.67
C GLU G 273 -52.34 46.70 -35.03
N GLN G 274 -51.28 46.07 -34.54
CA GLN G 274 -49.98 46.62 -34.98
C GLN G 274 -49.73 46.76 -36.50
N VAL G 275 -50.51 46.11 -37.36
CA VAL G 275 -50.25 46.30 -38.80
C VAL G 275 -51.26 47.27 -39.33
N ARG G 276 -52.46 47.07 -38.83
CA ARG G 276 -53.56 47.92 -39.17
C ARG G 276 -53.13 49.37 -38.94
N GLN G 277 -52.36 49.65 -37.92
CA GLN G 277 -52.12 51.04 -37.69
C GLN G 277 -51.24 51.68 -38.71
N VAL G 278 -50.64 50.92 -39.62
CA VAL G 278 -49.86 51.67 -40.63
C VAL G 278 -50.03 51.12 -41.99
N ALA G 279 -50.74 50.00 -42.10
CA ALA G 279 -51.04 49.43 -43.43
C ALA G 279 -51.99 50.30 -44.21
N THR G 280 -51.82 50.46 -45.50
CA THR G 280 -52.83 51.31 -46.13
C THR G 280 -53.71 50.63 -47.20
N ILE G 281 -54.95 51.06 -47.23
CA ILE G 281 -55.86 50.58 -48.25
C ILE G 281 -55.24 50.78 -49.59
N GLY G 282 -54.64 51.93 -49.82
CA GLY G 282 -54.02 52.11 -51.11
C GLY G 282 -53.27 50.83 -51.42
N GLY G 283 -52.28 50.62 -50.53
CA GLY G 283 -51.32 49.54 -50.61
C GLY G 283 -52.03 48.23 -50.64
N ASN G 284 -52.99 48.09 -49.77
CA ASN G 284 -53.57 46.79 -49.83
C ASN G 284 -53.93 46.50 -51.24
N ILE G 285 -54.42 47.55 -51.93
CA ILE G 285 -54.90 47.42 -53.29
C ILE G 285 -53.78 47.30 -54.27
N ALA G 286 -52.86 48.26 -54.22
CA ALA G 286 -51.69 48.29 -55.12
C ALA G 286 -50.84 47.01 -55.08
N ASN G 287 -50.81 46.35 -53.93
CA ASN G 287 -50.03 45.15 -53.83
C ASN G 287 -50.63 44.18 -54.81
N GLY G 288 -51.95 44.22 -54.89
CA GLY G 288 -52.65 43.38 -55.80
C GLY G 288 -52.64 41.89 -55.54
N SER G 289 -52.62 41.44 -54.28
CA SER G 289 -52.70 39.99 -54.06
C SER G 289 -54.14 39.50 -54.13
N PRO G 290 -54.35 38.30 -54.60
CA PRO G 290 -55.68 37.69 -54.66
C PRO G 290 -56.09 37.30 -53.29
N ILE G 291 -55.24 37.59 -52.30
CA ILE G 291 -55.68 37.29 -50.96
C ILE G 291 -55.90 38.56 -50.20
N GLY G 292 -55.60 39.68 -50.79
CA GLY G 292 -55.97 40.85 -50.05
C GLY G 292 -57.41 40.70 -49.50
N ASP G 293 -57.72 41.36 -48.39
CA ASP G 293 -59.07 41.28 -47.89
C ASP G 293 -59.82 42.58 -48.21
N GLY G 294 -59.10 43.63 -48.55
CA GLY G 294 -59.82 44.81 -48.94
C GLY G 294 -60.68 44.53 -50.20
N PRO G 295 -59.99 44.30 -51.31
CA PRO G 295 -60.63 44.25 -52.61
C PRO G 295 -61.91 43.51 -52.65
N PRO G 296 -61.99 42.33 -52.10
CA PRO G 296 -63.26 41.61 -52.16
C PRO G 296 -64.32 42.43 -51.46
N ALA G 297 -64.12 42.77 -50.23
CA ALA G 297 -65.22 43.50 -49.67
C ALA G 297 -65.60 44.74 -50.54
N LEU G 298 -64.67 45.58 -50.89
CA LEU G 298 -65.05 46.77 -51.61
C LEU G 298 -65.76 46.39 -52.91
N ILE G 299 -65.14 45.56 -53.73
CA ILE G 299 -65.83 45.10 -54.91
C ILE G 299 -67.26 44.76 -54.53
N ALA G 300 -67.46 43.76 -53.70
CA ALA G 300 -68.84 43.43 -53.40
C ALA G 300 -69.68 44.68 -53.11
N MET G 301 -69.18 45.66 -52.36
CA MET G 301 -70.05 46.78 -52.10
C MET G 301 -69.89 47.76 -53.21
N GLY G 302 -69.36 47.28 -54.34
CA GLY G 302 -69.16 48.06 -55.55
C GLY G 302 -68.60 49.45 -55.37
N ALA G 303 -67.38 49.53 -54.92
CA ALA G 303 -66.75 50.84 -54.78
C ALA G 303 -66.08 51.15 -56.10
N SER G 304 -65.35 52.23 -56.16
CA SER G 304 -64.69 52.52 -57.41
C SER G 304 -63.34 53.00 -57.02
N LEU G 305 -62.38 52.79 -57.90
CA LEU G 305 -61.00 53.10 -57.58
C LEU G 305 -60.55 54.23 -58.50
N THR G 306 -59.67 55.11 -58.02
CA THR G 306 -59.20 56.24 -58.84
C THR G 306 -57.68 56.24 -59.01
N LEU G 307 -57.16 56.18 -60.24
CA LEU G 307 -55.71 56.16 -60.39
C LEU G 307 -55.24 57.57 -60.62
N ARG G 308 -53.95 57.81 -60.83
CA ARG G 308 -53.54 59.17 -61.17
C ARG G 308 -52.14 59.25 -61.76
N ARG G 309 -51.96 60.11 -62.76
CA ARG G 309 -50.64 60.19 -63.41
C ARG G 309 -50.39 61.62 -63.74
N GLY G 310 -49.42 62.28 -63.09
CA GLY G 310 -49.17 63.71 -63.31
C GLY G 310 -50.36 64.57 -62.88
N GLN G 311 -51.23 64.93 -63.84
CA GLN G 311 -52.49 65.67 -63.54
C GLN G 311 -53.70 64.86 -64.01
N GLU G 312 -53.47 63.87 -64.88
CA GLU G 312 -54.52 62.99 -65.45
C GLU G 312 -55.17 62.19 -64.34
N ARG G 313 -56.29 61.52 -64.63
CA ARG G 313 -57.01 60.80 -63.57
C ARG G 313 -58.03 59.77 -64.07
N ARG G 314 -57.65 58.51 -64.24
CA ARG G 314 -58.64 57.51 -64.68
C ARG G 314 -59.58 57.23 -63.58
N ARG G 315 -60.40 56.19 -63.71
CA ARG G 315 -61.35 55.93 -62.67
C ARG G 315 -62.27 54.77 -62.94
N MET G 316 -61.83 53.54 -62.71
CA MET G 316 -62.71 52.40 -62.96
C MET G 316 -63.35 51.81 -61.74
N PRO G 317 -64.27 50.90 -61.98
CA PRO G 317 -64.87 50.11 -60.91
C PRO G 317 -63.77 49.19 -60.39
N LEU G 318 -63.70 48.93 -59.07
CA LEU G 318 -62.55 48.23 -58.52
C LEU G 318 -62.19 46.92 -59.20
N GLU G 319 -63.05 45.93 -59.09
CA GLU G 319 -62.75 44.65 -59.72
C GLU G 319 -61.99 44.79 -61.05
N ASP G 320 -62.21 45.88 -61.75
CA ASP G 320 -61.65 46.01 -63.06
C ASP G 320 -60.19 46.29 -62.97
N PHE G 321 -59.68 46.56 -61.76
CA PHE G 321 -58.26 46.91 -61.65
C PHE G 321 -57.33 45.71 -61.71
N PHE G 322 -57.92 44.53 -61.52
CA PHE G 322 -57.20 43.27 -61.49
C PHE G 322 -57.31 42.39 -62.76
N LEU G 323 -56.31 42.43 -63.63
CA LEU G 323 -56.37 41.68 -64.87
C LEU G 323 -55.99 40.28 -64.62
N GLU G 324 -54.72 40.11 -64.25
CA GLU G 324 -54.22 38.76 -64.02
C GLU G 324 -53.40 38.68 -62.76
N TYR G 325 -53.36 37.46 -62.23
CA TYR G 325 -52.55 37.20 -61.08
C TYR G 325 -51.25 37.90 -61.30
N ARG G 326 -50.93 38.88 -60.48
CA ARG G 326 -49.61 39.46 -60.59
C ARG G 326 -49.60 40.47 -61.70
N LYS G 327 -50.72 41.13 -61.97
CA LYS G 327 -50.78 42.11 -63.06
C LYS G 327 -51.96 43.01 -62.93
N GLN G 328 -51.74 44.31 -62.94
CA GLN G 328 -52.87 45.23 -62.87
C GLN G 328 -52.92 46.35 -63.92
N ASP G 329 -54.08 47.00 -63.93
CA ASP G 329 -54.31 48.04 -64.92
C ASP G 329 -53.64 49.31 -64.45
N ARG G 330 -52.30 49.27 -64.41
CA ARG G 330 -51.53 50.40 -63.93
C ARG G 330 -50.51 50.86 -64.94
N ARG G 331 -50.55 52.12 -65.31
CA ARG G 331 -49.57 52.55 -66.27
C ARG G 331 -48.33 53.06 -65.57
N PRO G 332 -47.23 52.89 -66.25
CA PRO G 332 -45.96 53.55 -65.91
C PRO G 332 -46.23 54.93 -65.38
N GLY G 333 -45.78 55.22 -64.16
CA GLY G 333 -45.91 56.57 -63.60
C GLY G 333 -47.29 56.76 -62.98
N GLU G 334 -48.12 55.74 -63.16
CA GLU G 334 -49.47 55.87 -62.66
C GLU G 334 -49.46 55.40 -61.20
N PHE G 335 -50.24 56.05 -60.33
CA PHE G 335 -50.40 55.55 -58.98
C PHE G 335 -51.80 55.66 -58.38
N VAL G 336 -52.12 54.73 -57.49
CA VAL G 336 -53.45 54.67 -56.87
C VAL G 336 -53.65 55.84 -55.95
N GLU G 337 -54.73 56.61 -56.12
CA GLU G 337 -54.96 57.84 -55.33
C GLU G 337 -56.11 57.79 -54.40
N SER G 338 -57.05 56.93 -54.68
CA SER G 338 -58.12 56.86 -53.73
C SER G 338 -59.12 55.91 -54.23
N VAL G 339 -60.09 55.63 -53.37
CA VAL G 339 -61.21 54.82 -53.78
C VAL G 339 -62.44 55.49 -53.23
N THR G 340 -63.60 55.15 -53.80
CA THR G 340 -64.85 55.73 -53.37
C THR G 340 -65.91 54.73 -53.03
N LEU G 341 -66.51 54.91 -51.87
CA LEU G 341 -67.52 53.96 -51.43
C LEU G 341 -68.83 54.66 -51.39
N PRO G 342 -69.90 53.93 -51.66
CA PRO G 342 -71.25 54.46 -51.61
C PRO G 342 -71.52 54.95 -50.23
N LYS G 343 -72.55 55.76 -50.07
CA LYS G 343 -72.92 56.14 -48.71
C LYS G 343 -73.57 54.96 -47.99
N SER G 344 -74.03 53.94 -48.68
CA SER G 344 -74.58 52.82 -47.92
C SER G 344 -74.67 51.49 -48.68
N ALA G 345 -74.91 50.39 -47.94
CA ALA G 345 -74.97 49.05 -48.51
C ALA G 345 -75.34 48.01 -47.46
N PRO G 346 -76.51 48.14 -46.91
CA PRO G 346 -76.93 47.27 -45.83
C PRO G 346 -76.71 45.87 -46.25
N GLY G 347 -76.64 45.62 -47.55
CA GLY G 347 -76.65 44.22 -47.98
C GLY G 347 -75.35 43.48 -47.78
N LEU G 348 -74.30 44.28 -47.59
CA LEU G 348 -72.97 43.74 -47.46
C LEU G 348 -72.90 42.84 -46.33
N ARG G 349 -72.13 41.79 -46.51
CA ARG G 349 -71.78 40.88 -45.45
C ARG G 349 -70.32 40.40 -45.82
N CYS G 350 -69.39 40.33 -44.87
CA CYS G 350 -68.06 39.77 -45.25
C CYS G 350 -67.58 38.45 -44.55
N TYR G 351 -67.15 37.44 -45.28
CA TYR G 351 -66.67 36.25 -44.62
C TYR G 351 -65.15 36.01 -44.80
N LYS G 352 -64.49 35.87 -43.65
CA LYS G 352 -63.06 35.55 -43.59
C LYS G 352 -62.85 34.11 -43.07
N LEU G 353 -62.18 33.28 -43.86
CA LEU G 353 -61.94 31.87 -43.52
C LEU G 353 -60.43 31.64 -43.49
N SER G 354 -59.97 31.16 -42.33
CA SER G 354 -58.55 30.96 -42.13
C SER G 354 -58.27 29.83 -41.15
N LYS G 355 -57.00 29.54 -40.93
CA LYS G 355 -56.77 28.45 -40.04
C LYS G 355 -57.13 28.93 -38.67
N ARG G 356 -56.70 30.14 -38.40
CA ARG G 356 -56.90 30.68 -37.05
C ARG G 356 -57.68 31.98 -37.28
N PHE G 357 -58.59 32.33 -36.36
CA PHE G 357 -59.29 33.63 -36.50
C PHE G 357 -58.43 34.88 -36.61
N ASP G 358 -57.61 35.18 -35.61
CA ASP G 358 -56.90 36.46 -35.70
C ASP G 358 -55.56 36.41 -36.40
N GLN G 359 -55.22 37.57 -36.95
CA GLN G 359 -53.95 37.70 -37.65
C GLN G 359 -53.65 36.44 -38.45
N ASP G 360 -54.37 36.21 -39.56
CA ASP G 360 -54.21 35.04 -40.41
C ASP G 360 -54.52 35.42 -41.85
N ILE G 361 -53.92 34.70 -42.79
CA ILE G 361 -54.21 35.01 -44.16
C ILE G 361 -55.44 34.18 -44.57
N SER G 362 -56.26 34.67 -45.52
CA SER G 362 -57.61 34.06 -45.76
C SER G 362 -57.51 32.86 -46.63
N ALA G 363 -58.20 31.79 -46.25
CA ALA G 363 -58.19 30.61 -47.13
C ALA G 363 -58.94 31.06 -48.29
N VAL G 364 -60.05 31.69 -47.90
CA VAL G 364 -61.13 32.05 -48.77
C VAL G 364 -61.86 33.25 -48.15
N CYS G 365 -61.97 34.32 -48.92
CA CYS G 365 -62.67 35.46 -48.43
C CYS G 365 -64.00 35.66 -49.17
N GLY G 366 -65.12 35.53 -48.42
CA GLY G 366 -66.47 35.69 -48.97
C GLY G 366 -67.08 37.08 -48.75
N CYS G 367 -67.40 37.78 -49.82
CA CYS G 367 -68.04 39.08 -49.68
C CYS G 367 -69.34 39.13 -50.46
N LEU G 368 -70.46 39.22 -49.72
CA LEU G 368 -71.80 39.17 -50.33
C LEU G 368 -72.71 40.37 -50.08
N ASN G 369 -73.40 40.73 -51.16
CA ASN G 369 -74.23 41.92 -51.21
C ASN G 369 -75.44 41.72 -52.10
N LEU G 370 -76.60 41.46 -51.49
CA LEU G 370 -77.80 41.24 -52.28
C LEU G 370 -78.85 42.32 -52.11
N THR G 371 -79.35 42.84 -53.23
CA THR G 371 -80.46 43.79 -53.18
C THR G 371 -81.80 43.10 -53.39
N LEU G 372 -82.81 43.47 -52.60
CA LEU G 372 -84.15 42.87 -52.71
C LEU G 372 -85.30 43.72 -53.23
N LYS G 373 -86.10 43.12 -54.09
CA LYS G 373 -87.40 43.68 -54.48
C LYS G 373 -88.39 42.78 -53.69
N GLY G 374 -88.63 43.10 -52.40
CA GLY G 374 -89.43 42.23 -51.56
C GLY G 374 -89.41 40.76 -52.00
N SER G 375 -88.79 39.87 -51.22
CA SER G 375 -88.75 38.42 -51.55
C SER G 375 -88.07 38.09 -52.91
N LYS G 376 -87.82 39.13 -53.72
CA LYS G 376 -87.22 38.93 -55.05
C LYS G 376 -85.83 39.50 -55.21
N ILE G 377 -85.00 38.78 -55.95
CA ILE G 377 -83.60 39.12 -56.01
C ILE G 377 -83.27 40.11 -57.08
N GLU G 378 -83.22 41.40 -56.70
CA GLU G 378 -82.91 42.47 -57.67
C GLU G 378 -81.49 42.40 -58.20
N THR G 379 -80.54 42.86 -57.41
CA THR G 379 -79.15 42.93 -57.83
C THR G 379 -78.35 42.01 -56.93
N ALA G 380 -77.21 41.52 -57.45
CA ALA G 380 -76.35 40.57 -56.70
C ALA G 380 -74.86 40.70 -57.00
N ARG G 381 -74.20 41.30 -56.03
CA ARG G 381 -72.82 41.63 -56.07
C ARG G 381 -72.11 40.56 -55.24
N ILE G 382 -71.28 39.74 -55.86
CA ILE G 382 -70.63 38.65 -55.14
C ILE G 382 -69.18 38.41 -55.48
N ALA G 383 -68.28 38.87 -54.60
CA ALA G 383 -66.83 38.75 -54.84
C ALA G 383 -66.11 37.83 -53.85
N PHE G 384 -64.93 37.37 -54.27
CA PHE G 384 -64.09 36.45 -53.48
C PHE G 384 -62.61 36.75 -53.60
N GLY G 385 -61.94 36.59 -52.45
CA GLY G 385 -60.51 36.68 -52.37
C GLY G 385 -60.04 35.26 -52.34
N GLY G 386 -58.84 35.06 -52.82
CA GLY G 386 -58.20 33.77 -52.79
C GLY G 386 -58.75 32.59 -53.52
N MET G 387 -59.76 32.72 -54.42
CA MET G 387 -60.33 31.57 -55.18
C MET G 387 -59.79 31.62 -56.60
N ALA G 388 -58.85 32.53 -56.84
CA ALA G 388 -58.23 32.63 -58.17
C ALA G 388 -57.06 33.58 -58.15
N GLY G 389 -56.43 33.71 -59.29
CA GLY G 389 -55.24 34.53 -59.39
C GLY G 389 -55.62 35.94 -59.04
N VAL G 390 -56.93 36.20 -58.91
CA VAL G 390 -57.29 37.57 -58.68
C VAL G 390 -58.59 37.68 -57.91
N PRO G 391 -58.93 38.84 -57.35
CA PRO G 391 -60.22 38.95 -56.65
C PRO G 391 -61.21 39.03 -57.79
N LYS G 392 -62.46 38.54 -57.69
CA LYS G 392 -63.31 38.64 -58.86
C LYS G 392 -64.75 38.28 -58.56
N ARG G 393 -65.72 38.92 -59.23
CA ARG G 393 -67.10 38.58 -58.90
C ARG G 393 -67.34 37.24 -59.52
N ALA G 394 -68.38 36.53 -59.04
CA ALA G 394 -68.65 35.16 -59.50
C ALA G 394 -69.84 35.09 -60.42
N ALA G 395 -69.60 35.67 -61.63
CA ALA G 395 -70.58 35.91 -62.72
C ALA G 395 -71.65 34.84 -62.86
N ALA G 396 -71.27 33.67 -63.32
CA ALA G 396 -72.28 32.65 -63.46
C ALA G 396 -73.11 32.54 -62.17
N PHE G 397 -72.51 32.72 -61.00
CA PHE G 397 -73.32 32.61 -59.80
C PHE G 397 -74.27 33.78 -59.72
N GLU G 398 -73.68 34.98 -59.84
CA GLU G 398 -74.45 36.22 -59.75
C GLU G 398 -75.63 36.05 -60.71
N ALA G 399 -75.30 35.85 -61.99
CA ALA G 399 -76.34 35.79 -63.04
C ALA G 399 -77.49 34.94 -62.61
N ALA G 400 -77.20 33.64 -62.48
CA ALA G 400 -78.14 32.60 -62.10
C ALA G 400 -78.96 32.92 -60.87
N LEU G 401 -78.74 34.09 -60.29
CA LEU G 401 -79.44 34.37 -59.06
C LEU G 401 -80.52 35.43 -59.24
N ILE G 402 -80.24 36.40 -60.11
CA ILE G 402 -81.19 37.49 -60.34
C ILE G 402 -82.61 36.97 -60.60
N GLY G 403 -83.60 37.61 -59.98
CA GLY G 403 -84.97 37.34 -60.34
C GLY G 403 -85.52 36.17 -59.60
N GLN G 404 -84.65 35.29 -59.16
CA GLN G 404 -85.12 34.17 -58.39
C GLN G 404 -85.59 34.61 -57.01
N ASP G 405 -86.27 33.69 -56.32
CA ASP G 405 -86.72 33.92 -54.95
C ASP G 405 -85.60 33.78 -53.93
N PHE G 406 -85.51 34.70 -52.96
CA PHE G 406 -84.44 34.66 -51.93
C PHE G 406 -84.73 33.76 -50.71
N ARG G 407 -84.61 32.46 -50.94
CA ARG G 407 -84.86 31.43 -49.96
C ARG G 407 -83.61 30.60 -50.03
N GLU G 408 -83.44 29.72 -49.05
CA GLU G 408 -82.26 28.91 -49.02
C GLU G 408 -82.19 27.95 -50.21
N ASP G 409 -83.27 27.20 -50.46
CA ASP G 409 -83.27 26.19 -51.55
C ASP G 409 -82.85 26.77 -52.92
N THR G 410 -83.34 27.95 -53.27
CA THR G 410 -82.93 28.46 -54.56
C THR G 410 -81.41 28.51 -54.60
N ILE G 411 -80.80 29.13 -53.58
CA ILE G 411 -79.34 29.23 -53.51
C ILE G 411 -78.74 27.87 -53.51
N ALA G 412 -79.29 26.98 -52.70
CA ALA G 412 -78.81 25.60 -52.71
C ALA G 412 -78.62 25.13 -54.16
N ALA G 413 -79.66 25.35 -54.97
CA ALA G 413 -79.64 24.88 -56.34
C ALA G 413 -78.62 25.54 -57.23
N ALA G 414 -78.17 26.74 -56.89
CA ALA G 414 -77.25 27.45 -57.78
C ALA G 414 -75.78 27.18 -57.50
N LEU G 415 -75.51 26.61 -56.34
CA LEU G 415 -74.14 26.37 -55.92
C LEU G 415 -73.13 25.94 -56.98
N PRO G 416 -73.42 24.85 -57.70
CA PRO G 416 -72.52 24.34 -58.74
C PRO G 416 -71.92 25.43 -59.61
N LEU G 417 -72.69 26.48 -59.85
CA LEU G 417 -72.16 27.52 -60.72
C LEU G 417 -70.80 27.96 -60.25
N LEU G 418 -70.66 28.04 -58.93
CA LEU G 418 -69.41 28.51 -58.38
C LEU G 418 -68.23 27.77 -58.98
N ALA G 419 -68.39 26.43 -59.13
CA ALA G 419 -67.31 25.58 -59.69
C ALA G 419 -66.98 26.01 -61.10
N GLN G 420 -67.86 26.83 -61.68
CA GLN G 420 -67.60 27.29 -63.03
C GLN G 420 -67.01 28.66 -62.94
N ASP G 421 -67.50 29.44 -61.99
CA ASP G 421 -66.96 30.76 -61.81
C ASP G 421 -65.51 30.68 -61.40
N PHE G 422 -65.17 29.63 -60.64
CA PHE G 422 -63.81 29.42 -60.12
C PHE G 422 -63.20 27.98 -60.06
N THR G 423 -61.88 27.94 -60.09
CA THR G 423 -61.15 26.69 -59.98
C THR G 423 -59.94 26.83 -59.04
N PRO G 424 -60.21 26.67 -57.76
CA PRO G 424 -59.29 27.14 -56.74
C PRO G 424 -58.08 26.28 -56.73
N LEU G 425 -57.04 26.74 -56.05
CA LEU G 425 -55.77 26.08 -55.80
C LEU G 425 -55.71 25.09 -54.61
N SER G 426 -54.56 24.49 -54.41
CA SER G 426 -54.36 23.73 -53.17
C SER G 426 -53.06 24.20 -52.51
N ASP G 427 -53.07 24.48 -51.23
CA ASP G 427 -51.78 24.84 -50.69
C ASP G 427 -51.84 24.66 -49.20
N MET G 428 -50.76 25.06 -48.53
CA MET G 428 -50.69 24.82 -47.12
C MET G 428 -51.90 25.36 -46.42
N ARG G 429 -52.50 26.45 -46.85
CA ARG G 429 -53.64 26.97 -46.06
C ARG G 429 -54.90 26.15 -46.11
N ALA G 430 -55.09 25.46 -47.24
CA ALA G 430 -56.24 24.53 -47.39
C ALA G 430 -56.31 23.95 -48.78
N SER G 431 -57.03 22.85 -48.89
CA SER G 431 -57.17 22.16 -50.16
C SER G 431 -58.24 22.81 -50.98
N ALA G 432 -58.09 22.61 -52.30
CA ALA G 432 -59.06 23.10 -53.25
C ALA G 432 -60.42 22.56 -52.81
N ALA G 433 -60.56 21.26 -52.64
CA ALA G 433 -61.94 20.85 -52.35
C ALA G 433 -62.50 21.82 -51.33
N TYR G 434 -61.77 21.94 -50.21
CA TYR G 434 -62.23 22.73 -49.10
C TYR G 434 -62.51 24.19 -49.59
N ARG G 435 -61.53 24.82 -50.21
CA ARG G 435 -61.75 26.20 -50.61
C ARG G 435 -63.01 26.39 -51.45
N MET G 436 -63.32 25.37 -52.27
CA MET G 436 -64.55 25.39 -53.08
C MET G 436 -65.71 25.24 -52.14
N ASN G 437 -65.79 24.04 -51.58
CA ASN G 437 -66.84 23.71 -50.66
C ASN G 437 -67.07 24.84 -49.69
N ALA G 438 -66.08 25.70 -49.59
CA ALA G 438 -66.18 26.77 -48.63
C ALA G 438 -67.05 27.76 -49.28
N ALA G 439 -66.55 28.26 -50.39
CA ALA G 439 -67.26 29.33 -51.16
C ALA G 439 -68.78 29.08 -51.17
N GLN G 440 -69.13 27.86 -51.55
CA GLN G 440 -70.51 27.54 -51.54
C GLN G 440 -71.01 27.76 -50.16
N ALA G 441 -70.35 27.22 -49.14
CA ALA G 441 -70.94 27.38 -47.83
C ALA G 441 -71.19 28.83 -47.50
N MET G 442 -70.31 29.70 -47.94
CA MET G 442 -70.52 31.07 -47.58
C MET G 442 -71.86 31.61 -48.03
N ALA G 443 -72.31 31.21 -49.21
CA ALA G 443 -73.63 31.70 -49.68
C ALA G 443 -74.77 31.11 -48.79
N LEU G 444 -74.71 29.81 -48.47
CA LEU G 444 -75.73 29.33 -47.55
C LEU G 444 -75.69 30.17 -46.28
N ARG G 445 -74.48 30.60 -45.87
CA ARG G 445 -74.43 31.40 -44.64
C ARG G 445 -75.25 32.68 -44.86
N TYR G 446 -74.87 33.43 -45.88
CA TYR G 446 -75.59 34.64 -46.23
C TYR G 446 -77.09 34.55 -46.20
N VAL G 447 -77.66 33.47 -46.72
CA VAL G 447 -79.08 33.40 -46.54
C VAL G 447 -79.30 33.27 -45.07
N ARG G 448 -78.85 32.15 -44.53
CA ARG G 448 -79.25 31.91 -43.14
C ARG G 448 -79.06 33.18 -42.28
N GLU G 449 -77.98 33.91 -42.53
CA GLU G 449 -77.72 35.07 -41.70
C GLU G 449 -78.84 36.06 -41.91
N LEU G 450 -79.05 36.50 -43.15
CA LEU G 450 -80.16 37.45 -43.46
C LEU G 450 -81.51 37.03 -42.92
N SER G 451 -81.74 35.72 -42.89
CA SER G 451 -82.98 35.14 -42.38
C SER G 451 -83.03 35.10 -40.85
N GLY G 452 -82.07 35.78 -40.22
CA GLY G 452 -81.99 35.87 -38.75
C GLY G 452 -81.50 34.65 -37.94
N GLU G 453 -80.88 33.72 -38.63
CA GLU G 453 -80.52 32.47 -37.95
C GLU G 453 -79.20 32.74 -37.25
N ALA G 454 -78.83 31.95 -36.25
CA ALA G 454 -77.55 32.16 -35.59
C ALA G 454 -76.55 31.36 -36.35
N VAL G 455 -75.44 32.00 -36.66
CA VAL G 455 -74.55 31.38 -37.58
C VAL G 455 -73.04 31.65 -37.45
N ALA G 456 -72.63 32.71 -36.76
CA ALA G 456 -71.18 32.84 -36.64
C ALA G 456 -70.74 32.28 -35.30
N VAL G 457 -69.60 31.57 -35.31
CA VAL G 457 -69.11 30.95 -34.08
C VAL G 457 -68.49 32.03 -33.16
N LEU G 458 -68.11 33.17 -33.72
CA LEU G 458 -67.55 34.16 -32.85
C LEU G 458 -68.54 34.90 -31.97
N GLU G 459 -69.83 34.69 -32.18
CA GLU G 459 -70.80 35.45 -31.39
C GLU G 459 -71.43 34.56 -30.34
N VAL G 460 -70.95 33.34 -30.19
CA VAL G 460 -71.49 32.50 -29.15
C VAL G 460 -70.80 32.83 -27.83
N MET G 461 -71.54 33.23 -26.80
CA MET G 461 -70.94 33.44 -25.48
C MET G 461 -71.06 32.16 -24.71
N PRO G 462 -70.13 31.94 -23.80
CA PRO G 462 -70.17 30.76 -22.91
C PRO G 462 -71.45 30.78 -22.02
N SER H 2 -39.90 28.80 2.38
CA SER H 2 -40.34 29.71 1.29
C SER H 2 -41.02 28.91 0.21
N VAL H 3 -40.67 27.64 0.24
CA VAL H 3 -41.26 26.68 -0.60
C VAL H 3 -42.65 26.83 -0.23
N GLY H 4 -43.54 26.82 -1.21
CA GLY H 4 -44.97 26.86 -0.96
C GLY H 4 -45.65 28.19 -1.22
N LYS H 5 -44.88 29.28 -1.28
CA LYS H 5 -45.49 30.60 -1.45
C LYS H 5 -45.60 30.99 -2.94
N PRO H 6 -46.57 31.76 -3.36
CA PRO H 6 -46.71 32.08 -4.78
C PRO H 6 -45.80 33.16 -5.23
N LEU H 7 -44.50 33.05 -5.09
CA LEU H 7 -43.64 34.18 -5.49
C LEU H 7 -43.41 34.29 -6.96
N PRO H 8 -43.15 35.46 -7.39
CA PRO H 8 -42.97 35.75 -8.82
C PRO H 8 -41.74 35.12 -9.36
N HIS H 9 -41.68 35.03 -10.68
CA HIS H 9 -40.52 34.49 -11.35
C HIS H 9 -39.22 35.26 -11.03
N ASP H 10 -38.08 34.60 -10.92
CA ASP H 10 -36.83 35.37 -10.60
C ASP H 10 -36.54 36.53 -11.47
N SER H 11 -36.97 36.56 -12.71
CA SER H 11 -36.65 37.75 -13.50
C SER H 11 -37.88 38.56 -13.99
N ALA H 12 -39.00 38.45 -13.27
CA ALA H 12 -40.16 39.24 -13.69
C ALA H 12 -39.80 40.75 -13.92
N ARG H 13 -39.35 41.43 -12.88
CA ARG H 13 -39.00 42.82 -13.10
C ARG H 13 -38.17 42.97 -14.37
N ALA H 14 -37.08 42.23 -14.47
CA ALA H 14 -36.24 42.44 -15.64
C ALA H 14 -36.94 42.10 -16.99
N HIS H 15 -37.86 41.14 -16.95
CA HIS H 15 -38.49 40.85 -18.16
C HIS H 15 -39.24 42.13 -18.47
N VAL H 16 -40.09 42.47 -17.55
CA VAL H 16 -41.07 43.44 -17.80
C VAL H 16 -40.57 44.80 -18.14
N THR H 17 -39.27 45.10 -17.91
CA THR H 17 -38.65 46.39 -18.35
C THR H 17 -37.57 46.17 -19.43
N GLY H 18 -37.45 44.98 -20.01
CA GLY H 18 -36.49 44.88 -21.07
C GLY H 18 -35.03 44.94 -20.67
N GLN H 19 -34.74 44.80 -19.41
CA GLN H 19 -33.32 44.69 -19.08
C GLN H 19 -32.86 43.18 -19.08
N ALA H 20 -33.78 42.20 -18.99
CA ALA H 20 -33.24 40.83 -19.04
C ALA H 20 -32.57 40.65 -20.42
N ARG H 21 -31.38 40.06 -20.47
CA ARG H 21 -30.71 39.96 -21.73
C ARG H 21 -30.65 38.54 -22.13
N TYR H 22 -31.03 38.29 -23.38
CA TYR H 22 -30.93 36.96 -23.90
C TYR H 22 -29.77 37.03 -24.86
N LEU H 23 -29.40 35.90 -25.45
CA LEU H 23 -28.12 35.86 -26.14
C LEU H 23 -27.81 36.95 -27.11
N ASP H 24 -28.76 37.27 -27.96
CA ASP H 24 -28.39 38.25 -28.96
C ASP H 24 -28.28 39.65 -28.31
N ASP H 25 -28.73 39.74 -27.07
CA ASP H 25 -28.55 41.03 -26.38
C ASP H 25 -27.16 41.28 -25.84
N LEU H 26 -26.36 40.25 -25.57
CA LEU H 26 -25.13 40.42 -24.85
C LEU H 26 -24.19 41.30 -25.64
N PRO H 27 -23.46 42.11 -24.92
CA PRO H 27 -22.50 43.01 -25.56
C PRO H 27 -21.39 42.14 -26.12
N CYS H 28 -20.68 42.53 -27.19
CA CYS H 28 -19.55 41.73 -27.68
C CYS H 28 -18.73 42.54 -28.59
N PRO H 29 -17.50 42.16 -28.64
CA PRO H 29 -16.46 42.97 -29.25
C PRO H 29 -16.90 43.47 -30.61
N ALA H 30 -16.27 44.56 -31.02
CA ALA H 30 -16.57 45.13 -32.32
C ALA H 30 -16.15 44.15 -33.36
N ASN H 31 -15.20 43.25 -33.09
CA ASN H 31 -14.80 42.45 -34.24
C ASN H 31 -15.59 41.18 -34.44
N THR H 32 -16.64 41.07 -33.64
CA THR H 32 -17.42 39.89 -33.71
C THR H 32 -17.85 39.55 -35.13
N LEU H 33 -17.94 38.31 -35.56
CA LEU H 33 -18.41 38.00 -36.90
C LEU H 33 -19.74 37.35 -36.68
N HIS H 34 -20.56 37.23 -37.73
CA HIS H 34 -21.88 36.60 -37.64
C HIS H 34 -21.94 35.54 -38.73
N LEU H 35 -22.82 34.54 -38.55
CA LEU H 35 -22.81 33.33 -39.36
C LEU H 35 -24.11 32.89 -39.94
N ALA H 36 -24.08 32.10 -40.99
CA ALA H 36 -25.36 31.57 -41.41
C ALA H 36 -25.09 30.40 -42.29
N PHE H 37 -25.97 29.41 -42.23
CA PHE H 37 -25.81 28.19 -43.04
C PHE H 37 -26.38 28.41 -44.43
N GLY H 38 -25.81 27.73 -45.43
CA GLY H 38 -26.30 27.76 -46.81
C GLY H 38 -27.02 26.43 -46.90
N LEU H 39 -28.25 26.41 -47.35
CA LEU H 39 -28.90 25.11 -47.22
C LEU H 39 -29.19 24.36 -48.46
N SER H 40 -29.26 23.03 -48.31
CA SER H 40 -29.56 22.19 -49.45
C SER H 40 -30.91 22.60 -50.06
N THR H 41 -31.09 22.52 -51.38
CA THR H 41 -32.49 22.67 -51.85
C THR H 41 -33.08 21.35 -52.27
N GLU H 42 -32.48 20.23 -51.92
CA GLU H 42 -33.06 18.97 -52.30
C GLU H 42 -33.37 18.04 -51.15
N ALA H 43 -34.38 17.27 -51.30
CA ALA H 43 -34.74 16.37 -50.25
C ALA H 43 -33.78 15.20 -50.13
N SER H 44 -33.09 14.90 -51.25
CA SER H 44 -32.26 13.70 -51.24
C SER H 44 -31.43 13.60 -52.44
N ALA H 45 -30.13 13.83 -52.29
CA ALA H 45 -29.31 13.92 -53.48
C ALA H 45 -27.87 13.85 -53.13
N ALA H 46 -27.05 13.48 -54.10
CA ALA H 46 -25.63 13.52 -53.89
C ALA H 46 -25.30 14.89 -54.33
N ILE H 47 -24.27 15.51 -53.76
CA ILE H 47 -23.91 16.86 -54.21
C ILE H 47 -22.84 16.62 -55.15
N THR H 48 -22.89 17.31 -56.25
CA THR H 48 -21.99 17.01 -57.35
C THR H 48 -21.05 18.12 -57.71
N GLY H 49 -21.46 19.35 -57.43
CA GLY H 49 -20.55 20.45 -57.61
C GLY H 49 -21.00 21.48 -56.61
N LEU H 50 -20.04 22.28 -56.12
CA LEU H 50 -20.24 23.24 -55.04
C LEU H 50 -19.36 24.42 -55.20
N ASP H 51 -19.68 25.28 -56.15
CA ASP H 51 -18.89 26.50 -56.41
C ASP H 51 -19.24 27.54 -55.40
N LEU H 52 -18.30 28.02 -54.59
CA LEU H 52 -18.64 29.06 -53.58
C LEU H 52 -18.06 30.41 -53.94
N GLU H 53 -17.55 30.52 -55.13
CA GLU H 53 -16.81 31.73 -55.38
C GLU H 53 -17.66 32.97 -55.14
N PRO H 54 -18.89 32.92 -55.58
CA PRO H 54 -19.78 34.07 -55.42
C PRO H 54 -19.96 34.34 -53.92
N VAL H 55 -19.80 33.35 -53.05
CA VAL H 55 -20.00 33.58 -51.65
C VAL H 55 -18.78 34.25 -51.10
N ARG H 56 -17.59 33.71 -51.34
CA ARG H 56 -16.44 34.45 -50.82
C ARG H 56 -16.50 35.87 -51.29
N GLU H 57 -16.89 36.03 -52.54
CA GLU H 57 -16.91 37.35 -53.12
C GLU H 57 -17.98 38.28 -52.61
N SER H 58 -18.86 37.77 -51.76
CA SER H 58 -19.94 38.63 -51.34
C SER H 58 -19.50 39.64 -50.26
N PRO H 59 -20.11 40.81 -50.28
CA PRO H 59 -19.68 41.89 -49.38
C PRO H 59 -19.58 41.42 -47.92
N GLY H 60 -18.59 41.97 -47.23
CA GLY H 60 -18.43 41.73 -45.80
C GLY H 60 -18.30 40.27 -45.41
N VAL H 61 -17.98 39.41 -46.36
CA VAL H 61 -17.76 38.07 -45.93
C VAL H 61 -16.31 37.83 -45.50
N ILE H 62 -16.10 37.06 -44.44
CA ILE H 62 -14.72 36.79 -44.02
C ILE H 62 -14.17 35.36 -44.18
N ALA H 63 -14.98 34.34 -43.97
CA ALA H 63 -14.50 33.00 -44.24
C ALA H 63 -15.69 32.23 -44.66
N VAL H 64 -15.47 31.10 -45.32
CA VAL H 64 -16.58 30.25 -45.71
C VAL H 64 -16.29 28.80 -45.35
N PHE H 65 -17.25 27.97 -44.96
CA PHE H 65 -16.84 26.64 -44.47
C PHE H 65 -17.49 25.47 -45.14
N THR H 66 -16.91 24.31 -45.06
CA THR H 66 -17.41 23.14 -45.76
C THR H 66 -17.01 21.96 -44.94
N ALA H 67 -17.65 20.83 -45.10
CA ALA H 67 -17.25 19.73 -44.25
C ALA H 67 -15.76 19.52 -44.30
N ALA H 68 -15.16 19.78 -45.43
CA ALA H 68 -13.72 19.55 -45.49
C ALA H 68 -12.98 20.53 -44.63
N ASP H 69 -13.55 21.70 -44.42
CA ASP H 69 -12.80 22.56 -43.57
C ASP H 69 -12.97 22.28 -42.11
N LEU H 70 -13.89 21.38 -41.72
CA LEU H 70 -14.01 21.16 -40.30
C LEU H 70 -12.77 20.45 -39.79
N PRO H 71 -12.06 21.04 -38.87
CA PRO H 71 -10.83 20.43 -38.38
C PRO H 71 -11.03 19.11 -37.63
N HIS H 72 -12.19 18.74 -37.12
CA HIS H 72 -12.25 17.49 -36.35
C HIS H 72 -13.61 16.76 -36.52
N ASP H 73 -14.26 16.34 -35.44
CA ASP H 73 -15.58 15.76 -35.65
C ASP H 73 -16.42 16.75 -36.42
N ASN H 74 -17.46 16.23 -37.09
CA ASN H 74 -18.46 16.97 -37.83
C ASN H 74 -19.67 16.19 -37.50
N ASP H 75 -20.24 16.43 -36.33
CA ASP H 75 -21.34 15.61 -35.87
C ASP H 75 -22.12 16.25 -34.67
N ALA H 76 -23.43 16.51 -34.79
CA ALA H 76 -24.13 17.20 -33.73
C ALA H 76 -25.17 16.36 -33.13
N SER H 77 -25.14 15.07 -33.41
CA SER H 77 -26.25 14.28 -32.93
C SER H 77 -26.17 14.05 -31.47
N PRO H 78 -27.30 14.11 -30.81
CA PRO H 78 -27.39 13.70 -29.42
C PRO H 78 -27.46 12.19 -29.25
N ALA H 79 -27.12 11.43 -30.31
CA ALA H 79 -27.12 9.96 -30.15
C ALA H 79 -25.92 9.31 -30.81
N PRO H 80 -25.64 8.09 -30.42
CA PRO H 80 -24.47 7.39 -30.94
C PRO H 80 -24.36 7.60 -32.43
N SER H 81 -25.42 7.52 -33.25
CA SER H 81 -25.23 7.68 -34.70
C SER H 81 -25.14 9.14 -35.02
N PRO H 82 -24.24 9.46 -35.92
CA PRO H 82 -23.86 10.86 -36.24
C PRO H 82 -24.84 11.54 -37.14
N GLU H 83 -24.73 12.84 -37.16
CA GLU H 83 -25.57 13.67 -37.98
C GLU H 83 -24.60 14.77 -38.26
N PRO H 84 -24.17 14.93 -39.47
CA PRO H 84 -23.13 15.94 -39.77
C PRO H 84 -23.69 17.37 -39.56
N VAL H 85 -22.85 18.29 -39.11
CA VAL H 85 -23.23 19.65 -39.00
C VAL H 85 -23.19 20.14 -40.39
N LEU H 86 -22.08 19.93 -41.08
CA LEU H 86 -22.08 20.26 -42.51
C LEU H 86 -22.18 18.98 -43.34
N ALA H 87 -22.98 19.08 -44.41
CA ALA H 87 -23.18 18.02 -45.39
C ALA H 87 -21.88 17.43 -45.91
N THR H 88 -21.85 16.10 -45.90
CA THR H 88 -20.71 15.37 -46.38
C THR H 88 -21.02 14.68 -47.69
N GLY H 89 -20.99 15.41 -48.82
CA GLY H 89 -21.16 14.78 -50.14
C GLY H 89 -22.61 14.60 -50.63
N GLU H 90 -23.55 14.48 -49.70
CA GLU H 90 -24.95 14.33 -50.04
C GLU H 90 -25.89 15.00 -49.01
N VAL H 91 -27.10 15.35 -49.40
CA VAL H 91 -27.97 15.97 -48.46
C VAL H 91 -29.09 15.00 -48.21
N HIS H 92 -29.88 15.19 -47.15
CA HIS H 92 -31.04 14.31 -46.87
C HIS H 92 -32.39 15.05 -46.55
N PHE H 93 -32.45 16.36 -46.66
CA PHE H 93 -33.75 16.90 -46.49
C PHE H 93 -33.53 18.29 -46.87
N VAL H 94 -34.57 19.01 -47.25
CA VAL H 94 -34.36 20.35 -47.76
C VAL H 94 -34.23 21.14 -46.56
N GLY H 95 -33.16 21.90 -46.43
CA GLY H 95 -32.85 22.58 -45.20
C GLY H 95 -31.45 22.15 -44.76
N GLN H 96 -31.12 20.86 -44.84
CA GLN H 96 -29.80 20.45 -44.43
C GLN H 96 -28.76 21.42 -44.93
N PRO H 97 -28.01 21.93 -43.94
CA PRO H 97 -27.00 22.95 -44.10
C PRO H 97 -25.87 22.28 -44.81
N ILE H 98 -25.22 23.01 -45.69
CA ILE H 98 -24.19 22.42 -46.49
C ILE H 98 -22.95 23.22 -46.30
N PHE H 99 -22.97 24.55 -46.32
CA PHE H 99 -21.75 25.21 -45.90
C PHE H 99 -22.10 26.34 -44.91
N LEU H 100 -21.06 26.96 -44.37
CA LEU H 100 -21.20 27.93 -43.32
C LEU H 100 -20.49 29.18 -43.71
N VAL H 101 -21.10 30.36 -43.47
CA VAL H 101 -20.54 31.66 -43.82
C VAL H 101 -20.34 32.56 -42.63
N ALA H 102 -19.17 33.16 -42.52
CA ALA H 102 -18.91 34.12 -41.45
C ALA H 102 -18.70 35.41 -42.20
N ALA H 103 -19.50 36.41 -41.89
CA ALA H 103 -19.21 37.73 -42.45
C ALA H 103 -19.34 38.83 -41.42
N THR H 104 -19.15 40.10 -41.80
CA THR H 104 -19.10 41.09 -40.74
C THR H 104 -20.42 41.52 -40.24
N SER H 105 -21.47 40.83 -40.70
CA SER H 105 -22.79 41.14 -40.20
C SER H 105 -23.93 40.12 -40.50
N HIS H 106 -24.77 39.83 -39.51
CA HIS H 106 -25.83 38.95 -39.82
C HIS H 106 -26.30 39.13 -41.28
N ARG H 107 -26.90 40.26 -41.66
CA ARG H 107 -27.49 40.31 -43.02
C ARG H 107 -26.40 39.77 -43.98
N ALA H 108 -25.33 40.52 -44.10
CA ALA H 108 -24.29 40.09 -44.98
C ALA H 108 -24.19 38.55 -45.04
N ALA H 109 -24.01 37.91 -43.91
CA ALA H 109 -23.93 36.50 -43.93
C ALA H 109 -25.10 35.90 -44.65
N ARG H 110 -26.31 36.24 -44.24
CA ARG H 110 -27.51 35.65 -44.79
C ARG H 110 -27.49 35.83 -46.29
N ILE H 111 -27.33 37.05 -46.74
CA ILE H 111 -27.35 37.28 -48.13
C ILE H 111 -26.36 36.30 -48.74
N ALA H 112 -25.11 36.31 -48.29
CA ALA H 112 -24.14 35.44 -48.94
C ALA H 112 -24.60 34.03 -48.95
N ALA H 113 -25.18 33.57 -47.88
CA ALA H 113 -25.47 32.19 -47.97
C ALA H 113 -26.38 31.94 -49.11
N ARG H 114 -26.91 32.94 -49.76
CA ARG H 114 -27.75 32.54 -50.88
C ARG H 114 -27.07 32.49 -52.26
N LYS H 115 -25.83 32.90 -52.36
CA LYS H 115 -25.24 32.91 -53.69
C LYS H 115 -24.52 31.62 -54.12
N ALA H 116 -24.61 30.52 -53.40
CA ALA H 116 -23.76 29.46 -53.90
C ALA H 116 -24.32 28.93 -55.18
N ARG H 117 -23.50 28.20 -55.93
CA ARG H 117 -23.96 27.51 -57.15
C ARG H 117 -23.68 26.07 -56.89
N ILE H 118 -24.73 25.31 -56.62
CA ILE H 118 -24.56 23.93 -56.24
C ILE H 118 -25.20 23.05 -57.30
N THR H 119 -24.56 21.93 -57.57
CA THR H 119 -25.22 20.97 -58.47
C THR H 119 -25.52 19.63 -57.75
N TYR H 120 -26.74 19.13 -57.94
CA TYR H 120 -27.11 17.89 -57.30
C TYR H 120 -27.45 16.76 -58.28
N ALA H 121 -27.30 15.53 -57.83
CA ALA H 121 -27.64 14.37 -58.64
C ALA H 121 -28.73 13.73 -57.81
N PRO H 122 -29.93 14.25 -58.00
CA PRO H 122 -31.10 13.88 -57.17
C PRO H 122 -31.36 12.42 -57.12
N ARG H 123 -32.04 11.96 -56.06
CA ARG H 123 -32.43 10.56 -55.89
C ARG H 123 -33.86 10.46 -55.35
N PRO H 124 -34.44 9.31 -55.47
CA PRO H 124 -35.79 9.10 -54.97
C PRO H 124 -35.81 9.44 -53.47
N ALA H 125 -36.84 10.13 -53.01
CA ALA H 125 -36.82 10.66 -51.67
C ALA H 125 -37.88 9.99 -50.83
N ILE H 126 -37.64 9.72 -49.54
CA ILE H 126 -38.73 9.13 -48.82
C ILE H 126 -39.51 10.13 -47.98
N LEU H 127 -40.76 10.46 -48.34
CA LEU H 127 -41.41 11.51 -47.59
C LEU H 127 -42.60 11.09 -46.81
N THR H 128 -43.05 9.88 -46.94
CA THR H 128 -44.27 9.62 -46.19
C THR H 128 -44.14 8.31 -45.46
N LEU H 129 -44.85 8.22 -44.36
CA LEU H 129 -44.69 7.02 -43.59
C LEU H 129 -44.75 5.80 -44.55
N ASP H 130 -45.84 5.74 -45.38
CA ASP H 130 -46.05 4.52 -46.21
C ASP H 130 -44.83 4.42 -47.10
N GLN H 131 -44.39 5.51 -47.73
CA GLN H 131 -43.21 5.21 -48.52
C GLN H 131 -42.17 4.55 -47.58
N ALA H 132 -42.01 5.05 -46.36
CA ALA H 132 -40.85 4.56 -45.61
C ALA H 132 -41.07 3.14 -45.26
N LEU H 133 -42.26 2.96 -44.76
CA LEU H 133 -42.67 1.62 -44.50
C LEU H 133 -42.35 0.72 -45.73
N ALA H 134 -42.82 1.16 -46.92
CA ALA H 134 -42.62 0.42 -48.15
C ALA H 134 -41.14 0.13 -48.30
N ALA H 135 -40.31 1.16 -48.16
CA ALA H 135 -38.87 1.00 -48.43
C ALA H 135 -38.12 0.53 -47.25
N ASP H 136 -38.84 0.10 -46.23
CA ASP H 136 -38.14 -0.27 -44.98
C ASP H 136 -37.00 0.70 -44.67
N SER H 137 -37.29 2.00 -44.67
CA SER H 137 -36.36 3.02 -44.26
C SER H 137 -36.67 3.33 -42.79
N ARG H 138 -35.81 2.86 -41.88
CA ARG H 138 -36.19 3.05 -40.49
C ARG H 138 -35.02 3.10 -39.59
N PHE H 139 -35.27 3.29 -38.29
CA PHE H 139 -34.15 3.34 -37.34
C PHE H 139 -34.26 2.15 -36.42
N GLU H 140 -33.14 1.74 -35.80
CA GLU H 140 -33.20 0.61 -34.88
C GLU H 140 -33.51 -0.73 -35.61
N GLY H 141 -32.96 -0.87 -36.82
CA GLY H 141 -33.16 -2.06 -37.65
C GLY H 141 -34.43 -2.88 -37.40
N GLY H 142 -35.62 -2.30 -37.48
CA GLY H 142 -36.87 -3.04 -37.23
C GLY H 142 -37.74 -2.34 -36.18
N PRO H 143 -39.02 -2.56 -36.14
CA PRO H 143 -39.88 -1.87 -35.17
C PRO H 143 -39.62 -2.36 -33.75
N VAL H 144 -40.22 -1.74 -32.73
CA VAL H 144 -40.07 -2.21 -31.37
C VAL H 144 -41.43 -2.76 -30.92
N ILE H 145 -41.48 -3.92 -30.26
CA ILE H 145 -42.75 -4.49 -29.83
C ILE H 145 -42.76 -4.88 -28.34
N TRP H 146 -43.80 -4.49 -27.59
CA TRP H 146 -43.90 -4.84 -26.19
C TRP H 146 -45.22 -5.38 -26.12
N ALA H 147 -45.38 -6.35 -25.24
CA ALA H 147 -46.62 -7.08 -25.16
C ALA H 147 -46.86 -7.54 -23.75
N ARG H 148 -48.04 -7.28 -23.22
CA ARG H 148 -48.33 -7.83 -21.92
C ARG H 148 -49.61 -8.62 -22.04
N GLY H 149 -49.58 -9.91 -21.69
CA GLY H 149 -50.75 -10.76 -21.79
C GLY H 149 -50.88 -11.13 -23.26
N ASP H 150 -52.10 -11.50 -23.69
CA ASP H 150 -52.32 -11.93 -25.05
C ASP H 150 -53.51 -11.28 -25.68
N VAL H 151 -53.27 -10.16 -26.34
CA VAL H 151 -54.33 -9.35 -26.92
C VAL H 151 -55.23 -9.97 -27.93
N GLU H 152 -54.64 -10.70 -28.88
CA GLU H 152 -55.47 -11.27 -29.94
C GLU H 152 -56.43 -12.11 -29.19
N THR H 153 -55.93 -12.91 -28.29
CA THR H 153 -56.89 -13.67 -27.57
C THR H 153 -57.98 -12.78 -26.94
N ALA H 154 -57.55 -11.78 -26.21
CA ALA H 154 -58.52 -11.00 -25.49
C ALA H 154 -59.58 -10.41 -26.43
N LEU H 155 -59.17 -9.87 -27.56
CA LEU H 155 -60.13 -9.22 -28.44
C LEU H 155 -61.09 -10.18 -29.13
N ALA H 156 -60.57 -11.30 -29.57
CA ALA H 156 -61.40 -12.23 -30.27
C ALA H 156 -62.63 -12.47 -29.50
N GLY H 157 -62.48 -12.58 -28.19
CA GLY H 157 -63.63 -12.88 -27.36
C GLY H 157 -64.23 -11.66 -26.70
N ALA H 158 -64.43 -10.58 -27.43
CA ALA H 158 -64.86 -9.42 -26.68
C ALA H 158 -66.29 -8.90 -26.88
N ALA H 159 -67.01 -8.73 -25.78
CA ALA H 159 -68.30 -8.13 -25.96
C ALA H 159 -68.24 -6.93 -26.89
N HIS H 160 -67.28 -6.06 -26.69
CA HIS H 160 -67.22 -4.86 -27.53
C HIS H 160 -65.90 -4.61 -28.16
N LEU H 161 -65.92 -3.84 -29.25
CA LEU H 161 -64.70 -3.70 -29.99
C LEU H 161 -64.64 -2.46 -30.84
N ALA H 162 -63.45 -1.90 -30.99
CA ALA H 162 -63.30 -0.76 -31.88
C ALA H 162 -61.96 -0.79 -32.61
N GLU H 163 -62.01 -0.75 -33.94
CA GLU H 163 -60.80 -0.73 -34.70
C GLU H 163 -60.90 0.65 -35.27
N GLY H 164 -59.76 1.26 -35.58
CA GLY H 164 -59.68 2.62 -36.04
C GLY H 164 -58.21 2.89 -36.29
N CYS H 165 -57.96 3.96 -37.07
CA CYS H 165 -56.62 4.36 -37.45
C CYS H 165 -56.67 5.85 -37.59
N PHE H 166 -55.68 6.62 -37.17
CA PHE H 166 -55.85 8.06 -37.36
C PHE H 166 -54.54 8.83 -37.26
N GLU H 167 -54.52 10.06 -37.76
CA GLU H 167 -53.23 10.73 -37.91
C GLU H 167 -53.01 11.80 -36.89
N ILE H 168 -51.77 11.97 -36.46
CA ILE H 168 -51.45 12.98 -35.45
C ILE H 168 -50.33 13.81 -35.99
N GLY H 169 -50.55 15.11 -36.20
CA GLY H 169 -49.58 16.01 -36.81
C GLY H 169 -48.43 16.51 -35.91
N GLY H 170 -47.38 17.03 -36.53
CA GLY H 170 -46.23 17.37 -35.72
C GLY H 170 -46.62 18.61 -34.98
N GLN H 171 -45.62 19.40 -34.57
CA GLN H 171 -45.85 20.75 -34.00
C GLN H 171 -44.49 21.41 -33.91
N GLU H 172 -44.37 22.65 -34.32
CA GLU H 172 -43.14 23.37 -34.30
C GLU H 172 -43.02 24.13 -33.00
N HIS H 173 -41.91 24.06 -32.31
CA HIS H 173 -41.81 24.79 -31.05
C HIS H 173 -42.26 26.23 -31.05
N PHE H 174 -41.72 26.98 -31.97
CA PHE H 174 -41.98 28.39 -31.89
C PHE H 174 -41.58 29.07 -30.62
N TYR H 175 -40.38 28.80 -30.15
CA TYR H 175 -39.84 29.47 -29.00
C TYR H 175 -39.65 30.91 -29.41
N LEU H 176 -40.07 31.86 -28.59
CA LEU H 176 -39.96 33.21 -29.09
C LEU H 176 -38.48 33.52 -29.32
N GLU H 177 -37.55 33.08 -28.49
CA GLU H 177 -36.18 33.46 -28.85
C GLU H 177 -35.63 32.35 -29.77
N GLY H 178 -35.00 32.69 -30.87
CA GLY H 178 -34.63 31.57 -31.74
C GLY H 178 -33.35 30.92 -31.41
N GLN H 179 -33.00 29.79 -32.02
CA GLN H 179 -31.73 29.14 -31.70
C GLN H 179 -30.65 30.17 -31.85
N ALA H 180 -29.61 30.12 -30.99
CA ALA H 180 -28.50 31.09 -31.10
C ALA H 180 -27.28 30.78 -30.23
N ALA H 181 -26.14 31.39 -30.54
CA ALA H 181 -24.94 31.09 -29.78
C ALA H 181 -23.84 32.00 -30.12
N LEU H 182 -22.84 31.97 -29.28
CA LEU H 182 -21.77 32.88 -29.44
C LEU H 182 -20.65 32.19 -28.79
N ALA H 183 -19.50 32.28 -29.41
CA ALA H 183 -18.34 31.54 -28.99
C ALA H 183 -17.19 32.52 -28.93
N LEU H 184 -16.43 32.48 -27.83
CA LEU H 184 -15.33 33.42 -27.71
C LEU H 184 -14.09 32.64 -27.50
N PRO H 185 -13.13 32.87 -28.36
CA PRO H 185 -11.82 32.25 -28.15
C PRO H 185 -11.35 32.78 -26.82
N ALA H 186 -10.72 31.95 -26.03
CA ALA H 186 -10.16 32.34 -24.75
C ALA H 186 -8.95 31.51 -24.47
N GLU H 187 -7.84 31.99 -25.01
CA GLU H 187 -6.52 31.42 -24.88
C GLU H 187 -6.45 29.89 -24.81
N GLY H 188 -6.26 29.30 -25.98
CA GLY H 188 -6.25 27.86 -25.92
C GLY H 188 -7.64 27.26 -25.99
N GLY H 189 -8.62 27.78 -25.25
CA GLY H 189 -9.95 27.15 -25.21
C GLY H 189 -11.08 27.99 -25.75
N VAL H 190 -12.31 27.72 -25.37
CA VAL H 190 -13.39 28.61 -25.80
C VAL H 190 -14.39 28.76 -24.73
N VAL H 191 -15.06 29.86 -24.76
CA VAL H 191 -16.20 30.01 -23.90
C VAL H 191 -17.38 30.11 -24.87
N ILE H 192 -18.47 29.45 -24.53
CA ILE H 192 -19.60 29.52 -25.42
C ILE H 192 -20.70 30.04 -24.62
N HIS H 193 -21.41 31.05 -25.06
CA HIS H 193 -22.69 31.39 -24.47
C HIS H 193 -23.75 30.91 -25.45
N CYS H 194 -24.83 30.29 -24.99
CA CYS H 194 -25.82 29.96 -25.99
C CYS H 194 -27.17 29.84 -25.41
N SER H 195 -28.14 29.57 -26.26
CA SER H 195 -29.49 29.53 -25.78
C SER H 195 -29.96 28.10 -25.75
N SER H 196 -29.38 27.31 -24.84
CA SER H 196 -29.75 25.93 -24.95
C SER H 196 -30.27 25.28 -23.74
N GLN H 197 -30.95 24.18 -23.90
CA GLN H 197 -31.34 23.51 -22.69
C GLN H 197 -30.27 22.56 -22.28
N HIS H 198 -29.17 22.47 -22.97
CA HIS H 198 -28.27 21.38 -22.56
C HIS H 198 -26.76 21.69 -22.65
N PRO H 199 -26.27 22.65 -21.82
CA PRO H 199 -24.88 23.15 -21.94
C PRO H 199 -23.91 22.01 -21.80
N SER H 200 -24.11 21.08 -20.87
CA SER H 200 -23.05 20.09 -20.72
C SER H 200 -22.86 19.39 -22.06
N GLU H 201 -23.98 19.11 -22.77
CA GLU H 201 -23.80 18.61 -24.10
C GLU H 201 -23.07 19.61 -25.02
N ILE H 202 -23.48 20.87 -25.04
CA ILE H 202 -22.91 21.80 -25.98
C ILE H 202 -21.42 21.76 -25.71
N GLN H 203 -21.10 21.48 -24.43
CA GLN H 203 -19.69 21.36 -24.11
C GLN H 203 -19.10 20.24 -24.94
N HIS H 204 -19.70 19.10 -24.76
CA HIS H 204 -19.17 17.91 -25.35
C HIS H 204 -19.04 18.19 -26.84
N LYS H 205 -20.12 18.63 -27.47
CA LYS H 205 -19.98 18.70 -28.91
C LYS H 205 -18.94 19.71 -29.37
N VAL H 206 -18.85 20.82 -28.66
CA VAL H 206 -17.89 21.76 -29.10
C VAL H 206 -16.46 21.17 -28.97
N ALA H 207 -16.22 20.53 -27.84
CA ALA H 207 -14.87 20.06 -27.59
C ALA H 207 -14.47 19.12 -28.71
N HIS H 208 -15.39 18.16 -28.98
CA HIS H 208 -15.09 17.20 -30.05
C HIS H 208 -14.92 17.96 -31.36
N ALA H 209 -15.69 19.02 -31.56
CA ALA H 209 -15.61 19.69 -32.83
C ALA H 209 -14.32 20.36 -32.92
N LEU H 210 -13.68 20.67 -31.78
CA LEU H 210 -12.43 21.42 -31.83
C LEU H 210 -11.18 20.59 -31.56
N GLY H 211 -11.34 19.36 -31.15
CA GLY H 211 -10.11 18.65 -30.81
C GLY H 211 -9.57 19.01 -29.43
N LEU H 212 -10.44 19.29 -28.45
CA LEU H 212 -10.00 19.77 -27.14
C LEU H 212 -10.57 18.90 -26.14
N ALA H 213 -9.88 18.65 -25.05
CA ALA H 213 -10.51 17.94 -23.95
C ALA H 213 -11.65 18.81 -23.38
N PHE H 214 -12.62 18.22 -22.72
CA PHE H 214 -13.66 19.00 -22.15
C PHE H 214 -13.20 20.12 -21.26
N HIS H 215 -12.21 19.89 -20.45
CA HIS H 215 -11.90 21.01 -19.58
C HIS H 215 -11.54 22.26 -20.31
N ASP H 216 -11.27 22.21 -21.60
CA ASP H 216 -10.92 23.44 -22.24
C ASP H 216 -12.09 24.15 -22.87
N VAL H 217 -13.32 23.77 -22.49
CA VAL H 217 -14.48 24.40 -23.10
C VAL H 217 -15.54 24.73 -22.08
N ARG H 218 -16.01 25.97 -21.99
CA ARG H 218 -16.94 26.35 -20.92
C ARG H 218 -18.26 26.87 -21.48
N VAL H 219 -19.38 26.38 -21.02
CA VAL H 219 -20.59 26.93 -21.58
C VAL H 219 -21.42 27.61 -20.50
N GLU H 220 -21.94 28.78 -20.75
CA GLU H 220 -22.62 29.48 -19.72
C GLU H 220 -23.86 29.74 -20.38
N MET H 221 -24.96 29.55 -19.70
CA MET H 221 -26.20 29.87 -20.30
C MET H 221 -27.11 30.49 -19.22
N ARG H 222 -27.33 31.79 -19.25
CA ARG H 222 -28.12 32.39 -18.20
C ARG H 222 -29.62 32.18 -18.30
N ARG H 223 -30.18 32.29 -19.52
CA ARG H 223 -31.63 32.09 -19.77
C ARG H 223 -32.03 31.89 -21.22
N MET H 224 -33.06 31.11 -21.44
CA MET H 224 -33.49 30.93 -22.81
C MET H 224 -34.87 31.54 -22.90
N GLY H 225 -35.14 32.26 -23.98
CA GLY H 225 -36.51 32.68 -24.20
C GLY H 225 -37.41 31.54 -24.65
N GLY H 226 -37.57 30.50 -23.87
CA GLY H 226 -38.47 29.44 -24.32
C GLY H 226 -37.70 28.32 -24.98
N GLY H 227 -38.19 27.06 -24.83
CA GLY H 227 -37.44 25.93 -25.36
C GLY H 227 -38.29 24.71 -25.65
N PHE H 228 -39.10 24.34 -24.68
CA PHE H 228 -40.11 23.31 -24.96
C PHE H 228 -39.59 22.07 -25.56
N GLY H 229 -38.31 21.83 -25.40
CA GLY H 229 -37.79 20.60 -25.96
C GLY H 229 -36.98 20.97 -27.19
N GLY H 230 -37.39 22.02 -27.86
CA GLY H 230 -36.70 22.37 -29.07
C GLY H 230 -35.26 22.68 -28.83
N LYS H 231 -34.87 22.80 -27.56
CA LYS H 231 -33.45 23.13 -27.32
C LYS H 231 -32.71 22.10 -26.53
N GLU H 232 -33.29 20.91 -26.48
CA GLU H 232 -32.59 19.83 -25.85
C GLU H 232 -31.40 19.40 -26.67
N SER H 233 -31.34 19.72 -27.96
CA SER H 233 -30.24 19.19 -28.78
C SER H 233 -29.91 20.00 -30.05
N GLN H 234 -30.95 20.60 -30.65
CA GLN H 234 -30.63 21.44 -31.78
C GLN H 234 -29.99 22.74 -31.38
N GLY H 235 -29.29 22.80 -30.27
CA GLY H 235 -28.46 23.97 -30.15
C GLY H 235 -27.10 23.58 -30.76
N ASN H 236 -26.80 22.29 -30.76
CA ASN H 236 -25.53 21.81 -31.15
C ASN H 236 -25.00 22.44 -32.40
N HIS H 237 -25.76 22.41 -33.47
CA HIS H 237 -25.21 22.98 -34.70
C HIS H 237 -24.76 24.39 -34.57
N LEU H 238 -25.54 25.22 -33.92
CA LEU H 238 -25.08 26.58 -33.83
C LEU H 238 -23.74 26.70 -33.06
N ALA H 239 -23.64 25.99 -31.96
CA ALA H 239 -22.43 26.13 -31.15
C ALA H 239 -21.27 25.55 -31.95
N ILE H 240 -21.49 24.44 -32.64
CA ILE H 240 -20.32 23.89 -33.25
C ILE H 240 -19.82 24.96 -34.24
N ALA H 241 -20.78 25.42 -35.01
CA ALA H 241 -20.40 26.28 -36.06
C ALA H 241 -19.74 27.49 -35.39
N CYS H 242 -20.30 27.91 -34.28
CA CYS H 242 -19.68 29.08 -33.81
C CYS H 242 -18.28 28.74 -33.43
N ALA H 243 -18.12 27.62 -32.72
CA ALA H 243 -16.79 27.40 -32.18
C ALA H 243 -15.83 27.25 -33.33
N VAL H 244 -16.18 26.42 -34.26
CA VAL H 244 -15.31 26.28 -35.42
C VAL H 244 -14.86 27.62 -36.11
N ALA H 245 -15.82 28.41 -36.57
CA ALA H 245 -15.43 29.67 -37.23
C ALA H 245 -14.51 30.50 -36.32
N ALA H 246 -14.77 30.42 -35.03
CA ALA H 246 -13.99 31.25 -34.18
C ALA H 246 -12.56 30.69 -34.21
N ARG H 247 -12.41 29.38 -33.95
CA ARG H 247 -11.08 28.80 -34.07
C ARG H 247 -10.36 29.26 -35.34
N ALA H 248 -11.07 29.42 -36.44
CA ALA H 248 -10.41 29.68 -37.69
C ALA H 248 -10.06 31.13 -37.92
N THR H 249 -11.04 31.98 -37.76
CA THR H 249 -10.86 33.37 -38.06
C THR H 249 -10.10 34.08 -36.99
N GLY H 250 -9.95 33.48 -35.80
CA GLY H 250 -9.24 34.20 -34.77
C GLY H 250 -10.22 35.09 -34.03
N ARG H 251 -11.48 35.12 -34.38
CA ARG H 251 -12.29 36.01 -33.59
C ARG H 251 -13.71 35.63 -33.15
N PRO H 252 -14.25 36.33 -32.21
CA PRO H 252 -15.49 35.85 -31.63
C PRO H 252 -16.48 35.66 -32.79
N CYS H 253 -17.34 34.63 -32.75
CA CYS H 253 -18.34 34.43 -33.79
C CYS H 253 -19.66 34.13 -33.20
N LYS H 254 -20.70 34.85 -33.57
CA LYS H 254 -22.04 34.58 -33.03
C LYS H 254 -22.94 33.96 -34.10
N MET H 255 -24.04 33.33 -33.74
CA MET H 255 -24.92 32.90 -34.80
C MET H 255 -26.36 32.75 -34.34
N ARG H 256 -27.31 33.25 -35.11
CA ARG H 256 -28.62 33.08 -34.60
C ARG H 256 -29.40 32.80 -35.86
N TYR H 257 -30.52 32.10 -35.76
CA TYR H 257 -31.20 31.77 -36.97
C TYR H 257 -32.37 32.63 -37.21
N ASP H 258 -32.43 33.22 -38.40
CA ASP H 258 -33.61 33.93 -38.83
C ASP H 258 -34.78 33.00 -38.80
N ARG H 259 -35.91 33.50 -38.42
CA ARG H 259 -36.95 32.57 -38.16
C ARG H 259 -37.09 31.64 -39.21
N ASP H 260 -37.07 32.14 -40.44
CA ASP H 260 -37.39 31.30 -41.59
C ASP H 260 -36.43 30.12 -41.59
N ASP H 261 -35.11 30.36 -41.56
CA ASP H 261 -34.14 29.28 -41.39
C ASP H 261 -34.50 28.36 -40.23
N ASP H 262 -34.68 28.96 -39.07
CA ASP H 262 -34.99 28.17 -37.90
C ASP H 262 -36.01 27.11 -38.21
N MET H 263 -37.12 27.48 -38.85
CA MET H 263 -38.21 26.49 -39.00
C MET H 263 -37.86 25.47 -40.01
N VAL H 264 -36.99 25.86 -40.93
CA VAL H 264 -36.69 24.95 -41.98
C VAL H 264 -35.74 23.89 -41.48
N ILE H 265 -34.72 24.29 -40.67
CA ILE H 265 -33.62 23.44 -40.26
C ILE H 265 -33.85 22.60 -39.07
N THR H 266 -34.62 23.07 -38.13
CA THR H 266 -34.63 22.36 -36.86
C THR H 266 -35.74 21.43 -36.88
N GLY H 267 -35.81 20.58 -35.88
CA GLY H 267 -36.86 19.57 -35.84
C GLY H 267 -38.23 20.02 -35.35
N LYS H 268 -39.19 19.11 -35.37
CA LYS H 268 -40.47 19.38 -34.73
C LYS H 268 -40.93 18.15 -33.99
N ARG H 269 -42.13 18.20 -33.45
CA ARG H 269 -42.65 17.02 -32.74
C ARG H 269 -42.81 15.92 -33.74
N HIS H 270 -42.60 14.73 -33.28
CA HIS H 270 -42.73 13.60 -34.14
C HIS H 270 -44.18 13.42 -34.44
N ASP H 271 -44.63 13.60 -35.71
CA ASP H 271 -46.01 13.29 -36.10
C ASP H 271 -46.15 11.78 -36.16
N PHE H 272 -47.31 11.27 -35.80
CA PHE H 272 -47.53 9.81 -35.75
C PHE H 272 -48.77 9.52 -36.55
N ARG H 273 -48.93 8.22 -36.82
CA ARG H 273 -50.17 7.63 -37.32
C ARG H 273 -50.39 6.55 -36.32
N ILE H 274 -51.59 6.40 -35.82
CA ILE H 274 -51.78 5.37 -34.80
C ILE H 274 -52.91 4.52 -35.26
N ARG H 275 -52.74 3.21 -35.13
CA ARG H 275 -53.74 2.25 -35.64
C ARG H 275 -54.05 1.46 -34.40
N TYR H 276 -55.31 1.43 -33.99
CA TYR H 276 -55.67 0.67 -32.77
C TYR H 276 -56.83 -0.34 -32.88
N ARG H 277 -56.87 -1.31 -31.99
CA ARG H 277 -58.03 -2.14 -31.84
C ARG H 277 -58.24 -2.20 -30.37
N ILE H 278 -59.34 -1.69 -29.85
CA ILE H 278 -59.51 -1.93 -28.42
C ILE H 278 -60.80 -2.68 -28.09
N GLY H 279 -60.82 -3.42 -26.98
CA GLY H 279 -62.00 -4.23 -26.67
C GLY H 279 -62.33 -4.37 -25.19
N ALA H 280 -63.62 -4.37 -24.88
CA ALA H 280 -64.04 -4.56 -23.49
C ALA H 280 -65.12 -5.60 -23.30
N ASP H 281 -65.36 -5.78 -22.02
CA ASP H 281 -66.34 -6.57 -21.33
C ASP H 281 -67.76 -6.11 -21.67
N ALA H 282 -68.76 -6.77 -21.09
CA ALA H 282 -70.15 -6.29 -21.24
C ALA H 282 -70.37 -5.12 -20.27
N SER H 283 -69.74 -5.21 -19.10
CA SER H 283 -69.90 -4.16 -18.10
C SER H 283 -69.09 -2.93 -18.48
N GLY H 284 -68.15 -3.09 -19.42
CA GLY H 284 -67.31 -1.96 -19.82
C GLY H 284 -65.82 -2.04 -19.46
N LYS H 285 -65.40 -3.02 -18.68
CA LYS H 285 -63.98 -3.10 -18.31
C LYS H 285 -63.08 -3.42 -19.55
N LEU H 286 -62.03 -2.65 -19.79
CA LEU H 286 -61.18 -2.99 -20.92
C LEU H 286 -60.65 -4.42 -20.84
N LEU H 287 -60.60 -5.07 -22.01
CA LEU H 287 -60.13 -6.43 -22.03
C LEU H 287 -58.75 -6.47 -22.54
N GLY H 288 -58.44 -5.54 -23.44
CA GLY H 288 -57.14 -5.52 -24.06
C GLY H 288 -57.14 -4.39 -25.04
N ALA H 289 -55.95 -3.98 -25.47
CA ALA H 289 -55.89 -2.94 -26.52
C ALA H 289 -54.65 -3.22 -27.31
N ASP H 290 -54.66 -3.07 -28.63
CA ASP H 290 -53.52 -3.42 -29.49
C ASP H 290 -53.30 -2.23 -30.36
N PHE H 291 -52.09 -1.66 -30.27
CA PHE H 291 -51.71 -0.43 -30.95
C PHE H 291 -50.51 -0.50 -31.91
N VAL H 292 -50.60 0.16 -33.04
CA VAL H 292 -49.38 0.20 -33.83
C VAL H 292 -49.12 1.63 -34.07
N HIS H 293 -47.86 2.02 -33.75
CA HIS H 293 -47.44 3.42 -33.87
C HIS H 293 -46.49 3.57 -35.01
N LEU H 294 -46.79 4.46 -35.95
CA LEU H 294 -45.83 4.72 -36.99
C LEU H 294 -45.41 6.12 -36.67
N ALA H 295 -44.10 6.37 -36.63
CA ALA H 295 -43.59 7.67 -36.25
C ALA H 295 -42.53 8.23 -37.19
N ARG H 296 -42.74 9.48 -37.57
CA ARG H 296 -41.98 10.12 -38.63
C ARG H 296 -40.77 10.76 -38.04
N CYS H 297 -39.58 10.21 -38.16
CA CYS H 297 -38.50 10.84 -37.41
C CYS H 297 -37.64 11.75 -38.16
N GLY H 298 -37.68 11.75 -39.46
CA GLY H 298 -36.74 12.67 -40.10
C GLY H 298 -35.50 11.92 -40.50
N TRP H 299 -34.55 12.70 -40.99
CA TRP H 299 -33.41 12.07 -41.59
C TRP H 299 -32.32 11.60 -40.75
N SER H 300 -32.38 11.75 -39.43
CA SER H 300 -31.31 11.23 -38.63
C SER H 300 -31.87 10.86 -37.29
N ALA H 301 -31.11 10.23 -36.42
CA ALA H 301 -31.77 9.72 -35.23
C ALA H 301 -32.27 10.77 -34.22
N ASP H 302 -31.52 11.83 -34.01
CA ASP H 302 -31.83 12.74 -32.91
C ASP H 302 -32.39 12.02 -31.70
N LEU H 303 -33.48 12.49 -31.14
CA LEU H 303 -33.96 11.78 -29.95
C LEU H 303 -35.13 10.82 -30.22
N SER H 304 -35.25 10.41 -31.46
CA SER H 304 -36.35 9.53 -31.80
C SER H 304 -36.39 8.32 -30.87
N LEU H 305 -35.21 7.78 -30.57
CA LEU H 305 -35.20 6.61 -29.73
C LEU H 305 -35.94 6.77 -28.42
N PRO H 306 -35.58 7.72 -27.60
CA PRO H 306 -36.31 7.84 -26.34
C PRO H 306 -37.73 8.30 -26.65
N VAL H 307 -37.93 9.15 -27.65
CA VAL H 307 -39.28 9.63 -27.73
C VAL H 307 -40.25 8.50 -27.98
N CYS H 308 -40.06 7.76 -29.07
CA CYS H 308 -40.97 6.69 -29.32
C CYS H 308 -41.06 5.81 -28.10
N ASP H 309 -39.91 5.50 -27.46
CA ASP H 309 -39.99 4.83 -26.15
C ASP H 309 -41.07 5.48 -25.24
N ARG H 310 -41.09 6.79 -25.19
CA ARG H 310 -42.00 7.31 -24.21
C ARG H 310 -43.43 7.06 -24.65
N ALA H 311 -43.67 7.08 -25.96
CA ALA H 311 -45.05 6.97 -26.39
C ALA H 311 -45.52 5.60 -26.10
N MET H 312 -44.68 4.64 -26.40
CA MET H 312 -45.16 3.30 -26.14
C MET H 312 -45.50 3.28 -24.68
N LEU H 313 -44.59 3.86 -23.92
CA LEU H 313 -44.65 3.90 -22.49
C LEU H 313 -45.97 4.56 -22.04
N HIS H 314 -46.57 5.40 -22.86
CA HIS H 314 -47.79 5.96 -22.36
C HIS H 314 -49.10 5.51 -23.03
N ALA H 315 -48.98 4.46 -23.82
CA ALA H 315 -50.08 3.97 -24.59
C ALA H 315 -51.21 3.46 -23.71
N ASP H 316 -51.03 3.44 -22.39
CA ASP H 316 -52.10 2.88 -21.58
C ASP H 316 -52.94 4.05 -21.13
N GLY H 317 -52.42 5.19 -21.49
CA GLY H 317 -53.09 6.43 -21.16
C GLY H 317 -53.37 6.30 -19.69
N SER H 318 -54.58 6.62 -19.25
CA SER H 318 -54.86 6.51 -17.85
C SER H 318 -55.50 5.22 -17.48
N TYR H 319 -55.35 4.15 -18.26
CA TYR H 319 -56.17 3.02 -17.80
C TYR H 319 -55.42 1.73 -17.53
N PHE H 320 -56.02 0.88 -16.70
CA PHE H 320 -55.40 -0.41 -16.46
C PHE H 320 -55.90 -1.27 -17.59
N VAL H 321 -55.06 -2.13 -18.13
CA VAL H 321 -55.42 -2.91 -19.29
C VAL H 321 -54.87 -4.30 -19.23
N PRO H 322 -55.69 -5.30 -19.10
CA PRO H 322 -55.15 -6.64 -18.81
C PRO H 322 -54.25 -7.06 -19.89
N ALA H 323 -54.48 -6.64 -21.12
CA ALA H 323 -53.54 -7.06 -22.18
C ALA H 323 -53.32 -5.91 -23.11
N LEU H 324 -52.08 -5.76 -23.53
CA LEU H 324 -51.80 -4.59 -24.32
C LEU H 324 -50.52 -4.79 -25.11
N ARG H 325 -50.54 -4.45 -26.40
CA ARG H 325 -49.42 -4.68 -27.29
C ARG H 325 -49.00 -3.41 -28.02
N ILE H 326 -47.74 -3.16 -28.30
CA ILE H 326 -47.55 -1.99 -29.09
C ILE H 326 -46.53 -2.35 -30.09
N GLU H 327 -46.67 -1.84 -31.31
CA GLU H 327 -45.66 -2.15 -32.28
C GLU H 327 -45.25 -0.83 -32.80
N SER H 328 -43.99 -0.48 -32.58
CA SER H 328 -43.54 0.90 -32.77
C SER H 328 -42.41 1.07 -33.77
N HIS H 329 -42.72 1.70 -34.89
CA HIS H 329 -41.78 1.78 -35.97
C HIS H 329 -41.20 3.17 -35.98
N ARG H 330 -39.90 3.30 -36.04
CA ARG H 330 -39.44 4.66 -36.04
C ARG H 330 -38.93 4.89 -37.39
N LEU H 331 -39.77 5.54 -38.20
CA LEU H 331 -39.44 5.61 -39.62
C LEU H 331 -38.54 6.71 -40.00
N ARG H 332 -37.59 6.44 -40.86
CA ARG H 332 -36.66 7.46 -41.32
C ARG H 332 -37.21 8.11 -42.56
N THR H 333 -37.10 9.44 -42.70
CA THR H 333 -37.63 10.07 -43.90
C THR H 333 -36.86 11.25 -44.14
N ASN H 334 -36.96 11.78 -45.33
CA ASN H 334 -36.12 12.87 -45.73
C ASN H 334 -36.68 14.20 -45.32
N THR H 335 -37.01 14.32 -44.06
CA THR H 335 -37.41 15.60 -43.58
C THR H 335 -36.77 15.98 -42.26
N GLN H 336 -37.16 17.12 -41.76
CA GLN H 336 -36.46 17.65 -40.61
C GLN H 336 -36.37 16.56 -39.57
N SER H 337 -35.19 16.45 -38.94
CA SER H 337 -34.98 15.43 -37.90
C SER H 337 -35.73 15.76 -36.66
N ASN H 338 -36.88 15.15 -36.49
CA ASN H 338 -37.67 15.40 -35.30
C ASN H 338 -36.98 15.14 -33.96
N THR H 339 -37.55 15.68 -32.88
CA THR H 339 -36.80 15.80 -31.65
C THR H 339 -37.70 16.01 -30.47
N ALA H 340 -37.16 16.58 -29.42
CA ALA H 340 -38.02 16.69 -28.27
C ALA H 340 -39.04 17.81 -28.40
N PHE H 341 -40.15 17.66 -27.69
CA PHE H 341 -41.20 18.71 -27.53
C PHE H 341 -42.09 18.34 -26.31
N ARG H 342 -42.05 19.23 -25.32
CA ARG H 342 -42.86 19.11 -24.11
C ARG H 342 -43.86 18.05 -24.24
N GLY H 343 -43.63 16.92 -23.61
CA GLY H 343 -44.53 15.78 -23.70
C GLY H 343 -43.60 14.61 -24.00
N PHE H 344 -42.62 14.92 -24.87
CA PHE H 344 -41.65 13.92 -25.27
C PHE H 344 -42.35 12.63 -25.63
N GLY H 345 -43.27 12.64 -26.61
CA GLY H 345 -43.87 11.40 -27.09
C GLY H 345 -45.08 10.97 -26.31
N GLY H 346 -45.12 11.46 -25.07
CA GLY H 346 -46.19 11.08 -24.19
C GLY H 346 -47.53 11.38 -24.76
N PRO H 347 -47.72 12.58 -25.15
CA PRO H 347 -49.04 12.94 -25.65
C PRO H 347 -49.38 11.99 -26.79
N GLN H 348 -48.47 11.82 -27.76
CA GLN H 348 -48.84 10.92 -28.84
C GLN H 348 -49.31 9.60 -28.23
N GLY H 349 -48.49 8.97 -27.43
CA GLY H 349 -48.97 7.71 -26.94
C GLY H 349 -50.38 7.84 -26.34
N ALA H 350 -50.59 8.95 -25.61
CA ALA H 350 -51.74 9.01 -24.76
C ALA H 350 -52.93 9.24 -25.63
N LEU H 351 -52.66 10.03 -26.67
CA LEU H 351 -53.78 10.46 -27.51
C LEU H 351 -54.28 9.21 -28.09
N GLY H 352 -53.33 8.38 -28.54
CA GLY H 352 -53.65 7.06 -29.06
C GLY H 352 -54.71 6.40 -28.22
N MET H 353 -54.41 6.13 -26.97
CA MET H 353 -55.38 5.40 -26.17
C MET H 353 -56.60 6.27 -25.93
N GLU H 354 -56.44 7.59 -25.83
CA GLU H 354 -57.66 8.33 -25.57
C GLU H 354 -58.61 8.18 -26.71
N ARG H 355 -58.12 8.28 -27.97
CA ARG H 355 -58.99 8.24 -29.14
C ARG H 355 -59.61 6.87 -29.03
N ALA H 356 -58.82 5.84 -28.79
CA ALA H 356 -59.45 4.55 -28.92
C ALA H 356 -60.62 4.52 -28.00
N ILE H 357 -60.37 4.86 -26.76
CA ILE H 357 -61.40 4.65 -25.78
C ILE H 357 -62.65 5.44 -26.19
N GLU H 358 -62.45 6.62 -26.71
CA GLU H 358 -63.62 7.37 -27.13
C GLU H 358 -64.33 6.54 -28.19
N HIS H 359 -63.57 6.06 -29.19
CA HIS H 359 -64.15 5.25 -30.23
C HIS H 359 -64.93 4.10 -29.50
N LEU H 360 -64.24 3.36 -28.69
CA LEU H 360 -64.95 2.33 -27.96
C LEU H 360 -66.26 2.86 -27.36
N ALA H 361 -66.18 3.96 -26.65
CA ALA H 361 -67.41 4.36 -26.04
C ALA H 361 -68.52 4.59 -27.09
N ARG H 362 -68.22 5.35 -28.13
CA ARG H 362 -69.31 5.67 -29.08
C ARG H 362 -69.93 4.38 -29.57
N GLY H 363 -69.07 3.41 -29.87
CA GLY H 363 -69.49 2.08 -30.25
C GLY H 363 -70.51 1.47 -29.33
N MET H 364 -70.37 1.58 -28.01
CA MET H 364 -71.38 0.90 -27.23
C MET H 364 -72.40 1.87 -26.73
N GLY H 365 -72.46 3.02 -27.41
CA GLY H 365 -73.41 4.04 -26.99
C GLY H 365 -73.29 4.27 -25.50
N ARG H 366 -72.06 4.21 -25.00
CA ARG H 366 -71.90 4.57 -23.61
C ARG H 366 -71.30 5.94 -23.47
N ASP H 367 -71.55 6.59 -22.34
CA ASP H 367 -70.91 7.88 -22.13
C ASP H 367 -69.38 7.69 -21.89
N PRO H 368 -68.57 8.33 -22.71
CA PRO H 368 -67.12 8.17 -22.62
C PRO H 368 -66.68 8.32 -21.19
N ALA H 369 -67.14 9.39 -20.53
CA ALA H 369 -66.76 9.63 -19.14
C ALA H 369 -66.89 8.45 -18.18
N GLU H 370 -68.05 7.79 -18.11
CA GLU H 370 -68.13 6.65 -17.20
C GLU H 370 -67.12 5.66 -17.73
N LEU H 371 -67.08 5.47 -19.02
CA LEU H 371 -66.24 4.43 -19.52
C LEU H 371 -64.86 4.61 -18.95
N ARG H 372 -64.32 5.80 -19.09
CA ARG H 372 -62.99 6.04 -18.55
C ARG H 372 -63.01 5.81 -17.01
N ALA H 373 -63.84 6.64 -16.37
CA ALA H 373 -63.94 6.54 -14.94
C ALA H 373 -63.79 5.07 -14.56
N LEU H 374 -64.52 4.22 -15.27
CA LEU H 374 -64.56 2.84 -14.94
C LEU H 374 -63.21 2.11 -15.11
N ASN H 375 -62.29 2.66 -15.90
CA ASN H 375 -61.06 1.91 -16.12
C ASN H 375 -59.82 2.63 -15.62
N PHE H 376 -59.99 3.65 -14.81
CA PHE H 376 -58.78 4.27 -14.31
C PHE H 376 -58.16 3.20 -13.50
N TYR H 377 -56.87 3.37 -13.22
CA TYR H 377 -56.14 2.52 -12.30
C TYR H 377 -56.78 2.71 -10.95
N ASP H 378 -56.86 1.62 -10.19
CA ASP H 378 -57.38 1.63 -8.81
C ASP H 378 -56.62 2.61 -7.89
N PRO H 379 -57.31 3.28 -6.97
CA PRO H 379 -56.64 4.20 -6.02
C PRO H 379 -55.67 3.44 -5.10
N PRO H 380 -54.89 4.14 -4.29
CA PRO H 380 -53.87 3.47 -3.48
C PRO H 380 -54.47 2.99 -2.17
N GLU H 381 -53.85 2.01 -1.51
CA GLU H 381 -54.37 1.41 -0.25
C GLU H 381 -55.45 0.31 -0.46
N LYS H 398 -53.45 -6.31 -1.10
CA LYS H 398 -52.83 -7.43 -1.83
C LYS H 398 -52.84 -7.10 -3.34
N LYS H 399 -51.73 -7.44 -3.99
CA LYS H 399 -51.53 -7.21 -5.43
C LYS H 399 -52.05 -5.84 -5.93
N THR H 400 -51.12 -5.00 -6.37
CA THR H 400 -51.46 -3.68 -6.87
C THR H 400 -51.40 -3.79 -8.40
N GLN H 401 -52.18 -3.00 -9.10
CA GLN H 401 -52.19 -3.18 -10.53
C GLN H 401 -50.91 -2.74 -11.19
N THR H 402 -50.61 -3.20 -12.41
CA THR H 402 -49.42 -2.74 -13.09
C THR H 402 -49.71 -2.12 -14.41
N THR H 403 -48.70 -1.46 -14.96
CA THR H 403 -48.85 -0.92 -16.30
C THR H 403 -48.42 -2.04 -17.20
N HIS H 404 -48.52 -1.80 -18.50
CA HIS H 404 -48.13 -2.84 -19.39
C HIS H 404 -46.63 -2.98 -19.40
N TYR H 405 -45.91 -2.18 -18.64
CA TYR H 405 -44.51 -2.44 -18.61
C TYR H 405 -44.16 -2.97 -17.25
N GLY H 406 -45.18 -3.25 -16.47
CA GLY H 406 -44.94 -3.93 -15.20
C GLY H 406 -44.59 -3.09 -13.96
N GLN H 407 -44.94 -1.80 -13.94
CA GLN H 407 -44.59 -0.94 -12.84
C GLN H 407 -45.85 -0.67 -12.05
N GLU H 408 -45.78 -0.93 -10.75
CA GLU H 408 -46.97 -0.80 -9.94
C GLU H 408 -47.43 0.60 -9.95
N VAL H 409 -48.71 0.84 -10.01
CA VAL H 409 -49.25 2.18 -9.98
C VAL H 409 -49.92 2.36 -8.66
N ALA H 410 -49.14 2.89 -7.74
CA ALA H 410 -49.52 2.96 -6.35
C ALA H 410 -49.94 4.31 -5.93
N ASP H 411 -50.23 5.22 -6.86
CA ASP H 411 -50.52 6.59 -6.42
C ASP H 411 -51.55 7.31 -7.29
N CYS H 412 -52.35 6.55 -7.99
CA CYS H 412 -53.25 7.09 -8.96
C CYS H 412 -54.44 7.68 -8.27
N VAL H 413 -54.64 8.96 -8.31
CA VAL H 413 -55.79 9.44 -7.58
C VAL H 413 -56.90 9.89 -8.53
N LEU H 414 -56.92 9.28 -9.73
CA LEU H 414 -57.74 9.89 -10.77
C LEU H 414 -59.20 9.81 -10.40
N GLY H 415 -59.58 8.64 -9.85
CA GLY H 415 -60.96 8.43 -9.48
C GLY H 415 -61.42 9.67 -8.73
N GLU H 416 -60.80 9.89 -7.56
CA GLU H 416 -61.16 11.01 -6.70
C GLU H 416 -61.13 12.32 -7.50
N LEU H 417 -60.00 12.57 -8.13
CA LEU H 417 -59.82 13.87 -8.79
C LEU H 417 -60.89 14.15 -9.82
N VAL H 418 -61.06 13.26 -10.80
CA VAL H 418 -62.03 13.54 -11.84
C VAL H 418 -63.34 13.89 -11.18
N THR H 419 -63.82 12.99 -10.32
CA THR H 419 -65.06 13.31 -9.62
C THR H 419 -65.06 14.78 -9.19
N ARG H 420 -64.17 15.09 -8.27
CA ARG H 420 -64.13 16.42 -7.80
C ARG H 420 -64.20 17.45 -8.94
N LEU H 421 -63.61 17.11 -10.10
CA LEU H 421 -63.54 18.13 -11.14
C LEU H 421 -64.91 18.28 -11.80
N GLN H 422 -65.56 17.15 -12.03
CA GLN H 422 -66.84 17.14 -12.69
C GLN H 422 -67.78 18.01 -11.87
N LYS H 423 -67.70 17.88 -10.54
CA LYS H 423 -68.63 18.62 -9.72
C LYS H 423 -68.20 20.06 -9.77
N SER H 424 -66.93 20.31 -9.62
CA SER H 424 -66.61 21.71 -9.61
C SER H 424 -66.98 22.42 -10.91
N ALA H 425 -67.03 21.70 -12.02
CA ALA H 425 -67.30 22.41 -13.30
C ALA H 425 -68.71 22.16 -13.79
N ASN H 426 -69.49 21.47 -12.96
CA ASN H 426 -70.89 21.45 -13.25
C ASN H 426 -71.00 20.71 -14.57
N PHE H 427 -70.34 19.55 -14.60
CA PHE H 427 -70.26 18.75 -15.82
C PHE H 427 -71.61 18.23 -16.28
N THR H 428 -72.19 17.33 -15.50
CA THR H 428 -73.49 16.73 -15.86
C THR H 428 -74.52 17.77 -16.34
N THR H 429 -74.73 18.80 -15.54
CA THR H 429 -75.71 19.78 -15.93
C THR H 429 -75.30 20.34 -17.27
N ARG H 430 -74.04 20.71 -17.36
CA ARG H 430 -73.60 21.39 -18.59
C ARG H 430 -73.86 20.52 -19.81
N ARG H 431 -73.59 19.22 -19.63
CA ARG H 431 -73.73 18.30 -20.68
C ARG H 431 -75.12 18.48 -21.23
N ALA H 432 -76.12 18.35 -20.37
CA ALA H 432 -77.52 18.55 -20.75
C ALA H 432 -77.74 19.86 -21.44
N GLU H 433 -77.46 20.96 -20.76
CA GLU H 433 -77.68 22.23 -21.43
C GLU H 433 -77.24 22.12 -22.90
N ILE H 434 -76.09 21.50 -23.14
CA ILE H 434 -75.59 21.45 -24.50
C ILE H 434 -76.40 20.59 -25.45
N ALA H 435 -76.84 19.42 -25.03
CA ALA H 435 -77.68 18.59 -25.88
C ALA H 435 -78.86 19.47 -26.39
N ALA H 436 -79.64 19.98 -25.45
CA ALA H 436 -80.75 20.88 -25.72
C ALA H 436 -80.33 21.91 -26.78
N TRP H 437 -79.41 22.79 -26.40
CA TRP H 437 -78.91 23.81 -27.28
C TRP H 437 -78.57 23.26 -28.67
N ASN H 438 -77.98 22.08 -28.73
CA ASN H 438 -77.69 21.63 -30.06
C ASN H 438 -78.96 21.44 -30.86
N SER H 439 -79.89 20.66 -30.30
CA SER H 439 -81.14 20.27 -30.98
C SER H 439 -81.95 21.46 -31.41
N THR H 440 -81.55 22.67 -31.06
CA THR H 440 -82.23 23.90 -31.46
C THR H 440 -81.37 24.65 -32.42
N ASN H 441 -80.25 24.04 -32.84
CA ASN H 441 -79.38 24.77 -33.78
C ASN H 441 -79.10 23.93 -34.96
N ARG H 442 -78.90 24.57 -36.08
CA ARG H 442 -78.65 23.80 -37.29
C ARG H 442 -77.36 24.28 -37.97
N THR H 443 -76.80 25.39 -37.50
CA THR H 443 -75.54 25.83 -38.04
C THR H 443 -74.36 25.63 -37.10
N LEU H 444 -74.62 25.64 -35.80
CA LEU H 444 -73.56 25.51 -34.85
C LEU H 444 -73.74 24.29 -34.02
N ALA H 445 -72.67 23.78 -33.45
CA ALA H 445 -72.88 22.76 -32.47
C ALA H 445 -71.79 22.89 -31.43
N ARG H 446 -72.19 22.70 -30.18
CA ARG H 446 -71.22 22.87 -29.16
C ARG H 446 -70.99 21.45 -28.81
N GLY H 447 -69.79 21.22 -28.27
CA GLY H 447 -69.45 19.91 -27.73
C GLY H 447 -68.57 20.10 -26.51
N ILE H 448 -68.48 19.02 -25.69
CA ILE H 448 -67.70 19.08 -24.46
C ILE H 448 -67.05 17.75 -24.10
N ALA H 449 -65.80 17.74 -23.67
CA ALA H 449 -65.27 16.44 -23.26
C ALA H 449 -64.42 16.45 -21.96
N LEU H 450 -64.24 15.30 -21.32
CA LEU H 450 -63.37 15.26 -20.15
C LEU H 450 -62.21 14.30 -20.44
N SER H 451 -60.99 14.70 -20.08
CA SER H 451 -59.87 13.80 -20.39
C SER H 451 -58.87 13.87 -19.34
N PRO H 452 -58.37 12.72 -18.99
CA PRO H 452 -57.45 12.61 -17.84
C PRO H 452 -55.97 12.46 -18.25
N VAL H 453 -55.10 12.70 -17.30
CA VAL H 453 -53.71 12.52 -17.60
C VAL H 453 -52.94 11.71 -16.57
N LYS H 454 -52.04 10.86 -17.05
CA LYS H 454 -51.17 10.22 -16.13
C LYS H 454 -49.86 10.29 -16.84
N PHE H 455 -48.82 10.88 -16.27
CA PHE H 455 -47.56 11.05 -16.94
C PHE H 455 -46.36 10.68 -16.05
N GLY H 456 -45.61 9.61 -16.40
CA GLY H 456 -44.46 9.13 -15.60
C GLY H 456 -43.36 10.20 -15.47
N ILE H 457 -42.63 10.23 -14.33
CA ILE H 457 -41.59 11.27 -14.15
C ILE H 457 -40.16 10.75 -14.04
N SER H 458 -39.25 11.23 -14.89
CA SER H 458 -37.88 10.73 -14.92
C SER H 458 -37.39 10.34 -16.33
N PHE H 459 -36.14 10.60 -16.65
CA PHE H 459 -35.67 10.26 -17.98
C PHE H 459 -35.88 8.75 -18.20
N THR H 460 -36.19 8.30 -19.42
CA THR H 460 -36.31 6.85 -19.55
C THR H 460 -34.96 6.34 -19.76
N LEU H 461 -34.05 7.20 -20.17
CA LEU H 461 -32.66 6.80 -20.33
C LEU H 461 -32.07 7.00 -18.90
N THR H 462 -32.23 6.01 -18.03
CA THR H 462 -31.97 6.19 -16.60
C THR H 462 -30.82 6.96 -16.05
N HIS H 463 -29.63 6.80 -16.60
CA HIS H 463 -28.54 7.48 -15.94
C HIS H 463 -28.66 8.95 -16.10
N LEU H 464 -29.57 9.43 -16.91
CA LEU H 464 -29.71 10.87 -16.91
C LEU H 464 -30.32 11.40 -15.67
N ASN H 465 -30.84 10.60 -14.77
CA ASN H 465 -31.43 11.35 -13.66
C ASN H 465 -30.52 11.65 -12.49
N GLN H 466 -29.65 12.67 -12.68
CA GLN H 466 -28.72 13.20 -11.66
C GLN H 466 -28.61 14.71 -11.86
N ALA H 467 -28.39 15.48 -10.80
CA ALA H 467 -28.20 16.91 -10.96
C ALA H 467 -27.29 17.30 -9.86
N GLY H 468 -26.66 18.48 -10.03
CA GLY H 468 -25.69 18.99 -9.08
C GLY H 468 -25.82 20.50 -8.79
N ALA H 469 -25.29 20.98 -7.69
CA ALA H 469 -25.46 22.41 -7.39
C ALA H 469 -24.24 22.77 -6.63
N LEU H 470 -24.05 24.07 -6.56
CA LEU H 470 -22.90 24.57 -5.92
C LEU H 470 -23.46 25.76 -5.14
N VAL H 471 -23.25 25.82 -3.83
CA VAL H 471 -23.69 26.99 -3.08
C VAL H 471 -22.62 27.87 -2.32
N GLN H 472 -22.67 29.18 -2.38
CA GLN H 472 -21.68 29.89 -1.68
C GLN H 472 -22.32 30.80 -0.68
N ILE H 473 -21.76 30.88 0.54
CA ILE H 473 -22.20 31.93 1.45
C ILE H 473 -21.12 32.98 1.73
N TYR H 474 -21.26 34.19 1.26
CA TYR H 474 -20.19 35.12 1.64
C TYR H 474 -20.33 35.79 3.06
N THR H 475 -19.31 36.56 3.44
CA THR H 475 -19.31 37.11 4.81
C THR H 475 -20.39 38.09 5.16
N ASP H 476 -21.14 38.65 4.19
CA ASP H 476 -22.27 39.56 4.57
C ASP H 476 -23.48 38.73 4.72
N GLY H 477 -23.34 37.42 4.65
CA GLY H 477 -24.49 36.59 4.79
C GLY H 477 -25.24 36.42 3.49
N SER H 478 -24.97 37.20 2.44
CA SER H 478 -25.71 36.95 1.20
C SER H 478 -25.19 35.69 0.63
N VAL H 479 -25.96 35.17 -0.32
CA VAL H 479 -25.72 33.85 -0.90
C VAL H 479 -25.87 33.79 -2.37
N ALA H 480 -24.92 33.06 -2.97
CA ALA H 480 -24.91 32.72 -4.41
C ALA H 480 -25.39 31.26 -4.65
N LEU H 481 -26.43 31.11 -5.39
CA LEU H 481 -26.88 29.78 -5.69
C LEU H 481 -26.47 29.40 -7.11
N ASN H 482 -26.00 28.18 -7.28
CA ASN H 482 -25.71 27.74 -8.61
C ASN H 482 -26.13 26.35 -8.83
N HIS H 483 -26.87 26.06 -9.92
CA HIS H 483 -27.28 24.69 -10.14
C HIS H 483 -27.23 24.21 -11.60
N GLY H 484 -27.74 23.04 -11.93
CA GLY H 484 -27.43 22.59 -13.26
C GLY H 484 -28.52 22.81 -14.26
N GLY H 485 -29.68 23.19 -13.74
CA GLY H 485 -30.84 23.28 -14.59
C GLY H 485 -30.70 24.52 -15.44
N THR H 486 -31.57 24.70 -16.44
CA THR H 486 -31.55 25.95 -17.17
C THR H 486 -32.90 26.56 -17.18
N GLU H 487 -32.93 27.88 -17.11
CA GLU H 487 -34.22 28.57 -17.05
C GLU H 487 -34.66 28.93 -18.43
N MET H 488 -35.80 28.36 -18.78
CA MET H 488 -36.34 28.74 -20.07
C MET H 488 -37.75 29.30 -19.84
N GLY H 489 -37.95 29.95 -18.68
CA GLY H 489 -39.19 30.65 -18.42
C GLY H 489 -40.09 29.87 -17.51
N GLN H 490 -39.68 28.67 -17.09
CA GLN H 490 -40.67 27.87 -16.34
C GLN H 490 -40.48 28.06 -14.92
N GLY H 491 -39.56 28.95 -14.55
CA GLY H 491 -39.46 29.27 -13.15
C GLY H 491 -38.64 28.36 -12.28
N LEU H 492 -37.72 27.67 -12.93
CA LEU H 492 -36.93 26.75 -12.15
C LEU H 492 -36.15 27.61 -11.19
N HIS H 493 -35.27 28.45 -11.71
CA HIS H 493 -34.58 29.33 -10.79
C HIS H 493 -35.38 29.82 -9.54
N ALA H 494 -36.62 30.23 -9.63
CA ALA H 494 -37.18 30.74 -8.39
C ALA H 494 -37.30 29.53 -7.54
N LYS H 495 -37.94 28.50 -8.07
CA LYS H 495 -38.16 27.40 -7.18
C LYS H 495 -36.78 27.01 -6.58
N MET H 496 -35.72 27.01 -7.38
CA MET H 496 -34.49 26.64 -6.73
C MET H 496 -34.19 27.66 -5.59
N VAL H 497 -34.28 28.99 -5.83
CA VAL H 497 -34.03 29.95 -4.76
C VAL H 497 -34.91 29.58 -3.55
N GLN H 498 -36.17 29.34 -3.76
CA GLN H 498 -36.99 29.16 -2.59
C GLN H 498 -36.52 27.98 -1.79
N VAL H 499 -36.27 26.85 -2.42
CA VAL H 499 -35.79 25.73 -1.67
C VAL H 499 -34.55 26.12 -0.87
N ALA H 500 -33.63 26.90 -1.45
CA ALA H 500 -32.44 27.21 -0.68
C ALA H 500 -32.77 28.10 0.48
N ALA H 501 -33.62 29.10 0.25
CA ALA H 501 -33.96 29.95 1.34
C ALA H 501 -34.56 29.10 2.40
N ALA H 502 -35.36 28.11 2.00
CA ALA H 502 -36.11 27.30 2.98
C ALA H 502 -35.20 26.54 3.87
N VAL H 503 -34.16 26.00 3.28
CA VAL H 503 -33.35 25.07 4.05
C VAL H 503 -32.29 25.74 4.85
N LEU H 504 -31.94 26.93 4.41
CA LEU H 504 -30.90 27.60 5.13
C LEU H 504 -31.60 28.43 6.21
N GLY H 505 -32.92 28.54 6.16
CA GLY H 505 -33.56 29.34 7.17
C GLY H 505 -33.56 30.84 6.98
N ILE H 506 -33.31 31.37 5.78
CA ILE H 506 -33.25 32.83 5.59
C ILE H 506 -34.26 33.35 4.60
N ASP H 507 -34.31 34.64 4.37
CA ASP H 507 -35.29 35.12 3.43
C ASP H 507 -34.70 35.04 2.02
N PRO H 508 -35.52 34.63 1.05
CA PRO H 508 -35.15 34.50 -0.36
C PRO H 508 -34.31 35.63 -0.86
N VAL H 509 -34.61 36.82 -0.35
CA VAL H 509 -33.95 37.96 -0.89
C VAL H 509 -32.46 37.78 -0.75
N GLN H 510 -32.07 37.03 0.25
CA GLN H 510 -30.65 36.85 0.44
C GLN H 510 -30.07 35.81 -0.52
N VAL H 511 -30.86 35.23 -1.40
CA VAL H 511 -30.27 34.23 -2.27
C VAL H 511 -30.38 34.70 -3.70
N ARG H 512 -29.25 34.87 -4.42
CA ARG H 512 -29.21 35.32 -5.84
C ARG H 512 -28.98 34.10 -6.80
N ILE H 513 -29.59 34.05 -8.00
CA ILE H 513 -29.22 32.91 -8.84
C ILE H 513 -28.11 33.31 -9.79
N THR H 514 -27.26 32.37 -10.16
CA THR H 514 -26.22 32.64 -11.17
C THR H 514 -26.51 31.90 -12.48
N ALA H 515 -25.80 32.26 -13.51
CA ALA H 515 -26.07 31.61 -14.77
C ALA H 515 -25.59 30.19 -14.69
N THR H 516 -26.25 29.34 -15.47
CA THR H 516 -25.93 27.93 -15.52
C THR H 516 -24.59 27.85 -16.20
N ASP H 517 -23.66 27.08 -15.66
CA ASP H 517 -22.33 27.09 -16.16
C ASP H 517 -21.57 25.76 -15.91
N THR H 518 -21.13 25.13 -17.00
CA THR H 518 -20.49 23.86 -16.87
C THR H 518 -19.15 23.98 -16.18
N SER H 519 -18.70 25.17 -15.79
CA SER H 519 -17.48 25.12 -15.00
C SER H 519 -17.86 25.18 -13.51
N LYS H 520 -19.13 25.35 -13.22
CA LYS H 520 -19.43 25.30 -11.82
C LYS H 520 -20.02 24.02 -11.38
N VAL H 521 -21.04 23.52 -12.09
CA VAL H 521 -21.55 22.16 -11.85
C VAL H 521 -21.41 21.36 -13.11
N PRO H 522 -20.63 20.30 -13.08
CA PRO H 522 -20.30 19.55 -14.30
C PRO H 522 -21.15 18.36 -14.56
N ASN H 523 -21.17 18.02 -15.84
CA ASN H 523 -21.77 16.76 -16.25
C ASN H 523 -23.22 16.73 -16.01
N THR H 524 -23.86 17.75 -16.53
CA THR H 524 -25.28 17.86 -16.30
C THR H 524 -26.12 17.21 -17.42
N SER H 525 -27.26 16.64 -17.05
CA SER H 525 -28.19 16.22 -18.06
C SER H 525 -28.78 17.41 -18.69
N ALA H 526 -29.48 17.20 -19.78
CA ALA H 526 -30.17 18.37 -20.35
C ALA H 526 -31.35 18.64 -19.38
N THR H 527 -31.85 19.87 -19.31
CA THR H 527 -32.95 20.20 -18.39
C THR H 527 -34.18 19.77 -19.09
N ALA H 528 -34.78 18.66 -18.67
CA ALA H 528 -35.91 18.14 -19.39
C ALA H 528 -36.57 16.98 -18.71
N ALA H 529 -37.61 16.42 -19.33
CA ALA H 529 -38.33 15.30 -18.69
C ALA H 529 -38.96 15.88 -17.48
N SER H 530 -39.39 17.11 -17.63
CA SER H 530 -39.82 17.89 -16.51
C SER H 530 -39.13 17.40 -15.26
N SER H 531 -37.81 17.23 -15.30
CA SER H 531 -37.08 16.81 -14.12
C SER H 531 -36.30 18.02 -13.47
N GLY H 532 -36.24 19.15 -14.18
CA GLY H 532 -35.50 20.31 -13.74
C GLY H 532 -35.45 20.49 -12.26
N ALA H 533 -36.64 20.62 -11.67
CA ALA H 533 -36.82 20.92 -10.26
C ALA H 533 -36.78 19.73 -9.38
N ASP H 534 -37.44 18.64 -9.73
CA ASP H 534 -37.42 17.50 -8.82
C ASP H 534 -35.96 17.37 -8.42
N MET H 535 -35.06 17.35 -9.41
CA MET H 535 -33.72 16.95 -9.05
C MET H 535 -32.86 18.06 -8.51
N ASN H 536 -32.73 19.16 -9.25
CA ASN H 536 -31.85 20.24 -8.79
C ASN H 536 -32.33 20.60 -7.45
N GLY H 537 -33.63 20.62 -7.29
CA GLY H 537 -34.18 20.90 -5.98
C GLY H 537 -33.38 20.07 -4.98
N MET H 538 -33.45 18.75 -5.12
CA MET H 538 -32.69 17.93 -4.18
C MET H 538 -31.25 18.45 -4.07
N ALA H 539 -30.57 18.58 -5.20
CA ALA H 539 -29.15 18.86 -5.03
C ALA H 539 -28.99 20.13 -4.22
N VAL H 540 -29.82 21.11 -4.48
CA VAL H 540 -29.66 22.34 -3.80
C VAL H 540 -29.87 22.07 -2.34
N LYS H 541 -30.89 21.34 -2.03
CA LYS H 541 -31.19 21.10 -0.66
C LYS H 541 -30.02 20.45 -0.11
N ASP H 542 -29.44 19.54 -0.88
CA ASP H 542 -28.29 18.82 -0.35
C ASP H 542 -27.12 19.77 0.04
N ALA H 543 -26.86 20.75 -0.80
CA ALA H 543 -25.78 21.65 -0.52
C ALA H 543 -26.09 22.55 0.68
N CYS H 544 -27.28 23.12 0.65
CA CYS H 544 -27.66 23.92 1.76
C CYS H 544 -27.66 23.09 3.05
N GLU H 545 -28.02 21.81 2.97
CA GLU H 545 -27.97 21.02 4.20
C GLU H 545 -26.50 20.94 4.68
N THR H 546 -25.56 20.71 3.77
CA THR H 546 -24.23 20.58 4.26
C THR H 546 -23.86 21.87 4.94
N LEU H 547 -24.17 23.00 4.30
CA LEU H 547 -23.76 24.25 4.89
C LEU H 547 -24.37 24.45 6.27
N ARG H 548 -25.67 24.54 6.31
CA ARG H 548 -26.36 24.66 7.55
C ARG H 548 -25.71 23.75 8.58
N GLY H 549 -25.37 22.54 8.16
CA GLY H 549 -24.74 21.63 9.08
C GLY H 549 -23.44 22.23 9.61
N ARG H 550 -22.68 22.88 8.78
CA ARG H 550 -21.49 23.35 9.36
C ARG H 550 -21.85 24.48 10.28
N LEU H 551 -22.87 25.22 9.96
CA LEU H 551 -23.06 26.36 10.84
C LEU H 551 -23.41 25.73 12.11
N ALA H 552 -24.28 24.74 12.10
CA ALA H 552 -24.86 24.29 13.39
C ALA H 552 -23.77 23.81 14.26
N GLY H 553 -22.93 22.97 13.67
CA GLY H 553 -21.79 22.43 14.36
C GLY H 553 -21.14 23.55 15.12
N PHE H 554 -20.85 24.65 14.42
CA PHE H 554 -20.13 25.76 14.97
C PHE H 554 -20.87 26.36 16.15
N VAL H 555 -22.09 26.79 15.89
CA VAL H 555 -22.76 27.47 16.94
C VAL H 555 -22.83 26.55 18.14
N ALA H 556 -22.85 25.26 17.92
CA ALA H 556 -23.05 24.43 19.08
C ALA H 556 -21.78 24.39 19.91
N ALA H 557 -20.67 24.04 19.30
CA ALA H 557 -19.47 24.07 20.10
C ALA H 557 -19.40 25.44 20.79
N ARG H 558 -19.78 26.48 20.09
CA ARG H 558 -19.47 27.76 20.63
C ARG H 558 -20.34 27.91 21.80
N GLU H 559 -21.61 27.60 21.66
CA GLU H 559 -22.51 27.85 22.77
C GLU H 559 -22.77 26.57 23.51
N GLY H 560 -21.78 25.66 23.43
CA GLY H 560 -21.82 24.39 24.15
C GLY H 560 -23.25 23.86 24.18
N CYS H 561 -23.44 22.69 23.59
CA CYS H 561 -24.76 22.07 23.53
C CYS H 561 -24.88 21.46 22.13
N ALA H 562 -26.06 21.01 21.74
CA ALA H 562 -26.09 20.25 20.49
C ALA H 562 -26.60 20.87 19.19
N ALA H 563 -25.96 20.39 18.12
CA ALA H 563 -26.19 20.84 16.77
C ALA H 563 -27.65 20.81 16.45
N ARG H 564 -28.22 19.64 16.69
CA ARG H 564 -29.58 19.52 16.28
C ARG H 564 -30.48 20.41 17.09
N ASP H 565 -29.96 21.19 18.01
CA ASP H 565 -30.91 22.12 18.61
C ASP H 565 -30.66 23.54 18.18
N VAL H 566 -29.88 23.69 17.10
CA VAL H 566 -29.67 25.03 16.63
C VAL H 566 -30.85 25.32 15.68
N ILE H 567 -31.42 26.50 15.63
CA ILE H 567 -32.52 26.55 14.72
C ILE H 567 -32.46 27.74 13.87
N PHE H 568 -32.53 27.44 12.58
CA PHE H 568 -32.39 28.48 11.58
C PHE H 568 -33.73 28.83 11.09
N ASP H 569 -34.18 30.05 11.27
CA ASP H 569 -35.49 30.36 10.76
C ASP H 569 -35.67 31.88 10.69
N ALA H 570 -36.41 32.29 9.68
CA ALA H 570 -36.59 33.72 9.51
C ALA H 570 -35.29 34.50 9.58
N GLY H 571 -34.24 34.02 8.98
CA GLY H 571 -33.04 34.83 9.06
C GLY H 571 -32.42 34.94 10.48
N GLN H 572 -32.85 34.05 11.38
CA GLN H 572 -32.37 34.14 12.72
C GLN H 572 -31.85 32.84 13.11
N VAL H 573 -30.79 32.86 13.89
CA VAL H 573 -30.25 31.63 14.36
C VAL H 573 -30.46 31.63 15.86
N GLN H 574 -30.74 30.44 16.37
CA GLN H 574 -31.26 30.40 17.70
C GLN H 574 -30.73 29.15 18.39
N ALA H 575 -30.20 29.35 19.62
CA ALA H 575 -29.59 28.23 20.38
C ALA H 575 -29.33 28.61 21.84
N SER H 576 -29.58 27.62 22.70
CA SER H 576 -29.50 27.74 24.14
C SER H 576 -30.11 29.07 24.60
N GLY H 577 -31.28 29.40 24.06
CA GLY H 577 -31.95 30.61 24.45
C GLY H 577 -31.46 31.92 23.95
N LYS H 578 -30.25 32.06 23.41
CA LYS H 578 -29.96 33.39 22.83
C LYS H 578 -30.32 33.28 21.33
N SER H 579 -30.15 34.37 20.60
CA SER H 579 -30.33 34.26 19.19
C SER H 579 -29.52 35.31 18.43
N TRP H 580 -29.18 35.03 17.17
CA TRP H 580 -28.48 36.05 16.43
C TRP H 580 -29.06 36.15 15.06
N ARG H 581 -28.53 37.08 14.28
CA ARG H 581 -28.92 37.20 12.92
C ARG H 581 -28.02 36.21 12.18
N PHE H 582 -28.58 35.60 11.13
CA PHE H 582 -27.81 34.72 10.25
C PHE H 582 -26.49 35.34 9.85
N ALA H 583 -26.53 36.59 9.39
CA ALA H 583 -25.26 37.19 9.04
C ALA H 583 -24.24 37.04 10.19
N GLU H 584 -24.67 37.35 11.41
CA GLU H 584 -23.76 37.30 12.50
C GLU H 584 -23.28 35.92 12.68
N ILE H 585 -24.14 34.90 12.55
CA ILE H 585 -23.50 33.62 12.62
C ILE H 585 -22.38 33.44 11.54
N VAL H 586 -22.66 33.84 10.33
CA VAL H 586 -21.73 33.57 9.26
C VAL H 586 -20.43 34.27 9.43
N ALA H 587 -20.55 35.52 9.83
CA ALA H 587 -19.33 36.27 9.98
C ALA H 587 -18.43 35.50 10.99
N ALA H 588 -19.04 35.12 12.10
CA ALA H 588 -18.28 34.35 13.07
C ALA H 588 -17.67 33.09 12.48
N ALA H 589 -18.48 32.32 11.79
CA ALA H 589 -17.88 31.11 11.27
C ALA H 589 -16.72 31.45 10.37
N TYR H 590 -16.84 32.58 9.67
CA TYR H 590 -15.72 32.97 8.84
C TYR H 590 -14.49 33.19 9.73
N MET H 591 -14.65 34.00 10.77
CA MET H 591 -13.52 34.25 11.65
C MET H 591 -13.08 32.92 12.19
N ALA H 592 -13.96 32.01 12.50
CA ALA H 592 -13.48 30.72 12.97
C ALA H 592 -12.89 29.80 11.87
N ARG H 593 -12.80 30.30 10.64
CA ARG H 593 -12.26 29.48 9.58
C ARG H 593 -13.07 28.20 9.32
N ILE H 594 -14.36 28.33 9.07
CA ILE H 594 -15.14 27.20 8.62
C ILE H 594 -15.61 27.45 7.18
N SER H 595 -15.27 26.56 6.26
CA SER H 595 -15.70 26.81 4.89
C SER H 595 -17.15 27.19 4.72
N LEU H 596 -17.43 28.19 3.90
CA LEU H 596 -18.80 28.41 3.59
C LEU H 596 -19.09 28.14 2.15
N SER H 597 -18.66 27.01 1.66
CA SER H 597 -18.92 26.71 0.26
C SER H 597 -19.32 25.25 0.23
N ALA H 598 -20.25 24.84 -0.62
CA ALA H 598 -20.46 23.37 -0.76
C ALA H 598 -21.03 22.97 -2.07
N THR H 599 -20.83 21.74 -2.49
CA THR H 599 -21.54 21.33 -3.67
C THR H 599 -22.56 20.43 -3.14
N GLY H 600 -23.54 20.11 -3.97
CA GLY H 600 -24.63 19.18 -3.63
C GLY H 600 -24.89 18.33 -4.85
N PHE H 601 -25.49 17.15 -4.71
CA PHE H 601 -25.69 16.32 -5.86
C PHE H 601 -26.80 15.42 -5.57
N TYR H 602 -27.59 15.01 -6.59
CA TYR H 602 -28.73 14.02 -6.36
C TYR H 602 -29.08 13.05 -7.51
N ALA H 603 -29.60 11.87 -7.16
CA ALA H 603 -29.77 10.79 -8.13
C ALA H 603 -31.05 10.14 -7.87
N THR H 604 -31.97 10.06 -8.81
CA THR H 604 -33.22 9.49 -8.41
C THR H 604 -33.04 8.06 -8.15
N PRO H 605 -33.53 7.62 -7.01
CA PRO H 605 -33.54 6.19 -6.61
C PRO H 605 -34.70 5.37 -7.21
N LYS H 606 -34.78 4.11 -6.84
CA LYS H 606 -35.79 3.18 -7.37
C LYS H 606 -35.89 2.99 -8.91
N LEU H 607 -34.97 3.50 -9.71
CA LEU H 607 -35.20 3.32 -11.14
C LEU H 607 -34.47 2.14 -11.76
N SER H 608 -35.22 1.37 -12.54
CA SER H 608 -34.65 0.24 -13.31
C SER H 608 -35.58 -0.30 -14.37
N TRP H 609 -35.06 -0.46 -15.57
CA TRP H 609 -35.97 -0.99 -16.54
C TRP H 609 -35.29 -1.44 -17.84
N ASP H 610 -35.92 -2.36 -18.55
CA ASP H 610 -35.37 -2.84 -19.79
C ASP H 610 -36.22 -2.46 -21.00
N ARG H 611 -35.59 -1.64 -21.83
CA ARG H 611 -36.07 -1.04 -23.07
C ARG H 611 -36.51 -2.12 -24.02
N LEU H 612 -35.61 -3.06 -24.26
CA LEU H 612 -35.94 -4.10 -25.19
C LEU H 612 -37.05 -5.02 -24.66
N ARG H 613 -36.99 -5.35 -23.37
CA ARG H 613 -38.03 -6.20 -22.82
C ARG H 613 -39.35 -5.45 -22.51
N GLY H 614 -39.28 -4.13 -22.35
CA GLY H 614 -40.44 -3.36 -21.96
C GLY H 614 -40.86 -3.66 -20.51
N GLN H 615 -39.88 -3.93 -19.66
CA GLN H 615 -40.26 -4.20 -18.30
C GLN H 615 -39.40 -3.43 -17.32
N GLY H 616 -39.99 -3.00 -16.23
CA GLY H 616 -39.21 -2.37 -15.20
C GLY H 616 -39.96 -1.27 -14.44
N ARG H 617 -39.19 -0.40 -13.79
CA ARG H 617 -39.68 0.80 -13.16
C ARG H 617 -38.84 1.89 -13.76
N PRO H 618 -39.28 2.48 -14.85
CA PRO H 618 -38.51 3.56 -15.43
C PRO H 618 -38.90 4.83 -14.69
N PHE H 619 -40.05 4.84 -14.02
CA PHE H 619 -40.42 6.12 -13.40
C PHE H 619 -40.47 6.12 -11.86
N LEU H 620 -40.16 7.24 -11.22
CA LEU H 620 -40.32 7.32 -9.78
C LEU H 620 -41.76 7.51 -9.41
N TYR H 621 -42.49 8.32 -10.16
CA TYR H 621 -43.90 8.55 -9.82
C TYR H 621 -44.76 9.16 -10.97
N PHE H 622 -46.09 9.10 -10.88
CA PHE H 622 -46.88 9.62 -12.01
C PHE H 622 -47.49 10.96 -11.66
N ALA H 623 -47.70 11.77 -12.67
CA ALA H 623 -48.27 13.07 -12.39
C ALA H 623 -49.69 13.00 -12.95
N TYR H 624 -50.68 13.50 -12.24
CA TYR H 624 -52.01 13.38 -12.80
C TYR H 624 -52.75 14.65 -12.96
N GLY H 625 -53.82 14.60 -13.73
CA GLY H 625 -54.64 15.80 -13.90
C GLY H 625 -55.89 15.42 -14.68
N ALA H 626 -56.81 16.35 -14.84
CA ALA H 626 -57.92 16.11 -15.70
C ALA H 626 -58.34 17.47 -16.16
N ALA H 627 -58.92 17.51 -17.35
CA ALA H 627 -59.36 18.76 -17.91
C ALA H 627 -60.67 18.51 -18.63
N ILE H 628 -61.58 19.48 -18.55
CA ILE H 628 -62.87 19.41 -19.16
C ILE H 628 -62.99 20.60 -20.01
N THR H 629 -63.00 20.38 -21.31
CA THR H 629 -63.11 21.50 -22.24
C THR H 629 -64.45 21.51 -22.96
N GLU H 630 -64.99 22.71 -23.23
CA GLU H 630 -66.17 22.90 -24.09
C GLU H 630 -65.94 23.89 -25.30
N VAL H 631 -66.48 23.52 -26.46
CA VAL H 631 -66.27 24.35 -27.63
C VAL H 631 -67.46 24.42 -28.58
N VAL H 632 -67.29 25.23 -29.62
CA VAL H 632 -68.29 25.28 -30.67
C VAL H 632 -67.72 25.28 -32.04
N ILE H 633 -68.42 24.60 -32.93
CA ILE H 633 -67.96 24.47 -34.28
C ILE H 633 -69.07 24.93 -35.19
N ASP H 634 -68.63 25.47 -36.33
CA ASP H 634 -69.49 25.96 -37.34
C ASP H 634 -69.66 24.87 -38.39
N ARG H 635 -70.79 24.19 -38.34
CA ARG H 635 -71.12 23.15 -39.32
C ARG H 635 -71.00 23.48 -40.79
N LEU H 636 -70.86 24.77 -41.14
CA LEU H 636 -70.65 25.09 -42.57
C LEU H 636 -69.19 25.10 -42.97
N THR H 637 -68.36 25.90 -42.29
CA THR H 637 -66.93 25.98 -42.66
C THR H 637 -66.04 25.18 -41.77
N GLY H 638 -66.54 24.74 -40.61
CA GLY H 638 -65.68 24.09 -39.66
C GLY H 638 -65.00 25.06 -38.72
N GLU H 639 -65.21 26.36 -38.92
CA GLU H 639 -64.62 27.31 -38.01
C GLU H 639 -64.95 26.91 -36.59
N ASN H 640 -64.18 27.33 -35.60
CA ASN H 640 -64.56 26.85 -34.29
C ASN H 640 -63.68 27.42 -33.23
N ARG H 641 -64.09 27.30 -31.94
CA ARG H 641 -63.22 27.78 -30.87
C ARG H 641 -63.57 27.27 -29.47
N ILE H 642 -62.64 27.49 -28.53
CA ILE H 642 -62.83 26.98 -27.18
C ILE H 642 -63.61 27.91 -26.23
N LEU H 643 -64.73 27.47 -25.70
CA LEU H 643 -65.56 28.42 -24.93
C LEU H 643 -65.13 28.53 -23.51
N ARG H 644 -64.85 27.35 -22.94
CA ARG H 644 -64.47 27.30 -21.54
C ARG H 644 -63.74 26.01 -21.21
N THR H 645 -62.76 26.08 -20.30
CA THR H 645 -61.94 24.89 -19.94
C THR H 645 -61.87 24.91 -18.44
N ASP H 646 -61.91 23.74 -17.82
CA ASP H 646 -61.80 23.72 -16.37
C ASP H 646 -60.77 22.64 -16.09
N ILE H 647 -59.74 22.95 -15.30
CA ILE H 647 -58.69 21.99 -15.12
C ILE H 647 -58.47 21.70 -13.67
N LEU H 648 -58.12 20.48 -13.29
CA LEU H 648 -57.74 20.27 -11.94
C LEU H 648 -56.52 19.37 -11.95
N HIS H 649 -55.34 19.94 -11.74
CA HIS H 649 -54.09 19.19 -11.92
C HIS H 649 -53.30 18.91 -10.71
N ASP H 650 -52.43 17.91 -10.73
CA ASP H 650 -51.77 17.45 -9.47
C ASP H 650 -50.29 17.81 -9.37
N ALA H 651 -49.97 18.88 -8.66
CA ALA H 651 -48.61 19.23 -8.61
C ALA H 651 -47.94 18.80 -7.32
N GLY H 652 -48.37 17.74 -6.72
CA GLY H 652 -47.77 17.44 -5.44
C GLY H 652 -48.12 18.53 -4.45
N ALA H 653 -47.28 18.66 -3.45
CA ALA H 653 -47.29 19.80 -2.54
C ALA H 653 -46.60 20.83 -3.41
N SER H 654 -47.32 21.70 -4.11
CA SER H 654 -46.58 22.56 -5.03
C SER H 654 -45.37 23.22 -4.40
N LEU H 655 -44.32 23.44 -5.17
CA LEU H 655 -43.20 24.29 -4.69
C LEU H 655 -43.55 25.72 -4.97
N ASN H 656 -44.41 26.03 -5.94
CA ASN H 656 -44.85 27.44 -6.08
C ASN H 656 -46.14 27.55 -6.91
N PRO H 657 -47.24 27.67 -6.22
CA PRO H 657 -48.52 27.45 -6.90
C PRO H 657 -48.69 28.51 -7.93
N ALA H 658 -48.24 29.70 -7.67
CA ALA H 658 -48.41 30.64 -8.71
C ALA H 658 -47.65 30.07 -9.93
N LEU H 659 -46.37 29.78 -9.76
CA LEU H 659 -45.61 29.32 -10.92
C LEU H 659 -46.22 28.03 -11.53
N ASP H 660 -46.80 27.15 -10.68
CA ASP H 660 -47.35 25.97 -11.25
C ASP H 660 -48.63 26.30 -11.99
N ILE H 661 -49.41 27.23 -11.51
CA ILE H 661 -50.69 27.40 -12.15
C ILE H 661 -50.29 27.83 -13.57
N GLY H 662 -49.28 28.67 -13.63
CA GLY H 662 -48.95 29.22 -14.93
C GLY H 662 -48.45 28.16 -15.90
N GLN H 663 -47.83 27.13 -15.37
CA GLN H 663 -47.40 26.08 -16.24
C GLN H 663 -48.67 25.42 -16.69
N ILE H 664 -49.50 25.00 -15.77
CA ILE H 664 -50.75 24.44 -16.27
C ILE H 664 -51.49 25.36 -17.33
N GLU H 665 -51.51 26.65 -17.13
CA GLU H 665 -52.27 27.42 -18.11
C GLU H 665 -51.56 27.21 -19.44
N GLY H 666 -50.34 27.68 -19.52
CA GLY H 666 -49.59 27.72 -20.77
C GLY H 666 -49.53 26.36 -21.44
N ALA H 667 -49.51 25.31 -20.65
CA ALA H 667 -49.33 24.09 -21.35
C ALA H 667 -50.68 23.76 -21.98
N TYR H 668 -51.75 23.97 -21.26
CA TYR H 668 -53.04 23.64 -21.83
C TYR H 668 -53.09 24.39 -23.15
N VAL H 669 -52.95 25.70 -23.11
CA VAL H 669 -53.04 26.37 -24.37
C VAL H 669 -52.21 25.55 -25.36
N GLN H 670 -50.91 25.36 -25.08
CA GLN H 670 -49.98 24.76 -26.06
C GLN H 670 -50.54 23.45 -26.50
N GLY H 671 -50.94 22.61 -25.56
CA GLY H 671 -51.44 21.31 -26.01
C GLY H 671 -52.54 21.47 -27.06
N ALA H 672 -53.51 22.27 -26.71
CA ALA H 672 -54.61 22.49 -27.59
C ALA H 672 -54.03 22.87 -28.93
N GLY H 673 -53.14 23.85 -28.89
CA GLY H 673 -52.65 24.42 -30.13
C GLY H 673 -52.18 23.30 -31.06
N TRP H 674 -51.79 22.26 -30.38
CA TRP H 674 -51.26 21.14 -31.06
C TRP H 674 -52.36 20.42 -31.75
N LEU H 675 -53.55 20.48 -31.21
CA LEU H 675 -54.54 19.66 -31.88
C LEU H 675 -55.48 20.53 -32.67
N THR H 676 -55.02 21.71 -33.02
CA THR H 676 -55.99 22.58 -33.61
C THR H 676 -55.48 23.43 -34.74
N THR H 677 -54.76 24.47 -34.53
CA THR H 677 -54.49 25.18 -35.72
C THR H 677 -53.06 24.94 -36.05
N GLU H 678 -52.36 24.31 -35.16
CA GLU H 678 -50.96 24.05 -35.51
C GLU H 678 -50.79 23.00 -36.61
N GLU H 679 -50.27 23.36 -37.77
CA GLU H 679 -50.16 22.32 -38.84
C GLU H 679 -48.88 22.28 -39.67
N LEU H 680 -48.22 21.16 -39.75
CA LEU H 680 -47.02 21.23 -40.52
C LEU H 680 -47.32 20.81 -41.99
N VAL H 681 -46.72 21.48 -42.97
CA VAL H 681 -46.93 21.03 -44.34
C VAL H 681 -45.77 21.09 -45.28
N TRP H 682 -45.55 19.94 -45.94
CA TRP H 682 -44.47 19.79 -46.95
C TRP H 682 -45.00 19.52 -48.39
N ASP H 683 -44.41 20.18 -49.39
CA ASP H 683 -44.86 19.96 -50.75
C ASP H 683 -44.32 18.64 -51.25
N HIS H 684 -44.61 18.26 -52.49
CA HIS H 684 -44.25 16.96 -53.08
C HIS H 684 -42.75 16.82 -53.20
N CYS H 685 -41.99 17.90 -53.25
CA CYS H 685 -40.55 17.65 -53.29
C CYS H 685 -39.92 17.66 -51.90
N GLY H 686 -40.75 17.61 -50.85
CA GLY H 686 -40.27 17.63 -49.49
C GLY H 686 -40.07 19.04 -48.92
N ARG H 687 -40.33 20.10 -49.67
CA ARG H 687 -40.05 21.38 -49.06
C ARG H 687 -41.00 21.71 -47.98
N LEU H 688 -40.51 22.28 -46.88
CA LEU H 688 -41.45 22.73 -45.87
C LEU H 688 -42.24 23.96 -46.35
N MET H 689 -43.56 23.87 -46.37
CA MET H 689 -44.41 25.01 -46.81
C MET H 689 -44.70 26.02 -45.68
N THR H 690 -44.92 25.45 -44.50
CA THR H 690 -45.19 26.20 -43.30
C THR H 690 -43.88 26.46 -42.63
N HIS H 691 -43.24 27.56 -42.97
CA HIS H 691 -41.98 27.83 -42.36
C HIS H 691 -41.94 29.30 -41.93
N ALA H 692 -42.86 29.65 -41.05
CA ALA H 692 -42.98 31.04 -40.66
C ALA H 692 -44.32 31.30 -40.04
N PRO H 693 -44.38 32.26 -39.12
CA PRO H 693 -45.57 32.46 -38.27
C PRO H 693 -46.73 32.83 -39.15
N SER H 694 -46.45 33.56 -40.23
CA SER H 694 -47.54 33.86 -41.12
C SER H 694 -48.16 32.63 -41.72
N THR H 695 -47.58 31.45 -41.65
CA THR H 695 -48.35 30.32 -42.16
C THR H 695 -48.43 29.18 -41.22
N TYR H 696 -47.66 29.19 -40.14
CA TYR H 696 -47.77 28.14 -39.07
C TYR H 696 -48.34 28.96 -37.90
N LYS H 697 -49.47 28.49 -37.38
CA LYS H 697 -50.28 29.38 -36.56
C LYS H 697 -50.47 28.95 -35.11
N ILE H 698 -49.74 29.54 -34.17
CA ILE H 698 -50.02 29.14 -32.78
C ILE H 698 -51.14 29.94 -32.18
N PRO H 699 -51.69 29.43 -31.11
CA PRO H 699 -52.75 30.10 -30.38
C PRO H 699 -52.48 31.57 -30.18
N ALA H 700 -53.37 32.39 -30.66
CA ALA H 700 -53.26 33.80 -30.37
C ALA H 700 -54.11 34.19 -29.20
N PHE H 701 -53.72 35.31 -28.67
CA PHE H 701 -54.39 35.81 -27.51
C PHE H 701 -55.84 35.42 -27.51
N SER H 702 -56.54 35.75 -28.56
CA SER H 702 -57.94 35.47 -28.50
C SER H 702 -58.30 33.97 -28.58
N ASP H 703 -57.35 33.06 -28.68
CA ASP H 703 -57.85 31.68 -28.67
C ASP H 703 -57.83 31.18 -27.23
N ARG H 704 -57.48 32.05 -26.30
CA ARG H 704 -57.54 31.55 -24.95
C ARG H 704 -58.97 31.23 -24.64
N PRO H 705 -59.23 30.23 -23.82
CA PRO H 705 -60.62 29.87 -23.50
C PRO H 705 -61.29 31.04 -22.77
N ARG H 706 -62.56 31.35 -23.02
CA ARG H 706 -63.15 32.54 -22.41
C ARG H 706 -63.33 32.32 -20.96
N ILE H 707 -63.52 31.08 -20.59
CA ILE H 707 -63.61 30.84 -19.18
C ILE H 707 -62.56 29.79 -18.94
N PHE H 708 -61.62 30.15 -18.05
CA PHE H 708 -60.42 29.36 -17.80
C PHE H 708 -60.19 29.06 -16.32
N ASN H 709 -60.73 27.98 -15.79
CA ASN H 709 -60.54 27.75 -14.37
C ASN H 709 -59.55 26.68 -14.13
N VAL H 710 -58.47 27.03 -13.44
CA VAL H 710 -57.40 26.08 -13.27
C VAL H 710 -57.20 25.91 -11.80
N ALA H 711 -57.12 24.69 -11.31
CA ALA H 711 -56.90 24.54 -9.91
C ALA H 711 -56.09 23.32 -9.54
N LEU H 712 -55.34 23.39 -8.43
CA LEU H 712 -54.46 22.29 -8.09
C LEU H 712 -55.06 21.40 -7.12
N TRP H 713 -54.72 20.13 -7.25
CA TRP H 713 -55.03 19.04 -6.33
C TRP H 713 -53.92 19.20 -5.36
N ASP H 714 -54.17 19.41 -4.06
CA ASP H 714 -52.99 19.64 -3.18
C ASP H 714 -52.73 18.43 -2.30
N GLN H 715 -51.86 17.53 -2.76
CA GLN H 715 -51.49 16.37 -1.96
C GLN H 715 -50.02 16.09 -2.09
N PRO H 716 -49.43 15.82 -0.99
CA PRO H 716 -48.02 15.55 -0.96
C PRO H 716 -47.86 14.37 -1.82
N ASN H 717 -46.66 14.16 -2.36
CA ASN H 717 -46.30 13.04 -3.18
C ASN H 717 -45.92 11.86 -2.30
N ARG H 718 -46.32 10.66 -2.67
CA ARG H 718 -45.96 9.51 -1.85
C ARG H 718 -44.45 9.33 -1.76
N GLU H 719 -43.78 9.46 -2.90
CA GLU H 719 -42.34 9.31 -2.99
C GLU H 719 -41.68 10.50 -2.45
N GLU H 720 -40.40 10.32 -2.10
CA GLU H 720 -39.55 11.30 -1.41
C GLU H 720 -38.91 12.35 -2.29
N THR H 721 -39.70 13.25 -2.83
CA THR H 721 -39.17 14.27 -3.70
C THR H 721 -39.01 15.60 -2.99
N ILE H 722 -38.23 16.49 -3.57
CA ILE H 722 -38.11 17.78 -2.92
C ILE H 722 -39.49 18.28 -2.42
N PHE H 723 -39.56 18.39 -1.10
CA PHE H 723 -40.72 18.91 -0.39
C PHE H 723 -41.98 18.30 -0.86
N ARG H 724 -41.87 17.04 -1.30
CA ARG H 724 -43.04 16.32 -1.74
C ARG H 724 -43.76 17.05 -2.89
N SER H 725 -43.00 17.75 -3.72
CA SER H 725 -43.64 18.41 -4.81
C SER H 725 -43.69 17.40 -5.96
N LYS H 726 -44.31 17.78 -7.07
CA LYS H 726 -44.35 16.91 -8.23
C LYS H 726 -44.03 17.75 -9.39
N ALA H 727 -43.44 17.13 -10.40
CA ALA H 727 -43.00 17.92 -11.53
C ALA H 727 -44.20 18.37 -12.29
N VAL H 728 -44.11 19.47 -12.99
CA VAL H 728 -45.35 19.95 -13.48
C VAL H 728 -45.24 20.60 -14.90
N GLY H 729 -44.13 20.37 -15.55
CA GLY H 729 -43.92 21.09 -16.78
C GLY H 729 -44.55 20.39 -17.98
N GLU H 730 -44.52 19.05 -18.05
CA GLU H 730 -45.05 18.45 -19.26
C GLU H 730 -46.48 17.95 -19.03
N PRO H 731 -46.67 17.20 -17.97
CA PRO H 731 -47.90 16.47 -17.79
C PRO H 731 -49.05 17.33 -18.25
N PRO H 732 -49.16 18.46 -17.59
CA PRO H 732 -50.26 19.39 -17.84
C PRO H 732 -50.51 19.49 -19.35
N PHE H 733 -49.48 19.46 -20.19
CA PHE H 733 -49.67 19.61 -21.64
C PHE H 733 -50.62 18.58 -22.20
N LEU H 734 -50.64 17.39 -21.64
CA LEU H 734 -51.59 16.46 -22.17
C LEU H 734 -52.97 16.93 -21.86
N LEU H 735 -53.18 17.93 -21.02
CA LEU H 735 -54.57 18.25 -20.80
C LEU H 735 -55.20 18.73 -22.09
N GLY H 736 -54.35 19.01 -23.08
CA GLY H 736 -54.83 19.53 -24.37
C GLY H 736 -55.89 18.62 -25.01
N ILE H 737 -55.67 17.33 -24.77
CA ILE H 737 -56.47 16.35 -25.41
C ILE H 737 -57.93 16.71 -25.25
N SER H 738 -58.24 17.18 -24.08
CA SER H 738 -59.63 17.54 -23.90
C SER H 738 -60.11 18.31 -25.13
N ALA H 739 -59.41 19.36 -25.53
CA ALA H 739 -59.96 20.15 -26.63
C ALA H 739 -60.24 19.37 -27.86
N PHE H 740 -59.37 18.48 -28.23
CA PHE H 740 -59.66 17.66 -29.37
C PHE H 740 -60.84 16.82 -28.97
N LEU H 741 -60.78 16.08 -27.88
CA LEU H 741 -61.97 15.29 -27.59
C LEU H 741 -63.23 16.08 -27.79
N ALA H 742 -63.17 17.30 -27.31
CA ALA H 742 -64.38 18.08 -27.27
C ALA H 742 -64.79 18.32 -28.67
N LEU H 743 -63.80 18.70 -29.50
CA LEU H 743 -64.01 19.08 -30.89
C LEU H 743 -64.73 17.93 -31.56
N HIS H 744 -64.30 16.72 -31.23
CA HIS H 744 -64.91 15.55 -31.80
C HIS H 744 -66.30 15.39 -31.22
N ASP H 745 -66.52 15.80 -29.98
CA ASP H 745 -67.87 15.63 -29.44
C ASP H 745 -68.86 16.45 -30.27
N ALA H 746 -68.49 17.66 -30.67
CA ALA H 746 -69.33 18.44 -31.61
C ALA H 746 -69.59 17.66 -32.92
N CYS H 747 -68.55 17.31 -33.62
CA CYS H 747 -68.79 16.50 -34.76
C CYS H 747 -69.83 15.41 -34.48
N ALA H 748 -69.63 14.59 -33.47
CA ALA H 748 -70.56 13.48 -33.32
C ALA H 748 -71.98 13.94 -33.12
N ALA H 749 -72.14 15.18 -32.70
CA ALA H 749 -73.49 15.68 -32.45
C ALA H 749 -74.21 16.02 -33.75
N CYS H 750 -73.47 16.01 -34.83
CA CYS H 750 -74.09 16.37 -36.04
C CYS H 750 -74.80 15.29 -36.82
N GLY H 751 -74.63 14.00 -36.48
CA GLY H 751 -75.09 12.90 -37.33
C GLY H 751 -74.79 11.64 -36.55
N PRO H 752 -75.15 10.44 -37.02
CA PRO H 752 -74.94 9.22 -36.23
C PRO H 752 -73.70 8.43 -36.68
N HIS H 753 -72.89 9.02 -37.55
CA HIS H 753 -71.66 8.36 -37.98
C HIS H 753 -70.41 8.79 -37.23
N TRP H 754 -69.47 7.86 -37.14
CA TRP H 754 -68.21 8.07 -36.48
C TRP H 754 -67.48 9.12 -37.25
N PRO H 755 -67.39 10.32 -36.74
CA PRO H 755 -66.81 11.44 -37.51
C PRO H 755 -65.38 11.24 -37.96
N ASP H 756 -64.67 10.26 -37.38
CA ASP H 756 -63.23 9.97 -37.65
C ASP H 756 -62.46 11.28 -37.71
N LEU H 757 -62.59 12.13 -36.69
CA LEU H 757 -61.89 13.39 -36.75
C LEU H 757 -60.35 13.18 -36.75
N GLN H 758 -59.61 13.92 -37.56
CA GLN H 758 -58.18 13.74 -37.55
C GLN H 758 -57.47 14.83 -36.74
N ALA H 759 -56.23 14.57 -36.37
CA ALA H 759 -55.49 15.58 -35.67
C ALA H 759 -54.42 16.07 -36.62
N PRO H 760 -54.21 17.36 -36.75
CA PRO H 760 -54.92 18.38 -36.06
C PRO H 760 -56.23 18.87 -36.67
N ALA H 761 -57.22 18.90 -35.78
CA ALA H 761 -58.50 19.49 -36.09
C ALA H 761 -58.41 20.94 -36.55
N THR H 762 -57.77 21.21 -37.65
CA THR H 762 -58.02 22.54 -38.20
C THR H 762 -59.52 22.62 -38.60
N PRO H 763 -60.00 23.79 -38.96
CA PRO H 763 -61.38 23.84 -39.44
C PRO H 763 -61.52 22.85 -40.64
N GLU H 764 -60.63 22.90 -41.64
CA GLU H 764 -60.82 21.96 -42.78
C GLU H 764 -61.09 20.64 -42.10
N ALA H 765 -60.17 20.22 -41.26
CA ALA H 765 -60.34 18.94 -40.63
C ALA H 765 -61.71 18.78 -39.92
N VAL H 766 -62.23 19.86 -39.31
CA VAL H 766 -63.47 19.68 -38.56
C VAL H 766 -64.60 19.46 -39.52
N LEU H 767 -64.59 20.34 -40.52
CA LEU H 767 -65.62 20.29 -41.48
C LEU H 767 -65.64 18.91 -42.07
N ALA H 768 -64.48 18.32 -42.29
CA ALA H 768 -64.51 17.00 -42.89
C ALA H 768 -65.19 16.07 -41.91
N ALA H 769 -64.90 16.17 -40.65
CA ALA H 769 -65.48 15.08 -39.86
C ALA H 769 -66.96 15.32 -39.62
N VAL H 770 -67.37 16.59 -39.72
CA VAL H 770 -68.78 16.92 -39.59
C VAL H 770 -69.49 16.13 -40.66
N ARG H 771 -69.03 16.32 -41.90
CA ARG H 771 -69.64 15.66 -43.05
C ARG H 771 -69.62 14.13 -42.87
N ARG H 772 -68.52 13.58 -42.43
CA ARG H 772 -68.63 12.13 -42.31
C ARG H 772 -69.75 11.83 -41.37
N ALA H 773 -69.87 12.65 -40.34
CA ALA H 773 -70.80 12.30 -39.28
C ALA H 773 -72.18 12.35 -39.82
N GLU H 774 -72.38 13.38 -40.61
CA GLU H 774 -73.64 13.74 -41.20
C GLU H 774 -74.00 12.66 -42.18
N GLY H 775 -73.01 11.92 -42.67
CA GLY H 775 -73.32 11.00 -43.75
C GLY H 775 -73.19 11.61 -45.16
N ARG H 776 -72.83 12.89 -45.27
CA ARG H 776 -72.73 13.49 -46.60
C ARG H 776 -71.40 13.19 -47.25
N ALA H 777 -70.99 11.93 -47.13
CA ALA H 777 -69.75 11.45 -47.77
C ALA H 777 -68.49 11.32 -46.86
FE1 FES I . 22.84 -25.66 -1.24
FE2 FES I . 22.48 -26.69 -3.63
S1 FES I . 24.04 -27.07 -2.18
S2 FES I . 21.22 -25.36 -2.62
FE1 FES J . 8.61 -29.27 -5.40
FE2 FES J . 10.15 -26.95 -4.87
S1 FES J . 9.61 -27.84 -6.79
S2 FES J . 9.15 -28.32 -3.52
PA FAD K . -3.98 -28.83 -14.79
O1A FAD K . -3.26 -28.45 -13.57
O2A FAD K . -4.18 -30.39 -14.98
O5B FAD K . -5.22 -27.83 -14.54
C5B FAD K . -5.89 -27.41 -15.67
C4B FAD K . -6.91 -26.39 -15.28
O4B FAD K . -7.78 -26.59 -16.32
C3B FAD K . -7.73 -26.99 -14.21
O3B FAD K . -8.90 -26.26 -14.08
C2B FAD K . -8.27 -28.22 -14.82
O2B FAD K . -9.51 -28.34 -14.22
C1B FAD K . -8.63 -27.70 -16.14
N9A FAD K . -8.46 -28.75 -17.15
C8A FAD K . -7.41 -29.59 -17.31
N7A FAD K . -7.68 -30.37 -18.38
C5A FAD K . -8.86 -30.02 -18.89
C6A FAD K . -9.57 -30.48 -19.97
N6A FAD K . -8.86 -30.96 -20.97
N1A FAD K . -10.78 -29.90 -20.28
C2A FAD K . -11.29 -28.87 -19.52
N3A FAD K . -10.54 -28.43 -18.45
C4A FAD K . -9.36 -29.00 -18.14
N1 FAD K . 2.24 -21.92 -17.52
C2 FAD K . 2.57 -21.28 -18.67
O2 FAD K . 1.70 -21.01 -19.48
N3 FAD K . 3.88 -21.02 -18.94
C4 FAD K . 4.84 -21.37 -18.06
O4 FAD K . 5.93 -20.89 -18.16
C4X FAD K . 4.54 -21.99 -16.89
N5 FAD K . 5.60 -22.29 -16.01
C5X FAD K . 5.20 -22.92 -14.85
C6 FAD K . 6.14 -23.29 -13.87
C7 FAD K . 5.72 -23.96 -12.69
C7M FAD K . 6.65 -24.58 -11.72
C8 FAD K . 4.38 -24.21 -12.48
C8M FAD K . 3.98 -25.45 -11.74
C9 FAD K . 3.45 -23.79 -13.44
C9A FAD K . 3.83 -23.18 -14.62
N10 FAD K . 2.82 -22.89 -15.50
C10 FAD K . 3.21 -22.27 -16.63
C1' FAD K . 1.36 -23.22 -15.25
C2' FAD K . 0.75 -23.96 -16.46
O2' FAD K . -0.49 -23.52 -16.94
C3' FAD K . 0.41 -25.39 -16.09
O3' FAD K . 1.54 -25.87 -15.35
C4' FAD K . -0.02 -26.30 -17.28
O4' FAD K . 0.13 -25.78 -18.59
C5' FAD K . -1.43 -26.79 -17.18
O5' FAD K . -1.22 -28.15 -17.51
P FAD K . -2.00 -29.12 -16.52
O1P FAD K . -2.61 -30.30 -17.13
O2P FAD K . -1.16 -29.43 -15.29
O3P FAD K . -3.23 -28.23 -16.07
CA CA L . 14.86 -14.87 4.76
N1 MTE M . 27.89 -21.03 1.99
C2 MTE M . 26.88 -21.96 1.82
N2 MTE M . 27.12 -22.98 0.97
N3 MTE M . 25.76 -21.79 2.47
C4 MTE M . 25.55 -20.75 3.34
O4 MTE M . 24.45 -20.55 4.01
N5 MTE M . 26.49 -18.60 4.49
C6 MTE M . 27.49 -17.41 4.29
C7 MTE M . 28.93 -17.97 3.72
N8 MTE M . 28.95 -19.09 2.86
C9 MTE M . 26.58 -19.74 3.55
C10 MTE M . 27.92 -19.96 2.75
C1' MTE M . 27.69 -16.47 5.33
S1' MTE M . 26.52 -15.33 5.63
C2' MTE M . 28.92 -16.50 6.08
S2' MTE M . 28.84 -15.15 7.21
C3' MTE M . 30.01 -17.63 5.81
O3' MTE M . 29.33 -18.56 4.97
C4' MTE M . 30.44 -18.41 6.93
O4' MTE M . 31.70 -19.12 6.67
P MTE M . 32.48 -19.43 7.78
O1P MTE M . 32.64 -18.12 8.54
O2P MTE M . 33.75 -20.13 7.59
O3P MTE M . 31.96 -20.27 8.66
MO MOS N . 27.06 -13.90 7.27
S MOS N . 26.02 -14.94 8.64
O2 MOS N . 25.87 -12.85 6.55
O6 141 O . 26.64 -10.59 12.82
C6 141 O . 27.47 -10.39 11.73
C5 141 O . 27.56 -11.07 10.47
C7 141 O . 26.92 -12.12 9.77
N8 141 O . 27.43 -12.37 8.60
N9 141 O . 28.43 -11.46 8.50
C4 141 O . 28.54 -10.67 9.60
N3 141 O . 29.46 -9.66 9.78
O2 141 O . 30.14 -8.11 11.20
C2 141 O . 29.36 -9.05 10.92
N1 141 O . 28.41 -9.39 11.84
FE1 FES P . 15.86 -48.41 44.06
FE2 FES P . 13.91 -48.76 45.71
S1 FES P . 15.00 -46.96 45.30
S2 FES P . 14.60 -50.13 44.25
FE1 FES Q . 3.51 -55.81 38.70
FE2 FES Q . 6.15 -56.42 39.52
S1 FES Q . 4.27 -56.45 40.63
S2 FES Q . 5.48 -55.40 37.75
PA FAD R . -8.49 -66.01 39.43
O1A FAD R . -7.09 -65.72 39.06
O2A FAD R . -9.46 -64.97 38.90
O5B FAD R . -8.68 -67.38 38.69
C5B FAD R . -8.57 -68.52 39.49
C4B FAD R . -9.09 -69.74 38.72
O4B FAD R . -10.43 -69.96 39.07
C3B FAD R . -9.26 -69.47 37.27
O3B FAD R . -9.30 -70.72 36.71
C2B FAD R . -10.65 -68.96 37.13
O2B FAD R . -11.08 -69.49 35.96
C1B FAD R . -11.41 -69.76 38.08
N9A FAD R . -12.46 -69.05 38.83
C8A FAD R . -12.42 -67.84 39.43
N7A FAD R . -13.59 -67.63 40.08
C5A FAD R . -14.37 -68.75 39.96
C6A FAD R . -15.65 -69.15 40.44
N6A FAD R . -16.27 -68.68 41.52
N1A FAD R . -16.13 -70.37 40.14
C2A FAD R . -15.36 -71.17 39.36
N3A FAD R . -14.14 -70.81 38.89
C4A FAD R . -13.64 -69.62 39.19
N1 FAD R . -2.27 -67.87 46.73
C2 FAD R . -2.22 -68.38 47.98
O2 FAD R . -2.98 -69.26 48.31
N3 FAD R . -1.35 -67.90 48.88
C4 FAD R . -0.52 -66.91 48.57
O4 FAD R . -0.08 -66.25 49.54
C4X FAD R . -0.56 -66.38 47.29
N5 FAD R . 0.26 -65.34 46.91
C5X FAD R . 0.24 -64.82 45.67
C6 FAD R . 1.11 -63.83 45.34
C7 FAD R . 1.13 -63.23 44.11
C7M FAD R . 1.96 -62.04 43.75
C8 FAD R . 0.24 -63.67 43.19
C8M FAD R . 0.14 -62.92 41.92
C9 FAD R . -0.63 -64.73 43.52
C9A FAD R . -0.64 -65.31 44.78
N10 FAD R . -1.52 -66.28 45.12
C10 FAD R . -1.45 -66.84 46.38
C1' FAD R . -2.62 -66.67 44.20
C2' FAD R . -3.98 -67.01 44.82
O2' FAD R . -4.86 -67.97 44.21
C3' FAD R . -4.60 -66.00 44.00
O3' FAD R . -3.58 -65.02 44.06
C4' FAD R . -6.05 -65.80 44.41
O4' FAD R . -6.37 -66.51 45.58
C5' FAD R . -6.88 -66.36 43.27
O5' FAD R . -7.94 -65.43 43.26
P FAD R . -8.52 -64.90 41.87
O1P FAD R . -9.77 -64.21 42.20
O2P FAD R . -7.50 -63.95 41.29
O3P FAD R . -8.59 -66.22 40.99
CA CA S . 21.82 -60.27 37.35
N1 MTE T . 23.43 -48.15 45.46
C2 MTE T . 22.22 -48.05 44.76
N2 MTE T . 21.20 -47.38 45.34
N3 MTE T . 22.11 -48.66 43.60
C4 MTE T . 23.07 -49.41 42.99
O4 MTE T . 22.84 -49.99 41.81
N5 MTE T . 25.60 -50.29 43.13
C6 MTE T . 26.74 -50.76 44.13
C7 MTE T . 26.87 -49.53 45.17
N8 MTE T . 25.72 -48.95 45.77
C9 MTE T . 24.39 -49.57 43.66
C10 MTE T . 24.54 -48.82 45.07
C1' MTE T . 28.03 -51.05 43.58
S1' MTE T . 28.47 -52.53 42.94
C2' MTE T . 28.99 -49.99 43.56
S2' MTE T . 30.39 -50.71 42.84
C3' MTE T . 28.63 -48.55 44.08
O3' MTE T . 27.19 -48.66 44.06
C4' MTE T . 29.09 -47.42 43.35
O4' MTE T . 29.54 -46.31 44.21
P MTE T . 30.24 -45.33 43.56
O1P MTE T . 31.68 -45.82 43.22
O2P MTE T . 30.04 -44.00 44.14
O3P MTE T . 29.79 -45.19 42.33
MO MOS U . 30.39 -52.82 42.18
S MOS U . 29.87 -52.54 40.25
O2 MOS U . 30.27 -54.49 42.25
O6 141 V . 35.48 -53.76 38.19
C6 141 V . 35.46 -53.78 39.59
C5 141 V . 34.34 -53.57 40.45
C7 141 V . 32.92 -53.30 40.34
N8 141 V . 32.34 -53.20 41.53
N9 141 V . 33.38 -53.40 42.41
C4 141 V . 34.58 -53.64 41.80
N3 141 V . 35.78 -53.87 42.39
O2 141 V . 37.94 -54.27 42.04
C2 141 V . 36.78 -54.06 41.57
N1 141 V . 36.65 -54.02 40.24
FE1 FES W . 7.55 39.45 -14.61
FE2 FES W . 9.49 39.52 -16.11
S1 FES W . 8.39 37.74 -15.53
S2 FES W . 8.67 41.18 -15.29
FE1 FES X . 7.91 51.39 -23.99
FE2 FES X . 8.11 50.95 -21.21
S1 FES X . 9.67 51.45 -22.67
S2 FES X . 6.37 50.89 -22.50
PA FAD Y . 14.15 63.86 -31.23
O1A FAD Y . 13.36 63.32 -30.11
O2A FAD Y . 13.54 63.08 -32.47
O5B FAD Y . 14.20 65.44 -31.20
C5B FAD Y . 15.38 66.00 -30.73
C4B FAD Y . 15.04 67.44 -30.35
O4B FAD Y . 15.80 68.37 -31.12
C3B FAD Y . 13.66 67.76 -30.85
O3B FAD Y . 13.51 69.13 -30.65
C2B FAD Y . 13.92 67.76 -32.29
O2B FAD Y . 12.94 68.46 -32.92
C1B FAD Y . 15.08 68.69 -32.32
N9A FAD Y . 15.74 68.26 -33.55
C8A FAD Y . 15.61 66.97 -34.02
N7A FAD Y . 16.31 66.84 -35.17
C5A FAD Y . 16.87 68.04 -35.41
C6A FAD Y . 17.66 68.41 -36.45
N6A FAD Y . 17.74 67.50 -37.45
N1A FAD Y . 18.16 69.72 -36.50
C2A FAD Y . 17.82 70.63 -35.50
N3A FAD Y . 17.00 70.20 -34.46
C4A FAD Y . 16.53 68.94 -34.43
N1 FAD Y . 20.27 61.09 -23.89
C2 FAD Y . 21.59 61.08 -23.43
O2 FAD Y . 22.40 61.96 -23.68
N3 FAD Y . 22.06 60.07 -22.65
C4 FAD Y . 21.22 59.05 -22.28
O4 FAD Y . 21.78 57.96 -22.06
C4X FAD Y . 19.91 59.04 -22.70
N5 FAD Y . 19.11 57.99 -22.32
C5X FAD Y . 17.81 57.95 -22.75
C6 FAD Y . 16.98 56.94 -22.32
C7 FAD Y . 15.67 56.89 -22.76
C7M FAD Y . 14.67 55.72 -22.58
C8 FAD Y . 15.23 57.87 -23.57
C8M FAD Y . 13.83 57.66 -23.98
C9 FAD Y . 16.02 58.94 -23.99
C9A FAD Y . 17.33 58.97 -23.56
N10 FAD Y . 18.11 60.01 -23.93
C10 FAD Y . 19.43 60.06 -23.51
C1' FAD Y . 17.50 61.13 -24.70
C2' FAD Y . 18.38 61.54 -25.89
O2' FAD Y . 18.66 62.91 -26.18
C3' FAD Y . 17.49 61.11 -26.97
O3' FAD Y . 17.18 59.84 -26.46
C4' FAD Y . 18.25 61.32 -28.27
O4' FAD Y . 19.55 61.80 -28.03
C5' FAD Y . 17.41 62.32 -29.01
O5' FAD Y . 17.47 61.91 -30.34
P FAD Y . 16.18 62.12 -31.24
O1P FAD Y . 16.39 61.73 -32.66
O2P FAD Y . 15.00 61.25 -30.86
O3P FAD Y . 15.74 63.65 -30.97
CA CA Z . 3.30 50.58 -5.75
N1 MTE AA . 6.69 36.44 -7.65
C2 MTE AA . 6.33 36.93 -8.88
N2 MTE AA . 6.91 36.43 -9.96
N3 MTE AA . 5.44 37.91 -8.90
C4 MTE AA . 4.91 38.49 -7.76
O4 MTE AA . 4.03 39.50 -7.78
N5 MTE AA . 4.75 38.42 -5.10
C6 MTE AA . 5.48 37.99 -3.74
C7 MTE AA . 6.06 36.49 -4.01
N8 MTE AA . 6.75 36.21 -5.25
C9 MTE AA . 5.29 37.98 -6.43
C10 MTE AA . 6.33 36.80 -6.42
C1' MTE AA . 4.73 38.06 -2.54
S1' MTE AA . 4.42 39.46 -1.76
C2' MTE AA . 4.19 36.87 -2.01
S2' MTE AA . 3.33 37.38 -0.52
C3' MTE AA . 4.43 35.50 -2.78
O3' MTE AA . 4.74 35.93 -4.14
C4' MTE AA . 3.32 34.58 -2.82
O4' MTE AA . 3.53 33.14 -3.11
P MTE AA . 2.37 32.44 -2.77
O1P MTE AA . 2.09 32.65 -1.24
O2P MTE AA . 2.34 31.05 -3.21
O3P MTE AA . 1.30 32.77 -3.49
MO MOS BA . 3.47 39.57 0.02
S MOS BA . 1.77 40.03 -0.95
O2 MOS BA . 4.37 40.99 0.12
O6 141 CA . -1.07 40.50 4.43
C6 141 CA . 0.23 39.98 4.51
C5 141 CA . 1.25 39.78 3.47
C7 141 CA . 1.42 40.01 2.04
N8 141 CA . 2.59 39.59 1.57
N9 141 CA . 3.23 39.09 2.71
C4 141 CA . 2.45 39.19 3.88
N3 141 CA . 2.80 38.80 5.16
O2 141 CA . 2.09 38.69 7.27
C2 141 CA . 1.88 39.01 6.06
N1 141 CA . 0.68 39.55 5.75
FE1 FES DA . -42.43 33.37 -23.20
FE2 FES DA . -44.34 35.13 -23.78
S1 FES DA . -43.52 34.51 -21.85
S2 FES DA . -43.29 33.85 -25.11
FE1 FES EA . -41.75 41.99 -35.61
FE2 FES EA . -41.83 39.47 -34.88
S1 FES EA . -43.50 40.67 -35.47
S2 FES EA . -40.07 40.66 -35.30
PA FAD FA . -46.94 48.81 -48.80
O1A FAD FA . -46.14 47.73 -48.13
O2A FAD FA . -46.42 50.26 -48.49
O5B FAD FA . -46.88 48.52 -50.39
C5B FAD FA . -47.91 47.78 -51.01
C4B FAD FA . -47.50 47.45 -52.42
O4B FAD FA . -48.19 48.31 -53.28
C3B FAD FA . -46.10 47.88 -52.75
O3B FAD FA . -46.07 47.42 -54.05
C2B FAD FA . -46.09 49.34 -53.01
O2B FAD FA . -45.36 49.48 -54.16
C1B FAD FA . -47.42 49.47 -53.62
N9A FAD FA . -48.04 50.76 -53.28
C8A FAD FA . -48.20 51.30 -52.02
N7A FAD FA . -48.81 52.52 -52.13
C5A FAD FA . -49.06 52.73 -53.43
C6A FAD FA . -49.66 53.76 -54.07
N6A FAD FA . -50.62 54.41 -53.44
N1A FAD FA . -49.75 53.68 -55.42
C2A FAD FA . -49.28 52.62 -56.15
N3A FAD FA . -48.68 51.60 -55.47
C4A FAD FA . -48.57 51.67 -54.15
N1 FAD FA . -53.15 41.88 -46.05
C2 FAD FA . -54.46 41.61 -46.20
O2 FAD FA . -55.01 41.99 -47.25
N3 FAD FA . -55.18 40.92 -45.21
C4 FAD FA . -54.55 40.54 -44.05
O4 FAD FA . -55.25 40.17 -43.10
C4X FAD FA . -53.20 40.81 -43.90
N5 FAD FA . -52.48 40.42 -42.77
C5X FAD FA . -51.12 40.74 -42.69
C6 FAD FA . -50.35 40.39 -41.56
C7 FAD FA . -48.98 40.70 -41.48
C7M FAD FA . -48.14 40.75 -40.25
C8 FAD FA . -48.37 41.34 -42.52
C8M FAD FA . -47.08 41.99 -42.13
C9 FAD FA . -49.13 41.71 -43.65
C9A FAD FA . -50.49 41.43 -43.73
N10 FAD FA . -51.20 41.80 -44.85
C10 FAD FA . -52.53 41.48 -44.91
C1' FAD FA . -50.59 42.43 -46.07
C2' FAD FA . -51.30 43.75 -46.40
O2' FAD FA . -51.65 43.95 -47.75
C3' FAD FA . -50.36 44.93 -46.09
O3' FAD FA . -49.87 44.80 -44.72
C4' FAD FA . -51.02 46.30 -46.48
O4' FAD FA . -52.24 46.15 -47.12
C5' FAD FA . -50.24 47.08 -47.47
O5' FAD FA . -50.41 48.34 -46.91
P FAD FA . -49.07 49.22 -47.18
O1P FAD FA . -49.25 50.69 -47.37
O2P FAD FA . -48.08 49.02 -46.03
O3P FAD FA . -48.48 48.47 -48.47
CA CA GA . -37.65 23.92 -33.73
N1 MTE HA . -42.15 26.39 -19.69
C2 MTE HA . -41.81 27.59 -20.28
N2 MTE HA . -42.40 28.65 -19.70
N3 MTE HA . -40.99 27.68 -21.31
C4 MTE HA . -40.45 26.57 -21.89
O4 MTE HA . -39.66 26.66 -22.95
N5 MTE HA . -40.18 23.92 -21.86
C6 MTE HA . -40.82 22.57 -21.29
C7 MTE HA . -41.43 22.84 -19.78
N8 MTE HA . -42.10 24.07 -19.48
C9 MTE HA . -40.74 25.22 -21.36
C10 MTE HA . -41.74 25.21 -20.09
C1' MTE HA . -40.15 21.32 -21.28
S1' MTE HA . -39.89 20.50 -22.66
C2' MTE HA . -39.72 20.75 -20.03
S2' MTE HA . -38.96 19.18 -20.40
C3' MTE HA . -39.94 21.60 -18.69
O3' MTE HA . -40.12 22.94 -19.18
C4' MTE HA . -38.92 21.59 -17.69
O4' MTE HA . -39.40 21.79 -16.31
P MTE HA . -38.34 21.68 -15.46
O1P MTE HA . -38.07 20.16 -15.51
O2P MTE HA . -38.32 22.32 -14.10
O3P MTE HA . -37.34 22.29 -16.10
MO MOS IA . -38.86 18.37 -22.52
S MOS IA . -37.25 19.68 -22.72
O2 MOS IA . -39.51 18.40 -24.09
O6 141 JA . -34.81 13.73 -23.09
C6 141 JA . -36.08 13.71 -22.54
C5 141 JA . -37.08 14.73 -22.35
C7 141 JA . -37.27 16.09 -22.65
N8 141 JA . -38.43 16.55 -22.23
N9 141 JA . -39.05 15.48 -21.67
C4 141 JA . -38.28 14.35 -21.73
N3 141 JA . -38.64 13.10 -21.26
O2 141 JA . -37.81 11.06 -21.12
C2 141 JA . -37.69 12.24 -21.47
N1 141 JA . -36.51 12.50 -22.05
#